data_6GEB
#
_entry.id   6GEB
#
_cell.length_a   109.200
_cell.length_b   109.300
_cell.length_c   119.800
_cell.angle_alpha   83.700
_cell.angle_beta   86.600
_cell.angle_gamma   60.700
#
_symmetry.space_group_name_H-M   'P 1'
#
loop_
_entity.id
_entity.type
_entity.pdbx_description
1 polymer DotB
2 non-polymer 'PHOSPHATE ION'
#
_entity_poly.entity_id   1
_entity_poly.type   'polypeptide(L)'
_entity_poly.pdbx_seq_one_letter_code
;MASWSHPQFEKIEGRSMDNINLMPDEPTRFTPVFMDRMLEHAESLNASDITIQTGEPIFAEVYGRLLKITNRRLSNTELG
DLINSIYGPNATTQLLSGKDIDTHYEFRPNRGVRYRYRVNATACLVEGHDAIQITLRTIPTTPPKLSTMNLPDNIIEAIA
PQEGIVFITGATGSGKSTLLASIIRELIETSDSNRKVLTYESPIEFVYDEIETISAVVSQSEIPRHLPNFADGVRNALRR
KPRLIMVGECRDAETISAALEAALTGHPVYTTLHTSGVAETMRRLVTSFSGEERLGRTIDILETIRLCIWQKLVPTVDER
RVALREYLVFDEEVRDILLEGDPNEVTSATRKLVRQKGQLMTWDAKMKFEQGIISERVYKLIIAGAKEYQQ
;
_entity_poly.pdbx_strand_id   A,B,C,D,E,F,G,H,I,J,K,L
#
# COMPACT_ATOMS: atom_id res chain seq x y z
N ASP A 18 -80.89 11.70 -15.27
CA ASP A 18 -79.77 10.72 -15.13
C ASP A 18 -78.48 11.46 -14.76
N ASN A 19 -78.44 11.98 -13.54
CA ASN A 19 -77.34 12.80 -13.07
C ASN A 19 -76.10 11.99 -12.66
N ILE A 20 -76.30 10.73 -12.23
CA ILE A 20 -75.21 9.81 -12.00
C ILE A 20 -75.53 8.44 -12.63
N ASN A 21 -74.48 7.71 -12.95
CA ASN A 21 -74.58 6.47 -13.72
C ASN A 21 -73.85 5.32 -13.00
N LEU A 22 -74.59 4.27 -12.69
CA LEU A 22 -74.08 3.16 -11.93
C LEU A 22 -73.32 2.16 -12.73
N MET A 23 -72.44 1.44 -12.02
CA MET A 23 -71.71 0.35 -12.64
C MET A 23 -72.70 -0.79 -12.79
N PRO A 24 -72.34 -1.81 -13.56
CA PRO A 24 -73.32 -2.92 -13.62
C PRO A 24 -73.01 -3.98 -12.56
N ASP A 25 -74.03 -4.36 -11.84
CA ASP A 25 -73.96 -5.39 -10.78
C ASP A 25 -72.88 -5.29 -9.74
N GLU A 26 -72.93 -4.23 -8.95
CA GLU A 26 -72.02 -4.02 -7.83
C GLU A 26 -72.09 -5.22 -6.95
N PRO A 27 -70.91 -5.80 -6.59
CA PRO A 27 -70.99 -7.01 -5.77
C PRO A 27 -71.43 -6.67 -4.32
N THR A 28 -71.78 -7.70 -3.59
CA THR A 28 -72.20 -7.56 -2.21
C THR A 28 -71.06 -7.00 -1.37
N ARG A 29 -69.89 -7.60 -1.48
CA ARG A 29 -68.70 -7.01 -0.81
C ARG A 29 -67.61 -6.83 -1.85
N PHE A 30 -66.95 -5.69 -1.81
CA PHE A 30 -66.06 -5.25 -2.91
C PHE A 30 -64.69 -5.88 -2.69
N THR A 31 -64.25 -6.67 -3.66
CA THR A 31 -63.03 -7.43 -3.59
C THR A 31 -62.15 -7.06 -4.79
N PRO A 32 -60.82 -7.26 -4.63
CA PRO A 32 -59.90 -6.84 -5.67
C PRO A 32 -60.30 -7.26 -7.09
N VAL A 33 -60.87 -8.43 -7.24
CA VAL A 33 -61.37 -8.87 -8.54
C VAL A 33 -62.40 -7.88 -9.07
N PHE A 34 -63.32 -7.48 -8.21
CA PHE A 34 -64.35 -6.54 -8.61
C PHE A 34 -63.81 -5.16 -8.88
N MET A 35 -62.68 -4.81 -8.28
CA MET A 35 -62.09 -3.50 -8.51
C MET A 35 -61.70 -3.32 -9.98
N ASP A 36 -61.20 -4.36 -10.61
CA ASP A 36 -60.85 -4.28 -12.01
C ASP A 36 -62.08 -4.04 -12.87
N ARG A 37 -63.17 -4.75 -12.58
CA ARG A 37 -64.41 -4.56 -13.32
C ARG A 37 -64.92 -3.15 -13.11
N MET A 38 -64.96 -2.68 -11.88
CA MET A 38 -65.33 -1.30 -11.60
C MET A 38 -64.50 -0.32 -12.41
N LEU A 39 -63.20 -0.57 -12.50
CA LEU A 39 -62.33 0.31 -13.28
C LEU A 39 -62.70 0.26 -14.77
N GLU A 40 -63.01 -0.92 -15.27
CA GLU A 40 -63.52 -1.04 -16.64
C GLU A 40 -64.74 -0.15 -16.81
N HIS A 41 -65.69 -0.24 -15.88
CA HIS A 41 -66.86 0.61 -15.97
C HIS A 41 -66.47 2.08 -16.03
N ALA A 42 -65.55 2.49 -15.17
CA ALA A 42 -65.17 3.89 -15.13
C ALA A 42 -64.55 4.35 -16.46
N GLU A 43 -63.65 3.54 -17.01
CA GLU A 43 -63.07 3.87 -18.30
C GLU A 43 -64.14 3.94 -19.40
N SER A 44 -65.08 3.01 -19.38
CA SER A 44 -66.22 3.10 -20.29
C SER A 44 -66.93 4.44 -20.14
N LEU A 45 -66.93 5.01 -18.95
CA LEU A 45 -67.47 6.37 -18.76
C LEU A 45 -66.48 7.46 -19.12
N ASN A 46 -65.24 7.12 -19.43
CA ASN A 46 -64.20 8.11 -19.70
C ASN A 46 -63.85 8.93 -18.48
N ALA A 47 -63.73 8.25 -17.35
CA ALA A 47 -63.33 8.90 -16.09
C ALA A 47 -61.84 9.14 -16.09
N SER A 48 -61.43 10.30 -15.60
CA SER A 48 -60.00 10.55 -15.37
C SER A 48 -59.54 9.94 -14.04
N ASP A 49 -60.42 10.01 -13.02
CA ASP A 49 -60.04 9.71 -11.65
C ASP A 49 -61.15 8.93 -10.98
N ILE A 50 -60.75 8.00 -10.09
CA ILE A 50 -61.67 7.22 -9.29
C ILE A 50 -61.24 7.38 -7.82
N THR A 51 -62.19 7.77 -6.98
CA THR A 51 -61.93 7.96 -5.57
C THR A 51 -62.79 6.97 -4.78
N ILE A 52 -62.14 6.13 -3.98
CA ILE A 52 -62.80 5.21 -3.09
C ILE A 52 -62.54 5.60 -1.67
N GLN A 53 -63.63 5.76 -0.89
CA GLN A 53 -63.48 6.16 0.52
C GLN A 53 -64.43 5.32 1.35
N THR A 54 -64.04 5.06 2.58
CA THR A 54 -64.89 4.34 3.51
C THR A 54 -66.09 5.21 3.86
N GLY A 55 -67.22 4.55 4.14
CA GLY A 55 -68.46 5.23 4.39
C GLY A 55 -69.02 6.03 3.24
N GLU A 56 -68.48 5.84 2.04
CA GLU A 56 -68.90 6.57 0.86
C GLU A 56 -68.92 5.61 -0.33
N PRO A 57 -69.78 5.88 -1.31
CA PRO A 57 -69.72 5.12 -2.55
C PRO A 57 -68.48 5.46 -3.35
N ILE A 58 -68.19 4.62 -4.34
CA ILE A 58 -67.09 4.90 -5.26
C ILE A 58 -67.49 6.03 -6.19
N PHE A 59 -66.59 7.00 -6.35
CA PHE A 59 -66.84 8.16 -7.20
C PHE A 59 -65.91 8.10 -8.40
N ALA A 60 -66.42 8.56 -9.54
CA ALA A 60 -65.60 8.78 -10.74
C ALA A 60 -65.76 10.24 -11.16
N GLU A 61 -64.65 10.84 -11.58
CA GLU A 61 -64.65 12.16 -12.19
C GLU A 61 -64.64 11.99 -13.70
N VAL A 62 -65.79 12.28 -14.33
CA VAL A 62 -65.91 12.28 -15.77
C VAL A 62 -66.09 13.72 -16.21
N TYR A 63 -65.13 14.20 -17.01
CA TYR A 63 -65.14 15.60 -17.47
C TYR A 63 -65.22 16.49 -16.24
N GLY A 64 -66.05 17.53 -16.26
CA GLY A 64 -66.19 18.37 -15.08
C GLY A 64 -66.72 17.60 -13.80
N ARG A 65 -67.52 16.60 -14.07
CA ARG A 65 -68.47 16.15 -13.05
C ARG A 65 -67.91 15.01 -12.19
N LEU A 66 -68.35 14.94 -10.97
CA LEU A 66 -68.25 13.77 -10.15
C LEU A 66 -69.59 13.03 -10.15
N LEU A 67 -69.52 11.72 -10.42
CA LEU A 67 -70.67 10.86 -10.38
C LEU A 67 -70.38 9.60 -9.57
N LYS A 68 -71.41 9.10 -8.88
CA LYS A 68 -71.30 7.87 -8.14
C LYS A 68 -71.35 6.68 -9.09
N ILE A 69 -70.38 5.78 -8.95
CA ILE A 69 -70.36 4.53 -9.71
C ILE A 69 -70.99 3.36 -8.94
N THR A 70 -71.32 3.54 -7.68
CA THR A 70 -71.80 2.45 -6.86
C THR A 70 -72.89 2.96 -5.91
N ASN A 71 -73.87 2.11 -5.67
CA ASN A 71 -74.95 2.48 -4.76
C ASN A 71 -74.60 2.30 -3.30
N ARG A 72 -73.73 1.35 -3.01
CA ARG A 72 -73.39 1.01 -1.62
C ARG A 72 -72.21 1.83 -1.08
N ARG A 73 -72.21 2.04 0.19
CA ARG A 73 -71.08 2.72 0.87
C ARG A 73 -70.08 1.65 1.29
N LEU A 74 -68.82 1.83 0.90
CA LEU A 74 -67.80 0.83 1.15
C LEU A 74 -67.33 0.88 2.62
N SER A 75 -66.98 -0.29 3.14
CA SER A 75 -66.54 -0.43 4.51
C SER A 75 -65.03 -0.22 4.61
N ASN A 76 -64.60 0.13 5.82
CA ASN A 76 -63.17 0.27 6.07
C ASN A 76 -62.41 -1.00 5.72
N THR A 77 -63.00 -2.15 6.06
CA THR A 77 -62.33 -3.42 5.79
C THR A 77 -62.17 -3.65 4.29
N GLU A 78 -63.20 -3.34 3.52
CA GLU A 78 -63.09 -3.42 2.06
C GLU A 78 -61.92 -2.60 1.56
N LEU A 79 -61.88 -1.32 1.93
CA LEU A 79 -60.83 -0.44 1.46
C LEU A 79 -59.47 -0.97 1.86
N GLY A 80 -59.31 -1.36 3.12
CA GLY A 80 -58.07 -1.98 3.56
C GLY A 80 -57.68 -3.16 2.69
N ASP A 81 -58.63 -4.01 2.35
CA ASP A 81 -58.36 -5.13 1.45
C ASP A 81 -57.85 -4.66 0.10
N LEU A 82 -58.55 -3.70 -0.50
CA LEU A 82 -58.12 -3.13 -1.78
C LEU A 82 -56.67 -2.63 -1.69
N ILE A 83 -56.38 -1.81 -0.71
CA ILE A 83 -55.05 -1.19 -0.62
C ILE A 83 -53.98 -2.26 -0.39
N ASN A 84 -54.24 -3.21 0.51
CA ASN A 84 -53.33 -4.32 0.71
C ASN A 84 -53.05 -5.04 -0.62
N SER A 85 -54.11 -5.26 -1.40
CA SER A 85 -53.94 -5.91 -2.69
C SER A 85 -53.06 -5.08 -3.64
N ILE A 86 -53.26 -3.76 -3.63
CA ILE A 86 -52.54 -2.91 -4.57
C ILE A 86 -51.07 -2.73 -4.15
N TYR A 87 -50.83 -2.64 -2.85
CA TYR A 87 -49.52 -2.26 -2.34
C TYR A 87 -48.82 -3.41 -1.66
N GLY A 88 -49.26 -3.77 -0.46
CA GLY A 88 -48.75 -4.95 0.21
C GLY A 88 -49.56 -5.29 1.45
N PRO A 89 -49.32 -6.47 2.00
CA PRO A 89 -50.07 -6.86 3.21
C PRO A 89 -49.99 -5.81 4.33
N ASN A 90 -48.87 -5.15 4.49
CA ASN A 90 -48.65 -4.20 5.56
C ASN A 90 -49.11 -2.77 5.23
N ALA A 91 -49.77 -2.58 4.09
CA ALA A 91 -50.21 -1.25 3.70
C ALA A 91 -51.15 -0.65 4.75
N THR A 92 -52.11 -1.44 5.24
CA THR A 92 -53.01 -0.97 6.26
C THR A 92 -52.25 -0.48 7.49
N THR A 93 -51.41 -1.33 8.05
CA THR A 93 -50.60 -0.93 9.20
C THR A 93 -49.81 0.34 8.90
N GLN A 94 -49.29 0.46 7.69
CA GLN A 94 -48.56 1.68 7.34
C GLN A 94 -49.44 2.91 7.41
N LEU A 95 -50.65 2.81 6.90
CA LEU A 95 -51.61 3.91 7.01
C LEU A 95 -51.87 4.24 8.48
N LEU A 96 -52.07 3.21 9.30
CA LEU A 96 -52.37 3.44 10.70
C LEU A 96 -51.18 4.05 11.44
N SER A 97 -49.98 3.85 10.94
CA SER A 97 -48.81 4.48 11.55
C SER A 97 -48.82 6.00 11.37
N GLY A 98 -49.56 6.50 10.39
CA GLY A 98 -49.51 7.89 10.03
C GLY A 98 -48.62 8.20 8.84
N LYS A 99 -48.55 7.29 7.91
CA LYS A 99 -47.92 7.51 6.60
C LYS A 99 -48.97 7.52 5.50
N ASP A 100 -48.56 7.85 4.30
CA ASP A 100 -49.36 7.69 3.11
C ASP A 100 -48.66 6.68 2.16
N ILE A 101 -49.48 6.05 1.33
CA ILE A 101 -49.02 5.17 0.29
C ILE A 101 -49.19 5.84 -1.07
N ASP A 102 -48.13 5.81 -1.87
CA ASP A 102 -48.19 6.24 -3.26
C ASP A 102 -47.53 5.14 -4.12
N THR A 103 -48.26 4.69 -5.14
CA THR A 103 -47.84 3.53 -5.92
C THR A 103 -48.47 3.62 -7.29
N HIS A 104 -48.26 2.57 -8.09
CA HIS A 104 -48.96 2.41 -9.36
C HIS A 104 -49.72 1.07 -9.38
N TYR A 105 -50.71 1.02 -10.23
CA TYR A 105 -51.54 -0.17 -10.43
C TYR A 105 -51.63 -0.50 -11.91
N GLU A 106 -51.68 -1.77 -12.21
CA GLU A 106 -51.83 -2.28 -13.58
C GLU A 106 -52.76 -3.45 -13.56
N PHE A 107 -53.64 -3.54 -14.56
CA PHE A 107 -54.59 -4.62 -14.67
C PHE A 107 -55.09 -4.70 -16.10
N ARG A 108 -55.40 -5.90 -16.57
CA ARG A 108 -55.69 -6.13 -17.96
C ARG A 108 -56.65 -7.32 -18.04
N PRO A 109 -57.63 -7.28 -18.95
CA PRO A 109 -58.29 -8.54 -19.33
C PRO A 109 -57.37 -9.47 -20.08
N ASN A 110 -56.73 -8.97 -21.12
CA ASN A 110 -56.01 -9.81 -22.08
C ASN A 110 -54.53 -9.40 -22.12
N ARG A 111 -53.70 -10.29 -22.66
CA ARG A 111 -52.31 -9.97 -22.92
C ARG A 111 -52.14 -8.81 -23.85
N GLY A 112 -53.17 -8.45 -24.64
CA GLY A 112 -53.03 -7.37 -25.60
C GLY A 112 -52.84 -5.99 -24.95
N VAL A 113 -53.58 -5.72 -23.89
CA VAL A 113 -53.79 -4.37 -23.40
C VAL A 113 -53.54 -4.33 -21.89
N ARG A 114 -53.23 -3.13 -21.42
CA ARG A 114 -53.02 -2.92 -19.98
C ARG A 114 -53.60 -1.59 -19.59
N TYR A 115 -54.36 -1.55 -18.51
CA TYR A 115 -54.75 -0.29 -17.85
C TYR A 115 -53.81 -0.05 -16.66
N ARG A 116 -53.29 1.17 -16.59
CA ARG A 116 -52.42 1.60 -15.52
C ARG A 116 -53.03 2.83 -14.81
N TYR A 117 -52.62 3.02 -13.57
CA TYR A 117 -53.10 4.09 -12.72
C TYR A 117 -52.04 4.50 -11.73
N ARG A 118 -52.03 5.78 -11.39
CA ARG A 118 -51.31 6.27 -10.23
C ARG A 118 -52.24 6.21 -9.01
N VAL A 119 -51.83 5.49 -7.98
CA VAL A 119 -52.70 5.19 -6.84
C VAL A 119 -52.10 5.87 -5.61
N ASN A 120 -52.97 6.40 -4.77
CA ASN A 120 -52.55 7.06 -3.55
C ASN A 120 -53.55 6.84 -2.47
N ALA A 121 -53.15 6.10 -1.41
CA ALA A 121 -54.01 5.83 -0.28
C ALA A 121 -53.52 6.64 0.92
N THR A 122 -54.44 7.32 1.58
CA THR A 122 -54.13 8.13 2.73
C THR A 122 -55.15 7.86 3.84
N ALA A 123 -54.70 7.96 5.08
CA ALA A 123 -55.55 7.81 6.24
C ALA A 123 -56.33 9.08 6.52
N CYS A 124 -57.62 8.92 6.81
CA CYS A 124 -58.46 10.01 7.26
C CYS A 124 -59.34 9.51 8.39
N LEU A 125 -60.22 10.38 8.90
CA LEU A 125 -61.16 10.05 9.94
C LEU A 125 -62.56 10.07 9.39
N VAL A 126 -63.25 8.95 9.50
CA VAL A 126 -64.65 8.87 9.03
C VAL A 126 -65.44 8.51 10.17
N GLU A 127 -66.53 9.27 10.45
CA GLU A 127 -67.34 9.06 11.69
C GLU A 127 -66.33 9.28 12.81
N GLY A 128 -66.13 8.33 13.65
CA GLY A 128 -65.13 8.53 14.71
C GLY A 128 -63.99 7.57 14.59
N HIS A 129 -63.80 6.95 13.42
CA HIS A 129 -62.86 5.87 13.27
C HIS A 129 -61.81 6.21 12.23
N ASP A 130 -60.58 5.75 12.43
CA ASP A 130 -59.59 5.77 11.39
C ASP A 130 -60.08 5.02 10.16
N ALA A 131 -59.75 5.54 8.99
CA ALA A 131 -60.25 4.99 7.74
C ALA A 131 -59.29 5.35 6.63
N ILE A 132 -59.57 4.81 5.44
CA ILE A 132 -58.68 4.89 4.31
C ILE A 132 -59.40 5.52 3.12
N GLN A 133 -58.68 6.33 2.37
CA GLN A 133 -59.14 6.86 1.10
C GLN A 133 -58.11 6.56 0.04
N ILE A 134 -58.52 5.86 -1.01
CA ILE A 134 -57.66 5.54 -2.14
C ILE A 134 -58.12 6.36 -3.34
N THR A 135 -57.16 6.85 -4.12
CA THR A 135 -57.43 7.60 -5.33
C THR A 135 -56.58 7.07 -6.48
N LEU A 136 -57.21 6.76 -7.58
CA LEU A 136 -56.55 6.26 -8.78
C LEU A 136 -56.74 7.28 -9.89
N ARG A 137 -55.63 7.70 -10.50
CA ARG A 137 -55.65 8.57 -11.65
C ARG A 137 -55.18 7.81 -12.90
N THR A 138 -55.90 7.97 -14.00
CA THR A 138 -55.53 7.30 -15.22
C THR A 138 -54.21 7.86 -15.77
N ILE A 139 -53.46 7.03 -16.42
CA ILE A 139 -52.21 7.39 -17.06
C ILE A 139 -52.22 7.07 -18.52
N PRO A 140 -52.39 8.07 -19.39
CA PRO A 140 -52.52 7.73 -20.84
C PRO A 140 -51.20 7.25 -21.40
N THR A 141 -51.26 6.26 -22.30
CA THR A 141 -50.06 5.69 -22.86
C THR A 141 -49.66 6.42 -24.16
N THR A 142 -50.64 6.68 -25.03
CA THR A 142 -50.31 6.81 -26.45
C THR A 142 -50.79 8.17 -26.97
N PRO A 143 -49.89 9.02 -27.42
CA PRO A 143 -50.32 10.34 -27.90
C PRO A 143 -51.41 10.24 -28.93
N PRO A 144 -52.43 11.11 -28.83
CA PRO A 144 -53.33 11.29 -29.98
C PRO A 144 -52.55 11.66 -31.24
N LYS A 145 -53.17 11.52 -32.39
CA LYS A 145 -52.64 12.14 -33.60
C LYS A 145 -52.93 13.62 -33.62
N LEU A 146 -52.10 14.37 -34.33
CA LEU A 146 -52.23 15.83 -34.37
C LEU A 146 -53.49 16.26 -35.11
N SER A 147 -53.88 15.53 -36.14
CA SER A 147 -55.10 15.87 -36.89
C SER A 147 -56.32 15.83 -35.97
N THR A 148 -56.36 14.88 -35.05
CA THR A 148 -57.45 14.82 -34.09
C THR A 148 -57.52 16.08 -33.23
N MET A 149 -56.41 16.80 -33.07
CA MET A 149 -56.37 17.92 -32.15
C MET A 149 -57.18 19.11 -32.64
N ASN A 150 -57.43 19.21 -33.95
CA ASN A 150 -58.26 20.27 -34.50
C ASN A 150 -57.56 21.64 -34.43
N LEU A 151 -56.35 21.68 -34.98
CA LEU A 151 -55.51 22.85 -34.85
C LEU A 151 -55.51 23.68 -36.12
N PRO A 152 -55.59 25.01 -36.00
CA PRO A 152 -55.42 25.86 -37.18
C PRO A 152 -54.16 25.55 -37.95
N ASP A 153 -54.13 25.92 -39.23
CA ASP A 153 -52.95 25.68 -40.06
C ASP A 153 -51.78 26.53 -39.61
N ASN A 154 -52.01 27.77 -39.24
CA ASN A 154 -50.95 28.60 -38.67
C ASN A 154 -50.11 27.85 -37.66
N ILE A 155 -50.78 27.28 -36.66
CA ILE A 155 -50.06 26.57 -35.58
C ILE A 155 -49.22 25.41 -36.16
N ILE A 156 -49.83 24.63 -37.03
CA ILE A 156 -49.12 23.50 -37.62
C ILE A 156 -47.86 23.97 -38.33
N GLU A 157 -47.95 25.08 -39.05
CA GLU A 157 -46.75 25.70 -39.64
C GLU A 157 -45.74 26.14 -38.57
N ALA A 158 -46.24 26.54 -37.42
CA ALA A 158 -45.40 27.10 -36.36
C ALA A 158 -44.82 26.04 -35.41
N ILE A 159 -45.25 24.77 -35.55
CA ILE A 159 -45.05 23.83 -34.47
C ILE A 159 -43.69 23.16 -34.49
N ALA A 160 -42.95 23.32 -35.58
CA ALA A 160 -41.67 22.64 -35.78
C ALA A 160 -40.58 23.62 -36.17
N PRO A 161 -40.29 24.61 -35.31
CA PRO A 161 -39.18 25.50 -35.59
C PRO A 161 -37.84 24.84 -35.50
N GLN A 162 -36.88 25.35 -36.26
CA GLN A 162 -35.50 24.84 -36.20
C GLN A 162 -34.90 25.11 -34.81
N GLU A 163 -35.12 26.29 -34.26
CA GLU A 163 -34.67 26.62 -32.91
C GLU A 163 -35.71 27.51 -32.24
N GLY A 164 -35.51 27.76 -30.97
CA GLY A 164 -36.41 28.59 -30.19
C GLY A 164 -37.34 27.78 -29.32
N ILE A 165 -38.30 28.50 -28.72
CA ILE A 165 -39.09 27.97 -27.63
C ILE A 165 -40.56 27.99 -28.05
N VAL A 166 -41.26 26.90 -27.76
CA VAL A 166 -42.70 26.81 -27.95
C VAL A 166 -43.35 26.61 -26.59
N PHE A 167 -44.30 27.49 -26.26
CA PHE A 167 -44.98 27.47 -24.98
C PHE A 167 -46.42 27.02 -25.19
N ILE A 168 -46.83 26.00 -24.43
CA ILE A 168 -48.22 25.63 -24.28
C ILE A 168 -48.62 25.98 -22.85
N THR A 169 -49.48 26.99 -22.72
CA THR A 169 -49.87 27.51 -21.43
C THR A 169 -51.33 27.19 -21.12
N GLY A 170 -51.61 27.18 -19.84
CA GLY A 170 -52.94 26.82 -19.37
C GLY A 170 -52.87 26.22 -17.98
N ALA A 171 -54.03 26.15 -17.34
CA ALA A 171 -54.12 25.54 -16.01
C ALA A 171 -53.88 24.03 -16.10
N THR A 172 -53.32 23.46 -15.05
CA THR A 172 -53.06 22.04 -15.02
C THR A 172 -54.35 21.24 -15.18
N GLY A 173 -54.30 20.18 -15.98
CA GLY A 173 -55.46 19.40 -16.34
C GLY A 173 -56.25 19.94 -17.51
N SER A 174 -55.76 20.95 -18.21
CA SER A 174 -56.43 21.45 -19.41
C SER A 174 -55.99 20.73 -20.72
N GLY A 175 -55.09 19.77 -20.59
CA GLY A 175 -54.72 18.97 -21.74
C GLY A 175 -53.67 19.61 -22.61
N LYS A 176 -52.66 20.22 -22.03
CA LYS A 176 -51.50 20.68 -22.75
C LYS A 176 -50.48 19.58 -22.93
N SER A 177 -50.29 18.74 -21.96
CA SER A 177 -49.45 17.54 -22.07
C SER A 177 -49.91 16.72 -23.25
N THR A 178 -51.21 16.50 -23.42
CA THR A 178 -51.72 15.77 -24.56
C THR A 178 -51.25 16.43 -25.85
N LEU A 179 -51.43 17.75 -25.96
CA LEU A 179 -50.98 18.46 -27.14
C LEU A 179 -49.51 18.25 -27.41
N LEU A 180 -48.67 18.51 -26.44
CA LEU A 180 -47.22 18.33 -26.61
C LEU A 180 -46.90 16.93 -27.06
N ALA A 181 -47.45 15.93 -26.39
CA ALA A 181 -47.23 14.54 -26.81
C ALA A 181 -47.63 14.35 -28.25
N SER A 182 -48.73 14.96 -28.66
CA SER A 182 -49.18 14.85 -30.06
C SER A 182 -48.16 15.44 -31.02
N ILE A 183 -47.66 16.62 -30.70
CA ILE A 183 -46.64 17.25 -31.55
C ILE A 183 -45.44 16.32 -31.65
N ILE A 184 -44.92 15.87 -30.52
CA ILE A 184 -43.74 15.01 -30.52
C ILE A 184 -43.98 13.76 -31.38
N ARG A 185 -45.13 13.15 -31.23
CA ARG A 185 -45.50 12.03 -32.09
C ARG A 185 -45.45 12.40 -33.55
N GLU A 186 -45.97 13.56 -33.90
CA GLU A 186 -45.98 13.99 -35.30
C GLU A 186 -44.55 14.14 -35.82
N LEU A 187 -43.67 14.75 -35.02
CA LEU A 187 -42.31 14.93 -35.46
C LEU A 187 -41.49 13.64 -35.40
N ILE A 188 -41.97 12.61 -34.73
CA ILE A 188 -41.23 11.40 -34.56
C ILE A 188 -41.61 10.30 -35.55
N GLU A 189 -42.90 10.19 -35.87
CA GLU A 189 -43.38 9.14 -36.76
C GLU A 189 -43.08 9.43 -38.22
N THR A 190 -43.01 10.69 -38.61
CA THR A 190 -42.69 11.07 -39.97
C THR A 190 -41.33 10.52 -40.39
N SER A 191 -41.26 9.94 -41.57
CA SER A 191 -39.99 9.53 -42.13
C SER A 191 -39.12 10.74 -42.46
N ASP A 192 -37.81 10.54 -42.48
CA ASP A 192 -36.85 11.59 -42.72
C ASP A 192 -36.88 12.71 -41.70
N SER A 193 -37.37 12.40 -40.50
CA SER A 193 -37.30 13.31 -39.35
C SER A 193 -36.22 12.81 -38.41
N ASN A 194 -34.98 13.22 -38.67
CA ASN A 194 -33.84 12.73 -37.93
C ASN A 194 -33.71 13.49 -36.63
N ARG A 195 -34.46 13.03 -35.63
CA ARG A 195 -34.70 13.79 -34.41
C ARG A 195 -34.38 12.94 -33.20
N LYS A 196 -33.38 13.33 -32.43
CA LYS A 196 -33.18 12.84 -31.09
C LYS A 196 -33.99 13.70 -30.13
N VAL A 197 -34.97 13.08 -29.48
CA VAL A 197 -35.91 13.80 -28.62
C VAL A 197 -35.61 13.44 -27.16
N LEU A 198 -35.42 14.46 -26.35
CA LEU A 198 -35.21 14.29 -24.91
C LEU A 198 -36.30 15.06 -24.18
N THR A 199 -37.05 14.34 -23.35
CA THR A 199 -38.10 14.94 -22.54
C THR A 199 -37.74 14.80 -21.05
N TYR A 200 -38.09 15.81 -20.27
CA TYR A 200 -37.88 15.79 -18.84
C TYR A 200 -39.19 16.17 -18.18
N GLU A 201 -39.86 15.22 -17.56
CA GLU A 201 -41.18 15.46 -16.93
C GLU A 201 -41.26 14.96 -15.52
N SER A 202 -41.90 15.72 -14.62
CA SER A 202 -41.96 15.28 -13.23
C SER A 202 -42.65 13.95 -13.35
N PRO A 203 -43.93 13.93 -13.85
CA PRO A 203 -44.51 12.60 -13.91
C PRO A 203 -44.61 12.20 -15.38
N ILE A 204 -44.03 11.12 -15.77
CA ILE A 204 -44.13 10.68 -17.15
C ILE A 204 -45.47 10.08 -17.40
N GLU A 205 -46.23 10.61 -18.31
CA GLU A 205 -47.55 10.09 -18.60
C GLU A 205 -47.64 9.52 -19.98
N PHE A 206 -47.07 10.19 -20.98
CA PHE A 206 -47.17 9.70 -22.35
C PHE A 206 -45.85 9.02 -22.76
N VAL A 207 -45.98 7.83 -23.34
CA VAL A 207 -44.84 7.02 -23.69
C VAL A 207 -44.89 6.75 -25.20
N TYR A 208 -43.71 6.58 -25.81
CA TYR A 208 -43.62 6.54 -27.25
C TYR A 208 -43.10 5.19 -27.79
N ASP A 209 -43.16 4.15 -27.00
CA ASP A 209 -42.79 2.82 -27.50
C ASP A 209 -43.70 2.35 -28.64
N GLU A 210 -44.99 2.58 -28.48
CA GLU A 210 -45.96 2.09 -29.47
C GLU A 210 -45.88 2.81 -30.81
N ILE A 211 -45.53 4.08 -30.74
CA ILE A 211 -45.37 4.88 -31.97
C ILE A 211 -44.18 4.33 -32.77
N GLU A 212 -44.44 4.08 -34.05
CA GLU A 212 -43.43 3.53 -34.92
C GLU A 212 -42.64 4.63 -35.57
N THR A 213 -41.32 4.58 -35.44
CA THR A 213 -40.43 5.58 -35.97
C THR A 213 -39.46 4.94 -36.95
N ILE A 214 -38.99 5.75 -37.91
CA ILE A 214 -37.94 5.33 -38.81
C ILE A 214 -36.56 5.82 -38.34
N SER A 215 -36.50 7.06 -37.93
CA SER A 215 -35.21 7.75 -37.80
C SER A 215 -35.22 8.70 -36.63
N ALA A 216 -35.80 8.26 -35.50
CA ALA A 216 -36.00 9.08 -34.34
C ALA A 216 -35.76 8.25 -33.08
N VAL A 217 -35.27 8.91 -32.03
CA VAL A 217 -35.11 8.31 -30.72
C VAL A 217 -35.73 9.24 -29.70
N VAL A 218 -36.42 8.68 -28.71
CA VAL A 218 -37.04 9.44 -27.66
C VAL A 218 -36.51 8.91 -26.32
N SER A 219 -35.91 9.80 -25.53
CA SER A 219 -35.41 9.45 -24.22
C SER A 219 -36.18 10.27 -23.19
N GLN A 220 -36.90 9.60 -22.30
CA GLN A 220 -37.76 10.24 -21.33
C GLN A 220 -37.18 10.08 -19.94
N SER A 221 -36.82 11.20 -19.31
CA SER A 221 -36.25 11.20 -17.97
C SER A 221 -37.20 11.86 -17.01
N GLU A 222 -37.52 11.17 -15.93
CA GLU A 222 -38.43 11.69 -14.89
C GLU A 222 -37.61 12.40 -13.82
N ILE A 223 -38.12 13.53 -13.38
CA ILE A 223 -37.31 14.51 -12.66
C ILE A 223 -37.16 14.08 -11.18
N PRO A 224 -38.23 13.56 -10.53
CA PRO A 224 -38.04 13.07 -9.21
C PRO A 224 -36.93 12.04 -9.09
N ARG A 225 -36.90 11.03 -9.94
CA ARG A 225 -35.95 9.92 -9.80
C ARG A 225 -34.76 10.03 -10.69
N HIS A 226 -34.92 10.42 -11.95
CA HIS A 226 -33.81 10.27 -12.92
C HIS A 226 -32.80 11.43 -12.90
N LEU A 227 -33.29 12.63 -12.61
CA LEU A 227 -32.47 13.79 -12.56
C LEU A 227 -33.03 14.76 -11.54
N PRO A 228 -32.18 15.42 -10.74
CA PRO A 228 -32.72 16.31 -9.72
C PRO A 228 -33.79 17.29 -10.14
N ASN A 229 -33.46 18.10 -11.16
CA ASN A 229 -34.27 19.28 -11.47
C ASN A 229 -34.54 19.32 -12.97
N PHE A 230 -35.59 20.05 -13.33
CA PHE A 230 -35.84 20.34 -14.73
C PHE A 230 -34.65 21.06 -15.37
N ALA A 231 -34.09 22.02 -14.66
CA ALA A 231 -32.98 22.80 -15.21
C ALA A 231 -31.76 21.92 -15.45
N ASP A 232 -31.30 21.24 -14.42
CA ASP A 232 -30.34 20.15 -14.60
C ASP A 232 -30.66 19.31 -15.82
N GLY A 233 -31.91 18.94 -15.96
CA GLY A 233 -32.31 18.13 -17.10
C GLY A 233 -31.97 18.77 -18.41
N VAL A 234 -32.37 20.02 -18.58
CA VAL A 234 -32.08 20.74 -19.82
C VAL A 234 -30.57 20.81 -20.04
N ARG A 235 -29.84 21.29 -19.05
CA ARG A 235 -28.40 21.38 -19.16
C ARG A 235 -27.79 20.06 -19.58
N ASN A 236 -28.42 18.96 -19.19
CA ASN A 236 -27.95 17.65 -19.59
C ASN A 236 -28.28 17.40 -21.04
N ALA A 237 -29.52 17.62 -21.46
CA ALA A 237 -29.87 17.62 -22.87
C ALA A 237 -28.83 18.35 -23.74
N LEU A 238 -28.38 19.46 -23.28
CA LEU A 238 -27.31 20.19 -23.99
C LEU A 238 -26.07 19.32 -24.18
N ARG A 239 -25.78 18.52 -23.20
CA ARG A 239 -24.67 17.55 -23.30
C ARG A 239 -25.03 16.35 -24.17
N ARG A 240 -26.32 16.11 -24.41
CA ARG A 240 -26.78 14.96 -25.15
C ARG A 240 -27.01 15.17 -26.63
N LYS A 241 -26.73 16.37 -27.14
CA LYS A 241 -26.93 16.69 -28.55
C LYS A 241 -28.31 16.26 -29.08
N PRO A 242 -29.38 16.71 -28.41
CA PRO A 242 -30.71 16.50 -28.95
C PRO A 242 -30.99 17.40 -30.15
N ARG A 243 -31.99 17.03 -30.93
CA ARG A 243 -32.63 17.95 -31.83
C ARG A 243 -34.01 18.41 -31.35
N LEU A 244 -34.48 17.90 -30.23
CA LEU A 244 -35.76 18.32 -29.66
C LEU A 244 -35.75 18.11 -28.17
N ILE A 245 -36.09 19.14 -27.42
CA ILE A 245 -36.04 19.13 -25.96
C ILE A 245 -37.42 19.43 -25.42
N MET A 246 -37.92 18.56 -24.54
CA MET A 246 -39.21 18.73 -23.89
C MET A 246 -38.94 18.92 -22.38
N VAL A 247 -39.33 20.08 -21.86
CA VAL A 247 -39.32 20.33 -20.42
C VAL A 247 -40.76 20.46 -19.94
N GLY A 248 -41.18 19.57 -19.07
CA GLY A 248 -42.57 19.51 -18.67
C GLY A 248 -43.10 20.82 -18.14
N GLU A 249 -42.28 21.56 -17.38
CA GLU A 249 -42.67 22.80 -16.74
C GLU A 249 -41.44 23.64 -16.51
N CYS A 250 -41.63 24.96 -16.49
CA CYS A 250 -40.56 25.91 -16.19
C CYS A 250 -41.06 26.79 -15.00
N ARG A 251 -40.85 26.26 -13.81
CA ARG A 251 -41.38 26.86 -12.60
C ARG A 251 -40.61 28.11 -12.17
N ASP A 252 -39.29 28.08 -12.28
CA ASP A 252 -38.45 29.14 -11.79
C ASP A 252 -37.45 29.59 -12.84
N ALA A 253 -36.79 30.70 -12.59
CA ALA A 253 -35.91 31.34 -13.50
C ALA A 253 -34.68 30.51 -13.85
N GLU A 254 -34.30 29.56 -13.02
CA GLU A 254 -33.28 28.59 -13.37
C GLU A 254 -33.65 27.82 -14.65
N THR A 255 -34.78 27.15 -14.62
CA THR A 255 -35.22 26.36 -15.78
C THR A 255 -35.41 27.28 -17.00
N ILE A 256 -35.99 28.48 -16.79
CA ILE A 256 -36.17 29.38 -17.91
C ILE A 256 -34.82 29.74 -18.55
N SER A 257 -33.82 30.00 -17.71
CA SER A 257 -32.50 30.35 -18.23
C SER A 257 -31.86 29.19 -18.96
N ALA A 258 -31.90 28.00 -18.36
CA ALA A 258 -31.42 26.80 -19.03
C ALA A 258 -32.04 26.69 -20.43
N ALA A 259 -33.36 26.76 -20.49
CA ALA A 259 -34.04 26.63 -21.78
C ALA A 259 -33.67 27.75 -22.73
N LEU A 260 -33.41 28.94 -22.23
CA LEU A 260 -32.97 30.04 -23.08
C LEU A 260 -31.61 29.75 -23.68
N GLU A 261 -30.69 29.21 -22.89
CA GLU A 261 -29.40 28.77 -23.41
C GLU A 261 -29.60 27.68 -24.47
N ALA A 262 -30.41 26.68 -24.18
CA ALA A 262 -30.63 25.61 -25.12
C ALA A 262 -31.16 26.13 -26.45
N ALA A 263 -32.07 27.09 -26.39
CA ALA A 263 -32.60 27.71 -27.59
C ALA A 263 -31.59 28.56 -28.31
N LEU A 264 -30.79 29.27 -27.57
CA LEU A 264 -29.79 30.13 -28.17
C LEU A 264 -28.77 29.37 -28.98
N THR A 265 -28.39 28.24 -28.52
CA THR A 265 -27.42 27.40 -29.25
C THR A 265 -28.10 26.80 -30.46
N GLY A 266 -29.39 26.57 -30.42
CA GLY A 266 -30.09 26.09 -31.57
C GLY A 266 -30.93 24.89 -31.47
N HIS A 267 -31.57 24.72 -30.35
CA HIS A 267 -32.43 23.53 -30.17
C HIS A 267 -33.85 23.90 -29.92
N PRO A 268 -34.79 23.33 -30.67
CA PRO A 268 -36.21 23.49 -30.31
C PRO A 268 -36.46 23.07 -28.84
N VAL A 269 -37.06 23.98 -28.07
CA VAL A 269 -37.44 23.69 -26.71
C VAL A 269 -38.96 23.82 -26.61
N TYR A 270 -39.59 22.85 -25.96
CA TYR A 270 -41.02 22.87 -25.69
C TYR A 270 -41.25 22.78 -24.19
N THR A 271 -42.07 23.69 -23.68
CA THR A 271 -42.38 23.74 -22.26
C THR A 271 -43.82 24.15 -22.06
N THR A 272 -44.26 24.14 -20.80
CA THR A 272 -45.58 24.63 -20.42
C THR A 272 -45.48 25.64 -19.32
N LEU A 273 -46.50 26.48 -19.21
CA LEU A 273 -46.62 27.42 -18.06
C LEU A 273 -48.06 27.41 -17.62
N HIS A 274 -48.28 27.67 -16.33
CA HIS A 274 -49.58 27.81 -15.74
C HIS A 274 -50.24 29.17 -15.99
N THR A 275 -49.60 29.98 -16.84
CA THR A 275 -50.12 31.31 -17.12
C THR A 275 -51.26 31.22 -18.11
N SER A 276 -52.27 32.06 -17.93
CA SER A 276 -53.47 32.08 -18.75
C SER A 276 -53.45 33.35 -19.59
N GLY A 277 -53.12 33.19 -20.88
CA GLY A 277 -53.03 34.33 -21.77
C GLY A 277 -51.62 34.53 -22.30
N VAL A 278 -51.51 34.76 -23.60
CA VAL A 278 -50.20 34.89 -24.21
C VAL A 278 -49.47 36.09 -23.59
N ALA A 279 -50.12 37.24 -23.55
CA ALA A 279 -49.56 38.42 -22.92
C ALA A 279 -49.10 38.13 -21.47
N GLU A 280 -49.99 37.50 -20.72
CA GLU A 280 -49.67 37.16 -19.34
C GLU A 280 -48.46 36.25 -19.26
N THR A 281 -48.39 35.25 -20.12
CA THR A 281 -47.24 34.37 -20.15
C THR A 281 -45.98 35.15 -20.40
N MET A 282 -45.98 35.99 -21.42
CA MET A 282 -44.86 36.91 -21.65
C MET A 282 -44.46 37.62 -20.37
N ARG A 283 -45.42 38.26 -19.72
CA ARG A 283 -45.14 38.96 -18.47
C ARG A 283 -44.44 38.05 -17.48
N ARG A 284 -44.93 36.83 -17.30
CA ARG A 284 -44.30 35.90 -16.37
C ARG A 284 -42.86 35.61 -16.76
N LEU A 285 -42.62 35.33 -18.03
CA LEU A 285 -41.26 35.02 -18.47
C LEU A 285 -40.34 36.20 -18.18
N VAL A 286 -40.75 37.42 -18.58
CA VAL A 286 -39.86 38.55 -18.45
C VAL A 286 -39.61 38.92 -16.98
N THR A 287 -40.65 38.86 -16.16
CA THR A 287 -40.52 39.27 -14.77
C THR A 287 -39.75 38.24 -13.94
N SER A 288 -39.51 37.05 -14.46
CA SER A 288 -38.76 36.04 -13.73
C SER A 288 -37.40 36.53 -13.23
N PHE A 289 -36.88 37.59 -13.83
CA PHE A 289 -35.49 37.98 -13.64
C PHE A 289 -35.43 39.36 -13.04
N SER A 290 -34.57 39.54 -12.04
CA SER A 290 -34.40 40.82 -11.37
C SER A 290 -32.98 41.33 -11.59
N GLY A 291 -32.81 42.62 -11.33
CA GLY A 291 -31.53 43.25 -11.40
C GLY A 291 -31.15 43.62 -12.81
N GLU A 292 -29.84 43.78 -13.03
CA GLU A 292 -29.30 44.21 -14.31
C GLU A 292 -29.63 43.21 -15.41
N GLU A 293 -29.55 41.90 -15.09
CA GLU A 293 -29.74 40.89 -16.07
C GLU A 293 -31.12 40.76 -16.65
N ARG A 294 -32.12 41.33 -15.98
CA ARG A 294 -33.48 41.24 -16.49
C ARG A 294 -33.62 41.84 -17.89
N LEU A 295 -32.92 42.97 -18.10
CA LEU A 295 -33.01 43.61 -19.38
C LEU A 295 -32.49 42.69 -20.48
N GLY A 296 -31.33 42.14 -20.21
CA GLY A 296 -30.70 41.30 -21.21
C GLY A 296 -31.54 40.11 -21.53
N ARG A 297 -31.97 39.44 -20.45
CA ARG A 297 -32.73 38.22 -20.60
C ARG A 297 -33.98 38.48 -21.42
N THR A 298 -34.52 39.70 -21.36
CA THR A 298 -35.69 40.01 -22.12
C THR A 298 -35.45 39.83 -23.65
N ILE A 299 -34.35 40.27 -24.13
CA ILE A 299 -34.03 40.10 -25.52
C ILE A 299 -33.89 38.68 -25.85
N ASP A 300 -33.21 37.95 -24.99
CA ASP A 300 -32.96 36.50 -25.22
C ASP A 300 -34.31 35.88 -25.35
N ILE A 301 -35.24 36.24 -24.45
CA ILE A 301 -36.58 35.72 -24.60
C ILE A 301 -37.18 36.11 -25.97
N LEU A 302 -37.20 37.39 -26.25
CA LEU A 302 -37.90 37.86 -27.45
C LEU A 302 -37.37 37.18 -28.72
N GLU A 303 -36.06 37.08 -28.83
CA GLU A 303 -35.45 36.50 -30.01
C GLU A 303 -35.64 34.99 -30.06
N THR A 304 -35.84 34.33 -28.96
CA THR A 304 -35.90 32.88 -28.95
C THR A 304 -37.33 32.39 -29.15
N ILE A 305 -38.32 33.07 -28.58
CA ILE A 305 -39.69 32.60 -28.61
C ILE A 305 -40.14 32.41 -30.06
N ARG A 306 -40.89 31.34 -30.30
CA ARG A 306 -41.41 31.06 -31.63
C ARG A 306 -42.92 30.94 -31.68
N LEU A 307 -43.60 30.65 -30.57
CA LEU A 307 -45.00 30.28 -30.61
C LEU A 307 -45.54 30.16 -29.19
N CYS A 308 -46.75 30.71 -28.96
CA CYS A 308 -47.40 30.61 -27.68
C CYS A 308 -48.86 30.19 -27.90
N ILE A 309 -49.26 29.11 -27.25
CA ILE A 309 -50.65 28.68 -27.28
C ILE A 309 -51.15 28.55 -25.86
N TRP A 310 -52.14 29.35 -25.50
CA TRP A 310 -52.90 29.16 -24.27
C TRP A 310 -54.16 28.39 -24.57
N GLN A 311 -54.35 27.28 -23.84
CA GLN A 311 -55.41 26.34 -24.13
C GLN A 311 -56.30 26.22 -22.90
N LYS A 312 -57.61 26.08 -23.14
CA LYS A 312 -58.61 26.10 -22.09
C LYS A 312 -59.68 25.09 -22.43
N LEU A 313 -59.99 24.24 -21.45
CA LEU A 313 -60.95 23.14 -21.67
C LEU A 313 -62.29 23.55 -21.10
N VAL A 314 -63.32 23.58 -21.94
CA VAL A 314 -64.60 24.18 -21.58
C VAL A 314 -65.71 23.16 -21.90
N PRO A 315 -66.78 23.13 -21.10
CA PRO A 315 -67.82 22.13 -21.34
C PRO A 315 -68.60 22.40 -22.62
N THR A 316 -69.08 21.32 -23.22
CA THR A 316 -69.84 21.36 -24.45
C THR A 316 -71.32 21.07 -24.15
N VAL A 317 -72.15 21.21 -25.16
CA VAL A 317 -73.56 20.91 -25.02
C VAL A 317 -73.75 19.40 -24.76
N ASP A 318 -72.94 18.57 -25.33
CA ASP A 318 -73.04 17.13 -25.19
C ASP A 318 -72.45 16.62 -23.89
N GLU A 319 -72.22 17.50 -22.93
CA GLU A 319 -71.59 17.17 -21.64
C GLU A 319 -70.17 16.69 -21.78
N ARG A 320 -69.55 16.87 -22.95
CA ARG A 320 -68.13 16.63 -23.13
C ARG A 320 -67.38 17.97 -23.11
N ARG A 321 -66.05 17.87 -23.19
CA ARG A 321 -65.19 19.02 -23.13
C ARG A 321 -64.59 19.33 -24.51
N VAL A 322 -64.33 20.62 -24.75
CA VAL A 322 -63.73 21.08 -25.97
C VAL A 322 -62.59 22.05 -25.65
N ALA A 323 -61.62 22.13 -26.56
CA ALA A 323 -60.45 22.94 -26.38
C ALA A 323 -60.59 24.25 -27.14
N LEU A 324 -60.58 25.36 -26.40
CA LEU A 324 -60.41 26.69 -26.99
C LEU A 324 -58.94 27.09 -26.86
N ARG A 325 -58.45 27.81 -27.86
CA ARG A 325 -57.04 28.15 -27.98
C ARG A 325 -56.91 29.63 -28.35
N GLU A 326 -56.07 30.34 -27.61
CA GLU A 326 -55.60 31.66 -27.99
C GLU A 326 -54.10 31.58 -28.20
N TYR A 327 -53.64 31.85 -29.41
CA TYR A 327 -52.26 31.64 -29.81
C TYR A 327 -51.71 32.88 -30.48
N LEU A 328 -50.40 33.08 -30.34
CA LEU A 328 -49.65 33.96 -31.24
C LEU A 328 -48.46 33.17 -31.78
N VAL A 329 -48.24 33.25 -33.09
CA VAL A 329 -47.02 32.79 -33.71
C VAL A 329 -46.05 33.96 -33.78
N PHE A 330 -44.85 33.78 -33.21
CA PHE A 330 -43.85 34.84 -33.16
C PHE A 330 -42.99 34.78 -34.41
N ASP A 331 -43.56 35.26 -35.50
CA ASP A 331 -42.81 35.48 -36.74
C ASP A 331 -41.58 36.36 -36.47
N GLU A 332 -40.65 36.38 -37.40
CA GLU A 332 -39.59 37.38 -37.38
C GLU A 332 -40.15 38.78 -37.29
N GLU A 333 -41.25 39.04 -37.98
CA GLU A 333 -41.86 40.37 -37.99
C GLU A 333 -42.38 40.75 -36.60
N VAL A 334 -43.17 39.86 -35.99
CA VAL A 334 -43.60 40.07 -34.61
C VAL A 334 -42.40 40.33 -33.72
N ARG A 335 -41.46 39.40 -33.71
CA ARG A 335 -40.28 39.55 -32.87
C ARG A 335 -39.60 40.91 -33.06
N ASP A 336 -39.51 41.37 -34.29
CA ASP A 336 -38.99 42.71 -34.57
C ASP A 336 -39.82 43.77 -33.92
N ILE A 337 -41.12 43.76 -34.15
CA ILE A 337 -42.04 44.71 -33.48
C ILE A 337 -41.70 44.77 -31.98
N LEU A 338 -41.54 43.60 -31.34
CA LEU A 338 -41.36 43.57 -29.92
C LEU A 338 -40.00 44.12 -29.52
N LEU A 339 -38.95 43.80 -30.28
CA LEU A 339 -37.63 44.32 -29.98
C LEU A 339 -37.50 45.84 -30.17
N GLU A 340 -38.18 46.35 -31.18
CA GLU A 340 -38.03 47.77 -31.53
C GLU A 340 -38.66 48.68 -30.51
N GLY A 341 -39.69 48.21 -29.82
CA GLY A 341 -40.35 48.99 -28.79
C GLY A 341 -39.67 48.93 -27.44
N ASP A 342 -40.22 49.66 -26.50
CA ASP A 342 -39.62 49.76 -25.18
C ASP A 342 -39.72 48.41 -24.50
N PRO A 343 -38.59 47.86 -23.98
CA PRO A 343 -38.65 46.54 -23.37
C PRO A 343 -39.75 46.36 -22.28
N ASN A 344 -40.12 47.44 -21.64
CA ASN A 344 -40.97 47.37 -20.49
C ASN A 344 -42.42 47.19 -20.86
N GLU A 345 -42.86 47.68 -21.99
CA GLU A 345 -44.22 47.55 -22.47
C GLU A 345 -44.47 46.29 -23.26
N VAL A 346 -43.52 45.31 -23.25
CA VAL A 346 -43.66 44.12 -24.06
C VAL A 346 -45.00 43.42 -23.85
N THR A 347 -45.35 43.20 -22.60
CA THR A 347 -46.67 42.71 -22.25
C THR A 347 -47.81 43.38 -23.07
N SER A 348 -47.94 44.69 -22.90
CA SER A 348 -48.91 45.45 -23.63
C SER A 348 -48.78 45.20 -25.15
N ALA A 349 -47.56 45.36 -25.68
CA ALA A 349 -47.33 45.09 -27.07
C ALA A 349 -47.92 43.73 -27.50
N THR A 350 -47.56 42.69 -26.76
CA THR A 350 -48.03 41.35 -27.10
C THR A 350 -49.56 41.29 -27.08
N ARG A 351 -50.17 41.90 -26.08
CA ARG A 351 -51.62 41.98 -26.05
C ARG A 351 -52.20 42.51 -27.35
N LYS A 352 -51.61 43.60 -27.86
CA LYS A 352 -52.05 44.13 -29.15
C LYS A 352 -51.81 43.14 -30.27
N LEU A 353 -50.64 42.50 -30.26
CA LEU A 353 -50.23 41.67 -31.38
C LEU A 353 -51.11 40.42 -31.54
N VAL A 354 -51.47 39.80 -30.42
CA VAL A 354 -52.45 38.73 -30.45
C VAL A 354 -53.72 39.17 -31.18
N ARG A 355 -54.12 40.43 -30.98
CA ARG A 355 -55.32 40.92 -31.62
C ARG A 355 -55.15 41.07 -33.11
N GLN A 356 -53.97 41.48 -33.57
CA GLN A 356 -53.74 41.80 -34.96
C GLN A 356 -53.27 40.62 -35.78
N LYS A 357 -52.29 39.88 -35.26
CA LYS A 357 -51.65 38.78 -35.99
C LYS A 357 -51.94 37.42 -35.40
N GLY A 358 -52.56 37.35 -34.22
CA GLY A 358 -52.85 36.09 -33.58
C GLY A 358 -54.32 35.78 -33.53
N GLN A 359 -54.75 35.07 -32.49
CA GLN A 359 -56.15 34.71 -32.31
C GLN A 359 -56.50 34.74 -30.84
N LEU A 360 -57.54 35.48 -30.48
CA LEU A 360 -57.95 35.64 -29.11
C LEU A 360 -58.80 34.48 -28.65
N MET A 361 -58.74 34.22 -27.34
CA MET A 361 -59.63 33.24 -26.73
C MET A 361 -61.10 33.58 -27.03
N THR A 362 -61.48 34.84 -26.88
CA THR A 362 -62.85 35.23 -27.09
C THR A 362 -63.31 34.91 -28.51
N TRP A 363 -62.44 35.17 -29.49
CA TRP A 363 -62.84 34.92 -30.87
C TRP A 363 -63.10 33.42 -31.12
N ASP A 364 -62.19 32.59 -30.66
CA ASP A 364 -62.38 31.15 -30.80
C ASP A 364 -63.65 30.70 -30.09
N ALA A 365 -63.90 31.24 -28.90
CA ALA A 365 -65.14 30.96 -28.21
C ALA A 365 -66.36 31.30 -29.07
N LYS A 366 -66.32 32.47 -29.72
CA LYS A 366 -67.42 32.86 -30.59
C LYS A 366 -67.59 31.87 -31.73
N MET A 367 -66.49 31.52 -32.39
CA MET A 367 -66.56 30.56 -33.48
C MET A 367 -67.21 29.25 -33.01
N LYS A 368 -66.73 28.71 -31.88
CA LYS A 368 -67.31 27.48 -31.36
C LYS A 368 -68.80 27.63 -31.04
N PHE A 369 -69.18 28.79 -30.54
CA PHE A 369 -70.58 29.05 -30.24
C PHE A 369 -71.44 29.05 -31.50
N GLU A 370 -71.00 29.73 -32.54
CA GLU A 370 -71.69 29.69 -33.82
C GLU A 370 -71.75 28.28 -34.35
N GLN A 371 -70.71 27.49 -34.13
CA GLN A 371 -70.74 26.08 -34.52
C GLN A 371 -71.67 25.24 -33.63
N GLY A 372 -72.11 25.77 -32.51
CA GLY A 372 -72.96 25.03 -31.60
C GLY A 372 -72.24 24.07 -30.67
N ILE A 373 -70.91 24.08 -30.67
CA ILE A 373 -70.18 23.21 -29.74
C ILE A 373 -70.24 23.73 -28.30
N ILE A 374 -70.38 25.03 -28.16
CA ILE A 374 -70.25 25.71 -26.86
C ILE A 374 -71.64 26.14 -26.37
N SER A 375 -71.85 25.98 -25.06
CA SER A 375 -73.12 26.37 -24.48
C SER A 375 -73.25 27.90 -24.39
N GLU A 376 -74.45 28.40 -24.52
CA GLU A 376 -74.63 29.84 -24.63
C GLU A 376 -74.16 30.57 -23.36
N ARG A 377 -74.69 30.13 -22.23
CA ARG A 377 -74.27 30.68 -20.94
C ARG A 377 -72.75 30.57 -20.79
N VAL A 378 -72.17 29.43 -21.20
CA VAL A 378 -70.74 29.27 -21.14
C VAL A 378 -70.03 30.36 -21.98
N TYR A 379 -70.45 30.51 -23.22
CA TYR A 379 -69.88 31.54 -24.06
C TYR A 379 -69.93 32.90 -23.38
N LYS A 380 -71.11 33.31 -22.94
CA LYS A 380 -71.24 34.57 -22.21
C LYS A 380 -70.22 34.66 -21.08
N LEU A 381 -70.10 33.59 -20.30
CA LEU A 381 -69.10 33.56 -19.24
C LEU A 381 -67.68 33.88 -19.77
N ILE A 382 -67.27 33.20 -20.84
CA ILE A 382 -65.97 33.42 -21.39
C ILE A 382 -65.80 34.88 -21.80
N ILE A 383 -66.81 35.43 -22.48
CA ILE A 383 -66.73 36.83 -22.89
C ILE A 383 -66.52 37.72 -21.68
N ALA A 384 -67.29 37.47 -20.61
CA ALA A 384 -67.18 38.31 -19.41
C ALA A 384 -65.77 38.22 -18.83
N GLY A 385 -65.25 37.00 -18.68
CA GLY A 385 -63.91 36.82 -18.13
C GLY A 385 -62.86 37.58 -18.94
N ALA A 386 -63.08 37.73 -20.23
CA ALA A 386 -62.13 38.41 -21.09
C ALA A 386 -61.07 39.37 -20.51
N ASP B 18 -75.60 20.36 48.21
CA ASP B 18 -75.16 19.22 47.35
C ASP B 18 -74.88 19.71 45.94
N ASN B 19 -73.61 19.85 45.58
CA ASN B 19 -73.22 20.00 44.18
C ASN B 19 -72.56 18.73 43.63
N ILE B 20 -73.27 17.61 43.71
CA ILE B 20 -72.80 16.33 43.22
C ILE B 20 -73.94 15.66 42.46
N ASN B 21 -73.62 15.11 41.28
CA ASN B 21 -74.59 14.43 40.44
C ASN B 21 -73.92 13.16 39.95
N LEU B 22 -74.03 12.10 40.74
CA LEU B 22 -73.20 10.93 40.62
C LEU B 22 -73.55 10.08 39.43
N MET B 23 -72.59 9.36 38.91
CA MET B 23 -72.79 8.54 37.72
C MET B 23 -73.70 7.40 38.02
N PRO B 24 -74.68 7.08 37.13
CA PRO B 24 -75.61 6.01 37.45
C PRO B 24 -74.98 4.68 37.88
N ASP B 25 -74.00 4.19 37.12
CA ASP B 25 -73.43 2.88 37.37
C ASP B 25 -71.90 2.99 37.39
N GLU B 26 -71.39 3.51 38.52
CA GLU B 26 -70.00 3.84 38.61
C GLU B 26 -69.17 2.56 38.77
N PRO B 27 -68.26 2.27 37.82
CA PRO B 27 -67.53 1.03 37.93
C PRO B 27 -66.47 1.07 39.03
N THR B 28 -66.06 -0.11 39.48
CA THR B 28 -64.97 -0.21 40.42
C THR B 28 -63.70 0.39 39.85
N ARG B 29 -63.39 0.07 38.59
CA ARG B 29 -62.33 0.74 37.86
C ARG B 29 -62.86 1.22 36.54
N PHE B 30 -62.33 2.35 36.07
CA PHE B 30 -62.86 3.03 34.89
C PHE B 30 -62.23 2.44 33.64
N THR B 31 -63.05 2.01 32.71
CA THR B 31 -62.61 1.43 31.44
C THR B 31 -63.34 2.18 30.31
N PRO B 32 -62.75 2.19 29.11
CA PRO B 32 -63.24 3.07 28.08
C PRO B 32 -64.75 3.03 27.84
N VAL B 33 -65.36 1.88 27.96
CA VAL B 33 -66.81 1.80 27.77
C VAL B 33 -67.51 2.62 28.82
N PHE B 34 -67.17 2.39 30.09
CA PHE B 34 -67.68 3.23 31.17
C PHE B 34 -67.40 4.72 30.98
N MET B 35 -66.42 5.02 30.15
CA MET B 35 -66.17 6.40 29.74
C MET B 35 -67.27 6.84 28.80
N ASP B 36 -67.67 6.00 27.86
CA ASP B 36 -68.79 6.33 26.99
C ASP B 36 -70.07 6.53 27.81
N ARG B 37 -70.35 5.60 28.71
CA ARG B 37 -71.53 5.72 29.55
C ARG B 37 -71.49 6.99 30.39
N MET B 38 -70.36 7.27 31.03
CA MET B 38 -70.23 8.49 31.79
C MET B 38 -70.45 9.70 30.92
N LEU B 39 -69.94 9.70 29.70
CA LEU B 39 -70.21 10.79 28.79
C LEU B 39 -71.70 10.96 28.50
N GLU B 40 -72.41 9.84 28.31
CA GLU B 40 -73.84 9.90 28.22
C GLU B 40 -74.45 10.62 29.43
N HIS B 41 -74.04 10.21 30.61
CA HIS B 41 -74.54 10.85 31.82
C HIS B 41 -74.31 12.36 31.78
N ALA B 42 -73.12 12.76 31.37
CA ALA B 42 -72.79 14.17 31.38
C ALA B 42 -73.63 14.95 30.39
N GLU B 43 -73.80 14.42 29.18
CA GLU B 43 -74.70 15.03 28.22
C GLU B 43 -76.13 15.16 28.78
N SER B 44 -76.59 14.11 29.46
CA SER B 44 -77.88 14.19 30.12
C SER B 44 -77.93 15.40 31.07
N LEU B 45 -76.81 15.77 31.66
CA LEU B 45 -76.74 16.95 32.49
C LEU B 45 -76.46 18.22 31.69
N ASN B 46 -76.30 18.13 30.39
CA ASN B 46 -76.00 19.27 29.54
C ASN B 46 -74.64 19.89 29.87
N ALA B 47 -73.66 19.03 30.05
CA ALA B 47 -72.29 19.50 30.36
C ALA B 47 -71.62 19.97 29.11
N SER B 48 -70.92 21.09 29.19
CA SER B 48 -70.12 21.59 28.07
C SER B 48 -68.79 20.86 27.98
N ASP B 49 -68.18 20.57 29.14
CA ASP B 49 -66.84 20.01 29.21
C ASP B 49 -66.77 18.97 30.31
N ILE B 50 -65.89 18.01 30.12
CA ILE B 50 -65.66 16.93 31.08
C ILE B 50 -64.17 16.78 31.27
N THR B 51 -63.70 16.91 32.50
CA THR B 51 -62.29 16.81 32.78
C THR B 51 -62.01 15.64 33.67
N ILE B 52 -61.09 14.80 33.26
CA ILE B 52 -60.68 13.60 33.97
C ILE B 52 -59.23 13.77 34.32
N GLN B 53 -58.87 13.55 35.56
CA GLN B 53 -57.49 13.71 36.01
C GLN B 53 -57.15 12.64 37.01
N THR B 54 -55.88 12.32 37.09
CA THR B 54 -55.37 11.38 38.02
C THR B 54 -55.49 11.94 39.42
N GLY B 55 -55.75 11.04 40.40
CA GLY B 55 -55.96 11.47 41.76
C GLY B 55 -57.15 12.37 42.00
N GLU B 56 -58.06 12.46 41.04
CA GLU B 56 -59.22 13.32 41.14
C GLU B 56 -60.42 12.64 40.54
N PRO B 57 -61.63 12.93 41.04
CA PRO B 57 -62.82 12.43 40.38
C PRO B 57 -63.04 13.11 39.03
N ILE B 58 -63.92 12.52 38.24
CA ILE B 58 -64.32 13.13 36.98
C ILE B 58 -65.20 14.34 37.25
N PHE B 59 -64.92 15.43 36.58
CA PHE B 59 -65.70 16.67 36.70
C PHE B 59 -66.41 16.96 35.40
N ALA B 60 -67.60 17.55 35.48
CA ALA B 60 -68.33 18.08 34.34
C ALA B 60 -68.74 19.51 34.62
N GLU B 61 -68.59 20.39 33.63
CA GLU B 61 -68.98 21.78 33.74
C GLU B 61 -70.33 21.96 33.08
N VAL B 62 -71.38 22.21 33.90
CA VAL B 62 -72.66 22.64 33.35
C VAL B 62 -72.83 24.13 33.59
N TYR B 63 -72.81 24.89 32.52
CA TYR B 63 -72.94 26.37 32.57
C TYR B 63 -71.85 26.89 33.45
N GLY B 64 -72.15 27.80 34.40
CA GLY B 64 -71.12 28.29 35.30
C GLY B 64 -70.40 27.16 36.13
N ARG B 65 -71.14 26.08 36.37
CA ARG B 65 -70.89 25.27 37.54
C ARG B 65 -70.06 24.05 37.23
N LEU B 66 -69.27 23.65 38.21
CA LEU B 66 -68.40 22.47 38.10
C LEU B 66 -68.88 21.45 39.08
N LEU B 67 -69.21 20.27 38.60
CA LEU B 67 -69.89 19.25 39.44
C LEU B 67 -69.14 17.93 39.24
N LYS B 68 -68.80 17.28 40.37
CA LYS B 68 -68.11 16.02 40.32
C LYS B 68 -69.11 14.91 39.98
N ILE B 69 -68.79 14.11 38.96
CA ILE B 69 -69.70 13.10 38.47
C ILE B 69 -69.45 11.71 39.08
N THR B 70 -68.37 11.56 39.86
CA THR B 70 -68.03 10.29 40.45
C THR B 70 -67.44 10.50 41.82
N ASN B 71 -67.68 9.54 42.70
CA ASN B 71 -67.10 9.53 44.04
C ASN B 71 -65.67 9.03 44.05
N ARG B 72 -65.27 8.25 43.05
CA ARG B 72 -63.94 7.66 43.00
C ARG B 72 -62.95 8.60 42.25
N ARG B 73 -61.78 8.77 42.81
CA ARG B 73 -60.71 9.46 42.15
C ARG B 73 -59.92 8.42 41.31
N LEU B 74 -59.68 8.78 40.04
CA LEU B 74 -59.10 7.88 39.12
C LEU B 74 -57.62 7.73 39.26
N SER B 75 -57.11 6.55 38.94
CA SER B 75 -55.68 6.27 39.03
C SER B 75 -54.98 6.56 37.71
N ASN B 76 -53.70 6.86 37.79
CA ASN B 76 -52.89 7.16 36.61
C ASN B 76 -53.06 6.09 35.54
N THR B 77 -53.09 4.83 35.94
CA THR B 77 -53.26 3.74 34.97
C THR B 77 -54.60 3.82 34.24
N GLU B 78 -55.66 4.11 34.98
CA GLU B 78 -56.97 4.33 34.35
C GLU B 78 -56.88 5.40 33.27
N LEU B 79 -56.36 6.58 33.65
CA LEU B 79 -56.25 7.65 32.68
C LEU B 79 -55.46 7.25 31.47
N GLY B 80 -54.27 6.69 31.69
CA GLY B 80 -53.47 6.19 30.57
C GLY B 80 -54.24 5.26 29.66
N ASP B 81 -55.01 4.36 30.25
CA ASP B 81 -55.85 3.48 29.43
C ASP B 81 -56.85 4.27 28.61
N LEU B 82 -57.53 5.22 29.23
CA LEU B 82 -58.51 6.04 28.51
C LEU B 82 -57.83 6.73 27.30
N ILE B 83 -56.72 7.42 27.55
CA ILE B 83 -56.08 8.18 26.50
C ILE B 83 -55.58 7.26 25.38
N ASN B 84 -54.94 6.16 25.75
CA ASN B 84 -54.53 5.17 24.76
C ASN B 84 -55.73 4.71 23.92
N SER B 85 -56.87 4.49 24.55
CA SER B 85 -58.07 4.13 23.81
C SER B 85 -58.49 5.23 22.84
N ILE B 86 -58.41 6.48 23.27
CA ILE B 86 -58.83 7.59 22.43
C ILE B 86 -57.79 7.87 21.35
N TYR B 87 -56.52 7.71 21.62
CA TYR B 87 -55.44 8.19 20.76
C TYR B 87 -54.26 7.23 20.80
N GLY B 88 -54.51 5.94 20.66
CA GLY B 88 -53.50 5.01 20.16
C GLY B 88 -52.60 4.49 21.30
N PRO B 89 -52.06 3.30 21.13
CA PRO B 89 -51.24 2.73 22.19
C PRO B 89 -50.13 3.66 22.70
N ASN B 90 -49.51 4.44 21.84
CA ASN B 90 -48.33 5.20 22.22
C ASN B 90 -48.65 6.59 22.77
N ALA B 91 -49.92 6.89 23.01
CA ALA B 91 -50.31 8.17 23.56
C ALA B 91 -49.61 8.43 24.91
N THR B 92 -49.62 7.44 25.79
CA THR B 92 -48.98 7.59 27.08
C THR B 92 -47.51 7.99 26.93
N THR B 93 -46.77 7.19 26.19
CA THR B 93 -45.36 7.50 25.95
C THR B 93 -45.20 8.90 25.38
N GLN B 94 -46.12 9.31 24.51
CA GLN B 94 -46.03 10.66 23.94
C GLN B 94 -46.17 11.72 25.04
N LEU B 95 -47.13 11.54 25.93
CA LEU B 95 -47.26 12.44 27.07
C LEU B 95 -45.99 12.47 27.91
N LEU B 96 -45.43 11.31 28.18
CA LEU B 96 -44.22 11.21 28.98
C LEU B 96 -43.04 11.84 28.29
N SER B 97 -43.10 11.99 26.96
CA SER B 97 -42.04 12.69 26.23
C SER B 97 -41.97 14.17 26.60
N GLY B 98 -43.08 14.74 27.12
CA GLY B 98 -43.24 16.15 27.22
C GLY B 98 -43.98 16.80 26.05
N LYS B 99 -44.89 16.05 25.44
CA LYS B 99 -45.72 16.55 24.35
C LYS B 99 -47.18 16.61 24.79
N ASP B 100 -47.97 17.23 23.93
CA ASP B 100 -49.37 17.52 24.25
C ASP B 100 -50.25 16.90 23.18
N ILE B 101 -51.35 16.29 23.60
CA ILE B 101 -52.19 15.49 22.71
C ILE B 101 -53.49 16.27 22.46
N ASP B 102 -53.80 16.46 21.18
CA ASP B 102 -55.08 16.99 20.75
C ASP B 102 -55.64 16.08 19.70
N THR B 103 -56.89 15.65 19.87
CA THR B 103 -57.55 14.74 18.97
C THR B 103 -59.04 14.91 19.10
N HIS B 104 -59.81 13.95 18.56
CA HIS B 104 -61.26 14.09 18.46
C HIS B 104 -61.90 12.76 18.67
N TYR B 105 -63.00 12.71 19.43
CA TYR B 105 -63.57 11.46 19.90
C TYR B 105 -65.07 11.49 19.68
N GLU B 106 -65.59 10.52 18.93
CA GLU B 106 -67.00 10.33 18.75
C GLU B 106 -67.42 8.95 19.32
N PHE B 107 -68.68 8.85 19.68
CA PHE B 107 -69.25 7.65 20.19
C PHE B 107 -70.77 7.68 20.01
N ARG B 108 -71.34 6.48 19.91
CA ARG B 108 -72.74 6.35 19.50
C ARG B 108 -73.51 5.64 20.59
N PRO B 109 -74.40 6.34 21.32
CA PRO B 109 -75.24 5.66 22.32
C PRO B 109 -75.99 4.48 21.76
N ASN B 110 -76.76 3.77 22.56
CA ASN B 110 -77.85 2.95 22.03
C ASN B 110 -78.67 3.68 20.97
N ARG B 111 -78.95 4.94 21.21
CA ARG B 111 -79.60 5.79 20.19
C ARG B 111 -78.76 5.81 18.92
N GLY B 112 -79.43 5.94 17.78
CA GLY B 112 -78.74 6.30 16.54
C GLY B 112 -77.96 7.62 16.56
N VAL B 113 -78.11 8.42 17.60
CA VAL B 113 -77.49 9.72 17.67
C VAL B 113 -76.01 9.57 18.03
N ARG B 114 -75.24 10.62 17.73
CA ARG B 114 -73.79 10.56 17.69
C ARG B 114 -73.20 11.71 18.51
N TYR B 115 -72.21 11.40 19.32
CA TYR B 115 -71.58 12.36 20.20
C TYR B 115 -70.16 12.62 19.78
N ARG B 116 -69.80 13.91 19.69
CA ARG B 116 -68.48 14.29 19.15
C ARG B 116 -67.87 15.28 20.12
N TYR B 117 -66.56 15.14 20.39
CA TYR B 117 -65.87 16.04 21.28
C TYR B 117 -64.44 16.25 20.71
N ARG B 118 -63.89 17.43 21.01
CA ARG B 118 -62.45 17.61 21.05
C ARG B 118 -61.87 17.06 22.36
N VAL B 119 -60.85 16.21 22.23
CA VAL B 119 -60.13 15.67 23.36
C VAL B 119 -58.75 16.31 23.42
N ASN B 120 -58.29 16.58 24.63
CA ASN B 120 -56.96 17.07 24.86
C ASN B 120 -56.39 16.38 26.08
N ALA B 121 -55.22 15.87 25.97
CA ALA B 121 -54.52 15.24 27.09
C ALA B 121 -53.24 15.92 27.30
N THR B 122 -52.95 16.31 28.55
CA THR B 122 -51.71 16.98 28.89
C THR B 122 -51.13 16.31 30.11
N ALA B 123 -49.79 16.30 30.17
CA ALA B 123 -49.08 15.75 31.30
C ALA B 123 -48.97 16.77 32.42
N CYS B 124 -49.20 16.32 33.65
CA CYS B 124 -49.04 17.16 34.82
C CYS B 124 -48.41 16.35 35.93
N LEU B 125 -48.21 17.00 37.07
CA LEU B 125 -47.63 16.36 38.23
C LEU B 125 -48.67 16.26 39.32
N VAL B 126 -48.98 15.02 39.74
CA VAL B 126 -49.93 14.77 40.80
C VAL B 126 -49.25 13.94 41.88
N GLU B 127 -49.34 14.39 43.11
CA GLU B 127 -48.78 13.71 44.27
C GLU B 127 -47.32 13.52 44.12
N GLY B 128 -46.56 14.26 43.32
CA GLY B 128 -45.18 14.04 43.10
C GLY B 128 -44.80 13.14 41.96
N HIS B 129 -45.78 12.59 41.24
CA HIS B 129 -45.54 11.67 40.15
C HIS B 129 -46.12 12.22 38.85
N ASP B 130 -45.51 11.83 37.73
CA ASP B 130 -46.10 12.10 36.44
C ASP B 130 -47.48 11.54 36.32
N ALA B 131 -48.40 12.31 35.73
CA ALA B 131 -49.78 11.91 35.60
C ALA B 131 -50.39 12.56 34.38
N ILE B 132 -51.66 12.25 34.13
CA ILE B 132 -52.35 12.70 32.94
C ILE B 132 -53.64 13.44 33.26
N GLN B 133 -53.93 14.45 32.49
CA GLN B 133 -55.22 15.14 32.56
C GLN B 133 -55.81 15.16 31.20
N ILE B 134 -57.01 14.67 31.07
CA ILE B 134 -57.76 14.59 29.82
C ILE B 134 -58.94 15.53 29.94
N THR B 135 -59.27 16.20 28.85
CA THR B 135 -60.42 17.09 28.81
C THR B 135 -61.15 16.92 27.52
N LEU B 136 -62.44 16.66 27.59
CA LEU B 136 -63.31 16.49 26.44
C LEU B 136 -64.29 17.65 26.41
N ARG B 137 -64.25 18.45 25.32
CA ARG B 137 -65.16 19.53 25.10
C ARG B 137 -66.09 19.19 23.95
N THR B 138 -67.39 19.45 24.17
CA THR B 138 -68.41 18.98 23.23
C THR B 138 -68.32 19.79 21.97
N ILE B 139 -68.47 19.12 20.81
CA ILE B 139 -68.41 19.78 19.53
C ILE B 139 -69.76 19.59 18.84
N PRO B 140 -70.27 20.63 18.18
CA PRO B 140 -71.49 20.44 17.39
C PRO B 140 -71.25 19.52 16.20
N THR B 141 -72.30 18.93 15.69
CA THR B 141 -72.20 17.94 14.63
C THR B 141 -71.86 18.53 13.25
N THR B 142 -72.24 19.79 13.02
CA THR B 142 -72.34 20.33 11.70
C THR B 142 -71.85 21.77 11.77
N PRO B 143 -71.08 22.22 10.79
CA PRO B 143 -70.80 23.64 10.62
C PRO B 143 -72.10 24.46 10.61
N PRO B 144 -72.08 25.63 11.20
CA PRO B 144 -73.11 26.63 10.90
C PRO B 144 -73.30 26.86 9.41
N LYS B 145 -74.42 27.45 9.04
CA LYS B 145 -74.61 27.97 7.69
C LYS B 145 -73.77 29.22 7.46
N LEU B 146 -73.48 29.48 6.20
CA LEU B 146 -72.76 30.71 5.83
C LEU B 146 -73.59 31.96 6.08
N SER B 147 -74.90 31.87 5.85
CA SER B 147 -75.77 33.02 6.04
C SER B 147 -75.75 33.47 7.50
N THR B 148 -75.66 32.54 8.44
CA THR B 148 -75.55 32.90 9.84
C THR B 148 -74.32 33.78 10.11
N MET B 149 -73.26 33.61 9.29
CA MET B 149 -72.02 34.28 9.59
C MET B 149 -72.05 35.78 9.39
N ASN B 150 -73.04 36.28 8.65
CA ASN B 150 -73.25 37.72 8.49
C ASN B 150 -72.15 38.37 7.67
N LEU B 151 -71.91 37.79 6.49
CA LEU B 151 -70.76 38.17 5.67
C LEU B 151 -71.21 39.12 4.56
N PRO B 152 -70.42 40.16 4.26
CA PRO B 152 -70.71 40.97 3.08
C PRO B 152 -70.88 40.12 1.83
N ASP B 153 -71.56 40.67 0.84
CA ASP B 153 -71.75 39.94 -0.42
C ASP B 153 -70.43 39.82 -1.18
N ASN B 154 -69.61 40.87 -1.18
CA ASN B 154 -68.26 40.77 -1.70
C ASN B 154 -67.58 39.47 -1.33
N ILE B 155 -67.53 39.18 -0.03
CA ILE B 155 -66.83 37.98 0.44
C ILE B 155 -67.49 36.73 -0.12
N ILE B 156 -68.78 36.62 -0.07
CA ILE B 156 -69.48 35.46 -0.59
C ILE B 156 -69.12 35.24 -2.07
N GLU B 157 -69.03 36.32 -2.83
CA GLU B 157 -68.61 36.20 -4.22
C GLU B 157 -67.17 35.77 -4.33
N ALA B 158 -66.33 36.17 -3.38
CA ALA B 158 -64.89 35.86 -3.43
C ALA B 158 -64.53 34.51 -2.79
N ILE B 159 -65.51 33.82 -2.22
CA ILE B 159 -65.23 32.73 -1.31
C ILE B 159 -64.93 31.41 -2.02
N ALA B 160 -65.21 31.33 -3.31
CA ALA B 160 -65.08 30.11 -4.08
C ALA B 160 -64.28 30.34 -5.36
N PRO B 161 -63.01 30.76 -5.22
CA PRO B 161 -62.19 30.91 -6.42
C PRO B 161 -61.85 29.59 -7.05
N GLN B 162 -61.62 29.61 -8.38
CA GLN B 162 -61.22 28.38 -9.08
C GLN B 162 -59.83 27.92 -8.60
N GLU B 163 -58.91 28.86 -8.41
CA GLU B 163 -57.60 28.54 -7.87
C GLU B 163 -57.13 29.65 -6.98
N GLY B 164 -56.02 29.45 -6.30
CA GLY B 164 -55.44 30.43 -5.41
C GLY B 164 -55.70 30.15 -3.96
N ILE B 165 -55.32 31.11 -3.12
CA ILE B 165 -55.25 30.90 -1.67
C ILE B 165 -56.21 31.90 -1.00
N VAL B 166 -56.96 31.40 -0.03
CA VAL B 166 -57.83 32.23 0.81
C VAL B 166 -57.34 32.12 2.24
N PHE B 167 -57.07 33.25 2.85
CA PHE B 167 -56.50 33.32 4.20
C PHE B 167 -57.56 33.88 5.14
N ILE B 168 -57.83 33.16 6.23
CA ILE B 168 -58.57 33.67 7.36
C ILE B 168 -57.62 33.80 8.53
N THR B 169 -57.28 35.03 8.89
CA THR B 169 -56.28 35.33 9.88
C THR B 169 -56.89 35.96 11.11
N GLY B 170 -56.20 35.84 12.22
CA GLY B 170 -56.67 36.37 13.48
C GLY B 170 -56.13 35.59 14.65
N ALA B 171 -56.29 36.16 15.83
CA ALA B 171 -55.85 35.52 17.06
C ALA B 171 -56.64 34.26 17.34
N THR B 172 -56.03 33.34 18.05
CA THR B 172 -56.72 32.13 18.51
C THR B 172 -57.96 32.51 19.33
N GLY B 173 -59.05 31.82 19.08
CA GLY B 173 -60.35 32.22 19.61
C GLY B 173 -61.14 33.24 18.83
N SER B 174 -60.74 33.51 17.60
CA SER B 174 -61.53 34.36 16.69
C SER B 174 -62.46 33.56 15.77
N GLY B 175 -62.59 32.27 16.02
CA GLY B 175 -63.46 31.41 15.21
C GLY B 175 -63.20 31.37 13.74
N LYS B 176 -61.95 31.29 13.39
CA LYS B 176 -61.56 31.12 11.95
C LYS B 176 -61.85 29.68 11.49
N SER B 177 -61.44 28.71 12.31
CA SER B 177 -61.78 27.32 12.04
C SER B 177 -63.26 27.16 11.68
N THR B 178 -64.13 27.63 12.56
CA THR B 178 -65.56 27.67 12.25
C THR B 178 -65.85 28.24 10.86
N LEU B 179 -65.46 29.48 10.62
CA LEU B 179 -65.80 30.13 9.37
C LEU B 179 -65.37 29.27 8.16
N LEU B 180 -64.19 28.78 8.21
CA LEU B 180 -63.73 27.78 7.21
C LEU B 180 -64.71 26.63 7.07
N ALA B 181 -65.08 26.03 8.20
CA ALA B 181 -66.02 24.93 8.18
C ALA B 181 -67.32 25.36 7.47
N SER B 182 -67.78 26.59 7.69
CA SER B 182 -68.97 27.06 7.07
C SER B 182 -68.79 27.18 5.56
N ILE B 183 -67.70 27.77 5.12
CA ILE B 183 -67.42 27.84 3.69
C ILE B 183 -67.47 26.45 3.07
N ILE B 184 -66.72 25.51 3.65
CA ILE B 184 -66.69 24.17 3.12
C ILE B 184 -68.10 23.58 3.06
N ARG B 185 -68.89 23.78 4.09
CA ARG B 185 -70.25 23.31 4.10
C ARG B 185 -71.03 23.90 2.95
N GLU B 186 -70.86 25.18 2.68
CA GLU B 186 -71.57 25.81 1.57
C GLU B 186 -71.15 25.23 0.25
N LEU B 187 -69.86 25.00 0.08
CA LEU B 187 -69.34 24.52 -1.20
C LEU B 187 -69.66 23.05 -1.43
N ILE B 188 -69.85 22.27 -0.40
CA ILE B 188 -70.22 20.88 -0.57
C ILE B 188 -71.72 20.64 -0.56
N GLU B 189 -72.51 21.50 0.05
CA GLU B 189 -73.95 21.33 0.16
C GLU B 189 -74.69 21.56 -1.17
N THR B 190 -74.21 22.54 -1.92
CA THR B 190 -74.92 22.93 -3.14
C THR B 190 -74.81 21.82 -4.16
N SER B 191 -75.91 21.56 -4.86
CA SER B 191 -75.89 20.64 -5.99
C SER B 191 -75.06 21.22 -7.14
N ASP B 192 -74.55 20.33 -7.97
CA ASP B 192 -73.67 20.67 -9.10
C ASP B 192 -72.36 21.32 -8.62
N SER B 193 -71.96 21.05 -7.39
CA SER B 193 -70.66 21.43 -6.89
C SER B 193 -69.78 20.17 -6.81
N ASN B 194 -69.14 19.85 -7.91
CA ASN B 194 -68.38 18.62 -8.02
C ASN B 194 -67.01 18.83 -7.39
N ARG B 195 -66.95 18.67 -6.08
CA ARG B 195 -65.80 19.04 -5.30
C ARG B 195 -65.31 17.85 -4.46
N LYS B 196 -64.09 17.42 -4.68
CA LYS B 196 -63.39 16.58 -3.74
C LYS B 196 -62.64 17.49 -2.77
N VAL B 197 -63.00 17.42 -1.48
CA VAL B 197 -62.43 18.28 -0.47
C VAL B 197 -61.50 17.50 0.43
N LEU B 198 -60.27 18.00 0.58
CA LEU B 198 -59.30 17.40 1.49
C LEU B 198 -58.88 18.44 2.51
N THR B 199 -58.98 18.10 3.77
CA THR B 199 -58.63 18.96 4.88
C THR B 199 -57.53 18.34 5.72
N TYR B 200 -56.65 19.17 6.25
CA TYR B 200 -55.58 18.70 7.13
C TYR B 200 -55.70 19.52 8.35
N GLU B 201 -56.57 19.06 9.21
CA GLU B 201 -56.94 19.81 10.44
C GLU B 201 -56.25 19.64 11.79
N SER B 202 -55.32 18.73 11.93
CA SER B 202 -54.73 18.57 13.28
C SER B 202 -55.87 18.16 14.16
N PRO B 203 -56.23 18.87 15.28
CA PRO B 203 -57.40 18.33 15.98
C PRO B 203 -58.58 18.54 15.03
N ILE B 204 -59.33 17.52 14.74
CA ILE B 204 -60.41 17.70 13.79
C ILE B 204 -61.58 18.13 14.60
N GLU B 205 -62.07 19.29 14.33
CA GLU B 205 -63.17 19.86 15.14
C GLU B 205 -64.52 19.67 14.49
N PHE B 206 -64.59 19.93 13.19
CA PHE B 206 -65.84 19.87 12.46
C PHE B 206 -65.85 18.69 11.54
N VAL B 207 -67.01 18.00 11.49
CA VAL B 207 -67.19 16.90 10.54
C VAL B 207 -68.34 17.28 9.61
N TYR B 208 -68.32 16.66 8.43
CA TYR B 208 -69.35 16.92 7.41
C TYR B 208 -70.14 15.65 7.07
N ASP B 209 -70.10 14.64 7.93
CA ASP B 209 -70.84 13.41 7.70
C ASP B 209 -72.34 13.63 7.67
N GLU B 210 -72.84 14.51 8.54
CA GLU B 210 -74.27 14.71 8.68
C GLU B 210 -74.92 15.34 7.45
N ILE B 211 -74.14 16.21 6.78
CA ILE B 211 -74.65 16.90 5.60
C ILE B 211 -74.87 15.89 4.47
N GLU B 212 -73.85 15.09 4.15
CA GLU B 212 -73.99 13.92 3.34
C GLU B 212 -74.68 14.19 2.00
N THR B 213 -74.24 15.20 1.30
CA THR B 213 -74.84 15.68 0.08
C THR B 213 -74.26 14.97 -1.14
N ILE B 214 -74.93 15.07 -2.25
CA ILE B 214 -74.52 14.42 -3.48
C ILE B 214 -73.52 15.29 -4.23
N SER B 215 -72.57 14.67 -4.91
CA SER B 215 -71.62 15.30 -5.76
C SER B 215 -70.38 15.92 -5.08
N ALA B 216 -70.19 15.61 -3.80
CA ALA B 216 -69.02 16.07 -3.09
C ALA B 216 -68.53 15.00 -2.14
N VAL B 217 -67.22 14.96 -1.93
CA VAL B 217 -66.62 14.07 -0.94
C VAL B 217 -65.67 14.90 -0.10
N VAL B 218 -65.61 14.61 1.20
CA VAL B 218 -64.75 15.32 2.13
C VAL B 218 -63.90 14.32 2.87
N SER B 219 -62.58 14.46 2.76
CA SER B 219 -61.62 13.57 3.42
C SER B 219 -60.82 14.41 4.40
N GLN B 220 -60.94 14.10 5.68
CA GLN B 220 -60.36 14.89 6.76
C GLN B 220 -59.24 14.11 7.41
N SER B 221 -58.03 14.63 7.33
CA SER B 221 -56.83 13.94 7.81
C SER B 221 -56.26 14.76 8.98
N GLU B 222 -56.05 14.10 10.12
CA GLU B 222 -55.56 14.72 11.32
C GLU B 222 -54.02 14.59 11.36
N ILE B 223 -53.38 15.69 11.73
CA ILE B 223 -51.98 15.87 11.40
C ILE B 223 -51.09 15.13 12.40
N PRO B 224 -51.43 15.10 13.70
CA PRO B 224 -50.68 14.24 14.59
C PRO B 224 -50.86 12.77 14.27
N ARG B 225 -52.05 12.36 13.88
CA ARG B 225 -52.40 10.94 13.77
C ARG B 225 -52.14 10.35 12.38
N HIS B 226 -52.51 11.09 11.32
CA HIS B 226 -52.62 10.54 9.99
C HIS B 226 -51.46 10.89 9.08
N LEU B 227 -50.88 12.08 9.25
CA LEU B 227 -49.84 12.55 8.38
C LEU B 227 -48.91 13.43 9.21
N PRO B 228 -47.58 13.29 9.03
CA PRO B 228 -46.68 14.03 9.88
C PRO B 228 -46.94 15.53 10.01
N ASN B 229 -47.03 16.23 8.86
CA ASN B 229 -46.92 17.67 8.84
C ASN B 229 -48.00 18.24 7.93
N PHE B 230 -48.35 19.51 8.18
CA PHE B 230 -49.27 20.19 7.31
C PHE B 230 -48.75 20.24 5.86
N ALA B 231 -47.45 20.51 5.70
CA ALA B 231 -46.87 20.58 4.38
C ALA B 231 -46.94 19.23 3.66
N ASP B 232 -46.41 18.20 4.29
CA ASP B 232 -46.65 16.83 3.88
C ASP B 232 -48.10 16.64 3.48
N GLY B 233 -49.02 17.16 4.27
CA GLY B 233 -50.41 17.00 3.96
C GLY B 233 -50.80 17.60 2.64
N VAL B 234 -50.38 18.84 2.40
CA VAL B 234 -50.71 19.49 1.16
C VAL B 234 -50.11 18.74 0.00
N ARG B 235 -48.78 18.57 0.01
CA ARG B 235 -48.13 17.81 -1.03
C ARG B 235 -48.87 16.48 -1.30
N ASN B 236 -49.40 15.87 -0.26
CA ASN B 236 -50.17 14.67 -0.45
C ASN B 236 -51.49 14.98 -1.18
N ALA B 237 -52.14 16.06 -0.82
CA ALA B 237 -53.36 16.42 -1.50
C ALA B 237 -53.14 16.63 -2.97
N LEU B 238 -51.99 17.20 -3.36
CA LEU B 238 -51.69 17.38 -4.76
C LEU B 238 -51.76 16.06 -5.53
N ARG B 239 -51.45 14.93 -4.87
CA ARG B 239 -51.48 13.66 -5.50
C ARG B 239 -52.88 13.05 -5.58
N ARG B 240 -53.86 13.64 -4.92
CA ARG B 240 -55.19 13.06 -4.81
C ARG B 240 -56.23 13.73 -5.70
N LYS B 241 -55.81 14.65 -6.58
CA LYS B 241 -56.73 15.37 -7.44
C LYS B 241 -57.91 15.98 -6.63
N PRO B 242 -57.62 16.78 -5.64
CA PRO B 242 -58.72 17.51 -4.99
C PRO B 242 -59.24 18.64 -5.85
N ARG B 243 -60.45 19.10 -5.54
CA ARG B 243 -60.92 20.38 -5.99
C ARG B 243 -60.87 21.46 -4.90
N LEU B 244 -60.56 21.08 -3.67
CA LEU B 244 -60.49 22.04 -2.57
C LEU B 244 -59.58 21.47 -1.49
N ILE B 245 -58.64 22.28 -1.03
CA ILE B 245 -57.66 21.87 -0.03
C ILE B 245 -57.77 22.80 1.16
N MET B 246 -57.93 22.20 2.35
CA MET B 246 -58.01 22.95 3.60
C MET B 246 -56.78 22.59 4.45
N VAL B 247 -55.97 23.59 4.76
CA VAL B 247 -54.84 23.44 5.66
C VAL B 247 -55.12 24.24 6.92
N GLY B 248 -55.09 23.57 8.06
CA GLY B 248 -55.47 24.21 9.31
C GLY B 248 -54.69 25.45 9.60
N GLU B 249 -53.38 25.41 9.37
CA GLU B 249 -52.50 26.55 9.62
C GLU B 249 -51.28 26.46 8.75
N CYS B 250 -50.67 27.60 8.45
CA CYS B 250 -49.43 27.68 7.66
C CYS B 250 -48.45 28.59 8.43
N ARG B 251 -47.83 28.03 9.46
CA ARG B 251 -46.77 28.75 10.16
C ARG B 251 -45.44 28.72 9.41
N ASP B 252 -45.11 27.58 8.83
CA ASP B 252 -43.77 27.35 8.29
C ASP B 252 -43.66 27.97 6.90
N ALA B 253 -42.44 28.24 6.49
CA ALA B 253 -42.15 28.48 5.07
C ALA B 253 -42.38 27.21 4.25
N GLU B 254 -42.18 26.03 4.87
CA GLU B 254 -42.46 24.79 4.16
C GLU B 254 -43.95 24.71 3.76
N THR B 255 -44.84 24.86 4.73
CA THR B 255 -46.25 24.79 4.44
C THR B 255 -46.68 25.87 3.43
N ILE B 256 -46.14 27.08 3.59
CA ILE B 256 -46.48 28.15 2.66
C ILE B 256 -46.06 27.79 1.25
N SER B 257 -44.87 27.21 1.11
CA SER B 257 -44.39 26.81 -0.23
C SER B 257 -45.25 25.71 -0.82
N ALA B 258 -45.53 24.68 -0.02
CA ALA B 258 -46.44 23.61 -0.46
C ALA B 258 -47.74 24.21 -0.98
N ALA B 259 -48.36 25.08 -0.19
CA ALA B 259 -49.64 25.67 -0.60
C ALA B 259 -49.49 26.52 -1.84
N LEU B 260 -48.34 27.18 -2.00
CA LEU B 260 -48.10 27.97 -3.21
C LEU B 260 -48.04 27.08 -4.42
N GLU B 261 -47.36 25.93 -4.32
CA GLU B 261 -47.37 24.97 -5.42
C GLU B 261 -48.78 24.48 -5.72
N ALA B 262 -49.51 24.10 -4.68
CA ALA B 262 -50.87 23.61 -4.87
C ALA B 262 -51.73 24.62 -5.60
N ALA B 263 -51.59 25.90 -5.24
CA ALA B 263 -52.33 26.95 -5.88
C ALA B 263 -51.90 27.19 -7.31
N LEU B 264 -50.60 27.12 -7.54
CA LEU B 264 -50.10 27.32 -8.88
C LEU B 264 -50.52 26.25 -9.82
N THR B 265 -50.65 25.04 -9.27
CA THR B 265 -51.13 23.93 -10.08
C THR B 265 -52.57 24.20 -10.51
N GLY B 266 -53.32 24.87 -9.63
CA GLY B 266 -54.66 25.25 -9.99
C GLY B 266 -55.72 24.75 -9.01
N HIS B 267 -55.39 24.76 -7.73
CA HIS B 267 -56.30 24.32 -6.72
C HIS B 267 -56.61 25.38 -5.70
N PRO B 268 -57.88 25.52 -5.32
CA PRO B 268 -58.19 26.37 -4.18
C PRO B 268 -57.51 25.84 -2.91
N VAL B 269 -56.83 26.74 -2.21
CA VAL B 269 -56.26 26.44 -0.91
C VAL B 269 -56.87 27.38 0.12
N TYR B 270 -57.27 26.84 1.26
CA TYR B 270 -57.80 27.62 2.37
C TYR B 270 -56.95 27.34 3.60
N THR B 271 -56.48 28.39 4.24
CA THR B 271 -55.62 28.28 5.41
C THR B 271 -55.97 29.39 6.40
N THR B 272 -55.33 29.33 7.57
CA THR B 272 -55.43 30.35 8.58
C THR B 272 -54.05 30.84 8.98
N LEU B 273 -54.00 32.07 9.50
CA LEU B 273 -52.79 32.67 10.00
C LEU B 273 -53.04 33.33 11.34
N HIS B 274 -51.96 33.41 12.14
CA HIS B 274 -52.06 33.98 13.47
C HIS B 274 -51.85 35.47 13.50
N THR B 275 -51.79 36.12 12.35
CA THR B 275 -51.43 37.53 12.24
C THR B 275 -52.67 38.41 12.09
N SER B 276 -52.53 39.63 12.59
CA SER B 276 -53.63 40.56 12.79
C SER B 276 -53.49 41.70 11.79
N GLY B 277 -54.28 41.63 10.71
CA GLY B 277 -54.25 42.65 9.69
C GLY B 277 -53.79 42.13 8.35
N VAL B 278 -54.48 42.53 7.30
CA VAL B 278 -54.20 42.03 5.97
C VAL B 278 -52.76 42.40 5.59
N ALA B 279 -52.39 43.66 5.75
CA ALA B 279 -51.03 44.09 5.45
C ALA B 279 -50.01 43.30 6.25
N GLU B 280 -50.23 43.18 7.56
CA GLU B 280 -49.36 42.36 8.40
C GLU B 280 -49.23 40.93 7.87
N THR B 281 -50.37 40.32 7.57
CA THR B 281 -50.35 38.98 6.99
C THR B 281 -49.46 38.90 5.75
N MET B 282 -49.66 39.81 4.81
CA MET B 282 -48.74 39.94 3.70
C MET B 282 -47.29 39.98 4.13
N ARG B 283 -46.99 40.82 5.10
CA ARG B 283 -45.61 40.94 5.59
C ARG B 283 -45.06 39.57 6.01
N ARG B 284 -45.87 38.85 6.78
CA ARG B 284 -45.45 37.52 7.23
C ARG B 284 -45.21 36.57 6.06
N LEU B 285 -46.15 36.54 5.11
CA LEU B 285 -45.99 35.69 3.95
C LEU B 285 -44.70 35.99 3.20
N VAL B 286 -44.43 37.26 2.92
CA VAL B 286 -43.26 37.63 2.15
C VAL B 286 -41.98 37.34 2.93
N THR B 287 -41.97 37.64 4.23
CA THR B 287 -40.77 37.51 5.01
C THR B 287 -40.38 36.06 5.29
N SER B 288 -41.30 35.11 5.06
CA SER B 288 -41.02 33.73 5.38
C SER B 288 -39.80 33.19 4.65
N PHE B 289 -39.36 33.89 3.59
CA PHE B 289 -38.46 33.32 2.61
C PHE B 289 -37.19 34.15 2.57
N SER B 290 -36.05 33.46 2.46
CA SER B 290 -34.75 34.10 2.41
C SER B 290 -34.57 34.85 1.08
N GLY B 291 -33.50 35.63 1.02
CA GLY B 291 -33.44 36.74 0.09
C GLY B 291 -33.37 36.35 -1.37
N GLU B 292 -32.54 35.36 -1.66
CA GLU B 292 -32.39 34.88 -3.05
C GLU B 292 -33.71 34.25 -3.54
N GLU B 293 -34.40 33.54 -2.65
CA GLU B 293 -35.64 32.90 -3.02
C GLU B 293 -36.81 33.92 -3.04
N ARG B 294 -36.70 35.01 -2.29
CA ARG B 294 -37.87 35.68 -1.78
C ARG B 294 -38.57 36.53 -2.81
N LEU B 295 -37.91 36.95 -3.85
CA LEU B 295 -38.53 37.72 -4.92
C LEU B 295 -39.42 36.85 -5.77
N GLY B 296 -38.89 35.78 -6.33
CA GLY B 296 -39.71 34.73 -6.89
C GLY B 296 -40.83 34.28 -6.02
N ARG B 297 -40.52 33.86 -4.79
CA ARG B 297 -41.54 33.58 -3.80
C ARG B 297 -42.65 34.65 -3.75
N THR B 298 -42.24 35.92 -3.84
CA THR B 298 -43.21 36.98 -3.69
C THR B 298 -44.06 37.06 -4.88
N ILE B 299 -43.50 36.99 -6.11
CA ILE B 299 -44.32 36.92 -7.31
C ILE B 299 -45.34 35.80 -7.18
N ASP B 300 -44.87 34.61 -6.81
CA ASP B 300 -45.79 33.50 -6.62
C ASP B 300 -46.94 33.87 -5.68
N ILE B 301 -46.60 34.40 -4.50
CA ILE B 301 -47.62 34.76 -3.54
C ILE B 301 -48.64 35.74 -4.16
N LEU B 302 -48.13 36.83 -4.72
CA LEU B 302 -49.03 37.82 -5.30
C LEU B 302 -49.96 37.20 -6.34
N GLU B 303 -49.39 36.39 -7.23
CA GLU B 303 -50.20 35.77 -8.27
C GLU B 303 -51.27 34.86 -7.69
N THR B 304 -50.93 34.13 -6.62
CA THR B 304 -51.79 33.07 -6.11
C THR B 304 -52.93 33.62 -5.22
N ILE B 305 -52.64 34.66 -4.45
CA ILE B 305 -53.57 35.08 -3.41
C ILE B 305 -54.89 35.51 -4.01
N ARG B 306 -55.98 35.20 -3.33
CA ARG B 306 -57.31 35.55 -3.80
C ARG B 306 -58.12 36.39 -2.81
N LEU B 307 -57.84 36.28 -1.51
CA LEU B 307 -58.73 36.83 -0.49
C LEU B 307 -58.04 36.75 0.86
N CYS B 308 -58.16 37.81 1.65
CA CYS B 308 -57.64 37.84 3.02
C CYS B 308 -58.69 38.42 3.94
N ILE B 309 -59.03 37.69 4.99
CA ILE B 309 -59.98 38.13 6.00
C ILE B 309 -59.32 38.01 7.36
N TRP B 310 -59.11 39.14 8.04
CA TRP B 310 -58.73 39.17 9.43
C TRP B 310 -59.96 39.35 10.29
N GLN B 311 -60.15 38.44 11.26
CA GLN B 311 -61.35 38.38 12.05
C GLN B 311 -61.01 38.59 13.52
N LYS B 312 -61.91 39.29 14.22
CA LYS B 312 -61.74 39.59 15.62
C LYS B 312 -63.08 39.45 16.33
N LEU B 313 -63.08 38.75 17.46
CA LEU B 313 -64.28 38.53 18.25
C LEU B 313 -64.31 39.53 19.39
N VAL B 314 -65.36 40.33 19.46
CA VAL B 314 -65.43 41.45 20.40
C VAL B 314 -66.76 41.37 21.15
N PRO B 315 -66.77 41.77 22.43
CA PRO B 315 -67.98 41.58 23.23
C PRO B 315 -69.13 42.46 22.76
N THR B 316 -70.34 41.98 22.96
CA THR B 316 -71.54 42.71 22.56
C THR B 316 -72.24 43.28 23.79
N VAL B 317 -73.24 44.10 23.54
CA VAL B 317 -74.08 44.60 24.63
C VAL B 317 -74.86 43.48 25.28
N ASP B 318 -75.27 42.49 24.50
CA ASP B 318 -76.01 41.33 24.96
C ASP B 318 -75.18 40.36 25.75
N GLU B 319 -73.88 40.70 26.02
CA GLU B 319 -72.95 39.83 26.72
C GLU B 319 -72.69 38.51 25.95
N ARG B 320 -72.91 38.54 24.64
CA ARG B 320 -72.32 37.57 23.72
C ARG B 320 -71.17 38.25 22.96
N ARG B 321 -70.69 37.59 21.91
CA ARG B 321 -69.61 38.06 21.10
C ARG B 321 -70.07 38.25 19.65
N VAL B 322 -69.40 39.18 18.95
CA VAL B 322 -69.67 39.45 17.57
C VAL B 322 -68.35 39.53 16.80
N ALA B 323 -68.44 39.24 15.49
CA ALA B 323 -67.28 39.12 14.64
C ALA B 323 -67.12 40.38 13.81
N LEU B 324 -66.02 41.10 14.02
CA LEU B 324 -65.59 42.17 13.14
C LEU B 324 -64.55 41.58 12.16
N ARG B 325 -64.62 42.07 10.92
CA ARG B 325 -63.80 41.57 9.85
C ARG B 325 -63.17 42.74 9.08
N GLU B 326 -61.88 42.65 8.83
CA GLU B 326 -61.19 43.49 7.86
C GLU B 326 -60.65 42.59 6.76
N TYR B 327 -61.13 42.80 5.53
CA TYR B 327 -60.84 41.93 4.42
C TYR B 327 -60.36 42.73 3.21
N LEU B 328 -59.51 42.11 2.41
CA LEU B 328 -59.27 42.54 1.04
C LEU B 328 -59.53 41.36 0.10
N VAL B 329 -60.28 41.61 -0.96
CA VAL B 329 -60.43 40.69 -2.07
C VAL B 329 -59.38 41.04 -3.12
N PHE B 330 -58.54 40.05 -3.46
CA PHE B 330 -57.45 40.28 -4.42
C PHE B 330 -57.95 39.99 -5.83
N ASP B 331 -58.67 40.94 -6.37
CA ASP B 331 -59.07 40.88 -7.78
C ASP B 331 -57.87 40.78 -8.68
N GLU B 332 -58.13 40.45 -9.95
CA GLU B 332 -57.11 40.54 -10.98
C GLU B 332 -56.38 41.89 -10.94
N GLU B 333 -57.15 42.95 -10.76
CA GLU B 333 -56.58 44.29 -10.88
C GLU B 333 -55.75 44.64 -9.68
N VAL B 334 -56.22 44.33 -8.47
CA VAL B 334 -55.38 44.43 -7.28
C VAL B 334 -54.08 43.68 -7.53
N ARG B 335 -54.18 42.38 -7.82
CA ARG B 335 -52.99 41.58 -8.03
C ARG B 335 -52.02 42.23 -9.02
N ASP B 336 -52.55 42.77 -10.10
CA ASP B 336 -51.73 43.50 -11.06
C ASP B 336 -51.04 44.68 -10.41
N ILE B 337 -51.78 45.52 -9.74
CA ILE B 337 -51.17 46.64 -9.00
C ILE B 337 -49.99 46.14 -8.18
N LEU B 338 -50.18 45.05 -7.44
CA LEU B 338 -49.14 44.60 -6.53
C LEU B 338 -47.93 44.08 -7.28
N LEU B 339 -48.16 43.38 -8.39
CA LEU B 339 -47.05 42.79 -9.14
C LEU B 339 -46.25 43.86 -9.87
N GLU B 340 -46.92 44.87 -10.41
CA GLU B 340 -46.23 45.89 -11.20
C GLU B 340 -45.32 46.76 -10.35
N GLY B 341 -45.63 46.91 -9.08
CA GLY B 341 -44.88 47.78 -8.21
C GLY B 341 -43.69 47.08 -7.57
N ASP B 342 -42.97 47.84 -6.75
CA ASP B 342 -41.72 47.38 -6.23
C ASP B 342 -41.96 46.24 -5.24
N PRO B 343 -41.28 45.09 -5.41
CA PRO B 343 -41.53 43.98 -4.50
C PRO B 343 -41.34 44.32 -3.00
N ASN B 344 -40.33 45.11 -2.68
CA ASN B 344 -39.92 45.19 -1.28
C ASN B 344 -40.95 45.96 -0.44
N GLU B 345 -41.63 46.93 -1.02
CA GLU B 345 -42.70 47.65 -0.36
C GLU B 345 -44.09 47.10 -0.68
N VAL B 346 -44.21 45.80 -0.77
CA VAL B 346 -45.51 45.16 -1.05
C VAL B 346 -46.49 45.41 0.11
N THR B 347 -45.99 45.32 1.34
CA THR B 347 -46.83 45.46 2.51
C THR B 347 -47.54 46.81 2.48
N SER B 348 -46.85 47.88 2.16
CA SER B 348 -47.47 49.20 2.16
C SER B 348 -48.49 49.31 1.09
N ALA B 349 -48.15 49.00 -0.15
CA ALA B 349 -49.12 49.00 -1.27
C ALA B 349 -50.38 48.22 -0.85
N THR B 350 -50.22 47.02 -0.34
CA THR B 350 -51.35 46.27 0.21
C THR B 350 -52.11 47.11 1.26
N ARG B 351 -51.39 47.78 2.14
CA ARG B 351 -52.03 48.60 3.16
C ARG B 351 -52.96 49.63 2.53
N LYS B 352 -52.48 50.34 1.52
CA LYS B 352 -53.33 51.28 0.80
C LYS B 352 -54.47 50.59 0.11
N LEU B 353 -54.24 49.41 -0.41
CA LEU B 353 -55.29 48.72 -1.19
C LEU B 353 -56.43 48.26 -0.31
N VAL B 354 -56.15 47.85 0.92
CA VAL B 354 -57.21 47.61 1.89
C VAL B 354 -58.05 48.87 2.05
N ARG B 355 -57.42 50.03 2.12
CA ARG B 355 -58.14 51.27 2.34
C ARG B 355 -59.01 51.65 1.15
N GLN B 356 -58.49 51.41 -0.07
CA GLN B 356 -59.16 51.87 -1.28
C GLN B 356 -60.20 50.87 -1.80
N LYS B 357 -59.83 49.59 -1.84
CA LYS B 357 -60.70 48.56 -2.40
C LYS B 357 -61.21 47.55 -1.40
N GLY B 358 -60.72 47.60 -0.17
CA GLY B 358 -61.09 46.62 0.85
C GLY B 358 -61.97 47.22 1.94
N GLN B 359 -61.86 46.70 3.14
CA GLN B 359 -62.67 47.16 4.27
C GLN B 359 -61.83 47.05 5.53
N LEU B 360 -61.72 48.13 6.27
CA LEU B 360 -60.88 48.20 7.44
C LEU B 360 -61.63 47.68 8.65
N MET B 361 -60.85 47.16 9.62
CA MET B 361 -61.41 46.77 10.89
C MET B 361 -62.18 47.93 11.55
N THR B 362 -61.60 49.12 11.52
CA THR B 362 -62.22 50.27 12.15
C THR B 362 -63.59 50.55 11.55
N TRP B 363 -63.71 50.43 10.23
CA TRP B 363 -64.97 50.74 9.57
C TRP B 363 -66.07 49.76 10.03
N ASP B 364 -65.76 48.46 10.00
CA ASP B 364 -66.70 47.48 10.49
C ASP B 364 -67.08 47.75 11.95
N ALA B 365 -66.09 48.10 12.77
CA ALA B 365 -66.37 48.48 14.14
C ALA B 365 -67.38 49.62 14.23
N LYS B 366 -67.21 50.62 13.36
CA LYS B 366 -68.14 51.72 13.35
C LYS B 366 -69.52 51.27 12.98
N MET B 367 -69.63 50.53 11.88
CA MET B 367 -70.94 50.08 11.43
C MET B 367 -71.63 49.26 12.55
N LYS B 368 -70.89 48.45 13.22
CA LYS B 368 -71.46 47.67 14.31
C LYS B 368 -71.97 48.54 15.43
N PHE B 369 -71.23 49.59 15.76
CA PHE B 369 -71.63 50.46 16.87
C PHE B 369 -72.91 51.17 16.62
N GLU B 370 -73.06 51.77 15.50
CA GLU B 370 -74.30 52.53 15.17
C GLU B 370 -75.46 51.57 15.17
N GLN B 371 -75.17 50.34 14.66
CA GLN B 371 -76.19 49.30 14.74
C GLN B 371 -76.54 48.99 16.21
N GLY B 372 -75.59 49.31 17.10
CA GLY B 372 -75.75 49.16 18.49
C GLY B 372 -75.43 47.70 18.92
N ILE B 373 -74.49 47.09 18.25
CA ILE B 373 -74.10 45.72 18.55
C ILE B 373 -72.99 45.78 19.59
N ILE B 374 -72.04 46.71 19.45
CA ILE B 374 -70.90 46.79 20.37
C ILE B 374 -71.02 48.08 21.16
N SER B 375 -70.40 48.10 22.34
CA SER B 375 -70.41 49.28 23.18
C SER B 375 -69.49 50.35 22.64
N GLU B 376 -69.72 51.58 23.05
CA GLU B 376 -68.85 52.70 22.75
C GLU B 376 -67.40 52.40 23.18
N ARG B 377 -67.20 51.88 24.38
CA ARG B 377 -65.85 51.67 24.86
C ARG B 377 -65.12 50.71 23.94
N VAL B 378 -65.71 49.60 23.58
CA VAL B 378 -65.01 48.59 22.80
C VAL B 378 -64.68 49.14 21.42
N TYR B 379 -65.67 49.74 20.79
CA TYR B 379 -65.48 50.31 19.48
C TYR B 379 -64.38 51.33 19.63
N LYS B 380 -64.41 52.12 20.69
CA LYS B 380 -63.42 53.15 20.89
C LYS B 380 -62.03 52.47 20.87
N LEU B 381 -61.94 51.33 21.55
CA LEU B 381 -60.71 50.61 21.62
C LEU B 381 -60.19 50.19 20.26
N ILE B 382 -61.07 49.61 19.45
CA ILE B 382 -60.66 49.12 18.15
C ILE B 382 -60.07 50.24 17.32
N ILE B 383 -60.72 51.41 17.36
CA ILE B 383 -60.24 52.55 16.64
C ILE B 383 -58.81 52.87 17.09
N ALA B 384 -58.60 52.81 18.39
CA ALA B 384 -57.31 53.10 19.00
C ALA B 384 -56.20 52.15 18.55
N GLY B 385 -56.51 50.86 18.47
CA GLY B 385 -55.51 49.90 18.08
C GLY B 385 -55.24 49.97 16.60
N ALA B 386 -56.29 49.90 15.83
CA ALA B 386 -56.13 49.82 14.34
C ALA B 386 -55.65 51.13 13.77
N LYS B 387 -56.19 52.23 14.26
CA LYS B 387 -55.83 53.57 13.77
C LYS B 387 -54.34 53.73 13.66
N GLU B 388 -53.66 53.14 14.65
CA GLU B 388 -52.21 53.13 14.64
C GLU B 388 -51.66 52.54 13.33
N ASN C 19 -23.44 35.27 64.71
CA ASN C 19 -22.34 35.08 63.72
C ASN C 19 -22.19 33.60 63.33
N ILE C 20 -22.49 32.70 64.25
CA ILE C 20 -22.29 31.29 64.08
C ILE C 20 -23.15 30.52 65.08
N ASN C 21 -24.12 29.76 64.59
CA ASN C 21 -24.90 28.85 65.42
C ASN C 21 -24.57 27.39 65.10
N LEU C 22 -23.98 26.71 66.06
CA LEU C 22 -23.41 25.39 65.85
C LEU C 22 -24.45 24.32 66.11
N MET C 23 -24.27 23.18 65.42
CA MET C 23 -25.11 22.06 65.64
C MET C 23 -24.84 21.45 67.02
N PRO C 24 -25.80 20.66 67.51
CA PRO C 24 -25.60 20.15 68.86
C PRO C 24 -24.50 19.11 68.99
N ASP C 25 -24.52 18.10 68.13
CA ASP C 25 -23.63 16.95 68.24
C ASP C 25 -22.79 16.83 66.94
N GLU C 26 -21.60 17.45 66.99
CA GLU C 26 -20.79 17.52 65.80
C GLU C 26 -19.87 16.32 65.74
N PRO C 27 -19.96 15.49 64.68
CA PRO C 27 -19.12 14.30 64.64
C PRO C 27 -17.67 14.66 64.35
N THR C 28 -16.76 13.78 64.75
CA THR C 28 -15.36 13.93 64.38
C THR C 28 -15.22 13.90 62.87
N ARG C 29 -15.85 12.94 62.21
CA ARG C 29 -15.90 12.90 60.76
C ARG C 29 -17.35 12.74 60.32
N PHE C 30 -17.72 13.45 59.26
CA PHE C 30 -19.11 13.67 58.91
C PHE C 30 -19.59 12.52 58.04
N THR C 31 -20.69 11.88 58.46
CA THR C 31 -21.22 10.72 57.76
C THR C 31 -22.68 10.98 57.41
N PRO C 32 -23.17 10.33 56.35
CA PRO C 32 -24.53 10.59 55.91
C PRO C 32 -25.59 10.57 57.03
N VAL C 33 -25.42 9.70 58.01
CA VAL C 33 -26.33 9.67 59.11
C VAL C 33 -26.37 11.05 59.79
N PHE C 34 -25.19 11.63 60.01
CA PHE C 34 -25.12 12.90 60.64
C PHE C 34 -25.66 14.02 59.82
N MET C 35 -25.52 13.89 58.51
CA MET C 35 -25.99 14.97 57.62
C MET C 35 -27.47 15.17 57.82
N ASP C 36 -28.20 14.06 58.02
CA ASP C 36 -29.58 14.13 58.29
C ASP C 36 -29.80 14.93 59.61
N ARG C 37 -28.96 14.64 60.59
CA ARG C 37 -29.05 15.35 61.82
C ARG C 37 -28.74 16.81 61.62
N MET C 38 -27.70 17.04 60.80
CA MET C 38 -27.29 18.42 60.56
C MET C 38 -28.46 19.21 59.94
N LEU C 39 -29.15 18.57 59.03
CA LEU C 39 -30.23 19.21 58.34
C LEU C 39 -31.35 19.64 59.22
N GLU C 40 -31.73 18.80 60.15
CA GLU C 40 -32.89 19.10 61.05
C GLU C 40 -32.53 20.39 61.78
N HIS C 41 -31.30 20.49 62.26
CA HIS C 41 -30.84 21.64 62.93
C HIS C 41 -31.00 22.87 62.08
N ALA C 42 -30.53 22.82 60.86
CA ALA C 42 -30.66 23.97 59.97
C ALA C 42 -32.13 24.38 59.82
N GLU C 43 -33.02 23.40 59.68
CA GLU C 43 -34.43 23.72 59.62
C GLU C 43 -34.92 24.39 60.90
N SER C 44 -34.48 23.89 62.04
CA SER C 44 -34.78 24.52 63.31
C SER C 44 -34.35 25.97 63.30
N LEU C 45 -33.28 26.29 62.58
CA LEU C 45 -32.87 27.69 62.41
C LEU C 45 -33.62 28.41 61.29
N ASN C 46 -34.48 27.71 60.56
CA ASN C 46 -35.23 28.29 59.47
C ASN C 46 -34.34 28.68 58.31
N ALA C 47 -33.44 27.80 57.96
CA ALA C 47 -32.51 28.03 56.83
C ALA C 47 -33.22 27.75 55.52
N SER C 48 -32.99 28.59 54.53
CA SER C 48 -33.46 28.28 53.17
C SER C 48 -32.51 27.36 52.44
N ASP C 49 -31.21 27.55 52.66
CA ASP C 49 -30.17 26.87 51.88
C ASP C 49 -29.04 26.44 52.79
N ILE C 50 -28.40 25.32 52.42
CA ILE C 50 -27.29 24.76 53.15
C ILE C 50 -26.17 24.46 52.16
N THR C 51 -25.00 25.02 52.39
CA THR C 51 -23.87 24.88 51.50
C THR C 51 -22.76 24.11 52.21
N ILE C 52 -22.36 22.98 51.65
CA ILE C 52 -21.27 22.17 52.15
C ILE C 52 -20.14 22.18 51.15
N GLN C 53 -18.95 22.57 51.62
CA GLN C 53 -17.78 22.64 50.72
C GLN C 53 -16.58 22.06 51.42
N THR C 54 -15.68 21.48 50.67
CA THR C 54 -14.45 20.95 51.23
C THR C 54 -13.58 22.08 51.70
N GLY C 55 -12.79 21.84 52.74
CA GLY C 55 -11.98 22.86 53.38
C GLY C 55 -12.74 24.01 54.01
N GLU C 56 -14.06 23.86 54.15
CA GLU C 56 -14.90 24.89 54.73
C GLU C 56 -15.92 24.23 55.64
N PRO C 57 -16.38 24.96 56.68
CA PRO C 57 -17.49 24.45 57.48
C PRO C 57 -18.79 24.47 56.69
N ILE C 58 -19.79 23.76 57.22
CA ILE C 58 -21.11 23.78 56.67
C ILE C 58 -21.76 25.12 56.95
N PHE C 59 -22.35 25.73 55.92
CA PHE C 59 -23.02 27.01 56.03
C PHE C 59 -24.51 26.83 55.82
N ALA C 60 -25.30 27.63 56.54
CA ALA C 60 -26.73 27.77 56.31
C ALA C 60 -27.06 29.24 56.10
N GLU C 61 -27.96 29.50 55.16
CA GLU C 61 -28.50 30.84 54.95
C GLU C 61 -29.84 30.95 55.69
N VAL C 62 -29.84 31.69 56.80
CA VAL C 62 -31.07 32.04 57.50
C VAL C 62 -31.33 33.53 57.22
N TYR C 63 -32.47 33.81 56.62
CA TYR C 63 -32.92 35.19 56.44
C TYR C 63 -31.85 36.04 55.75
N GLY C 64 -31.25 35.51 54.70
CA GLY C 64 -30.26 36.25 53.96
C GLY C 64 -28.90 36.32 54.59
N ARG C 65 -28.72 35.86 55.83
CA ARG C 65 -27.45 35.87 56.49
C ARG C 65 -26.87 34.47 56.51
N LEU C 66 -25.56 34.37 56.28
CA LEU C 66 -24.86 33.10 56.26
C LEU C 66 -24.25 32.84 57.62
N LEU C 67 -24.59 31.70 58.22
CA LEU C 67 -24.05 31.29 59.49
C LEU C 67 -23.42 29.90 59.39
N LYS C 68 -22.30 29.74 60.04
CA LYS C 68 -21.59 28.46 60.03
C LYS C 68 -22.27 27.52 61.02
N ILE C 69 -22.62 26.32 60.54
CA ILE C 69 -23.29 25.33 61.37
C ILE C 69 -22.35 24.36 62.10
N THR C 70 -21.07 24.38 61.70
CA THR C 70 -20.05 23.63 62.38
C THR C 70 -18.77 24.47 62.44
N ASN C 71 -17.93 24.13 63.42
CA ASN C 71 -16.62 24.72 63.54
C ASN C 71 -15.53 23.95 62.81
N ARG C 72 -15.84 22.84 62.19
CA ARG C 72 -14.87 21.94 61.59
C ARG C 72 -14.97 22.04 60.08
N ARG C 73 -13.81 22.11 59.40
CA ARG C 73 -13.80 22.16 57.95
C ARG C 73 -13.88 20.73 57.39
N LEU C 74 -14.82 20.52 56.48
CA LEU C 74 -15.06 19.20 55.94
C LEU C 74 -13.97 18.79 54.95
N SER C 75 -13.68 17.50 54.92
CA SER C 75 -12.69 16.94 54.03
C SER C 75 -13.32 16.57 52.70
N ASN C 76 -12.49 16.53 51.66
CA ASN C 76 -12.95 16.13 50.35
C ASN C 76 -13.60 14.75 50.39
N THR C 77 -12.99 13.83 51.12
CA THR C 77 -13.53 12.47 51.23
C THR C 77 -14.92 12.47 51.89
N GLU C 78 -15.08 13.25 52.94
CA GLU C 78 -16.40 13.40 53.56
C GLU C 78 -17.44 13.85 52.54
N LEU C 79 -17.15 14.94 51.83
CA LEU C 79 -18.11 15.46 50.86
C LEU C 79 -18.42 14.42 49.81
N GLY C 80 -17.38 13.79 49.24
CA GLY C 80 -17.60 12.72 48.29
C GLY C 80 -18.55 11.64 48.83
N ASP C 81 -18.35 11.24 50.08
CA ASP C 81 -19.24 10.27 50.71
C ASP C 81 -20.68 10.78 50.76
N LEU C 82 -20.86 12.02 51.22
CA LEU C 82 -22.19 12.62 51.26
C LEU C 82 -22.86 12.55 49.89
N ILE C 83 -22.17 13.04 48.85
CA ILE C 83 -22.78 13.13 47.53
C ILE C 83 -23.08 11.73 46.99
N ASN C 84 -22.14 10.80 47.12
CA ASN C 84 -22.40 9.43 46.75
C ASN C 84 -23.67 8.89 47.43
N SER C 85 -23.83 9.21 48.71
CA SER C 85 -25.03 8.79 49.42
C SER C 85 -26.28 9.42 48.83
N ILE C 86 -26.21 10.70 48.48
CA ILE C 86 -27.40 11.39 48.00
C ILE C 86 -27.75 10.97 46.56
N TYR C 87 -26.74 10.74 45.74
CA TYR C 87 -26.96 10.58 44.30
C TYR C 87 -26.68 9.14 43.88
N GLY C 88 -25.41 8.75 43.82
CA GLY C 88 -25.07 7.38 43.60
C GLY C 88 -23.59 7.11 43.80
N PRO C 89 -23.22 5.83 43.80
CA PRO C 89 -21.78 5.49 43.93
C PRO C 89 -20.89 6.27 42.94
N ASN C 90 -21.38 6.47 41.72
CA ASN C 90 -20.60 7.07 40.67
C ASN C 90 -20.58 8.62 40.69
N ALA C 91 -21.20 9.23 41.69
CA ALA C 91 -21.33 10.67 41.70
C ALA C 91 -19.97 11.35 41.74
N THR C 92 -19.11 10.91 42.60
CA THR C 92 -17.78 11.52 42.72
C THR C 92 -17.06 11.45 41.37
N THR C 93 -17.13 10.31 40.76
CA THR C 93 -16.52 10.11 39.44
C THR C 93 -17.07 11.09 38.45
N GLN C 94 -18.40 11.27 38.50
CA GLN C 94 -19.06 12.15 37.57
C GLN C 94 -18.49 13.59 37.73
N LEU C 95 -18.26 13.97 38.99
CA LEU C 95 -17.67 15.26 39.24
C LEU C 95 -16.26 15.33 38.66
N LEU C 96 -15.57 14.24 38.81
CA LEU C 96 -14.24 14.10 38.23
C LEU C 96 -14.29 14.14 36.70
N SER C 97 -15.46 13.72 36.18
CA SER C 97 -15.70 13.78 34.77
C SER C 97 -15.64 15.20 34.23
N GLY C 98 -16.06 16.12 35.09
CA GLY C 98 -16.09 17.55 34.74
C GLY C 98 -17.57 17.88 34.46
N LYS C 99 -18.43 17.29 35.25
CA LYS C 99 -19.85 17.36 35.04
C LYS C 99 -20.50 17.90 36.31
N ASP C 100 -21.80 18.22 36.21
CA ASP C 100 -22.54 18.78 37.29
C ASP C 100 -23.67 17.81 37.69
N ILE C 101 -23.94 17.72 38.98
CA ILE C 101 -24.98 16.86 39.49
C ILE C 101 -26.13 17.72 40.02
N ASP C 102 -27.33 17.45 39.54
CA ASP C 102 -28.55 17.98 40.08
C ASP C 102 -29.50 16.86 40.42
N THR C 103 -30.01 16.86 41.64
CA THR C 103 -30.89 15.80 42.13
C THR C 103 -31.75 16.36 43.25
N HIS C 104 -32.41 15.48 43.98
CA HIS C 104 -33.19 15.89 45.15
C HIS C 104 -32.93 14.89 46.25
N TYR C 105 -33.16 15.34 47.49
CA TYR C 105 -32.88 14.52 48.67
C TYR C 105 -34.06 14.71 49.62
N GLU C 106 -34.73 13.61 49.96
CA GLU C 106 -35.76 13.61 50.96
C GLU C 106 -35.43 12.59 52.05
N PHE C 107 -35.89 12.90 53.25
CA PHE C 107 -35.62 12.05 54.41
C PHE C 107 -36.64 12.37 55.49
N ARG C 108 -36.89 11.36 56.31
CA ARG C 108 -38.06 11.34 57.21
C ARG C 108 -37.58 11.51 58.65
N PRO C 109 -37.72 12.75 59.19
CA PRO C 109 -37.13 13.03 60.51
C PRO C 109 -37.58 12.07 61.59
N ASN C 110 -37.27 12.28 62.83
CA ASN C 110 -37.94 11.61 63.94
C ASN C 110 -39.46 11.72 63.80
N ARG C 111 -39.98 12.96 63.61
CA ARG C 111 -41.40 13.13 63.47
C ARG C 111 -42.01 12.26 62.36
N GLY C 112 -41.24 12.06 61.29
CA GLY C 112 -41.67 11.29 60.16
C GLY C 112 -42.13 12.12 58.96
N VAL C 113 -42.72 13.31 59.22
CA VAL C 113 -43.10 14.18 58.11
C VAL C 113 -41.79 14.73 57.44
N ARG C 114 -41.65 14.51 56.14
CA ARG C 114 -40.35 14.44 55.52
C ARG C 114 -39.82 15.86 55.21
N TYR C 115 -38.52 15.98 55.26
CA TYR C 115 -37.80 17.11 54.69
C TYR C 115 -37.21 16.77 53.34
N ARG C 116 -37.22 17.72 52.44
CA ARG C 116 -36.81 17.53 51.04
C ARG C 116 -36.12 18.77 50.55
N TYR C 117 -35.18 18.57 49.63
CA TYR C 117 -34.28 19.60 49.15
C TYR C 117 -33.93 19.30 47.71
N ARG C 118 -33.77 20.37 46.92
CA ARG C 118 -33.08 20.31 45.64
C ARG C 118 -31.56 20.39 45.88
N VAL C 119 -30.84 19.35 45.49
CA VAL C 119 -29.41 19.25 45.74
C VAL C 119 -28.65 19.46 44.44
N ASN C 120 -27.53 20.17 44.51
CA ASN C 120 -26.67 20.37 43.38
C ASN C 120 -25.23 20.25 43.83
N ALA C 121 -24.50 19.28 43.28
CA ALA C 121 -23.09 19.10 43.54
C ALA C 121 -22.30 19.52 42.30
N THR C 122 -21.29 20.36 42.50
CA THR C 122 -20.42 20.78 41.42
C THR C 122 -18.98 20.71 41.86
N ALA C 123 -18.09 20.43 40.90
CA ALA C 123 -16.67 20.36 41.16
C ALA C 123 -16.04 21.74 41.16
N CYS C 124 -15.15 21.97 42.11
CA CYS C 124 -14.36 23.18 42.15
C CYS C 124 -12.92 22.82 42.52
N LEU C 125 -12.06 23.83 42.61
CA LEU C 125 -10.69 23.67 43.03
C LEU C 125 -10.53 24.30 44.41
N VAL C 126 -10.09 23.49 45.36
CA VAL C 126 -9.82 23.97 46.71
C VAL C 126 -8.39 23.63 47.07
N GLU C 127 -7.63 24.65 47.41
CA GLU C 127 -6.21 24.50 47.77
C GLU C 127 -5.45 23.61 46.80
N GLY C 128 -5.60 23.91 45.52
CA GLY C 128 -4.93 23.17 44.46
C GLY C 128 -5.40 21.79 44.11
N HIS C 129 -6.40 21.30 44.82
CA HIS C 129 -6.93 19.95 44.56
C HIS C 129 -8.36 20.01 44.08
N ASP C 130 -8.73 19.07 43.21
CA ASP C 130 -10.13 18.91 42.85
C ASP C 130 -10.96 18.61 44.08
N ALA C 131 -12.16 19.20 44.15
CA ALA C 131 -12.98 19.12 45.35
C ALA C 131 -14.43 19.32 44.94
N ILE C 132 -15.32 19.14 45.91
CA ILE C 132 -16.75 19.10 45.66
C ILE C 132 -17.46 20.14 46.52
N GLN C 133 -18.46 20.77 45.94
CA GLN C 133 -19.38 21.63 46.68
C GLN C 133 -20.80 21.14 46.46
N ILE C 134 -21.51 20.85 47.54
CA ILE C 134 -22.91 20.45 47.50
C ILE C 134 -23.74 21.59 48.08
N THR C 135 -24.89 21.83 47.48
CA THR C 135 -25.81 22.87 47.91
C THR C 135 -27.22 22.33 47.94
N LEU C 136 -27.90 22.48 49.07
CA LEU C 136 -29.24 21.96 49.29
C LEU C 136 -30.20 23.13 49.50
N ARG C 137 -31.28 23.13 48.75
CA ARG C 137 -32.22 24.28 48.71
C ARG C 137 -33.60 23.72 49.13
N THR C 138 -34.18 24.37 50.11
CA THR C 138 -35.43 23.88 50.68
C THR C 138 -36.57 24.05 49.70
N ILE C 139 -37.51 23.10 49.73
CA ILE C 139 -38.63 23.09 48.78
C ILE C 139 -39.95 23.30 49.57
N PRO C 140 -40.58 24.45 49.41
CA PRO C 140 -41.88 24.65 50.05
C PRO C 140 -42.97 23.80 49.43
N THR C 141 -43.96 23.42 50.23
CA THR C 141 -45.02 22.53 49.78
C THR C 141 -46.40 23.20 49.83
N THR C 142 -46.75 23.87 50.92
CA THR C 142 -48.14 24.11 51.25
C THR C 142 -48.46 25.61 51.21
N PRO C 143 -49.35 26.03 50.32
CA PRO C 143 -49.60 27.48 50.18
C PRO C 143 -49.95 28.12 51.47
N PRO C 144 -49.38 29.31 51.76
CA PRO C 144 -49.85 30.08 52.90
C PRO C 144 -51.36 30.34 52.82
N LYS C 145 -51.99 30.68 53.92
CA LYS C 145 -53.29 31.32 53.88
C LYS C 145 -53.15 32.78 53.48
N LEU C 146 -54.18 33.31 52.81
CA LEU C 146 -54.07 34.66 52.26
C LEU C 146 -54.09 35.72 53.38
N SER C 147 -54.88 35.48 54.43
CA SER C 147 -54.91 36.40 55.56
C SER C 147 -53.52 36.60 56.19
N THR C 148 -52.73 35.51 56.23
CA THR C 148 -51.37 35.62 56.71
C THR C 148 -50.51 36.56 55.86
N MET C 149 -50.89 36.81 54.64
CA MET C 149 -50.05 37.59 53.72
C MET C 149 -50.01 39.05 54.09
N ASN C 150 -50.99 39.54 54.85
CA ASN C 150 -50.98 40.93 55.34
C ASN C 150 -51.25 41.92 54.20
N LEU C 151 -52.32 41.68 53.48
CA LEU C 151 -52.56 42.36 52.20
C LEU C 151 -53.63 43.41 52.35
N PRO C 152 -53.42 44.61 51.81
CA PRO C 152 -54.51 45.61 51.81
C PRO C 152 -55.80 45.04 51.25
N ASP C 153 -56.92 45.61 51.66
CA ASP C 153 -58.22 45.12 51.17
C ASP C 153 -58.41 45.39 49.69
N ASN C 154 -57.97 46.52 49.21
CA ASN C 154 -58.10 46.89 47.80
C ASN C 154 -57.40 45.89 46.93
N ILE C 155 -56.32 45.26 47.34
CA ILE C 155 -55.76 44.15 46.59
C ILE C 155 -56.72 42.94 46.62
N ILE C 156 -57.19 42.57 47.80
CA ILE C 156 -57.99 41.37 47.94
C ILE C 156 -59.24 41.45 47.05
N GLU C 157 -59.85 42.64 46.98
CA GLU C 157 -60.99 42.84 46.09
C GLU C 157 -60.61 42.62 44.61
N ALA C 158 -59.35 42.90 44.26
CA ALA C 158 -58.92 42.89 42.89
C ALA C 158 -58.23 41.59 42.49
N ILE C 159 -58.05 40.64 43.42
CA ILE C 159 -57.23 39.49 43.14
C ILE C 159 -57.93 38.39 42.33
N ALA C 160 -59.22 38.51 42.13
CA ALA C 160 -60.02 37.52 41.43
C ALA C 160 -60.84 38.14 40.30
N PRO C 161 -60.15 38.72 39.30
CA PRO C 161 -60.88 39.25 38.15
C PRO C 161 -61.48 38.16 37.31
N GLN C 162 -62.58 38.47 36.63
CA GLN C 162 -63.17 37.53 35.67
C GLN C 162 -62.19 37.31 34.50
N GLU C 163 -61.57 38.36 34.01
CA GLU C 163 -60.63 38.25 32.92
C GLU C 163 -59.52 39.28 33.11
N GLY C 164 -58.46 39.09 32.35
CA GLY C 164 -57.31 39.95 32.41
C GLY C 164 -56.13 39.30 33.11
N ILE C 165 -55.10 40.10 33.32
CA ILE C 165 -53.78 39.64 33.71
C ILE C 165 -53.43 40.25 35.06
N VAL C 166 -52.90 39.44 35.97
CA VAL C 166 -52.42 39.89 37.27
C VAL C 166 -50.93 39.60 37.33
N PHE C 167 -50.14 40.64 37.60
CA PHE C 167 -48.69 40.55 37.61
C PHE C 167 -48.21 40.70 39.06
N ILE C 168 -47.41 39.74 39.51
CA ILE C 168 -46.62 39.87 40.72
C ILE C 168 -45.16 39.96 40.28
N THR C 169 -44.57 41.13 40.45
CA THR C 169 -43.24 41.41 39.96
C THR C 169 -42.28 41.62 41.13
N GLY C 170 -41.00 41.39 40.88
CA GLY C 170 -39.98 41.51 41.88
C GLY C 170 -38.81 40.61 41.59
N ALA C 171 -37.77 40.80 42.38
CA ALA C 171 -36.57 39.98 42.28
C ALA C 171 -36.85 38.55 42.68
N THR C 172 -36.07 37.62 42.17
CA THR C 172 -36.16 36.22 42.60
C THR C 172 -35.93 36.10 44.09
N GLY C 173 -36.74 35.29 44.75
CA GLY C 173 -36.73 35.17 46.19
C GLY C 173 -37.49 36.25 46.95
N SER C 174 -38.39 36.96 46.27
CA SER C 174 -39.26 37.93 46.92
C SER C 174 -40.60 37.33 47.37
N GLY C 175 -40.76 36.03 47.29
CA GLY C 175 -41.98 35.37 47.68
C GLY C 175 -43.19 35.66 46.85
N LYS C 176 -43.00 35.86 45.55
CA LYS C 176 -44.11 35.99 44.61
C LYS C 176 -44.74 34.63 44.32
N SER C 177 -43.93 33.62 44.10
CA SER C 177 -44.43 32.25 44.02
C SER C 177 -45.38 31.93 45.19
N THR C 178 -44.89 32.17 46.40
CA THR C 178 -45.74 31.94 47.58
C THR C 178 -47.03 32.76 47.50
N LEU C 179 -46.93 34.01 47.09
CA LEU C 179 -48.10 34.88 47.04
C LEU C 179 -49.17 34.27 46.09
N LEU C 180 -48.79 33.99 44.86
CA LEU C 180 -49.74 33.48 43.89
C LEU C 180 -50.23 32.15 44.30
N ALA C 181 -49.40 31.29 44.86
CA ALA C 181 -49.88 30.05 45.51
C ALA C 181 -51.00 30.34 46.47
N SER C 182 -50.81 31.32 47.33
CA SER C 182 -51.84 31.65 48.32
C SER C 182 -53.14 32.13 47.66
N ILE C 183 -53.02 33.00 46.68
CA ILE C 183 -54.17 33.42 45.88
C ILE C 183 -54.90 32.20 45.34
N ILE C 184 -54.18 31.31 44.69
CA ILE C 184 -54.79 30.14 44.09
C ILE C 184 -55.52 29.33 45.12
N ARG C 185 -54.89 29.09 46.27
CA ARG C 185 -55.55 28.40 47.37
C ARG C 185 -56.86 29.08 47.74
N GLU C 186 -56.84 30.40 47.82
CA GLU C 186 -58.03 31.13 48.22
C GLU C 186 -59.14 30.96 47.19
N LEU C 187 -58.80 31.04 45.92
CA LEU C 187 -59.80 30.88 44.87
C LEU C 187 -60.27 29.43 44.73
N ILE C 188 -59.51 28.47 45.22
CA ILE C 188 -59.85 27.08 45.06
C ILE C 188 -60.67 26.56 46.25
N GLU C 189 -60.33 26.92 47.46
CA GLU C 189 -60.92 26.32 48.64
C GLU C 189 -62.31 26.82 48.95
N THR C 190 -62.63 28.05 48.56
CA THR C 190 -63.97 28.59 48.73
C THR C 190 -65.00 27.76 47.99
N SER C 191 -66.12 27.49 48.64
CA SER C 191 -67.26 26.88 47.96
C SER C 191 -67.84 27.82 46.90
N ASP C 192 -68.47 27.21 45.90
CA ASP C 192 -69.07 27.93 44.78
C ASP C 192 -68.03 28.68 43.93
N SER C 193 -66.78 28.23 44.00
CA SER C 193 -65.74 28.71 43.12
C SER C 193 -65.44 27.61 42.09
N ASN C 194 -66.22 27.59 41.01
CA ASN C 194 -66.13 26.57 40.01
C ASN C 194 -64.99 26.91 39.06
N ARG C 195 -63.79 26.50 39.46
CA ARG C 195 -62.56 26.99 38.85
C ARG C 195 -61.73 25.78 38.47
N LYS C 196 -61.42 25.69 37.14
CA LYS C 196 -60.48 24.74 36.63
C LYS C 196 -59.21 25.57 36.57
N VAL C 197 -58.20 25.14 37.30
CA VAL C 197 -56.95 25.90 37.42
C VAL C 197 -55.86 25.11 36.72
N LEU C 198 -55.14 25.79 35.82
CA LEU C 198 -53.99 25.20 35.16
C LEU C 198 -52.80 26.09 35.43
N THR C 199 -51.74 25.53 35.99
CA THR C 199 -50.50 26.24 36.27
C THR C 199 -49.37 25.63 35.44
N TYR C 200 -48.46 26.46 35.00
CA TYR C 200 -47.31 26.05 34.23
C TYR C 200 -46.13 26.70 34.87
N GLU C 201 -45.25 25.93 35.49
CA GLU C 201 -44.12 26.49 36.23
C GLU C 201 -42.82 25.80 35.91
N SER C 202 -41.72 26.52 35.96
CA SER C 202 -40.43 25.94 35.68
C SER C 202 -40.30 24.72 36.57
N PRO C 203 -39.96 24.93 37.90
CA PRO C 203 -39.89 23.74 38.69
C PRO C 203 -41.06 23.83 39.66
N ILE C 204 -41.90 22.84 39.73
CA ILE C 204 -43.02 22.89 40.63
C ILE C 204 -42.58 22.90 42.06
N GLU C 205 -43.02 23.88 42.79
CA GLU C 205 -42.69 24.01 44.21
C GLU C 205 -43.91 23.85 45.13
N PHE C 206 -45.02 24.49 44.79
CA PHE C 206 -46.20 24.43 45.61
C PHE C 206 -47.26 23.50 44.98
N VAL C 207 -47.85 22.65 45.79
CA VAL C 207 -48.86 21.71 45.35
C VAL C 207 -50.15 21.95 46.13
N TYR C 208 -51.27 21.56 45.51
CA TYR C 208 -52.58 21.83 46.08
C TYR C 208 -53.37 20.55 46.36
N ASP C 209 -52.70 19.40 46.39
CA ASP C 209 -53.38 18.15 46.72
C ASP C 209 -53.91 18.15 48.14
N GLU C 210 -53.16 18.74 49.07
CA GLU C 210 -53.54 18.73 50.49
C GLU C 210 -54.79 19.59 50.73
N ILE C 211 -54.91 20.71 50.02
CA ILE C 211 -56.10 21.54 50.15
C ILE C 211 -57.32 20.75 49.65
N GLU C 212 -58.37 20.76 50.46
CA GLU C 212 -59.60 20.08 50.08
C GLU C 212 -60.51 21.06 49.36
N THR C 213 -61.00 20.65 48.19
CA THR C 213 -61.84 21.50 47.37
C THR C 213 -63.18 20.83 47.15
N ILE C 214 -64.20 21.64 46.93
CA ILE C 214 -65.55 21.14 46.66
C ILE C 214 -65.82 21.17 45.15
N SER C 215 -65.30 22.18 44.47
CA SER C 215 -65.71 22.49 43.13
C SER C 215 -64.57 23.11 42.34
N ALA C 216 -63.36 22.59 42.51
CA ALA C 216 -62.19 23.10 41.84
C ALA C 216 -61.27 21.94 41.47
N VAL C 217 -60.56 22.10 40.36
CA VAL C 217 -59.51 21.17 39.97
C VAL C 217 -58.27 21.97 39.63
N VAL C 218 -57.10 21.44 40.00
CA VAL C 218 -55.84 22.08 39.75
C VAL C 218 -54.94 21.11 39.00
N SER C 219 -54.47 21.53 37.83
CA SER C 219 -53.54 20.75 37.03
C SER C 219 -52.24 21.52 36.93
N GLN C 220 -51.17 20.92 37.38
CA GLN C 220 -49.86 21.55 37.44
C GLN C 220 -48.93 20.88 36.45
N SER C 221 -48.47 21.65 35.46
CA SER C 221 -47.58 21.14 34.42
C SER C 221 -46.25 21.82 34.54
N GLU C 222 -45.18 21.04 34.54
CA GLU C 222 -43.81 21.53 34.67
C GLU C 222 -43.19 21.66 33.26
N ILE C 223 -42.52 22.76 33.03
CA ILE C 223 -42.33 23.29 31.70
C ILE C 223 -41.14 22.59 31.03
N PRO C 224 -40.05 22.32 31.75
CA PRO C 224 -39.03 21.48 31.16
C PRO C 224 -39.52 20.07 30.91
N ARG C 225 -40.36 19.52 31.80
CA ARG C 225 -40.71 18.11 31.79
C ARG C 225 -41.98 17.77 30.99
N HIS C 226 -43.00 18.60 31.08
CA HIS C 226 -44.32 18.30 30.58
C HIS C 226 -44.66 19.02 29.29
N LEU C 227 -44.22 20.25 29.13
CA LEU C 227 -44.61 21.05 27.98
C LEU C 227 -43.46 22.02 27.67
N PRO C 228 -43.06 22.12 26.39
CA PRO C 228 -41.75 22.71 26.15
C PRO C 228 -41.56 24.13 26.59
N ASN C 229 -42.54 25.03 26.33
CA ASN C 229 -42.44 26.42 26.66
C ASN C 229 -43.54 26.83 27.64
N PHE C 230 -43.30 27.91 28.37
CA PHE C 230 -44.38 28.60 29.04
C PHE C 230 -45.47 29.01 28.05
N ALA C 231 -45.05 29.57 26.90
CA ALA C 231 -46.01 30.05 25.93
C ALA C 231 -46.84 28.88 25.39
N ASP C 232 -46.18 27.88 24.85
CA ASP C 232 -46.84 26.60 24.56
C ASP C 232 -47.80 26.21 25.65
N GLY C 233 -47.37 26.30 26.89
CA GLY C 233 -48.23 25.94 28.00
C GLY C 233 -49.52 26.72 28.01
N VAL C 234 -49.43 28.02 27.89
CA VAL C 234 -50.62 28.84 27.85
C VAL C 234 -51.51 28.45 26.68
N ARG C 235 -50.94 28.40 25.50
CA ARG C 235 -51.70 28.04 24.31
C ARG C 235 -52.43 26.73 24.51
N ASN C 236 -51.83 25.85 25.30
CA ASN C 236 -52.39 24.57 25.61
C ASN C 236 -53.55 24.81 26.51
N ALA C 237 -53.39 25.73 27.46
CA ALA C 237 -54.45 26.02 28.40
C ALA C 237 -55.69 26.39 27.68
N LEU C 238 -55.57 27.18 26.63
CA LEU C 238 -56.74 27.60 25.86
C LEU C 238 -57.51 26.42 25.35
N ARG C 239 -56.77 25.37 24.99
CA ARG C 239 -57.41 24.14 24.56
C ARG C 239 -58.12 23.40 25.69
N ARG C 240 -57.61 23.63 26.91
CA ARG C 240 -58.22 22.98 28.08
C ARG C 240 -59.41 23.70 28.69
N LYS C 241 -59.70 24.92 28.20
CA LYS C 241 -60.81 25.69 28.73
C LYS C 241 -60.93 25.72 30.27
N PRO C 242 -59.90 26.24 30.91
CA PRO C 242 -60.07 26.35 32.37
C PRO C 242 -60.60 27.70 32.76
N ARG C 243 -60.72 27.93 34.06
CA ARG C 243 -61.17 29.21 34.60
C ARG C 243 -60.02 30.08 35.10
N LEU C 244 -58.81 29.53 35.18
CA LEU C 244 -57.70 30.28 35.77
C LEU C 244 -56.40 29.66 35.21
N ILE C 245 -55.50 30.54 34.77
CA ILE C 245 -54.25 30.13 34.16
C ILE C 245 -53.11 30.75 34.96
N MET C 246 -52.15 29.92 35.35
CA MET C 246 -50.97 30.36 36.10
C MET C 246 -49.73 30.08 35.24
N VAL C 247 -49.02 31.14 34.91
CA VAL C 247 -47.77 31.05 34.15
C VAL C 247 -46.65 31.53 35.06
N GLY C 248 -45.67 30.68 35.31
CA GLY C 248 -44.63 30.97 36.28
C GLY C 248 -43.89 32.25 35.95
N GLU C 249 -43.54 32.43 34.67
CA GLU C 249 -42.78 33.60 34.25
C GLU C 249 -43.24 33.99 32.83
N CYS C 250 -43.09 35.28 32.52
CA CYS C 250 -43.53 35.86 31.27
C CYS C 250 -42.41 36.74 30.70
N ARG C 251 -41.31 36.10 30.29
CA ARG C 251 -40.05 36.85 30.09
C ARG C 251 -40.05 37.48 28.71
N ASP C 252 -40.39 36.73 27.69
CA ASP C 252 -40.22 37.17 26.30
C ASP C 252 -41.60 37.45 25.69
N ALA C 253 -41.58 38.08 24.53
CA ALA C 253 -42.76 38.54 23.87
C ALA C 253 -43.67 37.40 23.42
N GLU C 254 -43.12 36.21 23.18
CA GLU C 254 -43.92 35.03 22.94
C GLU C 254 -44.93 34.77 24.06
N THR C 255 -44.41 34.57 25.27
CA THR C 255 -45.30 34.25 26.40
C THR C 255 -46.25 35.41 26.68
N ILE C 256 -45.76 36.65 26.56
CA ILE C 256 -46.62 37.80 26.76
C ILE C 256 -47.79 37.78 25.77
N SER C 257 -47.51 37.46 24.51
CA SER C 257 -48.56 37.42 23.50
C SER C 257 -49.54 36.29 23.77
N ALA C 258 -49.03 35.09 24.07
CA ALA C 258 -49.88 34.00 24.46
C ALA C 258 -50.84 34.43 25.57
N ALA C 259 -50.30 35.00 26.64
CA ALA C 259 -51.13 35.40 27.77
C ALA C 259 -52.11 36.50 27.37
N LEU C 260 -51.73 37.36 26.44
CA LEU C 260 -52.65 38.39 25.98
C LEU C 260 -53.83 37.77 25.24
N GLU C 261 -53.56 36.77 24.41
CA GLU C 261 -54.65 36.03 23.76
C GLU C 261 -55.53 35.34 24.80
N ALA C 262 -54.92 34.68 25.77
CA ALA C 262 -55.68 34.01 26.82
C ALA C 262 -56.61 35.00 27.54
N ALA C 263 -56.10 36.18 27.85
CA ALA C 263 -56.90 37.16 28.57
C ALA C 263 -57.98 37.76 27.69
N LEU C 264 -57.68 37.98 26.43
CA LEU C 264 -58.67 38.50 25.49
C LEU C 264 -59.79 37.52 25.29
N THR C 265 -59.48 36.25 25.33
CA THR C 265 -60.51 35.22 25.20
C THR C 265 -61.46 35.31 26.37
N GLY C 266 -60.94 35.59 27.54
CA GLY C 266 -61.77 35.73 28.71
C GLY C 266 -61.29 34.89 29.88
N HIS C 267 -59.98 34.82 30.05
CA HIS C 267 -59.45 34.00 31.12
C HIS C 267 -58.53 34.77 32.04
N PRO C 268 -58.73 34.66 33.35
CA PRO C 268 -57.73 35.20 34.27
C PRO C 268 -56.36 34.57 34.02
N VAL C 269 -55.36 35.44 33.87
CA VAL C 269 -53.97 34.99 33.75
C VAL C 269 -53.19 35.58 34.91
N TYR C 270 -52.38 34.75 35.56
CA TYR C 270 -51.48 35.19 36.62
C TYR C 270 -50.05 34.82 36.24
N THR C 271 -49.16 35.80 36.33
CA THR C 271 -47.77 35.63 35.95
C THR C 271 -46.89 36.43 36.89
N THR C 272 -45.59 36.25 36.73
CA THR C 272 -44.58 37.03 37.45
C THR C 272 -43.61 37.64 36.47
N LEU C 273 -43.00 38.76 36.86
CA LEU C 273 -41.89 39.35 36.12
C LEU C 273 -40.81 39.78 37.10
N HIS C 274 -39.60 39.89 36.57
CA HIS C 274 -38.44 40.32 37.34
C HIS C 274 -38.25 41.80 37.35
N THR C 275 -39.11 42.57 36.70
CA THR C 275 -39.05 44.02 36.76
C THR C 275 -39.37 44.53 38.17
N SER C 276 -38.74 45.62 38.54
CA SER C 276 -38.91 46.25 39.85
C SER C 276 -39.65 47.57 39.63
N GLY C 277 -40.94 47.58 39.94
CA GLY C 277 -41.74 48.78 39.80
C GLY C 277 -42.88 48.59 38.83
N VAL C 278 -44.06 49.05 39.22
CA VAL C 278 -45.24 48.88 38.37
C VAL C 278 -45.00 49.60 37.03
N ALA C 279 -44.61 50.87 37.09
CA ALA C 279 -44.32 51.60 35.88
C ALA C 279 -43.26 50.89 35.01
N GLU C 280 -42.20 50.45 35.65
CA GLU C 280 -41.15 49.74 34.94
C GLU C 280 -41.68 48.47 34.30
N THR C 281 -42.47 47.70 35.02
CA THR C 281 -43.08 46.51 34.46
C THR C 281 -43.89 46.87 33.22
N MET C 282 -44.75 47.86 33.32
CA MET C 282 -45.46 48.37 32.14
C MET C 282 -44.52 48.63 30.98
N ARG C 283 -43.47 49.39 31.24
CA ARG C 283 -42.49 49.69 30.19
C ARG C 283 -41.97 48.41 29.55
N ARG C 284 -41.63 47.42 30.36
CA ARG C 284 -41.15 46.15 29.81
C ARG C 284 -42.19 45.47 28.93
N LEU C 285 -43.41 45.42 29.39
CA LEU C 285 -44.49 44.79 28.61
C LEU C 285 -44.64 45.51 27.27
N VAL C 286 -44.72 46.83 27.28
CA VAL C 286 -44.98 47.57 26.07
C VAL C 286 -43.81 47.48 25.09
N THR C 287 -42.58 47.56 25.61
CA THR C 287 -41.42 47.56 24.75
C THR C 287 -41.11 46.19 24.16
N SER C 288 -41.73 45.13 24.66
CA SER C 288 -41.44 43.79 24.18
C SER C 288 -41.67 43.64 22.67
N PHE C 289 -42.41 44.58 22.06
CA PHE C 289 -43.00 44.40 20.77
C PHE C 289 -42.49 45.43 19.79
N SER C 290 -42.25 45.01 18.55
CA SER C 290 -41.71 45.91 17.54
C SER C 290 -42.74 46.94 17.12
N GLY C 291 -42.30 47.91 16.33
CA GLY C 291 -43.08 49.10 16.07
C GLY C 291 -44.46 48.86 15.42
N GLU C 292 -44.46 47.94 14.45
CA GLU C 292 -45.67 47.73 13.67
C GLU C 292 -46.68 47.00 14.46
N GLU C 293 -46.28 45.96 15.18
CA GLU C 293 -47.17 45.31 16.18
C GLU C 293 -47.45 46.24 17.39
N ARG C 294 -46.60 47.24 17.60
CA ARG C 294 -46.37 47.73 18.94
C ARG C 294 -47.61 48.42 19.50
N LEU C 295 -48.32 49.17 18.65
CA LEU C 295 -49.42 49.98 19.10
C LEU C 295 -50.60 49.12 19.45
N GLY C 296 -51.10 48.33 18.48
CA GLY C 296 -52.03 47.27 18.79
C GLY C 296 -51.72 46.48 20.03
N ARG C 297 -50.53 45.87 20.07
CA ARG C 297 -50.12 45.15 21.26
C ARG C 297 -50.25 45.98 22.55
N THR C 298 -49.95 47.27 22.45
CA THR C 298 -50.03 48.11 23.61
C THR C 298 -51.47 48.26 24.06
N ILE C 299 -52.37 48.57 23.14
CA ILE C 299 -53.77 48.66 23.48
C ILE C 299 -54.24 47.37 24.12
N ASP C 300 -53.91 46.25 23.52
CA ASP C 300 -54.23 44.95 24.13
C ASP C 300 -53.76 44.87 25.57
N ILE C 301 -52.49 45.17 25.80
CA ILE C 301 -51.95 45.09 27.15
C ILE C 301 -52.74 45.98 28.10
N LEU C 302 -52.91 47.24 27.76
CA LEU C 302 -53.61 48.17 28.64
C LEU C 302 -55.00 47.66 28.94
N GLU C 303 -55.75 47.22 27.93
CA GLU C 303 -57.08 46.72 28.16
C GLU C 303 -57.10 45.52 29.09
N THR C 304 -56.13 44.64 28.93
CA THR C 304 -56.15 43.35 29.63
C THR C 304 -55.65 43.42 31.04
N ILE C 305 -54.71 44.30 31.34
CA ILE C 305 -54.11 44.38 32.67
C ILE C 305 -55.21 44.60 33.72
N ARG C 306 -55.07 43.94 34.87
CA ARG C 306 -56.01 44.10 35.96
C ARG C 306 -55.40 44.49 37.29
N LEU C 307 -54.09 44.29 37.47
CA LEU C 307 -53.48 44.44 38.79
C LEU C 307 -51.99 44.20 38.69
N CYS C 308 -51.20 45.05 39.35
CA CYS C 308 -49.76 44.89 39.41
C CYS C 308 -49.28 45.07 40.84
N ILE C 309 -48.54 44.08 41.33
CA ILE C 309 -47.90 44.17 42.63
C ILE C 309 -46.40 43.92 42.44
N TRP C 310 -45.57 44.90 42.77
CA TRP C 310 -44.15 44.71 42.94
C TRP C 310 -43.84 44.51 44.41
N GLN C 311 -43.14 43.42 44.71
CA GLN C 311 -42.92 42.98 46.08
C GLN C 311 -41.42 42.96 46.37
N LYS C 312 -41.08 43.30 47.61
CA LYS C 312 -39.68 43.42 48.02
C LYS C 312 -39.56 42.96 49.45
N LEU C 313 -38.59 42.09 49.69
CA LEU C 313 -38.38 41.50 51.02
C LEU C 313 -37.27 42.25 51.74
N VAL C 314 -37.60 42.79 52.89
CA VAL C 314 -36.73 43.81 53.52
C VAL C 314 -36.58 43.43 54.99
N PRO C 315 -35.36 43.58 55.55
CA PRO C 315 -35.12 43.08 56.89
C PRO C 315 -35.89 43.87 57.95
N THR C 316 -36.25 43.20 59.04
CA THR C 316 -37.05 43.80 60.09
C THR C 316 -36.19 44.00 61.34
N VAL C 317 -36.81 44.60 62.37
CA VAL C 317 -36.10 44.88 63.60
C VAL C 317 -35.71 43.57 64.29
N ASP C 318 -36.59 42.61 64.28
CA ASP C 318 -36.33 41.30 64.90
C ASP C 318 -35.52 40.40 63.99
N GLU C 319 -34.80 40.95 63.07
CA GLU C 319 -33.79 40.21 62.25
C GLU C 319 -34.42 39.18 61.32
N ARG C 320 -35.68 39.36 61.00
CA ARG C 320 -36.36 38.53 59.98
C ARG C 320 -36.64 39.40 58.74
N ARG C 321 -37.62 39.03 57.95
CA ARG C 321 -37.97 39.74 56.75
C ARG C 321 -39.44 40.08 56.75
N VAL C 322 -39.77 41.17 56.04
CA VAL C 322 -41.14 41.60 55.82
C VAL C 322 -41.31 41.96 54.35
N ALA C 323 -42.56 41.94 53.87
CA ALA C 323 -42.89 42.25 52.51
C ALA C 323 -43.39 43.68 52.41
N LEU C 324 -42.63 44.51 51.66
CA LEU C 324 -43.14 45.78 51.17
C LEU C 324 -43.69 45.57 49.75
N ARG C 325 -44.79 46.29 49.47
CA ARG C 325 -45.48 46.14 48.21
C ARG C 325 -45.78 47.52 47.64
N GLU C 326 -45.49 47.70 46.35
CA GLU C 326 -45.98 48.81 45.56
C GLU C 326 -46.92 48.25 44.49
N TYR C 327 -48.20 48.61 44.56
CA TYR C 327 -49.21 48.02 43.73
C TYR C 327 -50.04 49.11 43.04
N LEU C 328 -50.55 48.79 41.86
CA LEU C 328 -51.66 49.52 41.28
C LEU C 328 -52.76 48.53 40.90
N VAL C 329 -53.99 48.85 41.25
CA VAL C 329 -55.16 48.18 40.71
C VAL C 329 -55.63 48.96 39.49
N PHE C 330 -55.73 48.26 38.34
CA PHE C 330 -56.09 48.88 37.09
C PHE C 330 -57.61 48.84 36.94
N ASP C 331 -58.24 49.74 37.65
CA ASP C 331 -59.67 50.07 37.47
C ASP C 331 -59.97 50.37 36.01
N GLU C 332 -61.23 50.29 35.64
CA GLU C 332 -61.65 50.73 34.31
C GLU C 332 -61.21 52.17 34.06
N GLU C 333 -61.34 53.01 35.08
CA GLU C 333 -60.98 54.42 34.94
C GLU C 333 -59.47 54.58 34.68
N VAL C 334 -58.64 54.00 35.51
CA VAL C 334 -57.22 53.92 35.25
C VAL C 334 -56.94 53.49 33.79
N ARG C 335 -57.53 52.38 33.39
CA ARG C 335 -57.25 51.86 32.08
C ARG C 335 -57.59 52.87 31.01
N ASP C 336 -58.75 53.53 31.14
CA ASP C 336 -59.13 54.59 30.21
C ASP C 336 -58.06 55.70 30.19
N ILE C 337 -57.71 56.23 31.36
CA ILE C 337 -56.64 57.20 31.46
C ILE C 337 -55.43 56.77 30.63
N LEU C 338 -55.01 55.53 30.78
CA LEU C 338 -53.84 55.05 30.08
C LEU C 338 -54.07 54.98 28.57
N LEU C 339 -55.28 54.62 28.16
CA LEU C 339 -55.56 54.44 26.75
C LEU C 339 -55.66 55.77 26.01
N GLU C 340 -56.17 56.82 26.68
CA GLU C 340 -56.25 58.13 26.05
C GLU C 340 -54.83 58.70 25.66
N GLY C 341 -53.83 58.33 26.40
CA GLY C 341 -52.62 59.13 26.43
C GLY C 341 -51.58 58.71 25.43
N ASP C 342 -50.51 59.46 25.37
CA ASP C 342 -49.41 59.20 24.44
C ASP C 342 -48.73 57.88 24.92
N PRO C 343 -48.54 56.92 23.98
CA PRO C 343 -48.02 55.64 24.45
C PRO C 343 -46.59 55.72 24.96
N ASN C 344 -45.74 56.56 24.34
CA ASN C 344 -44.41 56.78 24.83
C ASN C 344 -44.39 57.35 26.25
N GLU C 345 -45.45 58.06 26.63
CA GLU C 345 -45.63 58.54 28.00
C GLU C 345 -46.35 57.52 28.91
N VAL C 346 -46.44 56.23 28.50
CA VAL C 346 -47.13 55.27 29.27
C VAL C 346 -46.46 55.01 30.63
N THR C 347 -45.15 54.92 30.61
CA THR C 347 -44.38 54.72 31.83
C THR C 347 -44.67 55.88 32.81
N SER C 348 -44.48 57.10 32.38
CA SER C 348 -44.67 58.25 33.25
C SER C 348 -46.09 58.32 33.77
N ALA C 349 -47.07 58.33 32.86
CA ALA C 349 -48.47 58.27 33.24
C ALA C 349 -48.71 57.18 34.31
N THR C 350 -48.09 56.01 34.14
CA THR C 350 -48.24 54.96 35.12
C THR C 350 -47.68 55.36 36.43
N ARG C 351 -46.48 55.96 36.47
CA ARG C 351 -45.95 56.53 37.70
C ARG C 351 -46.94 57.42 38.38
N LYS C 352 -47.44 58.45 37.67
CA LYS C 352 -48.47 59.34 38.20
C LYS C 352 -49.65 58.54 38.80
N LEU C 353 -50.05 57.47 38.12
CA LEU C 353 -51.21 56.73 38.56
C LEU C 353 -50.95 55.95 39.83
N VAL C 354 -49.76 55.39 39.97
CA VAL C 354 -49.38 54.78 41.24
C VAL C 354 -49.36 55.82 42.30
N ARG C 355 -48.89 57.05 42.01
CA ARG C 355 -48.92 58.12 43.00
C ARG C 355 -50.33 58.47 43.49
N GLN C 356 -51.28 58.48 42.55
CA GLN C 356 -52.61 59.03 42.84
C GLN C 356 -53.54 57.94 43.36
N LYS C 357 -53.62 56.81 42.64
CA LYS C 357 -54.62 55.80 42.95
C LYS C 357 -54.04 54.50 43.49
N GLY C 358 -52.72 54.38 43.50
CA GLY C 358 -52.06 53.16 43.96
C GLY C 358 -51.29 53.38 45.23
N GLN C 359 -50.18 52.68 45.38
CA GLN C 359 -49.35 52.76 46.58
C GLN C 359 -47.91 52.57 46.23
N LEU C 360 -47.06 53.53 46.57
CA LEU C 360 -45.66 53.50 46.19
C LEU C 360 -44.86 52.65 47.17
N MET C 361 -43.77 52.07 46.67
CA MET C 361 -42.84 51.36 47.52
C MET C 361 -42.34 52.26 48.67
N THR C 362 -41.98 53.48 48.34
CA THR C 362 -41.47 54.41 49.35
C THR C 362 -42.51 54.64 50.42
N TRP C 363 -43.76 54.82 50.03
CA TRP C 363 -44.84 55.03 51.00
C TRP C 363 -44.97 53.83 51.96
N ASP C 364 -44.96 52.62 51.43
CA ASP C 364 -45.02 51.43 52.26
C ASP C 364 -43.84 51.40 53.23
N ALA C 365 -42.65 51.68 52.72
CA ALA C 365 -41.47 51.72 53.56
C ALA C 365 -41.65 52.73 54.72
N LYS C 366 -42.17 53.91 54.40
CA LYS C 366 -42.42 54.90 55.44
C LYS C 366 -43.42 54.40 56.46
N MET C 367 -44.52 53.82 56.01
CA MET C 367 -45.51 53.29 56.94
C MET C 367 -44.88 52.26 57.86
N LYS C 368 -44.12 51.32 57.29
CA LYS C 368 -43.47 50.31 58.13
C LYS C 368 -42.52 50.93 59.14
N PHE C 369 -41.79 51.97 58.71
CA PHE C 369 -40.85 52.62 59.61
C PHE C 369 -41.58 53.29 60.78
N GLU C 370 -42.64 54.03 60.49
CA GLU C 370 -43.44 54.63 61.53
C GLU C 370 -43.98 53.56 62.48
N GLN C 371 -44.37 52.41 61.93
CA GLN C 371 -44.85 51.33 62.77
C GLN C 371 -43.74 50.61 63.51
N GLY C 372 -42.49 50.92 63.22
CA GLY C 372 -41.37 50.29 63.92
C GLY C 372 -40.98 48.92 63.41
N ILE C 373 -41.58 48.48 62.30
CA ILE C 373 -41.27 47.15 61.77
C ILE C 373 -39.94 47.17 61.03
N ILE C 374 -39.61 48.30 60.36
CA ILE C 374 -38.38 48.42 59.60
C ILE C 374 -37.42 49.33 60.39
N SER C 375 -36.13 49.02 60.22
CA SER C 375 -35.07 49.80 60.83
C SER C 375 -34.91 51.14 60.13
N GLU C 376 -34.38 52.13 60.86
CA GLU C 376 -34.17 53.45 60.31
C GLU C 376 -33.20 53.38 59.13
N ARG C 377 -31.98 52.88 59.36
CA ARG C 377 -31.07 52.54 58.31
C ARG C 377 -31.77 51.93 57.06
N VAL C 378 -32.56 50.88 57.32
CA VAL C 378 -33.22 50.19 56.24
C VAL C 378 -34.15 51.15 55.45
N TYR C 379 -34.93 51.92 56.18
CA TYR C 379 -35.77 52.91 55.55
C TYR C 379 -34.96 53.80 54.64
N LYS C 380 -33.92 54.45 55.19
CA LYS C 380 -33.06 55.28 54.38
C LYS C 380 -32.60 54.58 53.11
N LEU C 381 -32.12 53.35 53.27
CA LEU C 381 -31.68 52.56 52.12
C LEU C 381 -32.78 52.47 51.05
N ILE C 382 -33.97 52.12 51.46
CA ILE C 382 -35.07 52.01 50.53
C ILE C 382 -35.30 53.33 49.81
N ILE C 383 -35.33 54.42 50.57
CA ILE C 383 -35.53 55.73 49.97
C ILE C 383 -34.48 55.98 48.89
N ALA C 384 -33.21 55.61 49.18
CA ALA C 384 -32.15 55.80 48.22
C ALA C 384 -32.52 55.27 46.78
N GLY C 385 -33.12 54.12 46.73
CA GLY C 385 -33.17 53.40 45.48
C GLY C 385 -34.12 54.03 44.47
N ALA C 386 -35.29 54.42 44.94
CA ALA C 386 -36.43 54.69 44.06
C ALA C 386 -36.21 56.00 43.30
N LYS C 387 -35.72 57.03 43.99
CA LYS C 387 -35.65 58.37 43.46
C LYS C 387 -37.01 58.99 43.21
N ILE D 20 21.63 32.51 38.97
CA ILE D 20 22.19 31.37 38.21
C ILE D 20 22.58 30.24 39.14
N ASN D 21 21.96 29.07 38.99
CA ASN D 21 22.16 27.96 39.90
C ASN D 21 21.78 26.67 39.20
N LEU D 22 22.07 25.57 39.84
CA LEU D 22 21.68 24.23 39.42
C LEU D 22 20.94 23.50 40.55
N MET D 23 20.09 22.58 40.16
CA MET D 23 19.16 21.96 41.09
C MET D 23 19.89 21.09 42.08
N PRO D 24 19.61 21.22 43.41
CA PRO D 24 20.45 20.50 44.36
C PRO D 24 20.52 19.01 44.14
N ASP D 25 19.37 18.34 43.94
CA ASP D 25 19.39 16.88 43.88
C ASP D 25 18.55 16.45 42.66
N GLU D 26 19.09 16.66 41.47
CA GLU D 26 18.43 16.29 40.27
C GLU D 26 18.28 14.76 40.24
N PRO D 27 17.04 14.25 40.02
CA PRO D 27 16.88 12.83 39.92
C PRO D 27 17.46 12.26 38.63
N THR D 28 17.72 10.97 38.61
CA THR D 28 18.08 10.29 37.38
C THR D 28 16.97 10.42 36.36
N ARG D 29 15.73 10.18 36.78
CA ARG D 29 14.57 10.48 35.95
C ARG D 29 13.63 11.39 36.73
N PHE D 30 12.95 12.26 36.00
CA PHE D 30 12.11 13.29 36.62
C PHE D 30 10.71 12.69 36.86
N THR D 31 10.26 12.72 38.11
CA THR D 31 8.95 12.30 38.50
C THR D 31 8.23 13.44 39.19
N PRO D 32 6.88 13.42 39.18
CA PRO D 32 6.14 14.54 39.74
C PRO D 32 6.60 14.95 41.14
N VAL D 33 7.00 13.99 41.97
CA VAL D 33 7.52 14.31 43.27
C VAL D 33 8.72 15.27 43.16
N PHE D 34 9.61 14.97 42.21
CA PHE D 34 10.77 15.81 42.02
C PHE D 34 10.43 17.17 41.44
N MET D 35 9.31 17.28 40.76
CA MET D 35 8.92 18.57 40.19
C MET D 35 8.68 19.61 41.26
N ASP D 36 8.13 19.20 42.39
CA ASP D 36 7.91 20.12 43.50
C ASP D 36 9.24 20.61 44.05
N ARG D 37 10.18 19.73 44.24
CA ARG D 37 11.51 20.10 44.69
C ARG D 37 12.17 21.06 43.69
N MET D 38 12.12 20.73 42.41
CA MET D 38 12.62 21.62 41.40
C MET D 38 11.99 23.01 41.49
N LEU D 39 10.69 23.05 41.73
CA LEU D 39 10.00 24.32 41.87
C LEU D 39 10.49 25.09 43.08
N GLU D 40 10.71 24.39 44.19
CA GLU D 40 11.37 25.01 45.34
C GLU D 40 12.68 25.65 44.92
N HIS D 41 13.51 24.90 44.19
CA HIS D 41 14.78 25.44 43.75
C HIS D 41 14.57 26.72 42.95
N ALA D 42 13.61 26.70 42.04
CA ALA D 42 13.39 27.87 41.20
C ALA D 42 12.96 29.09 42.02
N GLU D 43 12.03 28.88 42.95
CA GLU D 43 11.58 29.98 43.79
C GLU D 43 12.71 30.53 44.65
N SER D 44 13.53 29.65 45.19
CA SER D 44 14.74 30.09 45.88
C SER D 44 15.58 30.99 44.99
N LEU D 45 15.56 30.77 43.69
CA LEU D 45 16.23 31.66 42.75
C LEU D 45 15.40 32.88 42.39
N ASN D 46 14.16 32.97 42.87
CA ASN D 46 13.27 34.07 42.53
C ASN D 46 12.90 34.07 41.06
N ALA D 47 12.57 32.91 40.56
CA ALA D 47 12.18 32.78 39.13
C ALA D 47 10.75 33.23 38.96
N SER D 48 10.49 34.00 37.91
CA SER D 48 9.11 34.34 37.54
C SER D 48 8.44 33.16 36.83
N ASP D 49 9.19 32.46 35.98
CA ASP D 49 8.65 31.48 35.07
C ASP D 49 9.57 30.28 34.96
N ILE D 50 8.98 29.11 34.75
CA ILE D 50 9.70 27.86 34.62
C ILE D 50 9.19 27.16 33.35
N THR D 51 10.09 26.81 32.45
CA THR D 51 9.74 26.24 31.18
C THR D 51 10.33 24.86 31.07
N ILE D 52 9.50 23.86 30.81
CA ILE D 52 9.92 22.47 30.66
C ILE D 52 9.55 22.05 29.23
N GLN D 53 10.53 21.50 28.52
CA GLN D 53 10.33 21.00 27.17
C GLN D 53 11.07 19.66 27.02
N THR D 54 10.60 18.84 26.11
CA THR D 54 11.12 17.52 25.95
C THR D 54 12.59 17.49 25.55
N GLY D 55 12.97 18.26 24.55
CA GLY D 55 14.33 18.12 24.02
C GLY D 55 15.37 18.81 24.86
N GLU D 56 15.05 19.31 26.05
CA GLU D 56 15.73 20.47 26.62
C GLU D 56 15.74 20.31 28.13
N PRO D 57 16.73 20.93 28.80
CA PRO D 57 16.68 21.00 30.24
C PRO D 57 15.57 21.92 30.72
N ILE D 58 15.28 21.85 32.02
CA ILE D 58 14.34 22.77 32.64
C ILE D 58 14.97 24.15 32.74
N PHE D 59 14.22 25.16 32.32
CA PHE D 59 14.66 26.55 32.35
C PHE D 59 13.87 27.32 33.38
N ALA D 60 14.55 28.29 34.01
CA ALA D 60 13.89 29.26 34.87
C ALA D 60 14.31 30.65 34.43
N GLU D 61 13.34 31.57 34.36
CA GLU D 61 13.61 32.98 34.08
C GLU D 61 13.70 33.72 35.40
N VAL D 62 14.92 34.11 35.79
CA VAL D 62 15.14 34.98 36.92
C VAL D 62 15.51 36.38 36.37
N TYR D 63 14.69 37.36 36.66
CA TYR D 63 15.01 38.75 36.36
C TYR D 63 15.40 38.95 34.91
N GLY D 64 14.58 38.42 34.03
CA GLY D 64 14.79 38.57 32.60
C GLY D 64 15.83 37.67 32.01
N ARG D 65 16.58 36.93 32.80
CA ARG D 65 17.62 36.05 32.30
C ARG D 65 17.13 34.61 32.42
N LEU D 66 17.34 33.83 31.36
CA LEU D 66 17.00 32.43 31.31
C LEU D 66 18.20 31.60 31.73
N LEU D 67 18.00 30.74 32.71
CA LEU D 67 19.08 29.89 33.23
C LEU D 67 18.58 28.45 33.29
N LYS D 68 19.46 27.53 32.91
CA LYS D 68 19.14 26.10 32.99
C LYS D 68 19.29 25.64 34.44
N ILE D 69 18.24 25.05 35.00
CA ILE D 69 18.24 24.60 36.37
C ILE D 69 18.47 23.11 36.51
N THR D 70 18.69 22.40 35.39
CA THR D 70 18.99 20.99 35.39
C THR D 70 19.93 20.68 34.27
N ASN D 71 20.80 19.68 34.48
CA ASN D 71 21.74 19.24 33.47
C ASN D 71 21.26 17.88 32.93
N ARG D 72 20.01 17.76 32.60
CA ARG D 72 19.50 16.65 31.80
C ARG D 72 18.41 17.15 30.86
N ARG D 73 18.41 16.65 29.63
CA ARG D 73 17.33 16.93 28.70
C ARG D 73 16.23 15.91 28.86
N LEU D 74 15.00 16.38 29.09
CA LEU D 74 13.92 15.47 29.49
C LEU D 74 13.39 14.69 28.30
N SER D 75 12.40 13.88 28.55
CA SER D 75 11.83 12.96 27.55
C SER D 75 10.35 13.16 27.41
N ASN D 76 9.85 12.88 26.22
CA ASN D 76 8.40 13.07 25.95
C ASN D 76 7.59 12.25 26.94
N THR D 77 8.03 11.03 27.29
CA THR D 77 7.33 10.26 28.29
C THR D 77 7.29 10.98 29.66
N GLU D 78 8.46 11.45 30.10
CA GLU D 78 8.54 12.22 31.31
C GLU D 78 7.56 13.40 31.30
N LEU D 79 7.62 14.21 30.25
CA LEU D 79 6.75 15.38 30.18
C LEU D 79 5.29 14.98 30.24
N GLY D 80 4.91 13.99 29.43
CA GLY D 80 3.54 13.47 29.52
C GLY D 80 3.14 13.07 30.92
N ASP D 81 4.03 12.41 31.63
CA ASP D 81 3.76 12.04 33.03
C ASP D 81 3.51 13.29 33.87
N LEU D 82 4.42 14.28 33.79
CA LEU D 82 4.25 15.51 34.52
C LEU D 82 2.86 16.14 34.25
N ILE D 83 2.55 16.33 32.99
CA ILE D 83 1.31 17.04 32.64
C ILE D 83 0.10 16.24 33.08
N ASN D 84 0.14 14.93 32.93
CA ASN D 84 -0.96 14.08 33.38
C ASN D 84 -1.13 14.22 34.87
N SER D 85 -0.04 14.20 35.64
CA SER D 85 -0.14 14.41 37.09
C SER D 85 -0.75 15.77 37.43
N ILE D 86 -0.33 16.80 36.71
CA ILE D 86 -0.79 18.16 37.03
C ILE D 86 -2.20 18.40 36.60
N TYR D 87 -2.67 17.78 35.55
CA TYR D 87 -3.98 18.08 34.96
C TYR D 87 -4.85 16.86 34.65
N GLY D 88 -4.44 15.64 34.98
CA GLY D 88 -5.29 14.51 34.92
C GLY D 88 -4.92 13.51 33.83
N PRO D 89 -5.47 12.29 33.93
CA PRO D 89 -4.98 11.23 33.05
C PRO D 89 -4.99 11.59 31.56
N ASN D 90 -6.01 12.30 31.11
CA ASN D 90 -6.22 12.47 29.68
C ASN D 90 -5.49 13.69 29.08
N ALA D 91 -4.65 14.35 29.86
CA ALA D 91 -4.03 15.58 29.39
C ALA D 91 -3.20 15.33 28.12
N THR D 92 -2.41 14.27 28.12
CA THR D 92 -1.63 13.94 26.95
C THR D 92 -2.50 13.78 25.72
N THR D 93 -3.50 12.91 25.81
CA THR D 93 -4.42 12.72 24.69
C THR D 93 -5.04 14.04 24.25
N GLN D 94 -5.35 14.91 25.21
CA GLN D 94 -5.90 16.22 24.84
C GLN D 94 -4.92 17.02 24.02
N LEU D 95 -3.66 17.04 24.42
CA LEU D 95 -2.64 17.72 23.64
C LEU D 95 -2.54 17.12 22.22
N LEU D 96 -2.55 15.79 22.14
CA LEU D 96 -2.41 15.14 20.85
C LEU D 96 -3.61 15.38 19.96
N SER D 97 -4.76 15.70 20.54
CA SER D 97 -5.93 16.06 19.75
C SER D 97 -5.75 17.37 19.02
N GLY D 98 -4.83 18.20 19.47
CA GLY D 98 -4.59 19.50 18.87
C GLY D 98 -5.18 20.61 19.71
N LYS D 99 -5.21 20.44 21.01
CA LYS D 99 -5.75 21.40 21.94
C LYS D 99 -4.63 21.93 22.84
N ASP D 100 -5.01 22.92 23.64
CA ASP D 100 -4.15 23.56 24.55
C ASP D 100 -4.65 23.35 25.97
N ILE D 101 -3.74 23.28 26.92
CA ILE D 101 -4.10 23.08 28.33
C ILE D 101 -3.73 24.32 29.11
N ASP D 102 -4.69 24.88 29.82
CA ASP D 102 -4.44 25.94 30.81
C ASP D 102 -5.09 25.55 32.12
N THR D 103 -4.32 25.62 33.20
CA THR D 103 -4.77 25.18 34.51
C THR D 103 -3.92 25.85 35.56
N HIS D 104 -4.05 25.36 36.79
CA HIS D 104 -3.43 25.94 37.97
C HIS D 104 -2.75 24.89 38.78
N TYR D 105 -1.57 25.16 39.31
CA TYR D 105 -0.85 24.21 40.14
C TYR D 105 -0.40 24.87 41.40
N GLU D 106 -0.56 24.20 42.51
CA GLU D 106 -0.26 24.73 43.83
C GLU D 106 0.36 23.65 44.66
N PHE D 107 1.28 23.99 45.56
CA PHE D 107 1.85 23.05 46.49
C PHE D 107 2.38 23.72 47.74
N ARG D 108 2.41 22.97 48.83
CA ARG D 108 2.93 23.45 50.10
C ARG D 108 4.19 22.66 50.35
N PRO D 109 5.33 23.35 50.56
CA PRO D 109 6.56 22.50 50.65
C PRO D 109 6.56 21.62 51.88
N ASN D 110 6.34 22.25 53.04
CA ASN D 110 6.21 21.52 54.29
C ASN D 110 5.45 22.34 55.32
N ARG D 111 4.15 22.47 55.10
CA ARG D 111 3.26 23.12 56.06
C ARG D 111 3.79 24.51 56.46
N GLY D 112 4.17 25.24 55.42
CA GLY D 112 4.69 26.58 55.59
C GLY D 112 3.79 27.49 54.77
N VAL D 113 4.43 28.18 53.86
CA VAL D 113 3.82 28.98 52.80
C VAL D 113 3.41 28.03 51.71
N ARG D 114 2.71 28.53 50.72
CA ARG D 114 2.23 27.76 49.57
C ARG D 114 2.68 28.36 48.30
N TYR D 115 2.97 27.52 47.31
CA TYR D 115 3.41 27.98 45.99
C TYR D 115 2.31 27.77 44.97
N ARG D 116 1.99 28.83 44.24
CA ARG D 116 0.98 28.82 43.20
C ARG D 116 1.58 29.07 41.84
N TYR D 117 0.90 28.62 40.81
CA TYR D 117 1.37 28.73 39.43
C TYR D 117 0.21 28.66 38.49
N ARG D 118 0.23 29.46 37.45
CA ARG D 118 -0.61 29.25 36.26
C ARG D 118 0.19 28.39 35.30
N VAL D 119 -0.36 27.23 34.94
CA VAL D 119 0.33 26.26 34.11
C VAL D 119 -0.32 26.18 32.75
N ASN D 120 0.50 26.06 31.71
CA ASN D 120 0.03 25.97 30.34
C ASN D 120 0.85 24.91 29.63
N ALA D 121 0.19 23.86 29.15
CA ALA D 121 0.82 22.85 28.31
C ALA D 121 0.35 23.02 26.88
N THR D 122 1.28 22.98 25.96
CA THR D 122 0.99 23.10 24.53
C THR D 122 1.79 22.05 23.76
N ALA D 123 1.25 21.61 22.64
CA ALA D 123 1.93 20.68 21.76
C ALA D 123 2.89 21.41 20.83
N CYS D 124 4.07 20.87 20.66
CA CYS D 124 5.03 21.38 19.67
C CYS D 124 5.68 20.20 18.96
N LEU D 125 6.58 20.50 18.05
CA LEU D 125 7.28 19.48 17.27
C LEU D 125 8.74 19.50 17.60
N VAL D 126 9.25 18.39 18.11
CA VAL D 126 10.65 18.28 18.55
C VAL D 126 11.26 17.08 17.82
N GLU D 127 12.36 17.33 17.13
CA GLU D 127 13.07 16.28 16.42
C GLU D 127 12.15 15.42 15.57
N GLY D 128 11.22 16.06 14.89
CA GLY D 128 10.32 15.39 13.98
C GLY D 128 9.10 14.69 14.58
N HIS D 129 8.92 14.83 15.87
CA HIS D 129 7.90 14.06 16.59
C HIS D 129 7.08 14.98 17.45
N ASP D 130 5.81 14.64 17.67
CA ASP D 130 4.97 15.42 18.55
C ASP D 130 5.59 15.37 19.98
N ALA D 131 5.59 16.53 20.64
CA ALA D 131 6.08 16.65 21.97
C ALA D 131 5.29 17.71 22.72
N ILE D 132 5.60 17.85 24.01
CA ILE D 132 4.84 18.70 24.90
C ILE D 132 5.76 19.72 25.57
N GLN D 133 5.27 20.96 25.69
CA GLN D 133 5.97 21.99 26.41
C GLN D 133 5.05 22.57 27.47
N ILE D 134 5.55 22.61 28.71
CA ILE D 134 4.76 22.98 29.87
C ILE D 134 5.43 24.19 30.48
N THR D 135 4.65 25.23 30.79
CA THR D 135 5.18 26.48 31.31
C THR D 135 4.39 26.86 32.57
N LEU D 136 5.14 27.14 33.64
CA LEU D 136 4.55 27.53 34.91
C LEU D 136 4.94 28.96 35.20
N ARG D 137 3.93 29.81 35.38
CA ARG D 137 4.14 31.24 35.67
C ARG D 137 3.70 31.51 37.09
N THR D 138 4.59 32.09 37.89
CA THR D 138 4.30 32.34 39.31
C THR D 138 3.19 33.39 39.41
N ILE D 139 2.21 33.10 40.25
CA ILE D 139 1.03 33.95 40.41
C ILE D 139 0.95 34.22 41.93
N PRO D 140 0.64 35.46 42.32
CA PRO D 140 0.64 35.78 43.73
C PRO D 140 -0.51 35.06 44.46
N THR D 141 -0.34 34.85 45.75
CA THR D 141 -1.30 34.17 46.57
C THR D 141 -2.63 34.84 46.82
N THR D 142 -2.60 36.15 46.91
CA THR D 142 -3.82 36.91 47.25
C THR D 142 -3.98 38.07 46.33
N PRO D 143 -5.23 38.37 46.04
CA PRO D 143 -5.48 39.55 45.14
C PRO D 143 -5.05 40.80 45.83
N PRO D 144 -4.57 41.74 44.98
CA PRO D 144 -4.24 43.07 45.62
C PRO D 144 -5.44 43.73 46.18
N LYS D 145 -5.30 44.46 47.27
CA LYS D 145 -6.41 45.23 47.85
C LYS D 145 -6.95 46.23 46.82
N LEU D 146 -8.15 46.65 46.98
CA LEU D 146 -8.77 47.61 46.08
C LEU D 146 -8.17 48.99 46.15
N SER D 147 -7.75 49.41 47.33
CA SER D 147 -7.14 50.75 47.49
C SER D 147 -5.88 50.87 46.63
N THR D 148 -5.10 49.82 46.50
CA THR D 148 -3.94 49.85 45.62
C THR D 148 -4.32 50.09 44.17
N MET D 149 -5.55 49.75 43.79
CA MET D 149 -5.95 49.82 42.38
C MET D 149 -6.08 51.26 41.91
N ASN D 150 -6.25 52.23 42.82
CA ASN D 150 -6.25 53.64 42.47
C ASN D 150 -7.54 54.02 41.71
N LEU D 151 -8.66 53.70 42.32
CA LEU D 151 -9.95 53.84 41.67
C LEU D 151 -10.71 55.05 42.19
N PRO D 152 -11.35 55.80 41.29
CA PRO D 152 -12.24 56.89 41.76
C PRO D 152 -13.28 56.38 42.73
N ASP D 153 -13.84 57.29 43.53
CA ASP D 153 -14.90 56.95 44.46
C ASP D 153 -16.17 56.51 43.75
N ASN D 154 -16.52 57.18 42.66
CA ASN D 154 -17.64 56.72 41.84
C ASN D 154 -17.68 55.21 41.67
N ILE D 155 -16.55 54.67 41.18
CA ILE D 155 -16.49 53.23 40.91
C ILE D 155 -16.71 52.43 42.20
N ILE D 156 -16.04 52.80 43.27
CA ILE D 156 -16.18 52.09 44.52
C ILE D 156 -17.65 52.05 44.96
N GLU D 157 -18.36 53.17 44.78
CA GLU D 157 -19.79 53.20 45.07
C GLU D 157 -20.56 52.29 44.14
N ALA D 158 -20.12 52.18 42.88
CA ALA D 158 -20.83 51.39 41.88
C ALA D 158 -20.46 49.88 41.90
N ILE D 159 -19.54 49.52 42.78
CA ILE D 159 -18.81 48.26 42.59
C ILE D 159 -19.55 47.07 43.18
N ALA D 160 -20.60 47.31 43.97
CA ALA D 160 -21.26 46.20 44.67
C ALA D 160 -22.77 46.27 44.48
N PRO D 161 -23.25 46.16 43.24
CA PRO D 161 -24.69 46.21 43.02
C PRO D 161 -25.41 45.01 43.52
N GLN D 162 -26.68 45.18 43.91
CA GLN D 162 -27.48 44.04 44.37
C GLN D 162 -27.71 43.05 43.23
N GLU D 163 -28.00 43.56 42.04
CA GLU D 163 -28.15 42.73 40.85
C GLU D 163 -27.57 43.44 39.64
N GLY D 164 -27.51 42.75 38.52
CA GLY D 164 -26.97 43.31 37.31
C GLY D 164 -25.58 42.88 36.99
N ILE D 165 -25.03 43.47 35.94
CA ILE D 165 -23.78 43.01 35.34
C ILE D 165 -22.74 44.14 35.46
N VAL D 166 -21.52 43.78 35.83
CA VAL D 166 -20.38 44.67 35.83
C VAL D 166 -19.36 44.15 34.81
N PHE D 167 -18.98 45.00 33.87
CA PHE D 167 -18.07 44.64 32.81
C PHE D 167 -16.76 45.35 32.95
N ILE D 168 -15.67 44.60 32.77
CA ILE D 168 -14.31 45.18 32.73
C ILE D 168 -13.88 44.86 31.29
N THR D 169 -13.62 45.88 30.49
CA THR D 169 -13.24 45.66 29.12
C THR D 169 -11.85 46.12 28.81
N GLY D 170 -11.32 45.53 27.76
CA GLY D 170 -10.00 45.87 27.30
C GLY D 170 -9.30 44.70 26.70
N ALA D 171 -8.29 45.02 25.93
CA ALA D 171 -7.43 44.03 25.30
C ALA D 171 -6.66 43.23 26.34
N THR D 172 -6.43 41.95 26.01
CA THR D 172 -5.84 41.04 26.98
C THR D 172 -4.47 41.52 27.42
N GLY D 173 -4.16 41.39 28.68
CA GLY D 173 -3.00 42.05 29.27
C GLY D 173 -3.24 43.45 29.81
N SER D 174 -4.51 43.84 29.95
CA SER D 174 -4.89 45.05 30.67
C SER D 174 -5.09 44.85 32.17
N GLY D 175 -4.84 43.63 32.68
CA GLY D 175 -5.02 43.34 34.07
C GLY D 175 -6.43 43.52 34.60
N LYS D 176 -7.38 42.99 33.83
CA LYS D 176 -8.77 43.03 34.22
C LYS D 176 -9.03 41.95 35.28
N SER D 177 -8.58 40.72 35.00
CA SER D 177 -8.67 39.63 35.94
C SER D 177 -8.21 40.04 37.34
N THR D 178 -7.07 40.73 37.42
CA THR D 178 -6.59 41.24 38.68
C THR D 178 -7.64 42.15 39.34
N LEU D 179 -8.20 43.06 38.58
CA LEU D 179 -9.20 43.98 39.13
C LEU D 179 -10.39 43.22 39.72
N LEU D 180 -10.98 42.35 38.91
CA LEU D 180 -12.12 41.57 39.41
C LEU D 180 -11.77 40.78 40.64
N ALA D 181 -10.63 40.11 40.62
CA ALA D 181 -10.14 39.37 41.76
C ALA D 181 -10.10 40.28 42.99
N SER D 182 -9.64 41.51 42.78
CA SER D 182 -9.57 42.44 43.86
C SER D 182 -10.93 42.82 44.41
N ILE D 183 -11.87 43.07 43.54
CA ILE D 183 -13.22 43.43 43.96
C ILE D 183 -13.77 42.34 44.81
N ILE D 184 -13.62 41.10 44.37
CA ILE D 184 -14.14 40.00 45.11
C ILE D 184 -13.54 39.97 46.51
N ARG D 185 -12.25 40.26 46.60
CA ARG D 185 -11.60 40.28 47.89
C ARG D 185 -12.29 41.34 48.78
N GLU D 186 -12.53 42.52 48.19
CA GLU D 186 -13.12 43.55 48.96
C GLU D 186 -14.53 43.18 49.41
N LEU D 187 -15.28 42.64 48.44
CA LEU D 187 -16.63 42.26 48.73
C LEU D 187 -16.74 41.11 49.69
N ILE D 188 -15.74 40.25 49.66
CA ILE D 188 -15.74 39.08 50.52
C ILE D 188 -15.17 39.27 51.88
N GLU D 189 -14.11 40.05 52.01
CA GLU D 189 -13.36 40.19 53.27
C GLU D 189 -14.13 40.88 54.42
N THR D 190 -14.94 41.84 54.03
CA THR D 190 -15.69 42.62 55.01
C THR D 190 -16.69 41.76 55.77
N SER D 191 -16.82 42.07 57.04
CA SER D 191 -17.86 41.48 57.88
C SER D 191 -19.24 41.93 57.43
N ASP D 192 -20.23 41.13 57.75
CA ASP D 192 -21.63 41.38 57.39
C ASP D 192 -21.86 41.34 55.89
N SER D 193 -20.95 40.69 55.15
CA SER D 193 -21.13 40.47 53.73
C SER D 193 -21.46 38.99 53.52
N ASN D 194 -22.73 38.66 53.62
CA ASN D 194 -23.18 37.28 53.51
C ASN D 194 -23.29 36.91 52.05
N ARG D 195 -22.16 36.53 51.48
CA ARG D 195 -22.01 36.36 50.04
C ARG D 195 -21.47 34.95 49.76
N LYS D 196 -22.25 34.16 49.04
CA LYS D 196 -21.75 32.98 48.38
C LYS D 196 -21.26 33.40 47.01
N VAL D 197 -19.96 33.23 46.77
CA VAL D 197 -19.32 33.66 45.54
C VAL D 197 -18.98 32.45 44.69
N LEU D 198 -19.42 32.45 43.44
CA LEU D 198 -19.09 31.41 42.48
C LEU D 198 -18.35 32.05 41.31
N THR D 199 -17.15 31.58 41.04
CA THR D 199 -16.35 32.04 39.91
C THR D 199 -16.15 30.90 38.92
N TYR D 200 -16.12 31.24 37.65
CA TYR D 200 -15.87 30.29 36.59
C TYR D 200 -14.73 30.88 35.81
N GLU D 201 -13.57 30.22 35.85
CA GLU D 201 -12.39 30.75 35.21
C GLU D 201 -11.67 29.80 34.33
N SER D 202 -11.18 30.26 33.17
CA SER D 202 -10.46 29.41 32.27
C SER D 202 -9.31 28.94 33.07
N PRO D 203 -8.43 29.87 33.61
CA PRO D 203 -7.34 29.32 34.37
C PRO D 203 -7.28 29.51 35.84
N ILE D 204 -8.30 29.97 36.57
CA ILE D 204 -8.21 30.20 37.99
C ILE D 204 -6.94 30.93 38.40
N GLU D 205 -6.84 32.16 38.05
CA GLU D 205 -5.68 32.99 38.34
C GLU D 205 -5.41 33.20 39.85
N PHE D 206 -6.44 33.42 40.60
CA PHE D 206 -6.34 33.85 41.99
C PHE D 206 -7.14 32.91 42.86
N VAL D 207 -6.73 32.76 44.10
CA VAL D 207 -7.45 31.98 45.10
C VAL D 207 -7.73 32.85 46.29
N TYR D 208 -8.74 32.52 47.06
CA TYR D 208 -9.14 33.38 48.20
C TYR D 208 -9.10 32.67 49.52
N ASP D 209 -8.47 31.51 49.58
CA ASP D 209 -8.45 30.73 50.82
C ASP D 209 -7.73 31.48 51.98
N GLU D 210 -6.74 32.28 51.65
CA GLU D 210 -5.99 33.02 52.63
C GLU D 210 -6.79 34.14 53.28
N ILE D 211 -7.65 34.80 52.50
CA ILE D 211 -8.41 35.93 53.04
C ILE D 211 -9.27 35.54 54.23
N GLU D 212 -9.92 34.41 54.14
CA GLU D 212 -10.72 33.90 55.27
C GLU D 212 -11.69 34.90 55.93
N THR D 213 -12.60 35.37 55.12
CA THR D 213 -13.62 36.30 55.60
C THR D 213 -14.47 35.53 56.59
N ILE D 214 -15.18 36.23 57.44
CA ILE D 214 -16.04 35.68 58.43
C ILE D 214 -17.33 35.05 57.96
N SER D 215 -17.96 35.60 56.94
CA SER D 215 -19.28 35.08 56.53
C SER D 215 -19.46 34.91 55.06
N ALA D 216 -18.41 34.44 54.37
CA ALA D 216 -18.50 34.27 52.91
C ALA D 216 -17.85 32.99 52.47
N VAL D 217 -18.33 32.46 51.35
CA VAL D 217 -17.74 31.27 50.75
C VAL D 217 -17.45 31.57 49.28
N VAL D 218 -16.33 31.07 48.79
CA VAL D 218 -15.92 31.25 47.41
C VAL D 218 -15.67 29.88 46.80
N SER D 219 -16.42 29.56 45.74
CA SER D 219 -16.29 28.29 45.03
C SER D 219 -15.81 28.60 43.61
N GLN D 220 -14.64 28.08 43.27
CA GLN D 220 -13.96 28.43 42.03
C GLN D 220 -13.93 27.20 41.13
N SER D 221 -14.56 27.31 39.98
CA SER D 221 -14.68 26.22 39.02
C SER D 221 -13.94 26.58 37.76
N GLU D 222 -13.05 25.71 37.31
CA GLU D 222 -12.24 25.91 36.12
C GLU D 222 -12.91 25.25 34.93
N ILE D 223 -12.95 25.96 33.81
CA ILE D 223 -13.93 25.71 32.78
C ILE D 223 -13.53 24.47 31.93
N PRO D 224 -12.24 24.36 31.54
CA PRO D 224 -11.85 23.16 30.86
C PRO D 224 -11.90 21.93 31.73
N ARG D 225 -11.72 22.07 33.05
CA ARG D 225 -11.62 20.94 33.95
C ARG D 225 -12.93 20.56 34.65
N HIS D 226 -13.66 21.54 35.15
CA HIS D 226 -14.76 21.31 36.08
C HIS D 226 -16.14 21.37 35.42
N LEU D 227 -16.30 22.20 34.41
CA LEU D 227 -17.59 22.40 33.80
C LEU D 227 -17.34 22.75 32.34
N PRO D 228 -18.10 22.16 31.39
CA PRO D 228 -17.77 22.36 30.00
C PRO D 228 -17.53 23.79 29.52
N ASN D 229 -18.44 24.70 29.86
CA ASN D 229 -18.54 25.99 29.23
C ASN D 229 -18.70 27.08 30.27
N PHE D 230 -18.31 28.30 29.91
CA PHE D 230 -18.63 29.44 30.72
C PHE D 230 -20.13 29.59 30.92
N ALA D 231 -20.88 29.45 29.84
CA ALA D 231 -22.33 29.55 29.90
C ALA D 231 -22.91 28.46 30.79
N ASP D 232 -22.59 27.22 30.47
CA ASP D 232 -22.88 26.11 31.39
C ASP D 232 -22.55 26.48 32.80
N GLY D 233 -21.41 27.10 33.02
CA GLY D 233 -21.01 27.50 34.35
C GLY D 233 -22.02 28.42 35.00
N VAL D 234 -22.41 29.46 34.29
CA VAL D 234 -23.36 30.42 34.85
C VAL D 234 -24.67 29.74 35.14
N ARG D 235 -25.27 29.11 34.12
CA ARG D 235 -26.51 28.39 34.31
C ARG D 235 -26.44 27.46 35.52
N ASN D 236 -25.26 26.88 35.75
CA ASN D 236 -25.07 26.08 36.95
C ASN D 236 -25.12 26.96 38.20
N ALA D 237 -24.50 28.12 38.15
CA ALA D 237 -24.54 29.01 39.31
C ALA D 237 -25.93 29.38 39.68
N LEU D 238 -26.81 29.57 38.68
CA LEU D 238 -28.20 29.88 38.97
C LEU D 238 -28.83 28.84 39.91
N ARG D 239 -28.40 27.59 39.80
CA ARG D 239 -28.92 26.54 40.63
C ARG D 239 -28.31 26.48 42.02
N ARG D 240 -27.28 27.24 42.30
CA ARG D 240 -26.56 27.18 43.56
C ARG D 240 -26.89 28.32 44.52
N LYS D 241 -27.83 29.19 44.16
CA LYS D 241 -28.16 30.35 44.97
C LYS D 241 -26.93 31.16 45.38
N PRO D 242 -26.13 31.60 44.41
CA PRO D 242 -25.02 32.49 44.77
C PRO D 242 -25.51 33.89 45.08
N ARG D 243 -24.68 34.64 45.79
CA ARG D 243 -24.84 36.07 45.91
C ARG D 243 -23.92 36.87 44.98
N LEU D 244 -22.97 36.21 44.34
CA LEU D 244 -22.05 36.87 43.42
C LEU D 244 -21.54 35.82 42.43
N ILE D 245 -21.55 36.15 41.15
CA ILE D 245 -21.14 35.27 40.09
C ILE D 245 -20.02 35.93 39.30
N MET D 246 -18.92 35.21 39.14
CA MET D 246 -17.78 35.66 38.36
C MET D 246 -17.62 34.78 37.14
N VAL D 247 -17.72 35.37 35.96
CA VAL D 247 -17.48 34.68 34.70
C VAL D 247 -16.23 35.28 34.07
N GLY D 248 -15.22 34.45 33.83
CA GLY D 248 -13.94 34.96 33.37
C GLY D 248 -14.07 35.75 32.08
N GLU D 249 -14.89 35.27 31.15
CA GLU D 249 -15.06 35.91 29.86
C GLU D 249 -16.43 35.56 29.29
N CYS D 250 -16.96 36.47 28.49
CA CYS D 250 -18.23 36.27 27.78
C CYS D 250 -17.99 36.68 26.31
N ARG D 251 -17.34 35.81 25.56
CA ARG D 251 -17.02 36.10 24.19
C ARG D 251 -18.18 35.89 23.22
N ASP D 252 -19.07 34.96 23.50
CA ASP D 252 -20.12 34.57 22.58
C ASP D 252 -21.51 34.80 23.19
N ALA D 253 -22.51 34.72 22.35
CA ALA D 253 -23.86 35.13 22.68
C ALA D 253 -24.49 34.19 23.67
N GLU D 254 -24.11 32.93 23.70
CA GLU D 254 -24.62 31.99 24.70
C GLU D 254 -24.26 32.43 26.08
N THR D 255 -22.98 32.66 26.34
CA THR D 255 -22.52 33.14 27.65
C THR D 255 -23.20 34.47 28.00
N ILE D 256 -23.27 35.39 27.05
CA ILE D 256 -23.91 36.67 27.30
C ILE D 256 -25.37 36.46 27.73
N SER D 257 -26.08 35.55 27.07
CA SER D 257 -27.47 35.30 27.42
C SER D 257 -27.59 34.66 28.78
N ALA D 258 -26.77 33.67 29.07
CA ALA D 258 -26.73 33.06 30.41
C ALA D 258 -26.56 34.15 31.46
N ALA D 259 -25.55 35.02 31.29
CA ALA D 259 -25.31 36.06 32.26
C ALA D 259 -26.49 37.03 32.36
N LEU D 260 -27.15 37.28 31.25
CA LEU D 260 -28.34 38.15 31.27
C LEU D 260 -29.46 37.53 32.08
N GLU D 261 -29.67 36.23 31.93
CA GLU D 261 -30.64 35.53 32.77
C GLU D 261 -30.25 35.61 34.24
N ALA D 262 -28.99 35.34 34.55
CA ALA D 262 -28.55 35.39 35.94
C ALA D 262 -28.77 36.75 36.55
N ALA D 263 -28.50 37.80 35.79
CA ALA D 263 -28.73 39.15 36.27
C ALA D 263 -30.16 39.51 36.41
N LEU D 264 -30.96 39.10 35.47
CA LEU D 264 -32.42 39.33 35.56
C LEU D 264 -33.00 38.57 36.72
N THR D 265 -32.44 37.41 36.95
CA THR D 265 -32.86 36.57 38.06
C THR D 265 -32.56 37.28 39.36
N GLY D 266 -31.58 38.20 39.36
CA GLY D 266 -31.27 38.97 40.51
C GLY D 266 -29.91 38.76 41.17
N HIS D 267 -28.92 38.35 40.39
CA HIS D 267 -27.61 38.14 40.95
C HIS D 267 -26.55 39.01 40.32
N PRO D 268 -25.70 39.64 41.14
CA PRO D 268 -24.53 40.30 40.58
C PRO D 268 -23.70 39.38 39.69
N VAL D 269 -23.44 39.83 38.46
CA VAL D 269 -22.57 39.12 37.55
C VAL D 269 -21.39 40.03 37.21
N TYR D 270 -20.19 39.46 37.25
CA TYR D 270 -18.97 40.15 36.87
C TYR D 270 -18.28 39.39 35.75
N THR D 271 -17.95 40.08 34.67
CA THR D 271 -17.33 39.46 33.51
C THR D 271 -16.35 40.41 32.88
N THR D 272 -15.64 39.90 31.86
CA THR D 272 -14.72 40.73 31.07
C THR D 272 -15.03 40.53 29.60
N LEU D 273 -14.64 41.53 28.81
CA LEU D 273 -14.77 41.50 27.37
C LEU D 273 -13.56 42.00 26.67
N HIS D 274 -13.41 41.69 25.38
CA HIS D 274 -12.25 42.12 24.61
C HIS D 274 -12.40 43.49 23.97
N THR D 275 -13.54 44.06 24.09
CA THR D 275 -13.88 45.31 23.37
C THR D 275 -13.23 46.49 24.09
N SER D 276 -12.91 47.49 23.28
CA SER D 276 -12.28 48.71 23.75
C SER D 276 -13.20 49.90 23.68
N GLY D 277 -13.76 50.28 24.81
CA GLY D 277 -14.66 51.45 24.88
C GLY D 277 -16.04 51.09 25.34
N VAL D 278 -16.59 51.88 26.24
CA VAL D 278 -17.86 51.54 26.90
C VAL D 278 -18.94 51.53 25.84
N ALA D 279 -19.04 52.56 25.01
CA ALA D 279 -20.04 52.57 23.94
C ALA D 279 -19.83 51.37 23.01
N GLU D 280 -18.59 51.18 22.56
CA GLU D 280 -18.27 50.05 21.71
C GLU D 280 -18.64 48.72 22.37
N THR D 281 -18.45 48.63 23.66
CA THR D 281 -18.86 47.48 24.41
C THR D 281 -20.35 47.28 24.24
N MET D 282 -21.14 48.32 24.51
CA MET D 282 -22.57 48.27 24.29
C MET D 282 -22.90 47.71 22.88
N ARG D 283 -22.25 48.27 21.87
CA ARG D 283 -22.46 47.81 20.51
C ARG D 283 -22.22 46.31 20.38
N ARG D 284 -21.12 45.84 20.93
CA ARG D 284 -20.83 44.39 20.94
C ARG D 284 -21.95 43.58 21.60
N LEU D 285 -22.38 44.00 22.77
CA LEU D 285 -23.42 43.29 23.48
C LEU D 285 -24.69 43.21 22.62
N VAL D 286 -25.12 44.34 22.07
CA VAL D 286 -26.37 44.38 21.35
C VAL D 286 -26.29 43.58 20.05
N THR D 287 -25.17 43.69 19.32
CA THR D 287 -25.07 43.03 18.05
C THR D 287 -24.94 41.51 18.16
N SER D 288 -24.54 41.02 19.36
CA SER D 288 -24.26 39.61 19.49
C SER D 288 -25.42 38.68 19.08
N PHE D 289 -26.60 39.33 18.88
CA PHE D 289 -27.85 38.66 18.72
C PHE D 289 -28.46 39.02 17.38
N SER D 290 -29.16 38.06 16.76
CA SER D 290 -29.81 38.25 15.49
C SER D 290 -30.97 39.23 15.61
N GLY D 291 -31.50 39.61 14.45
CA GLY D 291 -32.42 40.73 14.37
C GLY D 291 -33.73 40.57 15.14
N GLU D 292 -34.28 39.40 15.07
CA GLU D 292 -35.56 39.11 15.73
C GLU D 292 -35.37 39.11 17.24
N GLU D 293 -34.27 38.58 17.72
CA GLU D 293 -33.98 38.57 19.14
C GLU D 293 -33.53 39.94 19.66
N ARG D 294 -33.03 40.80 18.77
CA ARG D 294 -32.11 41.83 19.20
C ARG D 294 -32.80 42.88 20.05
N LEU D 295 -34.07 43.15 19.83
CA LEU D 295 -34.77 44.18 20.56
C LEU D 295 -34.99 43.78 21.99
N GLY D 296 -35.73 42.68 22.21
CA GLY D 296 -35.75 42.04 23.51
C GLY D 296 -34.41 41.94 24.21
N ARG D 297 -33.46 41.31 23.54
CA ARG D 297 -32.10 41.23 24.10
C ARG D 297 -31.56 42.60 24.55
N THR D 298 -31.84 43.62 23.78
CA THR D 298 -31.33 44.93 24.11
C THR D 298 -32.00 45.46 25.33
N ILE D 299 -33.34 45.38 25.41
CA ILE D 299 -34.02 45.77 26.63
C ILE D 299 -33.42 45.06 27.83
N ASP D 300 -33.23 43.75 27.72
CA ASP D 300 -32.59 43.01 28.79
C ASP D 300 -31.25 43.65 29.18
N ILE D 301 -30.40 43.87 28.20
CA ILE D 301 -29.07 44.36 28.49
C ILE D 301 -29.13 45.70 29.20
N LEU D 302 -29.84 46.66 28.63
CA LEU D 302 -29.98 47.97 29.26
C LEU D 302 -30.49 47.84 30.68
N GLU D 303 -31.53 47.04 30.88
CA GLU D 303 -32.06 46.83 32.21
C GLU D 303 -31.00 46.32 33.21
N THR D 304 -30.19 45.38 32.75
CA THR D 304 -29.35 44.63 33.68
C THR D 304 -28.03 45.36 33.99
N ILE D 305 -27.50 46.07 33.03
CA ILE D 305 -26.14 46.60 33.16
C ILE D 305 -26.07 47.55 34.36
N ARG D 306 -24.96 47.51 35.07
CA ARG D 306 -24.74 48.38 36.21
C ARG D 306 -23.49 49.26 36.11
N LEU D 307 -22.48 48.85 35.36
CA LEU D 307 -21.17 49.47 35.41
C LEU D 307 -20.30 48.91 34.30
N CYS D 308 -19.57 49.78 33.62
CA CYS D 308 -18.68 49.36 32.54
C CYS D 308 -17.40 50.09 32.64
N ILE D 309 -16.29 49.36 32.66
CA ILE D 309 -14.95 49.95 32.75
C ILE D 309 -14.09 49.40 31.64
N TRP D 310 -13.51 50.27 30.86
CA TRP D 310 -12.53 49.88 29.86
C TRP D 310 -11.18 50.30 30.38
N GLN D 311 -10.32 49.36 30.55
CA GLN D 311 -8.97 49.58 31.12
C GLN D 311 -7.96 49.39 30.04
N LYS D 312 -6.88 50.16 30.12
CA LYS D 312 -5.78 50.11 29.16
C LYS D 312 -4.50 50.33 29.90
N LEU D 313 -3.51 49.49 29.63
CA LEU D 313 -2.18 49.60 30.29
C LEU D 313 -1.26 50.32 29.26
N VAL D 314 -0.69 51.43 29.71
CA VAL D 314 0.17 52.24 28.88
C VAL D 314 1.52 52.43 29.57
N PRO D 315 2.62 52.50 28.79
CA PRO D 315 3.91 52.76 29.41
C PRO D 315 4.00 54.15 30.05
N THR D 316 4.84 54.23 31.08
CA THR D 316 5.01 55.43 31.87
C THR D 316 6.34 56.09 31.55
N VAL D 317 6.56 57.27 32.11
CA VAL D 317 7.86 57.92 32.03
C VAL D 317 8.97 57.06 32.68
N ASP D 318 8.62 56.40 33.77
CA ASP D 318 9.54 55.50 34.45
C ASP D 318 9.77 54.19 33.72
N GLU D 319 9.24 54.04 32.52
CA GLU D 319 9.28 52.78 31.76
C GLU D 319 8.56 51.61 32.47
N ARG D 320 7.64 51.97 33.36
CA ARG D 320 6.70 51.02 33.91
C ARG D 320 5.32 51.30 33.42
N ARG D 321 4.39 50.39 33.74
CA ARG D 321 3.04 50.44 33.15
C ARG D 321 2.07 51.11 34.12
N VAL D 322 1.07 51.77 33.56
CA VAL D 322 0.02 52.44 34.32
C VAL D 322 -1.33 52.11 33.67
N ALA D 323 -2.38 52.18 34.50
CA ALA D 323 -3.73 51.87 34.07
C ALA D 323 -4.49 53.18 33.84
N LEU D 324 -4.91 53.39 32.60
CA LEU D 324 -5.96 54.35 32.27
C LEU D 324 -7.29 53.63 32.17
N ARG D 325 -8.36 54.34 32.45
CA ARG D 325 -9.68 53.75 32.61
C ARG D 325 -10.73 54.73 32.13
N GLU D 326 -11.63 54.26 31.26
CA GLU D 326 -12.84 54.97 30.88
C GLU D 326 -14.03 54.17 31.37
N TYR D 327 -14.83 54.76 32.25
CA TYR D 327 -15.91 54.06 32.90
C TYR D 327 -17.22 54.84 32.77
N LEU D 328 -18.33 54.12 32.75
CA LEU D 328 -19.63 54.67 33.04
C LEU D 328 -20.29 53.81 34.12
N VAL D 329 -20.85 54.48 35.14
CA VAL D 329 -21.77 53.87 36.06
C VAL D 329 -23.19 54.05 35.54
N PHE D 330 -23.90 52.92 35.37
CA PHE D 330 -25.25 52.93 34.84
C PHE D 330 -26.24 53.11 35.97
N ASP D 331 -26.35 54.34 36.42
CA ASP D 331 -27.37 54.71 37.44
C ASP D 331 -28.76 54.31 36.92
N GLU D 332 -29.72 54.28 37.82
CA GLU D 332 -31.12 54.23 37.44
C GLU D 332 -31.46 55.27 36.38
N GLU D 333 -30.92 56.49 36.54
CA GLU D 333 -31.24 57.56 35.61
C GLU D 333 -30.72 57.24 34.20
N VAL D 334 -29.43 56.94 34.10
CA VAL D 334 -28.85 56.51 32.84
C VAL D 334 -29.70 55.40 32.22
N ARG D 335 -29.93 54.35 33.00
CA ARG D 335 -30.66 53.20 32.48
C ARG D 335 -32.00 53.62 31.92
N ASP D 336 -32.72 54.49 32.62
CA ASP D 336 -33.99 54.99 32.09
C ASP D 336 -33.79 55.71 30.77
N ILE D 337 -32.85 56.67 30.74
CA ILE D 337 -32.56 57.37 29.50
C ILE D 337 -32.40 56.37 28.35
N LEU D 338 -31.62 55.32 28.58
CA LEU D 338 -31.33 54.37 27.51
C LEU D 338 -32.55 53.57 27.12
N LEU D 339 -33.38 53.21 28.10
CA LEU D 339 -34.51 52.32 27.82
C LEU D 339 -35.63 53.06 27.09
N GLU D 340 -35.89 54.31 27.51
CA GLU D 340 -37.00 55.05 26.92
C GLU D 340 -36.66 55.57 25.55
N GLY D 341 -35.41 55.62 25.18
CA GLY D 341 -34.98 56.16 23.90
C GLY D 341 -34.99 55.12 22.80
N ASP D 342 -34.77 55.61 21.60
CA ASP D 342 -34.84 54.71 20.42
C ASP D 342 -33.67 53.71 20.52
N PRO D 343 -34.00 52.40 20.57
CA PRO D 343 -32.92 51.44 20.80
C PRO D 343 -31.93 51.37 19.69
N ASN D 344 -32.36 51.59 18.44
CA ASN D 344 -31.47 51.50 17.30
C ASN D 344 -30.16 52.30 17.46
N GLU D 345 -30.22 53.38 18.27
CA GLU D 345 -29.05 54.15 18.59
C GLU D 345 -28.83 54.19 20.09
N VAL D 346 -28.70 53.06 20.70
CA VAL D 346 -28.09 52.97 22.06
C VAL D 346 -26.61 53.37 22.01
N THR D 347 -25.90 52.89 21.01
CA THR D 347 -24.45 53.11 20.93
C THR D 347 -24.11 54.59 21.04
N SER D 348 -24.77 55.42 20.22
CA SER D 348 -24.59 56.86 20.31
C SER D 348 -24.93 57.38 21.72
N ALA D 349 -26.07 56.99 22.23
CA ALA D 349 -26.55 57.54 23.50
C ALA D 349 -25.51 57.32 24.58
N THR D 350 -25.09 56.05 24.77
CA THR D 350 -24.05 55.75 25.74
C THR D 350 -22.79 56.63 25.52
N ARG D 351 -22.42 56.82 24.28
CA ARG D 351 -21.27 57.66 23.96
C ARG D 351 -21.44 59.05 24.56
N LYS D 352 -22.64 59.63 24.41
CA LYS D 352 -22.91 60.91 25.05
C LYS D 352 -22.86 60.79 26.57
N LEU D 353 -23.43 59.72 27.11
CA LEU D 353 -23.62 59.60 28.56
C LEU D 353 -22.29 59.51 29.31
N VAL D 354 -21.36 58.74 28.77
CA VAL D 354 -20.00 58.72 29.30
C VAL D 354 -19.43 60.12 29.39
N ARG D 355 -19.75 60.97 28.44
CA ARG D 355 -19.26 62.35 28.44
C ARG D 355 -19.89 63.15 29.57
N GLN D 356 -21.16 62.93 29.87
CA GLN D 356 -21.87 63.74 30.84
C GLN D 356 -21.75 63.19 32.26
N LYS D 357 -21.92 61.87 32.42
CA LYS D 357 -21.95 61.24 33.72
C LYS D 357 -20.77 60.32 34.00
N GLY D 358 -19.95 60.05 33.02
CA GLY D 358 -18.86 59.08 33.20
C GLY D 358 -17.51 59.72 33.07
N GLN D 359 -16.55 59.01 32.48
CA GLN D 359 -15.19 59.49 32.32
C GLN D 359 -14.58 58.90 31.09
N LEU D 360 -14.05 59.71 30.20
CA LEU D 360 -13.51 59.24 28.93
C LEU D 360 -12.09 58.77 29.10
N MET D 361 -11.67 57.86 28.24
CA MET D 361 -10.27 57.44 28.18
C MET D 361 -9.36 58.63 27.94
N THR D 362 -9.72 59.48 27.00
CA THR D 362 -8.91 60.64 26.70
C THR D 362 -8.75 61.53 27.93
N TRP D 363 -9.80 61.71 28.68
CA TRP D 363 -9.76 62.56 29.87
C TRP D 363 -8.75 61.99 30.90
N ASP D 364 -8.85 60.71 31.20
CA ASP D 364 -7.92 60.08 32.12
C ASP D 364 -6.49 60.20 31.61
N ALA D 365 -6.30 59.99 30.31
CA ALA D 365 -4.98 60.18 29.72
C ALA D 365 -4.45 61.59 29.97
N LYS D 366 -5.30 62.60 29.79
CA LYS D 366 -4.88 63.97 30.01
C LYS D 366 -4.53 64.19 31.46
N MET D 367 -5.37 63.71 32.39
CA MET D 367 -5.05 63.82 33.80
C MET D 367 -3.70 63.22 34.12
N LYS D 368 -3.46 62.00 33.66
CA LYS D 368 -2.16 61.36 33.90
C LYS D 368 -1.02 62.16 33.32
N PHE D 369 -1.22 62.74 32.14
CA PHE D 369 -0.18 63.55 31.51
C PHE D 369 0.15 64.78 32.34
N GLU D 370 -0.88 65.49 32.81
CA GLU D 370 -0.67 66.61 33.69
C GLU D 370 0.04 66.17 34.97
N GLN D 371 -0.29 65.00 35.47
CA GLN D 371 0.42 64.44 36.62
C GLN D 371 1.83 64.02 36.31
N GLY D 372 2.20 63.94 35.03
CA GLY D 372 3.52 63.50 34.64
C GLY D 372 3.73 62.00 34.66
N ILE D 373 2.67 61.22 34.76
CA ILE D 373 2.82 59.76 34.80
C ILE D 373 3.10 59.18 33.42
N ILE D 374 2.48 59.74 32.40
CA ILE D 374 2.63 59.24 31.03
C ILE D 374 3.36 60.28 30.21
N SER D 375 4.00 59.84 29.13
CA SER D 375 4.70 60.73 28.24
C SER D 375 3.71 61.53 27.38
N GLU D 376 4.16 62.71 26.94
CA GLU D 376 3.42 63.47 25.97
C GLU D 376 3.08 62.64 24.70
N ARG D 377 4.07 61.97 24.14
CA ARG D 377 3.82 61.17 22.96
C ARG D 377 2.69 60.16 23.20
N VAL D 378 2.71 59.52 24.38
CA VAL D 378 1.68 58.53 24.66
C VAL D 378 0.32 59.20 24.71
N TYR D 379 0.20 60.28 25.49
CA TYR D 379 -1.05 61.03 25.52
C TYR D 379 -1.56 61.30 24.09
N LYS D 380 -0.73 61.95 23.29
CA LYS D 380 -1.15 62.32 21.95
C LYS D 380 -1.59 61.08 21.20
N LEU D 381 -0.89 59.98 21.32
CA LEU D 381 -1.34 58.71 20.75
C LEU D 381 -2.77 58.37 21.17
N ILE D 382 -3.04 58.38 22.48
CA ILE D 382 -4.36 58.02 22.95
C ILE D 382 -5.41 58.93 22.36
N ILE D 383 -5.15 60.22 22.39
CA ILE D 383 -6.07 61.19 21.78
C ILE D 383 -6.32 60.82 20.32
N ALA D 384 -5.27 60.49 19.59
CA ALA D 384 -5.43 60.12 18.18
C ALA D 384 -6.33 58.93 18.02
N GLY D 385 -6.11 57.89 18.82
CA GLY D 385 -6.92 56.68 18.72
C GLY D 385 -8.36 56.92 19.07
N ALA D 386 -8.61 57.70 20.11
CA ALA D 386 -9.99 57.95 20.55
C ALA D 386 -10.82 58.72 19.50
N LYS D 387 -10.16 59.63 18.81
CA LYS D 387 -10.81 60.42 17.78
C LYS D 387 -11.86 59.70 16.95
N ILE E 20 18.92 20.41 -21.61
CA ILE E 20 18.03 20.47 -20.41
C ILE E 20 17.75 19.07 -19.88
N ASN E 21 18.78 18.27 -19.76
CA ASN E 21 18.65 16.86 -19.39
C ASN E 21 19.93 16.35 -18.80
N LEU E 22 19.83 15.57 -17.73
CA LEU E 22 21.03 15.11 -17.00
C LEU E 22 20.66 14.06 -15.98
N MET E 23 21.22 12.87 -16.12
CA MET E 23 21.15 11.81 -15.11
C MET E 23 22.30 10.84 -15.40
N PRO E 24 22.92 10.27 -14.31
CA PRO E 24 24.04 9.40 -14.65
C PRO E 24 23.65 8.10 -15.37
N ASP E 25 22.62 7.41 -14.88
CA ASP E 25 22.32 6.10 -15.45
C ASP E 25 20.90 5.67 -15.36
N GLU E 26 20.07 6.06 -16.32
CA GLU E 26 18.66 5.63 -16.32
C GLU E 26 18.65 4.13 -16.32
N PRO E 27 17.93 3.52 -15.35
CA PRO E 27 17.91 2.04 -15.42
C PRO E 27 16.89 1.62 -16.49
N THR E 28 16.90 0.37 -16.87
CA THR E 28 15.88 -0.11 -17.81
C THR E 28 14.46 0.09 -17.20
N ARG E 29 14.34 -0.33 -15.91
CA ARG E 29 13.15 -0.07 -15.16
C ARG E 29 13.51 0.67 -13.88
N PHE E 30 12.60 1.54 -13.45
CA PHE E 30 12.82 2.38 -12.30
C PHE E 30 12.38 1.65 -11.04
N THR E 31 13.29 1.53 -10.07
CA THR E 31 12.98 0.84 -8.83
C THR E 31 13.25 1.80 -7.65
N PRO E 32 12.49 1.61 -6.56
CA PRO E 32 12.52 2.60 -5.49
C PRO E 32 13.94 3.02 -5.02
N VAL E 33 14.84 2.07 -5.05
CA VAL E 33 16.16 2.24 -4.69
C VAL E 33 16.82 3.19 -5.60
N PHE E 34 16.48 3.19 -6.86
CA PHE E 34 16.99 4.14 -7.82
C PHE E 34 16.55 5.55 -7.52
N MET E 35 15.44 5.72 -6.82
CA MET E 35 14.96 7.05 -6.52
C MET E 35 15.91 7.88 -5.75
N ASP E 36 16.46 7.29 -4.71
CA ASP E 36 17.40 8.09 -3.85
C ASP E 36 18.60 8.47 -4.64
N ARG E 37 19.02 7.54 -5.51
CA ARG E 37 20.09 7.84 -6.44
C ARG E 37 19.57 8.92 -7.37
N MET E 38 18.34 8.77 -7.78
CA MET E 38 17.74 9.76 -8.66
C MET E 38 17.63 11.07 -7.94
N LEU E 39 17.10 11.03 -6.72
CA LEU E 39 16.94 12.25 -5.94
C LEU E 39 18.22 12.87 -5.61
N GLU E 40 19.23 12.03 -5.31
CA GLU E 40 20.56 12.50 -4.97
C GLU E 40 21.04 13.28 -6.18
N HIS E 41 20.69 12.85 -7.37
CA HIS E 41 21.09 13.56 -8.54
C HIS E 41 20.46 14.94 -8.51
N ALA E 42 19.16 14.99 -8.23
CA ALA E 42 18.44 16.23 -8.27
C ALA E 42 19.00 17.26 -7.26
N GLU E 43 19.27 16.79 -6.03
CA GLU E 43 19.93 17.62 -5.07
C GLU E 43 21.30 18.08 -5.53
N SER E 44 22.05 17.19 -6.17
CA SER E 44 23.23 17.59 -6.97
C SER E 44 22.96 18.83 -7.82
N LEU E 45 21.81 18.84 -8.44
CA LEU E 45 21.36 20.01 -9.23
C LEU E 45 20.77 21.13 -8.37
N ASN E 46 20.58 20.88 -7.10
CA ASN E 46 20.01 21.86 -6.15
C ASN E 46 18.57 22.27 -6.54
N ALA E 47 17.80 21.30 -7.02
CA ALA E 47 16.45 21.56 -7.46
C ALA E 47 15.50 21.59 -6.27
N SER E 48 14.43 22.40 -6.40
CA SER E 48 13.45 22.52 -5.36
C SER E 48 12.46 21.39 -5.36
N ASP E 49 12.07 20.91 -6.54
CA ASP E 49 10.91 20.04 -6.71
C ASP E 49 11.19 19.00 -7.76
N ILE E 50 10.62 17.82 -7.59
CA ILE E 50 10.80 16.70 -8.51
C ILE E 50 9.43 16.14 -8.84
N THR E 51 9.12 16.06 -10.13
CA THR E 51 7.80 15.66 -10.60
C THR E 51 7.97 14.38 -11.41
N ILE E 52 7.31 13.33 -10.98
CA ILE E 52 7.30 12.05 -11.71
C ILE E 52 5.89 11.79 -12.17
N GLN E 53 5.72 11.56 -13.47
CA GLN E 53 4.43 11.26 -14.05
C GLN E 53 4.59 10.10 -15.04
N THR E 54 3.52 9.34 -15.20
CA THR E 54 3.49 8.28 -16.16
C THR E 54 3.49 8.87 -17.56
N GLY E 55 4.07 8.14 -18.52
CA GLY E 55 4.21 8.62 -19.86
C GLY E 55 5.10 9.83 -20.04
N GLU E 56 5.84 10.20 -19.00
CA GLU E 56 6.68 11.37 -19.02
C GLU E 56 7.99 11.07 -18.29
N PRO E 57 9.08 11.73 -18.70
CA PRO E 57 10.31 11.60 -17.93
C PRO E 57 10.21 12.31 -16.58
N ILE E 58 11.16 12.04 -15.70
CA ILE E 58 11.27 12.71 -14.43
C ILE E 58 11.72 14.15 -14.67
N PHE E 59 11.00 15.10 -14.04
CA PHE E 59 11.33 16.50 -14.12
C PHE E 59 11.90 16.97 -12.79
N ALA E 60 12.85 17.92 -12.87
CA ALA E 60 13.29 18.67 -11.70
C ALA E 60 13.12 20.17 -11.99
N GLU E 61 12.62 20.89 -11.01
CA GLU E 61 12.58 22.36 -11.06
C GLU E 61 13.81 22.92 -10.36
N VAL E 62 14.76 23.41 -11.16
CA VAL E 62 15.98 24.01 -10.66
C VAL E 62 15.87 25.52 -10.94
N TYR E 63 15.99 26.32 -9.88
CA TYR E 63 15.94 27.74 -9.98
C TYR E 63 14.73 28.23 -10.83
N GLY E 64 13.58 27.66 -10.57
CA GLY E 64 12.38 28.07 -11.22
C GLY E 64 12.15 27.47 -12.58
N ARG E 65 13.14 26.88 -13.19
CA ARG E 65 13.05 26.35 -14.54
C ARG E 65 12.99 24.85 -14.49
N LEU E 66 12.09 24.24 -15.26
CA LEU E 66 11.82 22.83 -15.22
C LEU E 66 12.62 22.14 -16.33
N LEU E 67 13.46 21.17 -15.94
CA LEU E 67 14.24 20.41 -16.88
C LEU E 67 14.04 18.92 -16.65
N LYS E 68 14.02 18.16 -17.72
CA LYS E 68 13.96 16.72 -17.65
C LYS E 68 15.32 16.14 -17.24
N ILE E 69 15.29 15.20 -16.31
CA ILE E 69 16.48 14.62 -15.75
C ILE E 69 16.62 13.14 -16.09
N THR E 70 15.76 12.60 -16.95
CA THR E 70 15.82 11.17 -17.26
C THR E 70 15.45 10.89 -18.65
N ASN E 71 16.14 10.01 -19.39
CA ASN E 71 15.84 9.80 -20.79
C ASN E 71 14.53 9.07 -21.10
N ARG E 72 14.16 8.18 -20.22
CA ARG E 72 13.00 7.32 -20.37
C ARG E 72 11.70 7.90 -19.85
N ARG E 73 10.61 7.62 -20.53
CA ARG E 73 9.26 7.94 -19.99
C ARG E 73 8.85 6.81 -19.06
N LEU E 74 8.44 7.16 -17.87
CA LEU E 74 8.10 6.19 -16.84
C LEU E 74 6.74 5.55 -17.12
N SER E 75 6.62 4.28 -16.76
CA SER E 75 5.39 3.52 -16.96
C SER E 75 4.46 3.68 -15.75
N ASN E 76 3.19 3.47 -15.99
CA ASN E 76 2.21 3.50 -14.91
C ASN E 76 2.58 2.54 -13.79
N THR E 77 3.01 1.35 -14.16
CA THR E 77 3.39 0.34 -13.17
C THR E 77 4.59 0.80 -12.33
N GLU E 78 5.58 1.40 -12.99
CA GLU E 78 6.70 1.97 -12.26
C GLU E 78 6.23 2.97 -11.20
N LEU E 79 5.42 3.93 -11.62
CA LEU E 79 4.94 4.95 -10.70
C LEU E 79 4.17 4.32 -9.54
N GLY E 80 3.23 3.42 -9.86
CA GLY E 80 2.55 2.70 -8.81
C GLY E 80 3.49 2.04 -7.82
N ASP E 81 4.54 1.41 -8.32
CA ASP E 81 5.54 0.80 -7.44
C ASP E 81 6.19 1.85 -6.55
N LEU E 82 6.63 2.97 -7.14
CA LEU E 82 7.21 4.05 -6.36
C LEU E 82 6.28 4.46 -5.20
N ILE E 83 5.03 4.77 -5.54
CA ILE E 83 4.11 5.31 -4.55
C ILE E 83 3.83 4.26 -3.47
N ASN E 84 3.57 3.02 -3.87
CA ASN E 84 3.42 1.96 -2.90
C ASN E 84 4.61 1.88 -1.95
N SER E 85 5.81 2.02 -2.49
CA SER E 85 7.00 2.00 -1.64
C SER E 85 7.02 3.18 -0.68
N ILE E 86 6.62 4.35 -1.14
CA ILE E 86 6.67 5.54 -0.29
C ILE E 86 5.57 5.52 0.77
N TYR E 87 4.39 5.03 0.40
CA TYR E 87 3.22 5.17 1.24
C TYR E 87 2.76 3.87 1.83
N GLY E 88 2.19 3.00 1.03
CA GLY E 88 1.89 1.63 1.46
C GLY E 88 1.43 0.77 0.29
N PRO E 89 1.32 -0.53 0.53
CA PRO E 89 0.81 -1.41 -0.52
C PRO E 89 -0.50 -0.94 -1.16
N ASN E 90 -1.39 -0.37 -0.36
CA ASN E 90 -2.71 0.03 -0.78
C ASN E 90 -2.76 1.44 -1.40
N ALA E 91 -1.61 2.08 -1.59
CA ALA E 91 -1.59 3.44 -2.12
C ALA E 91 -2.23 3.48 -3.51
N THR E 92 -1.85 2.56 -4.38
CA THR E 92 -2.43 2.51 -5.71
C THR E 92 -3.95 2.40 -5.66
N THR E 93 -4.44 1.42 -4.90
CA THR E 93 -5.89 1.25 -4.76
C THR E 93 -6.52 2.53 -4.25
N GLN E 94 -5.85 3.24 -3.36
CA GLN E 94 -6.40 4.50 -2.88
C GLN E 94 -6.53 5.50 -4.05
N LEU E 95 -5.49 5.61 -4.85
CA LEU E 95 -5.54 6.53 -5.96
C LEU E 95 -6.64 6.21 -6.96
N LEU E 96 -6.77 4.94 -7.27
CA LEU E 96 -7.90 4.50 -8.11
C LEU E 96 -9.24 4.70 -7.44
N SER E 97 -9.26 4.81 -6.11
CA SER E 97 -10.46 5.12 -5.38
C SER E 97 -11.01 6.50 -5.70
N GLY E 98 -10.12 7.39 -6.11
CA GLY E 98 -10.46 8.79 -6.32
C GLY E 98 -10.01 9.65 -5.14
N LYS E 99 -8.94 9.25 -4.48
CA LYS E 99 -8.45 9.96 -3.32
C LYS E 99 -7.08 10.56 -3.59
N ASP E 100 -6.53 11.20 -2.59
CA ASP E 100 -5.27 11.86 -2.67
C ASP E 100 -4.30 11.34 -1.67
N ILE E 101 -3.03 11.31 -1.96
CA ILE E 101 -2.00 10.85 -1.00
C ILE E 101 -1.09 11.99 -0.69
N ASP E 102 -0.91 12.24 0.60
CA ASP E 102 0.08 13.23 1.08
C ASP E 102 0.89 12.56 2.15
N THR E 103 2.20 12.56 2.01
CA THR E 103 3.09 11.93 2.99
C THR E 103 4.46 12.54 2.90
N HIS E 104 5.45 11.89 3.47
CA HIS E 104 6.82 12.40 3.52
C HIS E 104 7.78 11.28 3.19
N TYR E 105 8.95 11.67 2.69
CA TYR E 105 10.02 10.71 2.36
C TYR E 105 11.32 11.28 2.81
N GLU E 106 12.00 10.61 3.77
CA GLU E 106 13.31 11.06 4.22
C GLU E 106 14.32 9.92 4.01
N PHE E 107 15.53 10.30 3.64
CA PHE E 107 16.60 9.34 3.39
C PHE E 107 17.93 10.05 3.42
N ARG E 108 18.97 9.34 3.82
CA ARG E 108 20.33 9.93 3.87
C ARG E 108 21.28 9.10 3.04
N PRO E 109 21.82 9.71 1.96
CA PRO E 109 22.69 8.84 1.09
C PRO E 109 23.89 8.34 1.89
N ASN E 110 24.73 9.28 2.17
CA ASN E 110 25.88 9.08 3.04
C ASN E 110 25.61 9.73 4.40
N ARG E 111 25.87 9.00 5.47
CA ARG E 111 25.57 9.47 6.81
C ARG E 111 26.40 10.72 7.09
N GLY E 112 26.10 11.81 6.43
CA GLY E 112 26.47 13.15 6.95
C GLY E 112 25.22 14.00 7.05
N VAL E 113 24.51 14.16 5.91
CA VAL E 113 23.28 14.95 5.90
C VAL E 113 22.19 14.13 5.22
N ARG E 114 20.96 14.33 5.69
CA ARG E 114 19.81 13.56 5.26
C ARG E 114 18.77 14.49 4.60
N TYR E 115 18.12 13.98 3.58
CA TYR E 115 17.21 14.73 2.74
C TYR E 115 15.77 14.32 3.04
N ARG E 116 14.91 15.31 3.20
CA ARG E 116 13.49 15.10 3.49
C ARG E 116 12.64 15.78 2.40
N TYR E 117 11.47 15.23 2.19
CA TYR E 117 10.59 15.66 1.11
C TYR E 117 9.15 15.50 1.52
N ARG E 118 8.35 16.49 1.17
CA ARG E 118 6.88 16.36 1.23
C ARG E 118 6.43 15.80 -0.12
N VAL E 119 5.83 14.63 -0.11
CA VAL E 119 5.47 13.93 -1.33
C VAL E 119 3.96 13.86 -1.44
N ASN E 120 3.44 14.08 -2.64
CA ASN E 120 2.00 14.12 -2.88
C ASN E 120 1.72 13.40 -4.17
N ALA E 121 0.90 12.36 -4.09
CA ALA E 121 0.54 11.57 -5.26
C ALA E 121 -0.92 11.80 -5.56
N THR E 122 -1.23 12.04 -6.84
CA THR E 122 -2.60 12.19 -7.27
C THR E 122 -2.85 11.44 -8.53
N ALA E 123 -4.08 10.94 -8.72
CA ALA E 123 -4.51 10.29 -9.93
C ALA E 123 -4.84 11.33 -11.01
N CYS E 124 -4.37 11.05 -12.22
CA CYS E 124 -4.70 11.83 -13.39
C CYS E 124 -5.02 10.89 -14.55
N LEU E 125 -5.31 11.46 -15.71
CA LEU E 125 -5.55 10.72 -16.92
C LEU E 125 -4.40 10.98 -17.89
N VAL E 126 -3.72 9.90 -18.30
CA VAL E 126 -2.66 9.99 -19.28
C VAL E 126 -3.02 9.07 -20.45
N GLU E 127 -3.02 9.65 -21.64
CA GLU E 127 -3.30 8.90 -22.86
C GLU E 127 -4.53 8.00 -22.74
N GLY E 128 -5.56 8.51 -22.10
CA GLY E 128 -6.83 7.81 -22.01
C GLY E 128 -6.99 6.86 -20.86
N HIS E 129 -5.93 6.65 -20.07
CA HIS E 129 -5.95 5.68 -19.00
C HIS E 129 -5.65 6.35 -17.66
N ASP E 130 -6.22 5.80 -16.59
CA ASP E 130 -5.87 6.22 -15.26
C ASP E 130 -4.39 6.07 -15.00
N ALA E 131 -3.80 7.04 -14.32
CA ALA E 131 -2.38 7.09 -14.10
C ALA E 131 -2.09 7.92 -12.88
N ILE E 132 -0.81 8.00 -12.50
CA ILE E 132 -0.39 8.57 -11.24
C ILE E 132 0.65 9.66 -11.49
N GLN E 133 0.55 10.74 -10.71
CA GLN E 133 1.59 11.77 -10.66
C GLN E 133 2.04 11.93 -9.22
N ILE E 134 3.34 11.74 -8.97
CA ILE E 134 3.93 11.99 -7.66
C ILE E 134 4.80 13.24 -7.74
N THR E 135 4.74 14.05 -6.70
CA THR E 135 5.49 15.32 -6.67
C THR E 135 6.15 15.46 -5.31
N LEU E 136 7.47 15.63 -5.32
CA LEU E 136 8.26 15.74 -4.11
C LEU E 136 8.82 17.15 -4.00
N ARG E 137 8.53 17.81 -2.88
CA ARG E 137 9.06 19.14 -2.60
C ARG E 137 10.05 19.06 -1.44
N THR E 138 11.22 19.66 -1.64
CA THR E 138 12.26 19.61 -0.62
C THR E 138 11.82 20.40 0.60
N ILE E 139 12.18 19.90 1.78
CA ILE E 139 11.98 20.60 3.03
C ILE E 139 13.35 20.97 3.61
N PRO E 140 13.67 22.28 3.68
CA PRO E 140 14.89 22.68 4.36
C PRO E 140 14.84 22.38 5.86
N THR E 141 16.03 22.21 6.44
CA THR E 141 16.12 22.02 7.89
C THR E 141 16.71 23.26 8.61
N THR E 142 17.91 23.69 8.23
CA THR E 142 18.75 24.44 9.13
C THR E 142 18.96 25.86 8.61
N PRO E 143 18.50 26.87 9.36
CA PRO E 143 18.54 28.24 8.84
C PRO E 143 19.90 28.63 8.36
N PRO E 144 19.98 29.35 7.23
CA PRO E 144 21.23 30.06 6.92
C PRO E 144 21.68 30.94 8.07
N LYS E 145 22.94 31.34 8.08
CA LYS E 145 23.36 32.47 8.89
C LYS E 145 22.93 33.79 8.24
N LEU E 146 22.72 34.80 9.08
CA LEU E 146 22.19 36.06 8.57
C LEU E 146 23.20 36.82 7.73
N SER E 147 24.47 36.72 8.05
CA SER E 147 25.51 37.35 7.24
C SER E 147 25.46 36.83 5.79
N THR E 148 25.19 35.55 5.61
CA THR E 148 25.05 35.02 4.27
C THR E 148 23.90 35.67 3.50
N MET E 149 22.92 36.21 4.21
CA MET E 149 21.70 36.72 3.56
C MET E 149 21.97 37.98 2.77
N ASN E 150 23.06 38.70 3.06
CA ASN E 150 23.44 39.90 2.31
C ASN E 150 22.47 41.05 2.58
N LEU E 151 22.30 41.35 3.86
CA LEU E 151 21.34 42.38 4.29
C LEU E 151 22.03 43.66 4.61
N PRO E 152 21.49 44.81 4.18
CA PRO E 152 22.07 46.10 4.62
C PRO E 152 22.21 46.17 6.13
N ASP E 153 23.25 46.91 6.57
CA ASP E 153 23.42 47.11 8.02
C ASP E 153 22.16 47.82 8.67
N ASN E 154 21.48 48.58 7.83
CA ASN E 154 20.40 49.40 8.31
C ASN E 154 19.32 48.54 8.93
N ILE E 155 19.04 47.34 8.42
CA ILE E 155 17.96 46.53 8.84
C ILE E 155 18.40 45.49 9.87
N ILE E 156 19.68 45.13 9.82
CA ILE E 156 20.27 44.37 10.92
C ILE E 156 20.07 45.13 12.24
N GLU E 157 20.24 46.44 12.23
CA GLU E 157 19.99 47.24 13.41
C GLU E 157 18.52 47.18 13.84
N ALA E 158 17.60 47.06 12.86
CA ALA E 158 16.18 47.05 13.14
C ALA E 158 15.62 45.65 13.35
N ILE E 159 16.43 44.61 13.25
CA ILE E 159 15.93 43.25 13.15
C ILE E 159 15.52 42.64 14.50
N ALA E 160 15.92 43.29 15.59
CA ALA E 160 15.71 42.77 16.93
C ALA E 160 15.08 43.83 17.84
N PRO E 161 13.87 44.31 17.49
CA PRO E 161 13.21 45.27 18.37
C PRO E 161 12.75 44.63 19.66
N GLN E 162 12.68 45.44 20.72
CA GLN E 162 12.17 44.98 21.99
C GLN E 162 10.70 44.65 21.92
N GLU E 163 9.93 45.41 21.14
CA GLU E 163 8.51 45.14 20.90
C GLU E 163 8.19 45.40 19.44
N GLY E 164 6.94 45.21 19.07
CA GLY E 164 6.44 45.60 17.76
C GLY E 164 6.46 44.43 16.77
N ILE E 165 6.16 44.75 15.53
CA ILE E 165 5.91 43.79 14.48
C ILE E 165 6.93 43.98 13.37
N VAL E 166 7.49 42.87 12.89
CA VAL E 166 8.37 42.86 11.73
C VAL E 166 7.71 42.03 10.64
N PHE E 167 7.55 42.61 9.46
CA PHE E 167 6.88 41.96 8.34
C PHE E 167 7.90 41.65 7.25
N ILE E 168 7.93 40.40 6.83
CA ILE E 168 8.64 39.99 5.63
C ILE E 168 7.62 39.57 4.60
N THR E 169 7.45 40.39 3.56
CA THR E 169 6.35 40.28 2.63
C THR E 169 6.86 40.00 1.24
N GLY E 170 6.02 39.33 0.45
CA GLY E 170 6.49 38.70 -0.78
C GLY E 170 5.61 37.57 -1.19
N ALA E 171 5.60 37.28 -2.50
CA ALA E 171 4.94 36.07 -3.00
C ALA E 171 5.62 34.81 -2.48
N THR E 172 4.85 33.77 -2.29
CA THR E 172 5.40 32.49 -1.86
C THR E 172 6.45 32.00 -2.88
N GLY E 173 7.55 31.46 -2.36
CA GLY E 173 8.71 31.18 -3.16
C GLY E 173 9.73 32.29 -3.26
N SER E 174 9.55 33.37 -2.51
CA SER E 174 10.57 34.42 -2.39
C SER E 174 11.60 34.16 -1.27
N GLY E 175 11.45 33.04 -0.55
CA GLY E 175 12.35 32.75 0.53
C GLY E 175 12.31 33.73 1.69
N LYS E 176 11.11 34.16 2.07
CA LYS E 176 10.93 34.87 3.33
C LYS E 176 10.94 33.95 4.51
N SER E 177 10.41 32.74 4.41
CA SER E 177 10.58 31.72 5.44
C SER E 177 12.05 31.61 5.83
N THR E 178 12.93 31.45 4.85
CA THR E 178 14.33 31.31 5.13
C THR E 178 14.87 32.52 5.85
N LEU E 179 14.48 33.72 5.42
CA LEU E 179 14.92 34.95 6.07
C LEU E 179 14.52 34.93 7.56
N LEU E 180 13.23 34.76 7.84
CA LEU E 180 12.77 34.70 9.22
C LEU E 180 13.53 33.66 10.03
N ALA E 181 13.65 32.46 9.49
CA ALA E 181 14.45 31.43 10.15
C ALA E 181 15.85 31.92 10.46
N SER E 182 16.44 32.66 9.55
CA SER E 182 17.79 33.16 9.77
C SER E 182 17.83 34.17 10.89
N ILE E 183 16.89 35.10 10.91
CA ILE E 183 16.81 36.05 12.03
C ILE E 183 16.72 35.27 13.34
N ILE E 184 15.76 34.36 13.43
CA ILE E 184 15.56 33.61 14.65
C ILE E 184 16.86 32.89 15.07
N ARG E 185 17.55 32.30 14.11
CA ARG E 185 18.81 31.65 14.41
C ARG E 185 19.80 32.65 14.95
N GLU E 186 19.86 33.84 14.40
CA GLU E 186 20.81 34.84 14.86
C GLU E 186 20.51 35.25 16.27
N LEU E 187 19.24 35.47 16.59
CA LEU E 187 18.87 35.93 17.93
C LEU E 187 18.99 34.83 18.96
N ILE E 188 18.81 33.60 18.55
CA ILE E 188 18.92 32.46 19.47
C ILE E 188 20.36 32.01 19.67
N GLU E 189 21.19 32.08 18.64
CA GLU E 189 22.55 31.55 18.69
C GLU E 189 23.49 32.46 19.47
N THR E 190 23.28 33.77 19.45
CA THR E 190 24.07 34.67 20.25
C THR E 190 23.96 34.33 21.72
N SER E 191 25.11 34.25 22.38
CA SER E 191 25.13 34.08 23.82
C SER E 191 24.56 35.31 24.51
N ASP E 192 24.07 35.10 25.73
CA ASP E 192 23.44 36.16 26.53
C ASP E 192 22.22 36.81 25.83
N SER E 193 21.57 36.00 25.00
CA SER E 193 20.25 36.34 24.47
C SER E 193 19.24 35.44 25.14
N ASN E 194 18.70 35.91 26.28
CA ASN E 194 17.73 35.14 27.04
C ASN E 194 16.36 35.26 26.40
N ARG E 195 16.12 34.41 25.42
CA ARG E 195 14.95 34.53 24.56
C ARG E 195 14.19 33.21 24.54
N LYS E 196 12.93 33.24 24.96
CA LYS E 196 12.01 32.19 24.66
C LYS E 196 11.31 32.49 23.34
N VAL E 197 11.52 31.64 22.35
CA VAL E 197 10.97 31.83 21.02
C VAL E 197 9.84 30.85 20.79
N LEU E 198 8.68 31.36 20.38
CA LEU E 198 7.55 30.55 19.99
C LEU E 198 7.21 30.85 18.53
N THR E 199 7.18 29.81 17.71
CA THR E 199 6.82 29.92 16.31
C THR E 199 5.56 29.11 16.04
N TYR E 200 4.72 29.59 15.12
CA TYR E 200 3.52 28.90 14.73
C TYR E 200 3.53 28.79 13.23
N GLU E 201 3.63 27.58 12.71
CA GLU E 201 3.68 27.40 11.25
C GLU E 201 2.74 26.38 10.71
N SER E 202 2.04 26.66 9.62
CA SER E 202 1.10 25.67 9.09
C SER E 202 2.05 24.50 8.80
N PRO E 203 2.97 24.73 7.82
CA PRO E 203 3.87 23.57 7.59
C PRO E 203 5.23 23.99 8.15
N ILE E 204 5.73 23.27 9.12
CA ILE E 204 6.99 23.67 9.72
C ILE E 204 8.08 23.33 8.75
N GLU E 205 8.86 24.33 8.39
CA GLU E 205 9.92 24.11 7.40
C GLU E 205 11.30 24.04 8.03
N PHE E 206 11.63 24.97 8.91
CA PHE E 206 12.95 25.04 9.51
C PHE E 206 12.86 24.56 10.96
N VAL E 207 13.88 23.84 11.38
CA VAL E 207 14.02 23.41 12.77
C VAL E 207 15.28 24.01 13.36
N TYR E 208 15.25 24.16 14.68
CA TYR E 208 16.39 24.70 15.42
C TYR E 208 16.97 23.69 16.41
N ASP E 209 16.60 22.43 16.30
CA ASP E 209 17.15 21.41 17.21
C ASP E 209 18.63 21.23 17.07
N GLU E 210 19.11 21.26 15.83
CA GLU E 210 20.54 21.00 15.55
C GLU E 210 21.43 22.14 16.13
N ILE E 211 20.92 23.36 16.10
CA ILE E 211 21.73 24.50 16.42
C ILE E 211 21.77 24.68 17.92
N GLU E 212 22.92 24.58 18.52
CA GLU E 212 23.06 24.49 19.97
C GLU E 212 23.15 25.88 20.57
N THR E 213 22.37 26.12 21.60
CA THR E 213 22.14 27.46 22.11
C THR E 213 22.41 27.46 23.61
N ILE E 214 22.78 28.65 24.12
CA ILE E 214 23.25 28.76 25.49
C ILE E 214 22.10 29.12 26.44
N SER E 215 21.25 30.04 26.02
CA SER E 215 20.27 30.64 26.92
C SER E 215 19.00 30.97 26.17
N ALA E 216 18.55 30.04 25.34
CA ALA E 216 17.40 30.26 24.47
C ALA E 216 16.64 28.96 24.31
N VAL E 217 15.32 29.06 24.18
CA VAL E 217 14.45 27.94 23.91
C VAL E 217 13.57 28.32 22.72
N VAL E 218 13.33 27.35 21.85
CA VAL E 218 12.48 27.51 20.69
C VAL E 218 11.41 26.43 20.75
N SER E 219 10.14 26.86 20.77
CA SER E 219 9.00 25.96 20.73
C SER E 219 8.26 26.18 19.42
N GLN E 220 8.19 25.14 18.59
CA GLN E 220 7.61 25.24 17.27
C GLN E 220 6.29 24.45 17.24
N SER E 221 5.19 25.16 17.04
CA SER E 221 3.86 24.54 17.02
C SER E 221 3.30 24.67 15.62
N GLU E 222 2.88 23.54 15.06
CA GLU E 222 2.34 23.44 13.74
C GLU E 222 0.86 23.80 13.81
N ILE E 223 0.48 24.73 12.92
CA ILE E 223 -0.84 25.28 12.96
C ILE E 223 -2.02 24.40 12.66
N PRO E 224 -1.98 23.53 11.61
CA PRO E 224 -3.29 22.74 11.54
C PRO E 224 -3.34 21.75 12.72
N ARG E 225 -2.24 21.10 12.99
CA ARG E 225 -2.06 20.08 13.97
C ARG E 225 -1.92 20.29 15.46
N HIS E 226 -1.14 21.26 15.89
CA HIS E 226 -0.93 21.46 17.34
C HIS E 226 -1.85 22.45 18.02
N LEU E 227 -2.44 23.32 17.22
CA LEU E 227 -3.41 24.27 17.68
C LEU E 227 -4.39 24.47 16.61
N PRO E 228 -5.59 25.01 16.93
CA PRO E 228 -6.51 25.27 15.79
C PRO E 228 -6.00 26.27 14.79
N ASN E 229 -5.46 27.42 15.15
CA ASN E 229 -5.07 28.38 14.10
C ASN E 229 -4.03 29.37 14.50
N PHE E 230 -3.64 30.23 13.59
CA PHE E 230 -2.56 31.18 13.86
C PHE E 230 -2.93 32.11 15.00
N ALA E 231 -4.17 32.62 14.97
CA ALA E 231 -4.58 33.57 16.00
C ALA E 231 -4.59 32.91 17.37
N ASP E 232 -5.32 31.80 17.50
CA ASP E 232 -5.20 30.96 18.68
C ASP E 232 -3.76 30.80 19.10
N GLY E 233 -2.90 30.54 18.13
CA GLY E 233 -1.49 30.38 18.44
C GLY E 233 -0.94 31.56 19.18
N VAL E 234 -1.09 32.72 18.59
CA VAL E 234 -0.56 33.93 19.21
C VAL E 234 -1.14 34.11 20.62
N ARG E 235 -2.46 34.03 20.72
CA ARG E 235 -3.09 34.15 22.03
C ARG E 235 -2.48 33.21 23.05
N ASN E 236 -2.04 32.05 22.55
CA ASN E 236 -1.39 31.03 23.32
C ASN E 236 -0.08 31.57 23.79
N ALA E 237 0.78 31.91 22.84
CA ALA E 237 2.05 32.56 23.13
C ALA E 237 1.97 33.61 24.23
N LEU E 238 0.94 34.42 24.20
CA LEU E 238 0.71 35.37 25.28
C LEU E 238 0.64 34.70 26.64
N ARG E 239 0.03 33.54 26.68
CA ARG E 239 -0.02 32.76 27.94
C ARG E 239 1.31 32.10 28.26
N ARG E 240 2.20 31.98 27.26
CA ARG E 240 3.50 31.35 27.46
C ARG E 240 4.65 32.36 27.68
N LYS E 241 4.34 33.65 27.76
CA LYS E 241 5.32 34.64 28.09
C LYS E 241 6.63 34.52 27.25
N PRO E 242 6.50 34.53 25.94
CA PRO E 242 7.69 34.47 25.10
C PRO E 242 8.44 35.79 25.09
N ARG E 243 9.69 35.74 24.63
CA ARG E 243 10.41 36.93 24.24
C ARG E 243 10.40 37.18 22.71
N LEU E 244 9.97 36.21 21.94
CA LEU E 244 9.84 36.37 20.50
C LEU E 244 8.74 35.45 19.98
N ILE E 245 7.85 36.00 19.16
CA ILE E 245 6.73 35.26 18.60
C ILE E 245 6.83 35.30 17.08
N MET E 246 6.77 34.14 16.45
CA MET E 246 6.74 34.03 15.02
C MET E 246 5.43 33.40 14.59
N VAL E 247 4.66 34.17 13.78
CA VAL E 247 3.45 33.68 13.14
C VAL E 247 3.71 33.52 11.65
N GLY E 248 3.44 32.35 11.11
CA GLY E 248 3.73 32.08 9.71
C GLY E 248 3.10 33.10 8.76
N GLU E 249 1.85 33.46 9.00
CA GLU E 249 1.12 34.26 8.05
C GLU E 249 0.00 35.00 8.75
N CYS E 250 -0.38 36.17 8.19
CA CYS E 250 -1.40 37.02 8.78
C CYS E 250 -2.46 37.35 7.74
N ARG E 251 -3.24 36.33 7.37
CA ARG E 251 -4.31 36.53 6.38
C ARG E 251 -5.53 37.21 7.02
N ASP E 252 -5.90 36.73 8.23
CA ASP E 252 -7.14 37.14 8.82
C ASP E 252 -6.96 38.47 9.55
N ALA E 253 -8.08 39.17 9.73
CA ALA E 253 -8.12 40.24 10.74
C ALA E 253 -7.98 39.69 12.14
N GLU E 254 -8.41 38.43 12.36
CA GLU E 254 -8.25 37.81 13.67
C GLU E 254 -6.77 37.72 14.02
N THR E 255 -5.97 37.10 13.17
CA THR E 255 -4.56 36.95 13.43
C THR E 255 -3.88 38.32 13.58
N ILE E 256 -4.23 39.26 12.72
CA ILE E 256 -3.63 40.58 12.79
C ILE E 256 -3.93 41.23 14.13
N SER E 257 -5.16 41.08 14.61
CA SER E 257 -5.53 41.67 15.90
C SER E 257 -4.80 41.00 17.04
N ALA E 258 -4.78 39.67 17.05
CA ALA E 258 -4.00 38.93 18.04
C ALA E 258 -2.56 39.46 18.09
N ALA E 259 -1.92 39.55 16.93
CA ALA E 259 -0.54 40.02 16.91
C ALA E 259 -0.43 41.47 17.38
N LEU E 260 -1.43 42.29 17.09
CA LEU E 260 -1.43 43.67 17.57
C LEU E 260 -1.47 43.73 19.09
N GLU E 261 -2.28 42.88 19.70
CA GLU E 261 -2.33 42.79 21.16
C GLU E 261 -1.00 42.30 21.70
N ALA E 262 -0.44 41.27 21.10
CA ALA E 262 0.86 40.76 21.52
C ALA E 262 1.91 41.86 21.50
N ALA E 263 1.92 42.64 20.45
CA ALA E 263 2.94 43.69 20.30
C ALA E 263 2.70 44.85 21.26
N LEU E 264 1.44 45.20 21.46
CA LEU E 264 1.12 46.21 22.46
C LEU E 264 1.50 45.76 23.85
N THR E 265 1.40 44.49 24.13
CA THR E 265 1.83 43.96 25.42
C THR E 265 3.34 44.18 25.60
N GLY E 266 4.10 43.89 24.57
CA GLY E 266 5.52 44.14 24.59
C GLY E 266 6.36 43.04 24.00
N HIS E 267 5.78 42.26 23.10
CA HIS E 267 6.46 41.14 22.51
C HIS E 267 6.79 41.41 21.05
N PRO E 268 8.06 41.21 20.66
CA PRO E 268 8.36 41.14 19.23
C PRO E 268 7.50 40.10 18.51
N VAL E 269 6.86 40.51 17.42
CA VAL E 269 6.11 39.62 16.56
C VAL E 269 6.74 39.65 15.17
N TYR E 270 6.95 38.49 14.59
CA TYR E 270 7.43 38.33 13.23
C TYR E 270 6.41 37.55 12.42
N THR E 271 6.06 38.08 11.26
CA THR E 271 5.08 37.46 10.38
C THR E 271 5.49 37.67 8.94
N THR E 272 4.72 37.03 8.04
CA THR E 272 4.88 37.26 6.60
C THR E 272 3.53 37.66 6.01
N LEU E 273 3.59 38.38 4.90
CA LEU E 273 2.39 38.78 4.17
C LEU E 273 2.61 38.59 2.69
N HIS E 274 1.53 38.42 1.97
CA HIS E 274 1.60 38.13 0.52
C HIS E 274 1.82 39.39 -0.32
N THR E 275 1.60 40.56 0.28
CA THR E 275 1.55 41.77 -0.51
C THR E 275 2.94 42.16 -1.00
N SER E 276 2.98 42.76 -2.18
CA SER E 276 4.21 43.13 -2.84
C SER E 276 4.38 44.66 -2.75
N GLY E 277 5.26 45.09 -1.85
CA GLY E 277 5.48 46.49 -1.62
C GLY E 277 5.11 46.88 -0.19
N VAL E 278 5.96 47.71 0.41
CA VAL E 278 5.76 48.12 1.79
C VAL E 278 4.41 48.86 1.91
N ALA E 279 4.21 49.86 1.05
CA ALA E 279 2.95 50.58 1.02
C ALA E 279 1.74 49.61 0.86
N GLU E 280 1.89 48.63 0.02
CA GLU E 280 0.82 47.67 -0.21
C GLU E 280 0.56 46.85 1.04
N THR E 281 1.62 46.37 1.70
CA THR E 281 1.44 45.68 2.95
C THR E 281 0.67 46.54 3.96
N MET E 282 1.14 47.77 4.17
CA MET E 282 0.41 48.71 5.00
C MET E 282 -1.09 48.76 4.61
N ARG E 283 -1.38 48.95 3.34
CA ARG E 283 -2.76 49.03 2.91
C ARG E 283 -3.52 47.79 3.28
N ARG E 284 -2.93 46.63 3.11
CA ARG E 284 -3.58 45.37 3.53
C ARG E 284 -3.89 45.36 5.01
N LEU E 285 -2.92 45.73 5.81
CA LEU E 285 -3.11 45.72 7.27
C LEU E 285 -4.24 46.66 7.64
N VAL E 286 -4.21 47.89 7.16
CA VAL E 286 -5.21 48.87 7.54
C VAL E 286 -6.60 48.49 7.02
N THR E 287 -6.68 47.94 5.82
CA THR E 287 -7.96 47.58 5.24
C THR E 287 -8.63 46.39 5.93
N SER E 288 -7.86 45.57 6.62
CA SER E 288 -8.42 44.37 7.22
C SER E 288 -9.51 44.69 8.23
N PHE E 289 -9.54 45.93 8.72
CA PHE E 289 -10.40 46.33 9.83
C PHE E 289 -11.34 47.42 9.35
N SER E 290 -12.31 47.03 8.52
CA SER E 290 -13.39 47.97 8.17
C SER E 290 -14.26 48.26 9.41
N GLY E 291 -14.87 49.42 9.42
CA GLY E 291 -15.92 49.72 10.34
C GLY E 291 -15.56 50.78 11.35
N GLU E 292 -16.31 50.81 12.44
CA GLU E 292 -16.10 51.83 13.47
C GLU E 292 -14.73 51.70 14.14
N GLU E 293 -14.31 50.46 14.35
CA GLU E 293 -13.04 50.16 14.95
C GLU E 293 -11.87 50.32 14.02
N ARG E 294 -12.08 50.61 12.75
CA ARG E 294 -11.00 50.69 11.80
C ARG E 294 -9.97 51.76 12.18
N LEU E 295 -10.47 52.91 12.64
CA LEU E 295 -9.58 53.97 13.02
C LEU E 295 -8.68 53.57 14.20
N GLY E 296 -9.30 52.87 15.13
CA GLY E 296 -8.59 52.44 16.33
C GLY E 296 -7.44 51.54 15.95
N ARG E 297 -7.70 50.53 15.18
CA ARG E 297 -6.68 49.56 14.81
C ARG E 297 -5.54 50.22 14.09
N THR E 298 -5.86 51.18 13.23
CA THR E 298 -4.87 51.83 12.44
C THR E 298 -3.78 52.48 13.30
N ILE E 299 -4.19 53.14 14.35
CA ILE E 299 -3.21 53.72 15.26
C ILE E 299 -2.41 52.59 15.87
N ASP E 300 -3.12 51.54 16.31
CA ASP E 300 -2.46 50.36 16.83
C ASP E 300 -1.42 49.84 15.86
N ILE E 301 -1.80 49.67 14.61
CA ILE E 301 -0.85 49.24 13.59
C ILE E 301 0.34 50.20 13.53
N LEU E 302 0.08 51.48 13.33
CA LEU E 302 1.16 52.42 13.06
C LEU E 302 2.17 52.44 14.22
N GLU E 303 1.66 52.45 15.45
CA GLU E 303 2.55 52.48 16.59
C GLU E 303 3.38 51.19 16.69
N THR E 304 2.84 50.05 16.30
CA THR E 304 3.43 48.78 16.60
C THR E 304 4.42 48.34 15.54
N ILE E 305 4.12 48.60 14.25
CA ILE E 305 5.02 48.25 13.19
C ILE E 305 6.41 48.82 13.44
N ARG E 306 7.45 48.01 13.15
CA ARG E 306 8.82 48.42 13.33
C ARG E 306 9.69 48.22 12.10
N LEU E 307 9.29 47.42 11.14
CA LEU E 307 10.11 47.10 10.00
C LEU E 307 9.27 46.35 8.96
N CYS E 308 9.47 46.69 7.70
CA CYS E 308 8.83 45.99 6.61
C CYS E 308 9.87 45.71 5.53
N ILE E 309 10.00 44.44 5.15
CA ILE E 309 10.86 44.05 4.04
C ILE E 309 10.03 43.27 3.03
N TRP E 310 9.91 43.80 1.82
CA TRP E 310 9.38 43.08 0.70
C TRP E 310 10.54 42.48 -0.11
N GLN E 311 10.48 41.15 -0.31
CA GLN E 311 11.57 40.43 -0.92
C GLN E 311 11.10 39.77 -2.21
N LYS E 312 11.99 39.71 -3.19
CA LYS E 312 11.67 39.21 -4.51
C LYS E 312 12.86 38.42 -5.03
N LEU E 313 12.57 37.22 -5.53
CA LEU E 313 13.61 36.34 -6.07
C LEU E 313 13.66 36.47 -7.58
N VAL E 314 14.79 36.89 -8.11
CA VAL E 314 14.88 37.33 -9.52
C VAL E 314 16.08 36.59 -10.15
N PRO E 315 15.93 36.22 -11.44
CA PRO E 315 17.00 35.44 -12.06
C PRO E 315 18.27 36.26 -12.27
N THR E 316 19.41 35.58 -12.24
CA THR E 316 20.72 36.17 -12.41
C THR E 316 21.32 35.80 -13.74
N VAL E 317 22.49 36.35 -14.03
CA VAL E 317 23.14 36.14 -15.32
C VAL E 317 23.55 34.70 -15.48
N ASP E 318 24.05 34.07 -14.42
CA ASP E 318 24.46 32.64 -14.55
C ASP E 318 23.27 31.73 -14.41
N GLU E 319 22.05 32.23 -14.60
CA GLU E 319 20.82 31.47 -14.41
C GLU E 319 20.64 30.93 -12.98
N ARG E 320 21.17 31.69 -12.04
CA ARG E 320 20.84 31.49 -10.62
C ARG E 320 19.71 32.44 -10.19
N ARG E 321 19.44 32.51 -8.91
CA ARG E 321 18.52 33.46 -8.33
C ARG E 321 19.27 34.41 -7.40
N VAL E 322 18.72 35.62 -7.25
CA VAL E 322 19.19 36.59 -6.29
C VAL E 322 17.99 37.23 -5.60
N ALA E 323 18.22 37.77 -4.40
CA ALA E 323 17.20 38.41 -3.61
C ALA E 323 17.30 39.92 -3.73
N LEU E 324 16.27 40.55 -4.29
CA LEU E 324 16.07 41.99 -4.20
C LEU E 324 15.13 42.31 -3.05
N ARG E 325 15.38 43.44 -2.38
CA ARG E 325 14.65 43.82 -1.20
C ARG E 325 14.28 45.31 -1.28
N GLU E 326 13.03 45.60 -0.97
CA GLU E 326 12.56 46.96 -0.70
C GLU E 326 12.06 47.00 0.73
N TYR E 327 12.70 47.80 1.57
CA TYR E 327 12.42 47.81 3.00
C TYR E 327 12.19 49.24 3.48
N LEU E 328 11.37 49.37 4.51
CA LEU E 328 11.34 50.58 5.33
C LEU E 328 11.49 50.15 6.80
N VAL E 329 12.35 50.86 7.52
CA VAL E 329 12.43 50.74 8.97
C VAL E 329 11.52 51.82 9.56
N PHE E 330 10.56 51.40 10.37
CA PHE E 330 9.59 52.31 10.97
C PHE E 330 10.15 52.81 12.32
N ASP E 331 11.13 53.69 12.22
CA ASP E 331 11.65 54.40 13.35
C ASP E 331 10.51 55.23 14.01
N GLU E 332 10.81 55.77 15.19
CA GLU E 332 9.91 56.61 15.89
C GLU E 332 9.46 57.79 15.00
N GLU E 333 10.38 58.36 14.26
CA GLU E 333 10.08 59.56 13.49
C GLU E 333 9.11 59.25 12.35
N VAL E 334 9.43 58.21 11.56
CA VAL E 334 8.49 57.79 10.52
C VAL E 334 7.13 57.51 11.15
N ARG E 335 7.09 56.68 12.19
CA ARG E 335 5.82 56.38 12.81
C ARG E 335 5.03 57.64 13.18
N ASP E 336 5.72 58.63 13.74
CA ASP E 336 5.07 59.91 14.01
C ASP E 336 4.51 60.55 12.75
N ILE E 337 5.33 60.68 11.73
CA ILE E 337 4.86 61.19 10.43
C ILE E 337 3.53 60.51 10.04
N LEU E 338 3.50 59.19 10.13
CA LEU E 338 2.33 58.46 9.67
C LEU E 338 1.14 58.69 10.60
N LEU E 339 1.37 58.85 11.89
CA LEU E 339 0.28 59.07 12.84
C LEU E 339 -0.32 60.46 12.68
N GLU E 340 0.51 61.44 12.47
CA GLU E 340 0.07 62.82 12.35
C GLU E 340 -0.61 63.09 11.06
N GLY E 341 -0.22 62.37 10.01
CA GLY E 341 -0.91 62.51 8.72
C GLY E 341 -2.33 62.07 8.88
N ASP E 342 -3.23 62.59 8.04
CA ASP E 342 -4.62 62.17 8.08
C ASP E 342 -4.68 60.67 7.76
N PRO E 343 -5.38 59.88 8.62
CA PRO E 343 -5.27 58.45 8.44
C PRO E 343 -5.63 57.86 7.12
N ASN E 344 -6.72 58.29 6.48
CA ASN E 344 -7.14 57.64 5.24
C ASN E 344 -6.06 57.69 4.13
N GLU E 345 -5.29 58.76 4.14
CA GLU E 345 -4.23 58.91 3.17
C GLU E 345 -3.17 57.81 3.28
N VAL E 346 -2.80 57.46 4.50
CA VAL E 346 -1.74 56.52 4.81
C VAL E 346 -0.96 55.74 3.75
N THR E 347 -1.63 54.93 2.98
CA THR E 347 -1.06 54.19 1.89
C THR E 347 -0.07 55.04 1.05
N SER E 348 -0.48 56.27 0.71
CA SER E 348 0.41 57.14 -0.02
C SER E 348 1.66 57.47 0.80
N ALA E 349 1.43 57.97 2.02
CA ALA E 349 2.53 58.43 2.86
C ALA E 349 3.66 57.41 2.92
N THR E 350 3.32 56.16 3.20
CA THR E 350 4.34 55.11 3.25
C THR E 350 5.11 55.02 1.93
N ARG E 351 4.42 55.08 0.81
CA ARG E 351 5.07 55.13 -0.48
C ARG E 351 6.10 56.25 -0.53
N LYS E 352 5.70 57.45 -0.11
CA LYS E 352 6.63 58.57 0.00
C LYS E 352 7.87 58.21 0.88
N LEU E 353 7.57 57.60 2.02
CA LEU E 353 8.61 57.43 3.04
C LEU E 353 9.66 56.41 2.64
N VAL E 354 9.22 55.32 1.99
CA VAL E 354 10.16 54.38 1.41
C VAL E 354 11.15 55.11 0.50
N ARG E 355 10.67 56.12 -0.23
CA ARG E 355 11.54 56.87 -1.12
C ARG E 355 12.58 57.68 -0.35
N GLN E 356 12.21 58.24 0.79
CA GLN E 356 13.05 59.18 1.51
C GLN E 356 13.89 58.55 2.61
N LYS E 357 13.30 57.66 3.38
CA LYS E 357 13.97 57.03 4.52
C LYS E 357 14.22 55.54 4.31
N GLY E 358 13.67 54.93 3.26
CA GLY E 358 13.82 53.52 3.04
C GLY E 358 14.64 53.18 1.83
N GLN E 359 14.32 52.08 1.17
CA GLN E 359 14.99 51.67 -0.06
C GLN E 359 14.00 51.03 -0.99
N LEU E 360 13.91 51.52 -2.21
CA LEU E 360 12.94 51.04 -3.18
C LEU E 360 13.44 49.78 -3.86
N MET E 361 12.51 48.94 -4.28
CA MET E 361 12.85 47.77 -5.08
C MET E 361 13.65 48.17 -6.33
N THR E 362 13.18 49.20 -7.03
CA THR E 362 13.83 49.62 -8.25
C THR E 362 15.30 50.00 -7.99
N TRP E 363 15.54 50.71 -6.88
CA TRP E 363 16.89 51.15 -6.60
C TRP E 363 17.82 49.97 -6.36
N ASP E 364 17.38 49.00 -5.56
CA ASP E 364 18.19 47.82 -5.32
C ASP E 364 18.43 47.07 -6.61
N ALA E 365 17.41 46.95 -7.45
CA ALA E 365 17.58 46.33 -8.77
C ALA E 365 18.68 47.05 -9.58
N LYS E 366 18.67 48.38 -9.56
CA LYS E 366 19.67 49.13 -10.28
C LYS E 366 21.06 48.84 -9.71
N MET E 367 21.19 48.91 -8.40
CA MET E 367 22.47 48.58 -7.77
C MET E 367 22.98 47.22 -8.17
N LYS E 368 22.11 46.23 -8.10
CA LYS E 368 22.52 44.86 -8.50
C LYS E 368 22.92 44.81 -9.95
N PHE E 369 22.24 45.55 -10.80
CA PHE E 369 22.58 45.58 -12.24
C PHE E 369 23.95 46.19 -12.47
N GLU E 370 24.22 47.32 -11.83
CA GLU E 370 25.57 47.89 -11.84
C GLU E 370 26.60 46.90 -11.30
N GLN E 371 26.23 46.11 -10.32
CA GLN E 371 27.07 45.02 -9.84
C GLN E 371 27.25 43.89 -10.87
N GLY E 372 26.38 43.85 -11.88
CA GLY E 372 26.44 42.80 -12.88
C GLY E 372 25.75 41.53 -12.50
N ILE E 373 24.90 41.55 -11.45
CA ILE E 373 24.25 40.32 -11.01
C ILE E 373 23.07 39.98 -11.94
N ILE E 374 22.36 40.98 -12.42
CA ILE E 374 21.09 40.78 -13.11
C ILE E 374 21.21 41.08 -14.60
N SER E 375 20.39 40.40 -15.36
CA SER E 375 20.40 40.58 -16.83
C SER E 375 19.68 41.86 -17.20
N GLU E 376 20.01 42.38 -18.37
CA GLU E 376 19.31 43.55 -18.90
C GLU E 376 17.80 43.30 -19.03
N ARG E 377 17.45 42.17 -19.69
CA ARG E 377 16.06 41.79 -19.80
C ARG E 377 15.34 41.82 -18.42
N VAL E 378 16.01 41.25 -17.41
CA VAL E 378 15.40 41.19 -16.11
C VAL E 378 15.16 42.61 -15.56
N TYR E 379 16.17 43.45 -15.64
CA TYR E 379 16.00 44.85 -15.27
C TYR E 379 14.75 45.44 -15.94
N LYS E 380 14.73 45.41 -17.28
CA LYS E 380 13.61 45.97 -18.00
C LYS E 380 12.27 45.45 -17.46
N LEU E 381 12.19 44.13 -17.25
CA LEU E 381 10.95 43.55 -16.78
C LEU E 381 10.58 44.11 -15.42
N ILE E 382 11.53 44.19 -14.50
CA ILE E 382 11.24 44.75 -13.18
C ILE E 382 10.73 46.16 -13.30
N ILE E 383 11.37 46.97 -14.12
CA ILE E 383 10.93 48.35 -14.32
C ILE E 383 9.48 48.35 -14.78
N ALA E 384 9.15 47.48 -15.76
CA ALA E 384 7.81 47.47 -16.29
C ALA E 384 6.81 47.11 -15.23
N GLY E 385 7.09 46.07 -14.47
CA GLY E 385 6.18 45.67 -13.38
C GLY E 385 6.00 46.76 -12.35
N ALA E 386 7.07 47.53 -12.09
CA ALA E 386 7.09 48.46 -10.94
C ALA E 386 7.09 47.68 -9.62
N ASN F 19 -32.96 2.79 -46.37
CA ASN F 19 -32.01 3.80 -45.85
C ASN F 19 -31.57 3.42 -44.42
N ILE F 20 -30.87 2.30 -44.34
CA ILE F 20 -30.14 1.92 -43.11
C ILE F 20 -28.77 1.43 -43.50
N ASN F 21 -27.79 1.62 -42.62
CA ASN F 21 -26.36 1.38 -42.94
C ASN F 21 -25.76 0.56 -41.80
N LEU F 22 -25.94 -0.73 -41.86
CA LEU F 22 -25.77 -1.64 -40.73
C LEU F 22 -24.31 -1.94 -40.45
N MET F 23 -24.04 -2.39 -39.25
CA MET F 23 -22.71 -2.79 -38.84
C MET F 23 -22.34 -4.08 -39.54
N PRO F 24 -21.03 -4.34 -39.72
CA PRO F 24 -20.62 -5.53 -40.42
C PRO F 24 -21.04 -6.83 -39.74
N ASP F 25 -20.89 -6.94 -38.43
CA ASP F 25 -21.09 -8.13 -37.68
C ASP F 25 -21.97 -7.84 -36.47
N GLU F 26 -23.23 -8.28 -36.53
CA GLU F 26 -24.08 -8.15 -35.36
C GLU F 26 -23.72 -9.29 -34.42
N PRO F 27 -23.28 -8.92 -33.17
CA PRO F 27 -23.26 -9.90 -32.11
C PRO F 27 -24.65 -10.42 -31.82
N THR F 28 -24.74 -11.66 -31.36
CA THR F 28 -25.98 -12.14 -30.74
C THR F 28 -26.34 -11.26 -29.55
N ARG F 29 -25.36 -11.02 -28.66
CA ARG F 29 -25.48 -10.02 -27.62
C ARG F 29 -24.31 -9.05 -27.74
N PHE F 30 -24.58 -7.78 -27.39
CA PHE F 30 -23.61 -6.72 -27.57
C PHE F 30 -22.67 -6.68 -26.36
N THR F 31 -21.36 -6.70 -26.63
CA THR F 31 -20.37 -6.63 -25.61
C THR F 31 -19.44 -5.45 -25.83
N PRO F 32 -18.83 -4.94 -24.74
CA PRO F 32 -17.85 -3.86 -24.90
C PRO F 32 -16.81 -4.10 -26.01
N VAL F 33 -16.39 -5.33 -26.19
CA VAL F 33 -15.50 -5.66 -27.28
C VAL F 33 -16.10 -5.20 -28.63
N PHE F 34 -17.38 -5.46 -28.81
CA PHE F 34 -18.05 -5.08 -30.03
C PHE F 34 -18.22 -3.59 -30.15
N MET F 35 -18.22 -2.86 -29.03
CA MET F 35 -18.41 -1.42 -29.08
C MET F 35 -17.30 -0.74 -29.86
N ASP F 36 -16.06 -1.20 -29.70
CA ASP F 36 -14.97 -0.60 -30.46
C ASP F 36 -15.13 -0.83 -31.93
N ARG F 37 -15.49 -2.05 -32.33
CA ARG F 37 -15.80 -2.31 -33.75
C ARG F 37 -16.91 -1.39 -34.26
N MET F 38 -17.99 -1.28 -33.50
CA MET F 38 -19.08 -0.42 -33.91
C MET F 38 -18.61 1.02 -34.07
N LEU F 39 -17.76 1.49 -33.19
CA LEU F 39 -17.21 2.83 -33.32
C LEU F 39 -16.37 2.96 -34.55
N GLU F 40 -15.56 1.97 -34.86
CA GLU F 40 -14.89 1.87 -36.16
C GLU F 40 -15.90 2.08 -37.30
N HIS F 41 -16.99 1.35 -37.28
CA HIS F 41 -17.99 1.48 -38.32
C HIS F 41 -18.49 2.93 -38.41
N ALA F 42 -18.78 3.54 -37.25
CA ALA F 42 -19.29 4.88 -37.26
C ALA F 42 -18.30 5.88 -37.85
N GLU F 43 -17.04 5.78 -37.45
CA GLU F 43 -16.01 6.66 -38.01
C GLU F 43 -15.87 6.45 -39.52
N SER F 44 -15.92 5.20 -39.96
CA SER F 44 -16.05 4.93 -41.38
C SER F 44 -17.17 5.74 -42.03
N LEU F 45 -18.26 5.88 -41.33
CA LEU F 45 -19.39 6.72 -41.78
C LEU F 45 -19.19 8.19 -41.49
N ASN F 46 -18.16 8.54 -40.70
CA ASN F 46 -17.90 9.91 -40.33
C ASN F 46 -19.04 10.49 -39.47
N ALA F 47 -19.51 9.69 -38.55
CA ALA F 47 -20.60 10.06 -37.66
C ALA F 47 -20.15 11.07 -36.63
N SER F 48 -20.99 12.07 -36.36
CA SER F 48 -20.70 13.03 -35.30
C SER F 48 -20.98 12.46 -33.92
N ASP F 49 -22.09 11.71 -33.81
CA ASP F 49 -22.60 11.28 -32.51
C ASP F 49 -23.16 9.88 -32.65
N ILE F 50 -23.07 9.11 -31.57
CA ILE F 50 -23.55 7.73 -31.52
C ILE F 50 -24.38 7.58 -30.26
N THR F 51 -25.64 7.19 -30.42
CA THR F 51 -26.57 7.10 -29.32
C THR F 51 -26.97 5.64 -29.15
N ILE F 52 -26.75 5.10 -27.97
CA ILE F 52 -27.16 3.75 -27.62
C ILE F 52 -28.23 3.85 -26.54
N GLN F 53 -29.38 3.21 -26.81
CA GLN F 53 -30.48 3.20 -25.86
C GLN F 53 -31.03 1.78 -25.72
N THR F 54 -31.52 1.48 -24.53
CA THR F 54 -32.17 0.22 -24.31
C THR F 54 -33.49 0.19 -25.08
N GLY F 55 -33.88 -1.01 -25.51
CA GLY F 55 -35.06 -1.15 -26.33
C GLY F 55 -34.94 -0.61 -27.73
N GLU F 56 -33.75 -0.20 -28.17
CA GLU F 56 -33.56 0.48 -29.42
C GLU F 56 -32.24 0.05 -30.03
N PRO F 57 -32.11 0.12 -31.36
CA PRO F 57 -30.80 -0.13 -31.97
C PRO F 57 -29.83 1.00 -31.68
N ILE F 58 -28.59 0.79 -32.01
CA ILE F 58 -27.55 1.83 -31.98
C ILE F 58 -27.80 2.79 -33.13
N PHE F 59 -27.82 4.08 -32.82
CA PHE F 59 -27.98 5.13 -33.81
C PHE F 59 -26.68 5.90 -34.00
N ALA F 60 -26.45 6.36 -35.23
CA ALA F 60 -25.35 7.26 -35.54
C ALA F 60 -25.87 8.43 -36.34
N GLU F 61 -25.37 9.63 -36.03
CA GLU F 61 -25.78 10.82 -36.75
C GLU F 61 -24.72 11.21 -37.74
N VAL F 62 -24.95 10.92 -38.99
CA VAL F 62 -24.04 11.28 -40.07
C VAL F 62 -24.56 12.63 -40.43
N TYR F 63 -23.75 13.66 -40.26
CA TYR F 63 -24.16 15.04 -40.58
C TYR F 63 -25.53 15.33 -39.98
N GLY F 64 -26.45 15.81 -40.76
CA GLY F 64 -27.81 16.01 -40.29
C GLY F 64 -28.57 14.71 -40.03
N ARG F 65 -28.34 13.74 -40.87
CA ARG F 65 -29.09 12.51 -40.86
C ARG F 65 -28.85 11.54 -39.72
N LEU F 66 -29.88 10.81 -39.36
CA LEU F 66 -29.80 9.82 -38.28
C LEU F 66 -30.06 8.46 -38.83
N LEU F 67 -29.16 7.51 -38.61
CA LEU F 67 -29.22 6.19 -39.22
C LEU F 67 -29.05 5.12 -38.16
N LYS F 68 -29.81 4.05 -38.30
CA LYS F 68 -29.59 2.87 -37.46
C LYS F 68 -28.38 2.10 -37.96
N ILE F 69 -27.43 1.86 -37.08
CA ILE F 69 -26.22 1.12 -37.42
C ILE F 69 -26.25 -0.29 -36.88
N THR F 70 -27.35 -0.73 -36.32
CA THR F 70 -27.50 -2.07 -35.75
C THR F 70 -28.89 -2.59 -36.02
N ASN F 71 -29.00 -3.89 -36.22
CA ASN F 71 -30.28 -4.52 -36.51
C ASN F 71 -31.09 -4.87 -35.27
N ARG F 72 -30.42 -4.98 -34.13
CA ARG F 72 -30.98 -5.58 -32.91
C ARG F 72 -31.24 -4.49 -31.90
N ARG F 73 -32.34 -4.61 -31.18
CA ARG F 73 -32.64 -3.69 -30.06
C ARG F 73 -31.86 -4.19 -28.82
N LEU F 74 -31.10 -3.30 -28.21
CA LEU F 74 -30.22 -3.67 -27.12
C LEU F 74 -31.03 -3.76 -25.82
N SER F 75 -30.60 -4.65 -24.93
CA SER F 75 -31.23 -4.86 -23.66
C SER F 75 -30.69 -3.91 -22.60
N ASN F 76 -31.47 -3.69 -21.55
CA ASN F 76 -31.02 -2.89 -20.44
C ASN F 76 -29.71 -3.42 -19.86
N THR F 77 -29.61 -4.73 -19.73
CA THR F 77 -28.41 -5.36 -19.19
C THR F 77 -27.19 -5.07 -20.07
N GLU F 78 -27.37 -5.17 -21.39
CA GLU F 78 -26.30 -4.81 -22.31
C GLU F 78 -25.81 -3.39 -22.06
N LEU F 79 -26.71 -2.44 -22.05
CA LEU F 79 -26.33 -1.05 -21.85
C LEU F 79 -25.62 -0.86 -20.53
N GLY F 80 -26.19 -1.39 -19.45
CA GLY F 80 -25.52 -1.38 -18.16
C GLY F 80 -24.09 -1.88 -18.23
N ASP F 81 -23.90 -3.00 -18.93
CA ASP F 81 -22.55 -3.55 -19.11
C ASP F 81 -21.65 -2.55 -19.84
N LEU F 82 -22.13 -1.99 -20.95
CA LEU F 82 -21.35 -0.99 -21.67
C LEU F 82 -20.91 0.14 -20.75
N ILE F 83 -21.85 0.74 -20.04
CA ILE F 83 -21.55 1.92 -19.23
C ILE F 83 -20.60 1.55 -18.11
N ASN F 84 -20.86 0.45 -17.42
CA ASN F 84 -19.94 -0.03 -16.41
C ASN F 84 -18.51 -0.18 -16.99
N SER F 85 -18.41 -0.72 -18.20
CA SER F 85 -17.11 -0.84 -18.83
C SER F 85 -16.47 0.52 -19.07
N ILE F 86 -17.26 1.50 -19.52
CA ILE F 86 -16.71 2.80 -19.86
C ILE F 86 -16.33 3.60 -18.63
N TYR F 87 -17.14 3.49 -17.57
CA TYR F 87 -17.00 4.36 -16.41
C TYR F 87 -16.49 3.61 -15.20
N GLY F 88 -17.35 2.82 -14.59
CA GLY F 88 -16.94 1.93 -13.50
C GLY F 88 -18.02 0.95 -13.13
N PRO F 89 -17.67 -0.03 -12.31
CA PRO F 89 -18.73 -0.96 -11.81
C PRO F 89 -19.92 -0.25 -11.21
N ASN F 90 -19.70 0.87 -10.50
CA ASN F 90 -20.81 1.58 -9.86
C ASN F 90 -21.65 2.40 -10.80
N ALA F 91 -21.26 2.52 -12.10
CA ALA F 91 -21.98 3.40 -13.00
C ALA F 91 -23.49 3.13 -13.02
N THR F 92 -23.85 1.84 -13.15
CA THR F 92 -25.26 1.52 -13.16
C THR F 92 -25.97 2.02 -11.89
N THR F 93 -25.43 1.67 -10.74
CA THR F 93 -25.99 2.16 -9.50
C THR F 93 -26.11 3.67 -9.47
N GLN F 94 -25.08 4.34 -9.97
CA GLN F 94 -25.08 5.79 -9.98
C GLN F 94 -26.25 6.34 -10.81
N LEU F 95 -26.54 5.69 -11.91
CA LEU F 95 -27.71 6.08 -12.70
C LEU F 95 -28.99 5.89 -11.90
N LEU F 96 -29.12 4.81 -11.18
CA LEU F 96 -30.35 4.53 -10.45
C LEU F 96 -30.52 5.47 -9.29
N SER F 97 -29.44 6.00 -8.73
CA SER F 97 -29.57 6.91 -7.60
C SER F 97 -30.13 8.25 -7.98
N GLY F 98 -30.36 8.54 -9.24
CA GLY F 98 -30.87 9.79 -9.70
C GLY F 98 -29.85 10.71 -10.30
N LYS F 99 -28.71 10.18 -10.76
CA LYS F 99 -27.57 11.01 -11.13
C LYS F 99 -27.26 10.81 -12.60
N ASP F 100 -26.32 11.66 -13.07
CA ASP F 100 -25.95 11.69 -14.48
C ASP F 100 -24.45 11.44 -14.58
N ILE F 101 -24.05 10.72 -15.62
CA ILE F 101 -22.66 10.32 -15.81
C ILE F 101 -22.10 11.08 -16.99
N ASP F 102 -20.97 11.76 -16.78
CA ASP F 102 -20.19 12.36 -17.86
C ASP F 102 -18.75 11.87 -17.74
N THR F 103 -18.21 11.39 -18.84
CA THR F 103 -16.84 10.91 -18.89
C THR F 103 -16.30 11.12 -20.31
N HIS F 104 -15.13 10.57 -20.56
CA HIS F 104 -14.60 10.41 -21.91
C HIS F 104 -14.32 8.93 -22.21
N TYR F 105 -14.21 8.63 -23.49
CA TYR F 105 -13.78 7.33 -23.96
C TYR F 105 -12.75 7.49 -25.06
N GLU F 106 -11.69 6.70 -24.95
CA GLU F 106 -10.62 6.69 -25.95
C GLU F 106 -10.29 5.25 -26.30
N PHE F 107 -10.08 5.01 -27.60
CA PHE F 107 -9.63 3.68 -28.05
C PHE F 107 -8.89 3.88 -29.38
N ARG F 108 -7.94 3.02 -29.61
CA ARG F 108 -7.05 3.14 -30.78
C ARG F 108 -7.26 2.09 -31.82
N PRO F 109 -7.46 2.51 -33.07
CA PRO F 109 -7.60 1.57 -34.17
C PRO F 109 -6.31 1.66 -34.93
N ASN F 110 -5.57 0.54 -35.00
CA ASN F 110 -4.23 0.55 -35.61
C ASN F 110 -3.36 1.66 -34.99
N ARG F 111 -2.93 2.65 -35.77
CA ARG F 111 -2.15 3.72 -35.27
C ARG F 111 -2.95 4.68 -34.37
N TYR F 115 -9.01 8.24 -31.80
CA TYR F 115 -10.45 8.47 -31.72
C TYR F 115 -10.94 8.69 -30.31
N ARG F 116 -11.53 9.84 -30.05
CA ARG F 116 -11.82 10.27 -28.66
C ARG F 116 -13.25 10.74 -28.63
N TYR F 117 -13.93 10.52 -27.50
CA TYR F 117 -15.34 10.83 -27.37
C TYR F 117 -15.60 11.42 -25.97
N ARG F 118 -16.51 12.37 -25.91
CA ARG F 118 -17.21 12.69 -24.69
C ARG F 118 -18.43 11.75 -24.57
N VAL F 119 -18.50 11.02 -23.47
CA VAL F 119 -19.57 10.08 -23.20
C VAL F 119 -20.46 10.62 -22.09
N ASN F 120 -21.76 10.40 -22.24
CA ASN F 120 -22.73 10.82 -21.25
C ASN F 120 -23.78 9.73 -21.12
N ALA F 121 -23.92 9.19 -19.92
CA ALA F 121 -24.95 8.22 -19.60
C ALA F 121 -26.01 8.89 -18.73
N THR F 122 -27.27 8.72 -19.11
CA THR F 122 -28.37 9.23 -18.33
C THR F 122 -29.44 8.16 -18.21
N ALA F 123 -30.13 8.17 -17.06
CA ALA F 123 -31.27 7.26 -16.85
C ALA F 123 -32.51 7.82 -17.50
N CYS F 124 -33.25 6.95 -18.20
CA CYS F 124 -34.57 7.28 -18.70
C CYS F 124 -35.53 6.15 -18.40
N LEU F 125 -36.75 6.23 -18.88
CA LEU F 125 -37.73 5.17 -18.66
C LEU F 125 -38.11 4.60 -19.95
N VAL F 126 -37.96 3.27 -20.11
CA VAL F 126 -38.37 2.60 -21.35
C VAL F 126 -39.41 1.60 -21.02
N GLU F 127 -40.56 1.69 -21.70
CA GLU F 127 -41.72 0.84 -21.40
C GLU F 127 -42.05 1.10 -19.93
N GLY F 128 -42.07 0.10 -19.10
CA GLY F 128 -42.44 0.32 -17.72
C GLY F 128 -41.30 0.49 -16.75
N HIS F 129 -40.05 0.38 -17.20
CA HIS F 129 -38.96 0.39 -16.23
C HIS F 129 -37.80 1.25 -16.56
N ASP F 130 -36.99 1.44 -15.57
CA ASP F 130 -35.74 2.20 -15.67
C ASP F 130 -34.86 1.61 -16.75
N ALA F 131 -34.18 2.48 -17.49
CA ALA F 131 -33.24 2.08 -18.51
C ALA F 131 -32.17 3.16 -18.64
N ILE F 132 -31.18 2.87 -19.51
CA ILE F 132 -30.03 3.72 -19.68
C ILE F 132 -29.92 4.17 -21.13
N GLN F 133 -29.50 5.43 -21.32
CA GLN F 133 -29.06 5.93 -22.58
C GLN F 133 -27.60 6.41 -22.47
N ILE F 134 -26.74 5.90 -23.35
CA ILE F 134 -25.39 6.40 -23.48
C ILE F 134 -25.26 7.16 -24.78
N THR F 135 -24.52 8.26 -24.75
CA THR F 135 -24.29 9.09 -25.94
C THR F 135 -22.82 9.43 -26.04
N LEU F 136 -22.22 9.13 -27.18
CA LEU F 136 -20.81 9.40 -27.44
C LEU F 136 -20.71 10.46 -28.53
N ARG F 137 -20.01 11.53 -28.24
CA ARG F 137 -19.84 12.66 -29.16
C ARG F 137 -18.37 12.80 -29.49
N THR F 138 -18.04 12.92 -30.76
CA THR F 138 -16.66 13.00 -31.20
C THR F 138 -15.97 14.26 -30.65
N ILE F 139 -14.73 14.07 -30.17
CA ILE F 139 -13.96 15.16 -29.62
C ILE F 139 -12.67 15.27 -30.37
N PRO F 140 -12.21 16.45 -30.74
CA PRO F 140 -10.86 16.62 -31.30
C PRO F 140 -9.77 16.06 -30.38
N THR F 141 -8.64 15.72 -30.94
CA THR F 141 -7.48 15.31 -30.18
C THR F 141 -6.69 16.46 -29.56
N THR F 142 -6.65 17.62 -30.22
CA THR F 142 -5.73 18.66 -29.89
C THR F 142 -6.52 19.98 -29.82
N PRO F 143 -6.29 20.78 -28.77
CA PRO F 143 -6.80 22.15 -28.78
C PRO F 143 -6.40 22.89 -30.04
N PRO F 144 -7.31 23.71 -30.58
CA PRO F 144 -6.91 24.68 -31.59
C PRO F 144 -5.75 25.55 -31.10
N LYS F 145 -5.04 26.17 -32.06
CA LYS F 145 -4.07 27.17 -31.70
C LYS F 145 -4.72 28.49 -31.35
N LEU F 146 -4.01 29.27 -30.55
CA LEU F 146 -4.57 30.53 -30.06
C LEU F 146 -4.74 31.56 -31.15
N SER F 147 -3.89 31.56 -32.16
CA SER F 147 -4.05 32.45 -33.30
C SER F 147 -5.40 32.27 -33.98
N THR F 148 -5.90 31.04 -34.06
CA THR F 148 -7.22 30.80 -34.61
C THR F 148 -8.31 31.49 -33.80
N MET F 149 -8.07 31.70 -32.49
CA MET F 149 -9.11 32.25 -31.64
C MET F 149 -9.44 33.72 -31.94
N ASN F 150 -8.56 34.41 -32.63
CA ASN F 150 -8.89 35.70 -33.27
C ASN F 150 -8.98 36.81 -32.24
N LEU F 151 -7.96 36.92 -31.40
CA LEU F 151 -8.08 37.65 -30.13
C LEU F 151 -7.25 38.94 -30.23
N PRO F 152 -7.80 40.05 -29.70
CA PRO F 152 -7.02 41.28 -29.66
C PRO F 152 -5.65 41.09 -29.02
N ASP F 153 -4.73 41.99 -29.30
CA ASP F 153 -3.40 41.91 -28.72
C ASP F 153 -3.42 42.19 -27.24
N ASN F 154 -4.21 43.12 -26.80
CA ASN F 154 -4.44 43.37 -25.37
C ASN F 154 -4.58 42.07 -24.59
N ILE F 155 -5.50 41.25 -25.00
CA ILE F 155 -5.75 39.97 -24.30
C ILE F 155 -4.48 39.10 -24.28
N ILE F 156 -3.83 38.95 -25.44
CA ILE F 156 -2.65 38.12 -25.51
C ILE F 156 -1.58 38.62 -24.53
N GLU F 157 -1.43 39.94 -24.42
CA GLU F 157 -0.51 40.49 -23.42
C GLU F 157 -0.97 40.21 -22.01
N ALA F 158 -2.28 40.16 -21.80
CA ALA F 158 -2.84 39.95 -20.45
C ALA F 158 -2.97 38.45 -20.07
N ILE F 159 -2.63 37.56 -20.99
CA ILE F 159 -3.16 36.20 -20.93
C ILE F 159 -2.34 35.29 -20.04
N ALA F 160 -1.15 35.70 -19.64
CA ALA F 160 -0.20 34.78 -19.01
C ALA F 160 0.40 35.42 -17.75
N PRO F 161 -0.45 35.76 -16.77
CA PRO F 161 0.08 36.41 -15.57
C PRO F 161 0.88 35.48 -14.72
N GLN F 162 1.83 36.03 -13.96
CA GLN F 162 2.53 35.26 -12.92
C GLN F 162 1.57 34.71 -11.88
N GLU F 163 0.55 35.50 -11.51
CA GLU F 163 -0.35 35.14 -10.41
C GLU F 163 -1.74 35.66 -10.78
N GLY F 164 -2.70 35.35 -9.89
CA GLY F 164 -4.05 35.85 -10.01
C GLY F 164 -4.98 34.92 -10.77
N ILE F 165 -6.18 35.43 -11.03
CA ILE F 165 -7.25 34.61 -11.58
C ILE F 165 -7.65 35.20 -12.94
N VAL F 166 -7.86 34.32 -13.91
CA VAL F 166 -8.38 34.70 -15.22
C VAL F 166 -9.71 34.00 -15.42
N PHE F 167 -10.75 34.79 -15.70
CA PHE F 167 -12.11 34.28 -15.83
C PHE F 167 -12.55 34.36 -17.28
N ILE F 168 -13.03 33.24 -17.81
CA ILE F 168 -13.73 33.21 -19.10
C ILE F 168 -15.18 32.86 -18.81
N THR F 169 -16.07 33.85 -18.94
CA THR F 169 -17.44 33.71 -18.50
C THR F 169 -18.38 33.76 -19.70
N GLY F 170 -19.38 32.90 -19.71
CA GLY F 170 -20.23 32.78 -20.86
C GLY F 170 -21.40 31.87 -20.58
N ALA F 171 -22.40 31.95 -21.44
CA ALA F 171 -23.46 30.94 -21.45
C ALA F 171 -22.92 29.61 -21.93
N THR F 172 -23.52 28.53 -21.45
CA THR F 172 -23.12 27.18 -21.85
C THR F 172 -23.31 27.02 -23.37
N GLY F 173 -22.33 26.40 -24.01
CA GLY F 173 -22.28 26.30 -25.44
C GLY F 173 -21.59 27.45 -26.14
N SER F 174 -20.97 28.38 -25.44
CA SER F 174 -20.27 29.51 -26.04
C SER F 174 -18.76 29.29 -26.09
N GLY F 175 -18.31 28.06 -25.99
CA GLY F 175 -16.93 27.70 -26.29
C GLY F 175 -15.91 28.37 -25.40
N LYS F 176 -16.22 28.45 -24.08
CA LYS F 176 -15.18 28.86 -23.13
C LYS F 176 -14.08 27.77 -22.97
N SER F 177 -14.55 26.55 -22.72
CA SER F 177 -13.62 25.46 -22.49
C SER F 177 -12.58 25.37 -23.63
N THR F 178 -13.08 25.38 -24.87
CA THR F 178 -12.19 25.39 -26.01
C THR F 178 -11.11 26.48 -25.92
N LEU F 179 -11.56 27.71 -25.64
CA LEU F 179 -10.63 28.80 -25.48
C LEU F 179 -9.54 28.48 -24.41
N LEU F 180 -10.00 28.04 -23.24
CA LEU F 180 -9.06 27.69 -22.20
C LEU F 180 -8.01 26.68 -22.65
N ALA F 181 -8.50 25.59 -23.24
CA ALA F 181 -7.59 24.55 -23.75
C ALA F 181 -6.57 25.19 -24.72
N SER F 182 -7.06 26.09 -25.60
CA SER F 182 -6.16 26.74 -26.52
C SER F 182 -5.06 27.56 -25.81
N ILE F 183 -5.45 28.32 -24.82
CA ILE F 183 -4.48 29.04 -24.00
C ILE F 183 -3.46 28.08 -23.43
N ILE F 184 -3.93 26.99 -22.82
CA ILE F 184 -3.01 26.06 -22.20
C ILE F 184 -1.99 25.53 -23.21
N ARG F 185 -2.48 25.17 -24.41
CA ARG F 185 -1.57 24.73 -25.45
C ARG F 185 -0.54 25.79 -25.77
N GLU F 186 -0.99 27.03 -25.90
CA GLU F 186 -0.09 28.11 -26.26
C GLU F 186 1.00 28.28 -25.20
N LEU F 187 0.62 28.21 -23.92
CA LEU F 187 1.60 28.33 -22.86
C LEU F 187 2.45 27.11 -22.73
N ILE F 188 2.04 25.96 -23.26
CA ILE F 188 2.84 24.76 -23.20
C ILE F 188 3.89 24.70 -24.33
N GLU F 189 3.51 25.14 -25.53
CA GLU F 189 4.28 24.79 -26.71
C GLU F 189 5.64 25.47 -26.87
N THR F 190 5.77 26.64 -26.31
CA THR F 190 7.04 27.37 -26.35
C THR F 190 8.15 26.61 -25.66
N SER F 191 9.36 26.78 -26.12
CA SER F 191 10.53 26.21 -25.43
C SER F 191 10.85 27.01 -24.21
N ASP F 192 11.27 26.35 -23.13
CA ASP F 192 11.51 26.94 -21.82
C ASP F 192 10.30 27.79 -21.28
N SER F 193 9.13 27.56 -21.86
CA SER F 193 7.91 27.85 -21.14
C SER F 193 7.75 26.88 -19.96
N ASN F 194 8.70 26.84 -19.12
CA ASN F 194 8.69 25.95 -17.95
C ASN F 194 7.47 26.04 -17.01
N ARG F 195 6.58 25.08 -17.10
CA ARG F 195 5.31 25.12 -16.42
C ARG F 195 4.86 23.73 -16.02
N LYS F 196 4.53 23.53 -14.77
CA LYS F 196 3.68 22.44 -14.34
C LYS F 196 2.25 22.87 -14.42
N VAL F 197 1.46 22.22 -15.28
CA VAL F 197 0.06 22.57 -15.47
C VAL F 197 -0.82 21.50 -14.84
N LEU F 198 -1.75 21.92 -13.99
CA LEU F 198 -2.71 21.02 -13.38
C LEU F 198 -4.11 21.52 -13.74
N THR F 199 -4.90 20.65 -14.36
CA THR F 199 -6.27 20.95 -14.73
C THR F 199 -7.21 20.02 -13.97
N TYR F 200 -8.42 20.52 -13.69
CA TYR F 200 -9.45 19.73 -13.07
C TYR F 200 -10.69 19.92 -13.83
N GLU F 201 -11.17 18.89 -14.50
CA GLU F 201 -12.36 19.01 -15.40
C GLU F 201 -13.35 17.93 -15.18
N SER F 202 -14.65 18.26 -15.10
CA SER F 202 -15.64 17.24 -14.79
C SER F 202 -15.42 16.24 -15.91
N PRO F 203 -15.71 16.70 -17.19
CA PRO F 203 -15.49 15.69 -18.21
C PRO F 203 -14.24 16.13 -18.98
N ILE F 204 -13.23 15.36 -18.99
CA ILE F 204 -12.02 15.74 -19.69
C ILE F 204 -12.33 15.84 -21.17
N GLU F 205 -12.18 17.05 -21.70
CA GLU F 205 -12.56 17.27 -23.09
C GLU F 205 -11.33 17.25 -24.03
N PHE F 206 -10.30 18.02 -23.69
CA PHE F 206 -9.11 18.11 -24.50
C PHE F 206 -7.95 17.49 -23.73
N VAL F 207 -7.07 16.80 -24.47
CA VAL F 207 -5.87 16.21 -23.93
C VAL F 207 -4.64 16.81 -24.59
N TYR F 208 -3.52 16.78 -23.89
CA TYR F 208 -2.32 17.46 -24.37
C TYR F 208 -1.15 16.51 -24.66
N ASP F 209 -1.39 15.20 -24.64
CA ASP F 209 -0.31 14.25 -24.81
C ASP F 209 0.37 14.35 -26.19
N GLU F 210 -0.38 14.67 -27.20
CA GLU F 210 0.11 14.57 -28.58
C GLU F 210 0.95 15.80 -28.90
N ILE F 211 0.54 16.98 -28.53
CA ILE F 211 1.36 18.17 -28.77
C ILE F 211 2.53 18.17 -27.78
N GLU F 212 3.71 17.86 -28.25
CA GLU F 212 4.81 17.48 -27.39
C GLU F 212 5.71 18.67 -27.14
N THR F 213 6.04 18.88 -25.85
CA THR F 213 6.82 20.00 -25.42
C THR F 213 8.04 19.52 -24.65
N ILE F 214 9.02 20.42 -24.53
CA ILE F 214 10.24 20.15 -23.80
C ILE F 214 10.24 20.74 -22.40
N SER F 215 9.36 21.68 -22.07
CA SER F 215 9.49 22.44 -20.87
C SER F 215 8.22 22.50 -19.99
N ALA F 216 7.22 21.64 -20.30
CA ALA F 216 5.98 21.64 -19.64
C ALA F 216 5.51 20.19 -19.34
N VAL F 217 4.77 20.05 -18.26
CA VAL F 217 4.08 18.84 -17.92
C VAL F 217 2.64 19.23 -17.58
N VAL F 218 1.70 18.38 -17.99
CA VAL F 218 0.29 18.63 -17.82
C VAL F 218 -0.32 17.42 -17.12
N SER F 219 -0.95 17.65 -15.97
CA SER F 219 -1.66 16.63 -15.22
C SER F 219 -3.14 16.99 -15.22
N GLN F 220 -3.96 16.13 -15.80
CA GLN F 220 -5.38 16.36 -15.95
C GLN F 220 -6.14 15.40 -15.07
N SER F 221 -6.88 15.93 -14.08
CA SER F 221 -7.66 15.06 -13.20
C SER F 221 -9.12 15.23 -13.44
N GLU F 222 -9.83 14.22 -13.89
CA GLU F 222 -11.29 14.35 -14.10
C GLU F 222 -11.78 14.54 -12.71
N ILE F 223 -12.59 15.59 -12.52
CA ILE F 223 -12.97 15.96 -11.17
C ILE F 223 -13.78 14.93 -10.35
N PRO F 224 -14.86 14.35 -10.93
CA PRO F 224 -15.54 13.42 -10.04
C PRO F 224 -14.77 12.12 -9.82
N ARG F 225 -14.17 11.60 -10.88
CA ARG F 225 -13.49 10.30 -10.81
C ARG F 225 -12.19 10.26 -10.01
N HIS F 226 -11.39 11.31 -10.10
CA HIS F 226 -10.13 11.36 -9.36
C HIS F 226 -10.20 12.17 -8.12
N LEU F 227 -11.25 12.98 -7.95
CA LEU F 227 -11.31 13.87 -6.78
C LEU F 227 -12.69 14.08 -6.29
N PRO F 228 -12.82 14.48 -4.99
CA PRO F 228 -14.22 14.79 -4.57
C PRO F 228 -14.89 15.91 -5.37
N ASN F 229 -14.23 17.04 -5.51
CA ASN F 229 -14.81 18.23 -6.10
C ASN F 229 -13.76 19.16 -6.61
N PHE F 230 -14.19 20.21 -7.30
CA PHE F 230 -13.25 21.16 -7.90
C PHE F 230 -12.42 21.83 -6.81
N ALA F 231 -13.03 22.19 -5.69
CA ALA F 231 -12.32 22.83 -4.62
C ALA F 231 -11.22 21.92 -4.04
N ASP F 232 -11.61 20.73 -3.62
CA ASP F 232 -10.66 19.69 -3.31
C ASP F 232 -9.56 19.63 -4.35
N GLY F 233 -9.93 19.72 -5.62
CA GLY F 233 -8.94 19.72 -6.66
C GLY F 233 -7.92 20.82 -6.42
N VAL F 234 -8.37 22.03 -6.38
CA VAL F 234 -7.48 23.16 -6.27
C VAL F 234 -6.58 23.05 -5.03
N ARG F 235 -7.21 22.86 -3.89
CA ARG F 235 -6.45 22.65 -2.64
C ARG F 235 -5.39 21.58 -2.82
N ASN F 236 -5.69 20.60 -3.65
CA ASN F 236 -4.70 19.59 -3.98
C ASN F 236 -3.58 20.21 -4.81
N ALA F 237 -3.96 21.00 -5.79
CA ALA F 237 -2.99 21.63 -6.64
C ALA F 237 -1.98 22.45 -5.82
N LEU F 238 -2.45 23.05 -4.73
CA LEU F 238 -1.55 23.85 -3.92
C LEU F 238 -0.34 23.09 -3.42
N ARG F 239 -0.54 21.83 -3.13
CA ARG F 239 0.53 20.98 -2.63
C ARG F 239 1.48 20.51 -3.72
N ARG F 240 1.16 20.78 -4.98
CA ARG F 240 1.93 20.31 -6.10
C ARG F 240 2.95 21.26 -6.72
N LYS F 241 3.14 22.43 -6.18
CA LYS F 241 4.02 23.45 -6.75
C LYS F 241 3.77 23.66 -8.25
N PRO F 242 2.48 23.83 -8.62
CA PRO F 242 2.22 24.01 -10.03
C PRO F 242 2.54 25.43 -10.50
N ARG F 243 2.72 25.59 -11.80
CA ARG F 243 2.88 26.90 -12.40
C ARG F 243 1.59 27.43 -13.05
N LEU F 244 0.58 26.57 -13.19
CA LEU F 244 -0.67 26.97 -13.80
C LEU F 244 -1.75 25.99 -13.31
N ILE F 245 -2.90 26.53 -12.91
CA ILE F 245 -4.01 25.76 -12.41
C ILE F 245 -5.23 26.03 -13.28
N MET F 246 -5.87 24.97 -13.76
CA MET F 246 -7.09 25.07 -14.53
C MET F 246 -8.23 24.41 -13.73
N VAL F 247 -9.24 25.21 -13.41
CA VAL F 247 -10.45 24.70 -12.77
C VAL F 247 -11.60 24.85 -13.77
N GLY F 248 -12.26 23.74 -14.08
CA GLY F 248 -13.24 23.76 -15.15
C GLY F 248 -14.34 24.76 -14.93
N GLU F 249 -14.87 24.76 -13.71
CA GLU F 249 -15.96 25.68 -13.33
C GLU F 249 -15.79 26.05 -11.86
N CYS F 250 -16.30 27.22 -11.50
CA CYS F 250 -16.18 27.79 -10.16
C CYS F 250 -17.56 28.28 -9.72
N ARG F 251 -18.46 27.33 -9.46
CA ARG F 251 -19.86 27.64 -9.21
C ARG F 251 -20.04 28.10 -7.75
N ASP F 252 -19.48 27.37 -6.81
CA ASP F 252 -19.82 27.53 -5.40
C ASP F 252 -18.77 28.33 -4.66
N ALA F 253 -19.11 28.79 -3.49
CA ALA F 253 -18.23 29.61 -2.68
C ALA F 253 -16.99 28.85 -2.22
N GLU F 254 -17.12 27.54 -2.05
CA GLU F 254 -15.95 26.72 -1.70
C GLU F 254 -14.89 26.81 -2.78
N THR F 255 -15.26 26.49 -4.01
CA THR F 255 -14.30 26.53 -5.12
C THR F 255 -13.72 27.95 -5.28
N ILE F 256 -14.57 28.96 -5.20
CA ILE F 256 -14.11 30.33 -5.33
C ILE F 256 -13.07 30.65 -4.27
N SER F 257 -13.32 30.22 -3.03
CA SER F 257 -12.37 30.49 -1.95
C SER F 257 -11.06 29.74 -2.17
N ALA F 258 -11.14 28.46 -2.51
CA ALA F 258 -9.95 27.69 -2.85
C ALA F 258 -9.13 28.43 -3.90
N ALA F 259 -9.75 28.83 -5.00
CA ALA F 259 -9.03 29.52 -6.05
C ALA F 259 -8.45 30.84 -5.58
N LEU F 260 -9.16 31.52 -4.67
CA LEU F 260 -8.63 32.78 -4.13
C LEU F 260 -7.38 32.52 -3.32
N GLU F 261 -7.36 31.46 -2.52
CA GLU F 261 -6.15 31.07 -1.79
C GLU F 261 -5.02 30.76 -2.77
N ALA F 262 -5.32 29.94 -3.78
CA ALA F 262 -4.29 29.57 -4.74
C ALA F 262 -3.68 30.80 -5.40
N ALA F 263 -4.53 31.76 -5.76
CA ALA F 263 -4.02 32.96 -6.41
C ALA F 263 -3.27 33.87 -5.46
N LEU F 264 -3.73 33.96 -4.23
CA LEU F 264 -3.02 34.75 -3.23
C LEU F 264 -1.65 34.18 -2.96
N THR F 265 -1.52 32.86 -2.99
CA THR F 265 -0.22 32.26 -2.77
C THR F 265 0.76 32.66 -3.89
N GLY F 266 0.29 32.69 -5.11
CA GLY F 266 1.09 33.10 -6.22
C GLY F 266 0.97 32.24 -7.45
N HIS F 267 -0.13 31.52 -7.58
CA HIS F 267 -0.36 30.67 -8.71
C HIS F 267 -1.44 31.25 -9.64
N PRO F 268 -1.15 31.28 -10.94
CA PRO F 268 -2.19 31.66 -11.88
C PRO F 268 -3.31 30.61 -11.88
N VAL F 269 -4.55 31.08 -11.77
CA VAL F 269 -5.72 30.23 -11.82
C VAL F 269 -6.57 30.64 -13.02
N TYR F 270 -7.06 29.65 -13.75
CA TYR F 270 -7.97 29.87 -14.88
C TYR F 270 -9.25 29.09 -14.62
N THR F 271 -10.39 29.77 -14.73
CA THR F 271 -11.69 29.17 -14.48
C THR F 271 -12.70 29.73 -15.45
N THR F 272 -13.90 29.17 -15.40
CA THR F 272 -15.03 29.66 -16.20
C THR F 272 -16.22 29.90 -15.29
N LEU F 273 -17.10 30.81 -15.75
CA LEU F 273 -18.35 31.11 -15.06
C LEU F 273 -19.49 31.14 -16.06
N HIS F 274 -20.72 31.14 -15.58
CA HIS F 274 -21.89 31.33 -16.37
C HIS F 274 -22.39 32.77 -16.36
N THR F 275 -21.67 33.68 -15.76
CA THR F 275 -22.10 35.08 -15.69
C THR F 275 -21.97 35.74 -17.05
N SER F 276 -22.84 36.68 -17.33
CA SER F 276 -22.87 37.39 -18.62
C SER F 276 -22.47 38.83 -18.39
N GLY F 277 -21.20 39.15 -18.61
CA GLY F 277 -20.72 40.52 -18.39
C GLY F 277 -19.67 40.56 -17.26
N VAL F 278 -18.65 41.35 -17.52
CA VAL F 278 -17.54 41.45 -16.57
C VAL F 278 -18.05 41.95 -15.21
N ALA F 279 -18.80 43.04 -15.23
CA ALA F 279 -19.30 43.61 -13.98
C ALA F 279 -20.23 42.61 -13.32
N GLU F 280 -21.13 41.95 -14.05
CA GLU F 280 -21.95 40.92 -13.46
C GLU F 280 -21.11 39.81 -12.84
N THR F 281 -20.10 39.33 -13.54
CA THR F 281 -19.18 38.35 -12.97
C THR F 281 -18.63 38.80 -11.64
N MET F 282 -18.06 40.01 -11.60
CA MET F 282 -17.70 40.64 -10.35
C MET F 282 -18.80 40.50 -9.28
N ARG F 283 -20.01 40.89 -9.64
CA ARG F 283 -21.10 40.88 -8.67
C ARG F 283 -21.31 39.49 -8.11
N ARG F 284 -21.28 38.49 -8.96
CA ARG F 284 -21.47 37.11 -8.49
C ARG F 284 -20.34 36.69 -7.61
N LEU F 285 -19.10 36.98 -7.98
CA LEU F 285 -17.97 36.69 -7.11
C LEU F 285 -18.17 37.29 -5.71
N VAL F 286 -18.48 38.58 -5.65
CA VAL F 286 -18.56 39.25 -4.37
C VAL F 286 -19.76 38.73 -3.54
N THR F 287 -20.90 38.50 -4.19
CA THR F 287 -22.09 38.11 -3.48
C THR F 287 -22.05 36.66 -3.02
N SER F 288 -21.10 35.87 -3.51
CA SER F 288 -21.04 34.46 -3.13
C SER F 288 -20.93 34.26 -1.63
N PHE F 289 -20.55 35.30 -0.90
CA PHE F 289 -20.04 35.20 0.47
C PHE F 289 -20.92 35.96 1.41
N SER F 290 -21.12 35.42 2.60
CA SER F 290 -22.00 35.98 3.61
C SER F 290 -21.43 37.25 4.18
N GLY F 291 -22.23 37.93 4.98
CA GLY F 291 -21.90 39.26 5.48
C GLY F 291 -20.66 39.31 6.34
N GLU F 292 -20.46 38.33 7.21
CA GLU F 292 -19.37 38.41 8.19
C GLU F 292 -17.98 38.47 7.51
N GLU F 293 -17.83 37.65 6.47
CA GLU F 293 -16.58 37.53 5.77
C GLU F 293 -16.51 38.32 4.46
N ARG F 294 -17.60 38.99 4.11
CA ARG F 294 -17.77 39.44 2.73
C ARG F 294 -16.70 40.46 2.32
N LEU F 295 -16.34 41.34 3.24
CA LEU F 295 -15.53 42.50 2.84
C LEU F 295 -14.09 42.07 2.61
N GLY F 296 -13.44 41.46 3.61
CA GLY F 296 -12.17 40.83 3.38
C GLY F 296 -12.05 40.01 2.09
N ARG F 297 -13.02 39.19 1.81
CA ARG F 297 -12.97 38.39 0.62
C ARG F 297 -13.15 39.21 -0.63
N THR F 298 -13.90 40.31 -0.54
CA THR F 298 -13.92 41.29 -1.63
C THR F 298 -12.50 41.83 -1.87
N ILE F 299 -11.81 42.24 -0.82
CA ILE F 299 -10.47 42.74 -0.98
C ILE F 299 -9.59 41.68 -1.64
N ASP F 300 -9.67 40.45 -1.19
CA ASP F 300 -8.94 39.35 -1.79
C ASP F 300 -9.26 39.27 -3.28
N ILE F 301 -10.52 39.27 -3.61
CA ILE F 301 -10.93 39.15 -5.02
C ILE F 301 -10.32 40.27 -5.85
N LEU F 302 -10.50 41.51 -5.43
CA LEU F 302 -9.94 42.66 -6.16
C LEU F 302 -8.43 42.49 -6.32
N GLU F 303 -7.73 42.12 -5.26
CA GLU F 303 -6.30 41.95 -5.34
C GLU F 303 -5.90 40.87 -6.37
N THR F 304 -6.65 39.79 -6.41
CA THR F 304 -6.23 38.61 -7.15
C THR F 304 -6.61 38.65 -8.62
N ILE F 305 -7.75 39.22 -8.94
CA ILE F 305 -8.28 39.14 -10.31
C ILE F 305 -7.27 39.79 -11.27
N ARG F 306 -7.16 39.20 -12.46
CA ARG F 306 -6.24 39.71 -13.47
C ARG F 306 -6.87 39.99 -14.82
N LEU F 307 -8.00 39.37 -15.13
CA LEU F 307 -8.55 39.43 -16.48
C LEU F 307 -9.92 38.76 -16.48
N CYS F 308 -10.87 39.39 -17.16
CA CYS F 308 -12.22 38.84 -17.31
C CYS F 308 -12.64 38.95 -18.77
N ILE F 309 -13.04 37.82 -19.34
CA ILE F 309 -13.47 37.75 -20.72
C ILE F 309 -14.87 37.12 -20.73
N TRP F 310 -15.86 37.97 -20.99
CA TRP F 310 -17.22 37.52 -21.29
C TRP F 310 -17.37 37.42 -22.83
N GLN F 311 -17.86 36.28 -23.26
CA GLN F 311 -17.78 35.90 -24.67
C GLN F 311 -19.09 35.20 -25.04
N LYS F 312 -19.47 35.33 -26.32
CA LYS F 312 -20.76 34.92 -26.80
C LYS F 312 -20.62 34.53 -28.27
N LEU F 313 -21.29 33.46 -28.64
CA LEU F 313 -21.28 32.95 -30.02
C LEU F 313 -22.57 33.44 -30.72
N VAL F 314 -22.40 34.12 -31.83
CA VAL F 314 -23.52 34.67 -32.58
C VAL F 314 -23.45 34.19 -34.04
N PRO F 315 -24.60 33.91 -34.66
CA PRO F 315 -24.57 33.37 -36.01
C PRO F 315 -24.04 34.38 -37.04
N THR F 316 -23.44 33.84 -38.08
CA THR F 316 -22.77 34.60 -39.11
C THR F 316 -23.59 34.59 -40.40
N VAL F 317 -23.13 35.39 -41.36
CA VAL F 317 -23.73 35.36 -42.69
C VAL F 317 -23.56 33.98 -43.35
N ASP F 318 -22.42 33.35 -43.10
CA ASP F 318 -22.12 32.03 -43.63
C ASP F 318 -22.89 30.90 -42.99
N GLU F 319 -23.89 31.23 -42.13
CA GLU F 319 -24.58 30.27 -41.29
C GLU F 319 -23.66 29.40 -40.37
N ARG F 320 -22.47 29.95 -40.12
CA ARG F 320 -21.63 29.51 -39.03
C ARG F 320 -21.65 30.56 -37.92
N ARG F 321 -20.82 30.34 -36.91
CA ARG F 321 -20.87 31.14 -35.69
C ARG F 321 -19.55 31.87 -35.48
N VAL F 322 -19.64 33.04 -34.84
CA VAL F 322 -18.49 33.87 -34.56
C VAL F 322 -18.54 34.32 -33.11
N ALA F 323 -17.37 34.61 -32.55
CA ALA F 323 -17.21 34.96 -31.16
C ALA F 323 -17.12 36.48 -30.99
N LEU F 324 -18.09 37.05 -30.29
CA LEU F 324 -17.95 38.40 -29.78
C LEU F 324 -17.55 38.35 -28.33
N ARG F 325 -16.66 39.23 -27.91
CA ARG F 325 -16.15 39.26 -26.56
C ARG F 325 -16.13 40.71 -26.06
N GLU F 326 -16.75 40.91 -24.89
CA GLU F 326 -16.33 41.98 -23.97
C GLU F 326 -15.30 41.38 -22.93
N TYR F 327 -14.58 42.23 -22.30
CA TYR F 327 -13.56 41.91 -21.39
C TYR F 327 -13.01 43.12 -20.70
N LEU F 328 -12.43 42.95 -19.50
CA LEU F 328 -11.56 43.93 -18.90
C LEU F 328 -10.28 43.26 -18.44
N VAL F 329 -9.14 43.91 -18.68
CA VAL F 329 -7.88 43.50 -18.07
C VAL F 329 -7.68 44.29 -16.79
N PHE F 330 -7.50 43.59 -15.69
CA PHE F 330 -7.38 44.21 -14.37
C PHE F 330 -5.91 44.53 -14.11
N ASP F 331 -5.46 45.61 -14.75
CA ASP F 331 -4.12 46.16 -14.48
C ASP F 331 -3.93 46.41 -12.99
N GLU F 332 -2.70 46.55 -12.56
CA GLU F 332 -2.38 47.13 -11.27
C GLU F 332 -3.18 48.44 -11.03
N GLU F 333 -3.29 49.28 -12.06
CA GLU F 333 -3.95 50.53 -11.91
C GLU F 333 -5.45 50.37 -11.67
N VAL F 334 -6.10 49.59 -12.53
CA VAL F 334 -7.50 49.23 -12.29
C VAL F 334 -7.67 48.71 -10.85
N ARG F 335 -6.91 47.70 -10.50
CA ARG F 335 -7.04 47.10 -9.18
C ARG F 335 -6.93 48.15 -8.09
N ASP F 336 -5.98 49.07 -8.21
CA ASP F 336 -5.88 50.17 -7.26
C ASP F 336 -7.17 51.00 -7.22
N ILE F 337 -7.64 51.43 -8.38
CA ILE F 337 -8.90 52.16 -8.42
C ILE F 337 -9.97 51.43 -7.62
N LEU F 338 -10.09 50.12 -7.84
CA LEU F 338 -11.15 49.35 -7.20
C LEU F 338 -10.94 49.27 -5.69
N LEU F 339 -9.70 49.12 -5.26
CA LEU F 339 -9.43 48.93 -3.84
C LEU F 339 -9.59 50.23 -3.07
N GLU F 340 -9.19 51.35 -3.65
CA GLU F 340 -9.26 52.63 -2.96
C GLU F 340 -10.67 53.09 -2.72
N GLY F 341 -11.60 52.67 -3.58
CA GLY F 341 -13.00 53.02 -3.43
C GLY F 341 -13.74 52.10 -2.48
N ASP F 342 -15.02 52.37 -2.32
CA ASP F 342 -15.85 51.69 -1.36
C ASP F 342 -16.05 50.23 -1.90
N PRO F 343 -15.99 49.25 -1.00
CA PRO F 343 -16.39 47.91 -1.38
C PRO F 343 -17.86 47.81 -1.77
N ASN F 344 -18.73 48.56 -1.16
CA ASN F 344 -20.17 48.33 -1.28
C ASN F 344 -20.67 48.49 -2.71
N GLU F 345 -20.04 49.37 -3.49
CA GLU F 345 -20.46 49.66 -4.84
C GLU F 345 -19.29 49.46 -5.82
N VAL F 346 -18.64 48.32 -5.71
CA VAL F 346 -17.59 47.96 -6.68
C VAL F 346 -18.21 47.61 -8.02
N THR F 347 -19.38 47.05 -8.06
CA THR F 347 -20.04 46.63 -9.29
C THR F 347 -20.07 47.78 -10.29
N SER F 348 -20.71 48.88 -9.92
CA SER F 348 -20.78 50.05 -10.78
C SER F 348 -19.38 50.52 -11.20
N ALA F 349 -18.46 50.62 -10.25
CA ALA F 349 -17.08 50.93 -10.55
C ALA F 349 -16.54 50.09 -11.73
N THR F 350 -16.71 48.79 -11.62
CA THR F 350 -16.31 47.91 -12.73
C THR F 350 -17.06 48.26 -14.01
N ARG F 351 -18.35 48.57 -13.90
CA ARG F 351 -19.12 48.97 -15.07
C ARG F 351 -18.46 50.13 -15.79
N LYS F 352 -18.02 51.13 -15.04
CA LYS F 352 -17.29 52.25 -15.63
C LYS F 352 -15.98 51.80 -16.18
N LEU F 353 -15.24 50.94 -15.47
CA LEU F 353 -13.92 50.52 -15.89
C LEU F 353 -13.90 49.79 -17.22
N VAL F 354 -14.87 48.91 -17.43
CA VAL F 354 -15.07 48.28 -18.74
C VAL F 354 -15.18 49.34 -19.82
N ARG F 355 -15.94 50.43 -19.53
CA ARG F 355 -16.12 51.48 -20.51
C ARG F 355 -14.79 52.20 -20.80
N GLN F 356 -14.00 52.45 -19.73
CA GLN F 356 -12.81 53.26 -19.90
C GLN F 356 -11.59 52.45 -20.40
N LYS F 357 -11.35 51.32 -19.74
CA LYS F 357 -10.15 50.53 -20.00
C LYS F 357 -10.44 49.28 -20.83
N GLY F 358 -11.66 48.78 -20.80
CA GLY F 358 -11.99 47.58 -21.53
C GLY F 358 -12.77 47.84 -22.82
N GLN F 359 -13.35 46.79 -23.34
CA GLN F 359 -13.96 46.80 -24.67
C GLN F 359 -15.40 46.21 -24.54
N LEU F 360 -16.34 46.95 -25.06
CA LEU F 360 -17.74 46.63 -24.93
C LEU F 360 -18.15 45.59 -25.94
N MET F 361 -19.12 44.75 -25.54
CA MET F 361 -19.70 43.80 -26.49
C MET F 361 -20.23 44.51 -27.74
N THR F 362 -20.93 45.61 -27.53
CA THR F 362 -21.51 46.34 -28.65
C THR F 362 -20.43 46.80 -29.62
N TRP F 363 -19.27 47.22 -29.13
CA TRP F 363 -18.20 47.63 -30.00
C TRP F 363 -17.73 46.49 -30.90
N ASP F 364 -17.41 45.34 -30.29
CA ASP F 364 -17.03 44.18 -31.06
C ASP F 364 -18.10 43.83 -32.12
N ALA F 365 -19.38 43.89 -31.70
CA ALA F 365 -20.44 43.62 -32.63
C ALA F 365 -20.41 44.59 -33.80
N LYS F 366 -20.18 45.87 -33.54
CA LYS F 366 -20.14 46.86 -34.60
C LYS F 366 -19.00 46.58 -35.53
N MET F 367 -17.80 46.31 -34.99
CA MET F 367 -16.67 45.94 -35.83
C MET F 367 -17.02 44.78 -36.74
N LYS F 368 -17.56 43.71 -36.16
CA LYS F 368 -17.91 42.54 -36.95
C LYS F 368 -18.94 42.89 -38.05
N PHE F 369 -19.88 43.75 -37.73
CA PHE F 369 -20.89 44.13 -38.70
C PHE F 369 -20.29 44.90 -39.85
N GLU F 370 -19.46 45.91 -39.55
CA GLU F 370 -18.73 46.61 -40.60
C GLU F 370 -17.90 45.63 -41.46
N GLN F 371 -17.34 44.63 -40.82
CA GLN F 371 -16.60 43.61 -41.56
C GLN F 371 -17.51 42.66 -42.34
N GLY F 372 -18.80 42.71 -42.10
CA GLY F 372 -19.74 41.85 -42.80
C GLY F 372 -19.88 40.46 -42.24
N ILE F 373 -19.31 40.20 -41.07
CA ILE F 373 -19.32 38.84 -40.51
C ILE F 373 -20.68 38.49 -39.93
N ILE F 374 -21.34 39.47 -39.28
CA ILE F 374 -22.64 39.24 -38.66
C ILE F 374 -23.69 40.03 -39.41
N SER F 375 -24.94 39.58 -39.32
CA SER F 375 -26.05 40.27 -39.94
C SER F 375 -26.38 41.56 -39.21
N GLU F 376 -27.03 42.47 -39.92
CA GLU F 376 -27.54 43.70 -39.34
C GLU F 376 -28.48 43.40 -38.16
N ARG F 377 -29.44 42.49 -38.38
CA ARG F 377 -30.39 42.14 -37.35
C ARG F 377 -29.67 41.74 -36.05
N VAL F 378 -28.66 40.89 -36.17
CA VAL F 378 -27.98 40.37 -34.99
C VAL F 378 -27.30 41.52 -34.24
N TYR F 379 -26.49 42.30 -34.94
CA TYR F 379 -25.98 43.53 -34.39
C TYR F 379 -27.04 44.33 -33.61
N LYS F 380 -28.13 44.66 -34.26
CA LYS F 380 -29.22 45.35 -33.59
C LYS F 380 -29.61 44.67 -32.28
N LEU F 381 -29.71 43.34 -32.31
CA LEU F 381 -30.06 42.61 -31.10
C LEU F 381 -29.05 42.86 -29.99
N ILE F 382 -27.76 42.68 -30.29
CA ILE F 382 -26.73 42.93 -29.31
C ILE F 382 -26.84 44.35 -28.73
N ILE F 383 -27.04 45.32 -29.59
CA ILE F 383 -27.27 46.69 -29.15
C ILE F 383 -28.44 46.73 -28.14
N ALA F 384 -29.53 46.05 -28.47
CA ALA F 384 -30.69 46.05 -27.61
C ALA F 384 -30.37 45.48 -26.24
N GLY F 385 -29.60 44.39 -26.20
CA GLY F 385 -29.03 43.93 -24.95
C GLY F 385 -28.11 44.89 -24.28
N ALA F 386 -27.53 45.87 -25.01
CA ALA F 386 -26.56 46.78 -24.49
C ALA F 386 -26.78 47.25 -23.04
N LYS F 387 -27.96 47.84 -22.81
CA LYS F 387 -28.16 48.53 -21.53
C LYS F 387 -29.47 49.27 -21.46
N ASP G 18 9.72 -48.01 -62.22
CA ASP G 18 10.69 -48.90 -61.53
C ASP G 18 10.90 -48.42 -60.10
N ASN G 19 9.98 -48.78 -59.22
CA ASN G 19 9.99 -48.26 -57.84
C ASN G 19 10.99 -48.97 -56.95
N ILE G 20 11.17 -50.28 -57.13
CA ILE G 20 11.89 -51.11 -56.19
C ILE G 20 12.34 -52.37 -56.89
N ASN G 21 13.40 -52.99 -56.39
CA ASN G 21 14.01 -54.17 -56.99
C ASN G 21 14.19 -55.26 -55.97
N LEU G 22 13.70 -56.44 -56.26
CA LEU G 22 13.90 -57.61 -55.41
C LEU G 22 15.17 -58.29 -55.67
N MET G 23 15.69 -58.96 -54.66
CA MET G 23 16.93 -59.74 -54.76
C MET G 23 16.49 -60.99 -55.51
N PRO G 24 17.45 -61.68 -56.15
CA PRO G 24 16.99 -62.93 -56.77
C PRO G 24 16.92 -64.05 -55.75
N ASP G 25 15.94 -64.90 -55.91
CA ASP G 25 15.74 -66.09 -55.08
C ASP G 25 15.87 -65.94 -53.56
N GLU G 26 15.02 -65.10 -53.01
CA GLU G 26 14.88 -64.87 -51.63
C GLU G 26 14.54 -66.21 -50.96
N PRO G 27 15.20 -66.51 -49.84
CA PRO G 27 14.94 -67.74 -49.17
C PRO G 27 13.60 -67.77 -48.45
N THR G 28 13.15 -68.98 -48.13
CA THR G 28 11.92 -69.17 -47.39
C THR G 28 12.07 -68.58 -46.01
N ARG G 29 13.14 -68.90 -45.30
CA ARG G 29 13.42 -68.29 -44.00
C ARG G 29 14.84 -67.75 -44.05
N PHE G 30 15.04 -66.55 -43.54
CA PHE G 30 16.27 -65.79 -43.82
C PHE G 30 17.33 -66.19 -42.80
N THR G 31 18.46 -66.71 -43.32
CA THR G 31 19.52 -67.24 -42.50
C THR G 31 20.82 -66.49 -42.79
N PRO G 32 21.72 -66.45 -41.78
CA PRO G 32 22.95 -65.71 -41.95
C PRO G 32 23.67 -65.90 -43.27
N VAL G 33 23.67 -67.11 -43.79
CA VAL G 33 24.27 -67.37 -45.09
C VAL G 33 23.59 -66.50 -46.15
N PHE G 34 22.27 -66.44 -46.12
CA PHE G 34 21.53 -65.66 -47.09
C PHE G 34 21.72 -64.17 -46.88
N MET G 35 22.08 -63.74 -45.68
CA MET G 35 22.30 -62.33 -45.42
C MET G 35 23.47 -61.80 -46.25
N ASP G 36 24.50 -62.58 -46.42
CA ASP G 36 25.65 -62.20 -47.24
C ASP G 36 25.22 -62.03 -48.68
N ARG G 37 24.43 -62.94 -49.20
CA ARG G 37 23.94 -62.84 -50.56
C ARG G 37 23.07 -61.62 -50.72
N MET G 38 22.14 -61.39 -49.81
CA MET G 38 21.36 -60.17 -49.80
C MET G 38 22.21 -58.92 -49.84
N LEU G 39 23.28 -58.93 -49.04
CA LEU G 39 24.19 -57.79 -49.04
C LEU G 39 24.87 -57.62 -50.40
N GLU G 40 25.27 -58.72 -51.01
CA GLU G 40 25.79 -58.67 -52.37
C GLU G 40 24.79 -57.99 -53.29
N HIS G 41 23.53 -58.41 -53.22
CA HIS G 41 22.51 -57.78 -54.05
C HIS G 41 22.46 -56.28 -53.80
N ALA G 42 22.47 -55.87 -52.53
CA ALA G 42 22.38 -54.47 -52.23
C ALA G 42 23.56 -53.68 -52.80
N GLU G 43 24.76 -54.20 -52.63
CA GLU G 43 25.95 -53.54 -53.18
C GLU G 43 25.85 -53.44 -54.70
N SER G 44 25.40 -54.51 -55.35
CA SER G 44 25.15 -54.44 -56.78
C SER G 44 24.21 -53.30 -57.11
N LEU G 45 23.29 -52.96 -56.23
CA LEU G 45 22.44 -51.80 -56.41
C LEU G 45 23.10 -50.49 -55.99
N ASN G 46 24.29 -50.54 -55.39
CA ASN G 46 24.95 -49.38 -54.86
C ASN G 46 24.16 -48.75 -53.70
N ALA G 47 23.81 -49.61 -52.77
CA ALA G 47 23.13 -49.14 -51.54
C ALA G 47 24.16 -48.57 -50.58
N SER G 48 23.84 -47.48 -49.94
CA SER G 48 24.63 -46.99 -48.80
C SER G 48 24.27 -47.75 -47.52
N ASP G 49 22.98 -48.07 -47.36
CA ASP G 49 22.44 -48.55 -46.11
C ASP G 49 21.44 -49.66 -46.37
N ILE G 50 21.39 -50.63 -45.46
CA ILE G 50 20.40 -51.69 -45.47
C ILE G 50 19.75 -51.73 -44.08
N THR G 51 18.42 -51.65 -44.05
CA THR G 51 17.72 -51.75 -42.79
C THR G 51 16.83 -52.96 -42.81
N ILE G 52 16.99 -53.82 -41.82
CA ILE G 52 16.17 -54.98 -41.62
C ILE G 52 15.34 -54.80 -40.37
N GLN G 53 14.02 -54.98 -40.52
CA GLN G 53 13.11 -54.81 -39.38
C GLN G 53 12.11 -55.97 -39.39
N THR G 54 11.68 -56.35 -38.20
CA THR G 54 10.65 -57.35 -38.06
C THR G 54 9.33 -56.79 -38.59
N GLY G 55 8.50 -57.68 -39.13
CA GLY G 55 7.25 -57.29 -39.73
C GLY G 55 7.36 -56.41 -40.96
N GLU G 56 8.57 -56.28 -41.51
CA GLU G 56 8.81 -55.42 -42.65
C GLU G 56 9.78 -56.11 -43.58
N PRO G 57 9.70 -55.80 -44.89
CA PRO G 57 10.73 -56.28 -45.81
C PRO G 57 12.06 -55.60 -45.57
N ILE G 58 13.11 -56.19 -46.13
CA ILE G 58 14.44 -55.59 -46.05
C ILE G 58 14.46 -54.39 -47.02
N PHE G 59 14.97 -53.27 -46.51
CA PHE G 59 15.07 -52.05 -47.29
C PHE G 59 16.53 -51.74 -47.57
N ALA G 60 16.77 -51.19 -48.77
CA ALA G 60 18.08 -50.64 -49.12
C ALA G 60 17.89 -49.19 -49.54
N GLU G 61 18.82 -48.35 -49.12
CA GLU G 61 18.87 -46.94 -49.50
C GLU G 61 19.87 -46.82 -50.64
N VAL G 62 19.36 -46.66 -51.87
CA VAL G 62 20.17 -46.42 -53.03
C VAL G 62 19.99 -44.96 -53.42
N TYR G 63 21.09 -44.19 -53.32
CA TYR G 63 21.01 -42.74 -53.55
C TYR G 63 19.99 -42.17 -52.60
N GLY G 64 19.16 -41.24 -53.05
CA GLY G 64 18.08 -40.74 -52.20
C GLY G 64 17.05 -41.82 -51.74
N ARG G 65 16.89 -42.81 -52.57
CA ARG G 65 15.66 -43.61 -52.54
C ARG G 65 15.79 -44.77 -51.55
N LEU G 66 14.65 -45.18 -51.05
CA LEU G 66 14.55 -46.37 -50.21
C LEU G 66 13.70 -47.33 -51.04
N LEU G 67 14.25 -48.52 -51.31
CA LEU G 67 13.59 -49.52 -52.09
C LEU G 67 13.62 -50.85 -51.36
N LYS G 68 12.56 -51.66 -51.57
CA LYS G 68 12.48 -52.98 -50.99
C LYS G 68 13.40 -53.94 -51.77
N ILE G 69 14.24 -54.67 -51.02
CA ILE G 69 15.05 -55.72 -51.61
C ILE G 69 14.41 -57.10 -51.49
N THR G 70 13.32 -57.22 -50.74
CA THR G 70 12.74 -58.51 -50.44
C THR G 70 11.22 -58.41 -50.47
N ASN G 71 10.57 -59.46 -50.94
CA ASN G 71 9.12 -59.48 -51.00
C ASN G 71 8.47 -59.81 -49.67
N ARG G 72 9.15 -60.58 -48.84
CA ARG G 72 8.56 -61.10 -47.60
C ARG G 72 8.87 -60.19 -46.42
N ARG G 73 7.97 -60.16 -45.46
CA ARG G 73 8.22 -59.52 -44.17
C ARG G 73 8.97 -60.49 -43.25
N LEU G 74 10.07 -60.01 -42.70
CA LEU G 74 10.89 -60.85 -41.84
C LEU G 74 10.28 -60.97 -40.44
N SER G 75 10.51 -62.11 -39.83
CA SER G 75 9.97 -62.41 -38.51
C SER G 75 10.96 -62.01 -37.43
N ASN G 76 10.44 -61.78 -36.24
CA ASN G 76 11.29 -61.43 -35.11
C ASN G 76 12.40 -62.44 -34.89
N THR G 77 12.06 -63.72 -35.02
CA THR G 77 13.06 -64.78 -34.80
C THR G 77 14.17 -64.71 -35.85
N GLU G 78 13.80 -64.46 -37.11
CA GLU G 78 14.82 -64.24 -38.14
C GLU G 78 15.79 -63.15 -37.75
N LEU G 79 15.26 -61.98 -37.42
CA LEU G 79 16.11 -60.85 -37.06
C LEU G 79 17.01 -61.20 -35.88
N GLY G 80 16.42 -61.77 -34.83
CA GLY G 80 17.21 -62.25 -33.70
C GLY G 80 18.37 -63.15 -34.13
N ASP G 81 18.08 -64.08 -35.02
CA ASP G 81 19.14 -64.96 -35.55
C ASP G 81 20.22 -64.16 -36.24
N LEU G 82 19.85 -63.25 -37.14
CA LEU G 82 20.82 -62.40 -37.81
C LEU G 82 21.72 -61.68 -36.80
N ILE G 83 21.11 -61.00 -35.85
CA ILE G 83 21.88 -60.17 -34.92
C ILE G 83 22.79 -61.06 -34.06
N ASN G 84 22.26 -62.16 -33.54
CA ASN G 84 23.09 -63.11 -32.83
C ASN G 84 24.31 -63.55 -33.66
N SER G 85 24.07 -63.81 -34.95
CA SER G 85 25.18 -64.17 -35.82
C SER G 85 26.20 -63.04 -35.94
N ILE G 86 25.73 -61.80 -36.05
CA ILE G 86 26.63 -60.69 -36.27
C ILE G 86 27.41 -60.33 -34.99
N TYR G 87 26.75 -60.43 -33.84
CA TYR G 87 27.30 -59.95 -32.58
C TYR G 87 27.67 -61.06 -31.65
N GLY G 88 26.67 -61.69 -31.04
CA GLY G 88 26.91 -62.87 -30.22
C GLY G 88 25.63 -63.54 -29.84
N PRO G 89 25.73 -64.77 -29.30
CA PRO G 89 24.51 -65.44 -28.81
C PRO G 89 23.65 -64.58 -27.87
N ASN G 90 24.30 -63.77 -27.04
CA ASN G 90 23.57 -62.96 -26.06
C ASN G 90 23.06 -61.62 -26.59
N ALA G 91 23.21 -61.37 -27.88
CA ALA G 91 22.79 -60.09 -28.44
C ALA G 91 21.31 -59.86 -28.25
N THR G 92 20.49 -60.87 -28.52
CA THR G 92 19.06 -60.76 -28.31
C THR G 92 18.75 -60.39 -26.87
N THR G 93 19.25 -61.16 -25.93
CA THR G 93 19.05 -60.85 -24.52
C THR G 93 19.50 -59.42 -24.20
N GLN G 94 20.60 -58.98 -24.80
CA GLN G 94 21.06 -57.61 -24.58
C GLN G 94 20.01 -56.60 -25.05
N LEU G 95 19.43 -56.83 -26.21
CA LEU G 95 18.39 -55.95 -26.69
C LEU G 95 17.19 -55.94 -25.75
N LEU G 96 16.79 -57.13 -25.30
CA LEU G 96 15.64 -57.23 -24.41
C LEU G 96 15.91 -56.59 -23.07
N SER G 97 17.17 -56.44 -22.69
CA SER G 97 17.51 -55.72 -21.46
C SER G 97 17.11 -54.25 -21.52
N GLY G 98 16.98 -53.70 -22.73
CA GLY G 98 16.90 -52.28 -22.92
C GLY G 98 18.21 -51.61 -23.26
N LYS G 99 19.13 -52.33 -23.88
CA LYS G 99 20.33 -51.75 -24.45
C LYS G 99 20.28 -51.88 -25.97
N ASP G 100 21.22 -51.21 -26.63
CA ASP G 100 21.38 -51.33 -28.06
C ASP G 100 22.79 -51.91 -28.34
N ILE G 101 22.90 -52.49 -29.53
CA ILE G 101 24.10 -53.11 -30.01
C ILE G 101 24.71 -52.25 -31.13
N ASP G 102 26.00 -51.98 -31.01
CA ASP G 102 26.77 -51.33 -32.06
C ASP G 102 28.04 -52.13 -32.31
N THR G 103 28.28 -52.47 -33.56
CA THR G 103 29.38 -53.35 -33.92
C THR G 103 29.74 -53.09 -35.39
N HIS G 104 30.65 -53.93 -35.89
CA HIS G 104 30.93 -54.02 -37.31
C HIS G 104 30.72 -55.44 -37.81
N TYR G 105 30.47 -55.55 -39.11
CA TYR G 105 30.30 -56.81 -39.79
C TYR G 105 31.15 -56.84 -41.03
N GLU G 106 32.00 -57.87 -41.16
CA GLU G 106 32.74 -58.14 -42.36
C GLU G 106 32.30 -59.45 -43.01
N PHE G 107 32.36 -59.49 -44.32
CA PHE G 107 32.23 -60.77 -45.05
C PHE G 107 32.80 -60.58 -46.44
N ARG G 108 33.66 -61.50 -46.85
CA ARG G 108 34.16 -61.50 -48.23
C ARG G 108 33.33 -62.51 -49.04
N PRO G 109 32.58 -62.03 -50.06
CA PRO G 109 31.99 -62.99 -51.00
C PRO G 109 33.05 -63.74 -51.79
N ASN G 110 34.02 -63.01 -52.36
CA ASN G 110 35.22 -63.62 -52.89
C ASN G 110 36.42 -63.25 -52.02
N ARG G 111 37.28 -64.22 -51.76
CA ARG G 111 38.54 -63.95 -51.06
C ARG G 111 39.34 -62.80 -51.66
N GLY G 112 39.15 -62.53 -52.96
CA GLY G 112 39.61 -61.26 -53.52
C GLY G 112 39.08 -60.01 -52.84
N VAL G 113 37.86 -60.08 -52.32
CA VAL G 113 37.16 -58.90 -51.83
C VAL G 113 36.77 -59.10 -50.37
N ARG G 114 36.55 -57.99 -49.70
CA ARG G 114 35.90 -58.01 -48.36
C ARG G 114 34.93 -56.86 -48.31
N TYR G 115 33.71 -57.12 -47.84
CA TYR G 115 32.71 -56.09 -47.61
C TYR G 115 32.59 -55.84 -46.12
N ARG G 116 32.54 -54.55 -45.76
CA ARG G 116 32.50 -54.12 -44.37
C ARG G 116 31.30 -53.24 -44.11
N TYR G 117 30.80 -53.27 -42.89
CA TYR G 117 29.60 -52.56 -42.51
C TYR G 117 29.70 -52.14 -41.05
N ARG G 118 29.18 -50.98 -40.74
CA ARG G 118 28.87 -50.58 -39.37
C ARG G 118 27.43 -51.00 -39.08
N VAL G 119 27.23 -51.83 -38.08
CA VAL G 119 25.94 -52.43 -37.78
C VAL G 119 25.45 -51.89 -36.44
N ASN G 120 24.15 -51.56 -36.37
CA ASN G 120 23.54 -51.15 -35.12
C ASN G 120 22.18 -51.82 -35.04
N ALA G 121 21.95 -52.58 -33.97
CA ALA G 121 20.68 -53.19 -33.69
C ALA G 121 20.06 -52.54 -32.48
N THR G 122 18.77 -52.22 -32.57
CA THR G 122 18.05 -51.59 -31.48
C THR G 122 16.71 -52.24 -31.32
N ALA G 123 16.23 -52.29 -30.07
CA ALA G 123 14.91 -52.81 -29.78
C ALA G 123 13.83 -51.75 -30.06
N CYS G 124 12.75 -52.19 -30.71
CA CYS G 124 11.61 -51.34 -30.94
C CYS G 124 10.34 -52.16 -30.67
N LEU G 125 9.18 -51.53 -30.89
CA LEU G 125 7.92 -52.19 -30.82
C LEU G 125 7.34 -52.33 -32.20
N VAL G 126 7.02 -53.54 -32.58
CA VAL G 126 6.33 -53.83 -33.82
C VAL G 126 5.18 -54.59 -33.44
N GLU G 127 4.02 -54.23 -34.01
CA GLU G 127 2.71 -54.89 -33.67
C GLU G 127 2.64 -54.74 -32.12
N GLY G 128 2.40 -55.82 -31.45
CA GLY G 128 2.28 -55.74 -30.00
C GLY G 128 3.44 -56.28 -29.24
N HIS G 129 4.52 -56.71 -29.89
CA HIS G 129 5.62 -57.33 -29.16
C HIS G 129 6.95 -56.66 -29.37
N ASP G 130 7.83 -56.84 -28.43
CA ASP G 130 9.22 -56.39 -28.53
C ASP G 130 9.86 -57.02 -29.78
N ALA G 131 10.61 -56.21 -30.52
CA ALA G 131 11.17 -56.62 -31.78
C ALA G 131 12.49 -55.90 -32.02
N ILE G 132 13.15 -56.22 -33.12
CA ILE G 132 14.49 -55.79 -33.39
C ILE G 132 14.58 -55.09 -34.73
N GLN G 133 15.43 -54.08 -34.80
CA GLN G 133 15.75 -53.41 -36.03
C GLN G 133 17.23 -53.31 -36.16
N ILE G 134 17.78 -53.87 -37.23
CA ILE G 134 19.22 -53.87 -37.53
C ILE G 134 19.45 -52.95 -38.70
N THR G 135 20.58 -52.23 -38.68
CA THR G 135 20.96 -51.32 -39.73
C THR G 135 22.43 -51.44 -40.05
N LEU G 136 22.73 -51.72 -41.30
CA LEU G 136 24.10 -51.86 -41.80
C LEU G 136 24.39 -50.69 -42.71
N ARG G 137 25.44 -49.92 -42.38
CA ARG G 137 25.91 -48.82 -43.21
C ARG G 137 27.27 -49.19 -43.82
N THR G 138 27.42 -48.91 -45.10
CA THR G 138 28.61 -49.30 -45.82
C THR G 138 29.83 -48.53 -45.29
N ILE G 139 30.97 -49.21 -45.30
CA ILE G 139 32.24 -48.59 -44.96
C ILE G 139 33.11 -48.44 -46.23
N PRO G 140 33.27 -47.17 -46.71
CA PRO G 140 34.11 -47.00 -47.88
C PRO G 140 35.57 -47.20 -47.47
N THR G 141 36.27 -48.10 -48.14
CA THR G 141 37.60 -48.45 -47.71
C THR G 141 38.66 -47.55 -48.37
N THR G 142 38.50 -47.26 -49.66
CA THR G 142 39.57 -46.81 -50.50
C THR G 142 39.13 -45.52 -51.21
N PRO G 143 39.89 -44.43 -51.05
CA PRO G 143 39.52 -43.18 -51.68
C PRO G 143 39.30 -43.34 -53.16
N PRO G 144 38.24 -42.70 -53.71
CA PRO G 144 38.14 -42.64 -55.15
C PRO G 144 39.26 -41.80 -55.66
N LYS G 145 39.63 -41.98 -56.95
CA LYS G 145 40.68 -41.11 -57.51
C LYS G 145 40.12 -39.67 -57.62
N LEU G 146 40.95 -38.70 -57.39
CA LEU G 146 40.53 -37.33 -57.37
C LEU G 146 39.98 -36.78 -58.67
N SER G 147 40.59 -37.23 -59.75
CA SER G 147 40.09 -36.90 -61.11
C SER G 147 38.60 -37.34 -61.26
N THR G 148 38.22 -38.31 -60.46
CA THR G 148 36.89 -38.80 -60.41
C THR G 148 35.88 -37.74 -59.99
N MET G 149 36.30 -36.86 -59.12
CA MET G 149 35.42 -35.82 -58.56
C MET G 149 34.94 -34.82 -59.56
N ASN G 150 35.71 -34.59 -60.59
CA ASN G 150 35.36 -33.60 -61.65
C ASN G 150 35.40 -32.19 -61.18
N LEU G 151 36.26 -31.87 -60.22
CA LEU G 151 36.41 -30.53 -59.72
C LEU G 151 37.01 -29.62 -60.78
N PRO G 152 36.47 -28.39 -60.94
CA PRO G 152 37.17 -27.50 -61.91
C PRO G 152 38.63 -27.29 -61.48
N ASP G 153 39.49 -26.92 -62.41
CA ASP G 153 40.89 -26.74 -62.12
C ASP G 153 41.19 -25.63 -61.11
N ASN G 154 40.38 -24.57 -61.22
CA ASN G 154 40.49 -23.45 -60.31
C ASN G 154 40.55 -23.98 -58.85
N ILE G 155 39.91 -25.12 -58.65
CA ILE G 155 39.98 -25.73 -57.36
C ILE G 155 41.26 -26.47 -57.16
N ILE G 156 41.46 -27.46 -57.99
CA ILE G 156 42.64 -28.34 -57.92
C ILE G 156 43.95 -27.55 -57.64
N GLU G 157 44.02 -26.34 -58.19
CA GLU G 157 45.14 -25.48 -57.88
C GLU G 157 45.20 -25.07 -56.40
N ALA G 158 44.07 -24.97 -55.77
CA ALA G 158 43.96 -24.46 -54.39
C ALA G 158 43.84 -25.57 -53.38
N ILE G 159 43.86 -26.83 -53.78
CA ILE G 159 43.77 -27.90 -52.80
C ILE G 159 45.09 -28.25 -52.14
N ALA G 160 46.18 -27.61 -52.55
CA ALA G 160 47.49 -27.87 -52.02
C ALA G 160 48.17 -26.68 -51.43
N PRO G 161 47.51 -26.00 -50.44
CA PRO G 161 48.23 -24.84 -49.87
C PRO G 161 49.35 -25.29 -48.98
N GLN G 162 50.40 -24.47 -48.89
CA GLN G 162 51.49 -24.72 -47.95
C GLN G 162 50.96 -24.63 -46.51
N GLU G 163 50.11 -23.66 -46.23
CA GLU G 163 49.57 -23.48 -44.90
C GLU G 163 48.18 -22.84 -45.05
N GLY G 164 47.44 -22.89 -43.95
CA GLY G 164 46.07 -22.44 -43.94
C GLY G 164 45.07 -23.55 -43.90
N ILE G 165 43.80 -23.19 -44.06
CA ILE G 165 42.67 -24.05 -43.76
C ILE G 165 41.87 -24.23 -45.04
N VAL G 166 41.46 -25.48 -45.31
CA VAL G 166 40.55 -25.80 -46.39
C VAL G 166 39.27 -26.37 -45.78
N PHE G 167 38.14 -25.76 -46.12
CA PHE G 167 36.86 -26.16 -45.57
C PHE G 167 36.01 -26.81 -46.67
N ILE G 168 35.56 -28.05 -46.43
CA ILE G 168 34.53 -28.68 -47.19
C ILE G 168 33.27 -28.76 -46.35
N THR G 169 32.24 -28.05 -46.77
CA THR G 169 31.01 -27.98 -45.93
C THR G 169 29.83 -28.49 -46.66
N GLY G 170 28.87 -28.97 -45.91
CA GLY G 170 27.61 -29.46 -46.47
C GLY G 170 26.96 -30.38 -45.54
N ALA G 171 25.68 -30.63 -45.74
CA ALA G 171 24.92 -31.55 -44.86
C ALA G 171 25.57 -32.89 -44.76
N THR G 172 25.42 -33.58 -43.67
CA THR G 172 25.89 -34.97 -43.53
C THR G 172 25.29 -35.83 -44.62
N GLY G 173 26.11 -36.70 -45.20
CA GLY G 173 25.71 -37.47 -46.36
C GLY G 173 25.87 -36.77 -47.70
N SER G 174 26.57 -35.65 -47.75
CA SER G 174 26.94 -34.99 -48.99
C SER G 174 28.30 -35.40 -49.51
N GLY G 175 28.88 -36.46 -48.93
CA GLY G 175 30.20 -36.95 -49.38
C GLY G 175 31.28 -35.88 -49.26
N LYS G 176 31.37 -35.33 -48.07
CA LYS G 176 32.52 -34.44 -47.77
C LYS G 176 33.74 -35.30 -47.38
N SER G 177 33.52 -36.22 -46.43
CA SER G 177 34.54 -37.20 -46.09
C SER G 177 35.14 -37.83 -47.36
N THR G 178 34.30 -38.25 -48.29
CA THR G 178 34.77 -38.81 -49.54
C THR G 178 35.76 -37.87 -50.24
N LEU G 179 35.33 -36.64 -50.47
CA LEU G 179 36.17 -35.69 -51.19
C LEU G 179 37.50 -35.48 -50.47
N LEU G 180 37.44 -35.19 -49.20
CA LEU G 180 38.68 -35.05 -48.40
C LEU G 180 39.61 -36.24 -48.56
N ALA G 181 39.06 -37.44 -48.44
CA ALA G 181 39.89 -38.64 -48.61
C ALA G 181 40.52 -38.65 -49.99
N SER G 182 39.75 -38.25 -51.02
CA SER G 182 40.30 -38.21 -52.36
C SER G 182 41.48 -37.23 -52.47
N ILE G 183 41.32 -36.03 -51.87
CA ILE G 183 42.41 -35.09 -51.87
C ILE G 183 43.62 -35.74 -51.20
N ILE G 184 43.39 -36.42 -50.09
CA ILE G 184 44.47 -37.03 -49.38
C ILE G 184 45.21 -38.02 -50.25
N ARG G 185 44.44 -38.85 -50.97
CA ARG G 185 45.05 -39.85 -51.82
C ARG G 185 45.91 -39.15 -52.86
N GLU G 186 45.36 -38.10 -53.47
CA GLU G 186 46.08 -37.39 -54.48
C GLU G 186 47.35 -36.78 -53.89
N LEU G 187 47.25 -36.16 -52.73
CA LEU G 187 48.39 -35.56 -52.12
C LEU G 187 49.41 -36.57 -51.63
N ILE G 188 48.91 -37.67 -51.15
CA ILE G 188 49.77 -38.71 -50.62
C ILE G 188 50.46 -39.62 -51.62
N GLU G 189 49.73 -40.03 -52.64
CA GLU G 189 50.23 -41.07 -53.56
C GLU G 189 51.34 -40.62 -54.49
N THR G 190 51.24 -39.37 -55.00
CA THR G 190 52.23 -38.90 -55.94
C THR G 190 53.65 -39.03 -55.33
N SER G 191 54.61 -39.05 -56.17
CA SER G 191 56.00 -39.16 -55.81
C SER G 191 56.63 -37.85 -55.49
N ASP G 192 57.73 -37.95 -54.71
CA ASP G 192 58.49 -36.75 -54.26
C ASP G 192 57.65 -35.79 -53.42
N SER G 193 56.48 -36.23 -52.97
CA SER G 193 55.58 -35.46 -52.18
C SER G 193 55.62 -36.14 -50.82
N ASN G 194 56.55 -35.70 -50.00
CA ASN G 194 56.79 -36.34 -48.71
C ASN G 194 55.91 -35.65 -47.72
N ARG G 195 54.85 -36.28 -47.26
CA ARG G 195 53.92 -35.71 -46.33
C ARG G 195 53.58 -36.62 -45.20
N LYS G 196 53.77 -36.14 -43.97
CA LYS G 196 53.31 -36.89 -42.79
C LYS G 196 51.89 -36.38 -42.62
N VAL G 197 50.92 -37.26 -42.63
CA VAL G 197 49.52 -36.90 -42.53
C VAL G 197 48.92 -37.43 -41.26
N LEU G 198 48.20 -36.57 -40.55
CA LEU G 198 47.49 -36.97 -39.34
C LEU G 198 46.03 -36.59 -39.51
N THR G 199 45.14 -37.57 -39.39
CA THR G 199 43.72 -37.38 -39.45
C THR G 199 43.10 -37.72 -38.09
N TYR G 200 41.99 -37.05 -37.75
CA TYR G 200 41.24 -37.37 -36.56
C TYR G 200 39.79 -37.51 -36.87
N GLU G 201 39.12 -38.65 -36.59
CA GLU G 201 37.71 -38.80 -36.91
C GLU G 201 36.84 -39.44 -35.83
N SER G 202 35.60 -39.03 -35.65
CA SER G 202 34.78 -39.68 -34.64
C SER G 202 34.75 -41.13 -35.16
N PRO G 203 34.14 -41.30 -36.37
CA PRO G 203 34.15 -42.69 -36.83
C PRO G 203 35.04 -42.75 -38.07
N ILE G 204 36.01 -43.59 -38.10
CA ILE G 204 36.90 -43.68 -39.25
C ILE G 204 36.16 -44.30 -40.43
N GLU G 205 36.20 -43.64 -41.59
CA GLU G 205 35.56 -44.20 -42.75
C GLU G 205 36.55 -44.71 -43.81
N PHE G 206 37.50 -43.86 -44.18
CA PHE G 206 38.43 -44.17 -45.25
C PHE G 206 39.80 -44.52 -44.66
N VAL G 207 40.41 -45.56 -45.20
CA VAL G 207 41.75 -45.97 -44.81
C VAL G 207 42.66 -45.94 -46.04
N TYR G 208 43.97 -45.81 -45.80
CA TYR G 208 44.91 -45.61 -46.87
C TYR G 208 45.95 -46.74 -46.99
N ASP G 209 45.71 -47.87 -46.41
CA ASP G 209 46.67 -48.97 -46.51
C ASP G 209 46.88 -49.45 -47.97
N GLU G 210 45.77 -49.50 -48.72
CA GLU G 210 45.83 -50.00 -50.07
C GLU G 210 46.59 -49.09 -51.04
N ILE G 211 46.47 -47.82 -50.82
CA ILE G 211 47.24 -46.84 -51.62
C ILE G 211 48.74 -47.06 -51.35
N GLU G 212 49.51 -47.20 -52.43
CA GLU G 212 50.93 -47.44 -52.32
C GLU G 212 51.63 -46.09 -52.30
N THR G 213 52.50 -45.88 -51.30
CA THR G 213 53.12 -44.61 -51.07
C THR G 213 54.63 -44.76 -51.11
N ILE G 214 55.29 -43.63 -51.47
CA ILE G 214 56.75 -43.60 -51.47
C ILE G 214 57.26 -42.84 -50.24
N SER G 215 56.82 -41.63 -50.09
CA SER G 215 57.32 -40.72 -49.09
C SER G 215 56.17 -40.10 -48.30
N ALA G 216 55.33 -40.97 -47.79
CA ALA G 216 54.14 -40.51 -47.04
C ALA G 216 53.83 -41.41 -45.89
N VAL G 217 53.33 -40.84 -44.80
CA VAL G 217 52.79 -41.61 -43.69
C VAL G 217 51.43 -41.06 -43.35
N VAL G 218 50.49 -41.95 -43.09
CA VAL G 218 49.13 -41.54 -42.69
C VAL G 218 48.82 -42.17 -41.35
N SER G 219 48.57 -41.32 -40.36
CA SER G 219 48.19 -41.78 -39.02
C SER G 219 46.76 -41.33 -38.74
N GLN G 220 45.87 -42.30 -38.52
CA GLN G 220 44.45 -42.04 -38.39
C GLN G 220 44.00 -42.32 -36.97
N SER G 221 43.56 -41.30 -36.27
CA SER G 221 43.21 -41.38 -34.84
C SER G 221 41.71 -41.13 -34.71
N GLU G 222 41.06 -42.08 -33.99
CA GLU G 222 39.62 -42.01 -33.78
C GLU G 222 39.32 -41.45 -32.38
N ILE G 223 38.50 -40.43 -32.34
CA ILE G 223 38.19 -39.66 -31.19
C ILE G 223 37.41 -40.29 -30.09
N PRO G 224 36.37 -41.17 -30.37
CA PRO G 224 35.76 -41.79 -29.18
C PRO G 224 36.78 -42.60 -28.38
N ARG G 225 37.72 -43.27 -29.04
CA ARG G 225 38.72 -44.04 -28.31
C ARG G 225 40.11 -43.56 -28.22
N HIS G 226 40.67 -43.10 -29.27
CA HIS G 226 42.11 -42.67 -29.34
C HIS G 226 42.49 -41.35 -28.69
N LEU G 227 41.66 -40.33 -28.82
CA LEU G 227 41.92 -39.06 -28.18
C LEU G 227 40.64 -38.44 -27.81
N PRO G 228 40.58 -37.76 -26.63
CA PRO G 228 39.24 -37.34 -26.19
C PRO G 228 38.46 -36.44 -27.11
N ASN G 229 39.03 -35.44 -27.74
CA ASN G 229 38.24 -34.56 -28.60
C ASN G 229 39.04 -34.08 -29.78
N PHE G 230 38.34 -33.54 -30.76
CA PHE G 230 38.99 -33.05 -31.95
C PHE G 230 40.04 -31.99 -31.64
N ALA G 231 39.71 -31.09 -30.70
CA ALA G 231 40.62 -30.03 -30.38
C ALA G 231 41.95 -30.56 -29.83
N ASP G 232 41.85 -31.49 -28.95
CA ASP G 232 43.05 -32.09 -28.37
C ASP G 232 43.82 -32.67 -29.46
N GLY G 233 43.12 -33.35 -30.39
CA GLY G 233 43.84 -34.06 -31.47
C GLY G 233 44.64 -33.07 -32.26
N VAL G 234 44.05 -31.91 -32.57
CA VAL G 234 44.81 -30.92 -33.29
C VAL G 234 45.99 -30.47 -32.46
N ARG G 235 45.74 -30.17 -31.22
CA ARG G 235 46.82 -29.72 -30.32
C ARG G 235 47.91 -30.78 -30.37
N ASN G 236 47.50 -32.04 -30.35
CA ASN G 236 48.46 -33.12 -30.32
C ASN G 236 49.21 -33.21 -31.63
N ALA G 237 48.52 -33.12 -32.75
CA ALA G 237 49.17 -33.13 -34.04
C ALA G 237 50.28 -32.08 -34.11
N LEU G 238 50.11 -30.95 -33.46
CA LEU G 238 51.15 -29.96 -33.40
C LEU G 238 52.43 -30.53 -32.80
N ARG G 239 52.34 -31.48 -31.90
CA ARG G 239 53.50 -32.08 -31.30
C ARG G 239 54.17 -33.14 -32.19
N ARG G 240 53.50 -33.56 -33.26
CA ARG G 240 53.98 -34.65 -34.08
C ARG G 240 54.64 -34.21 -35.38
N LYS G 241 54.79 -32.90 -35.60
CA LYS G 241 55.34 -32.36 -36.83
C LYS G 241 54.69 -32.98 -38.08
N PRO G 242 53.37 -32.91 -38.19
CA PRO G 242 52.74 -33.37 -39.44
C PRO G 242 52.96 -32.37 -40.55
N ARG G 243 52.79 -32.83 -41.76
CA ARG G 243 52.79 -32.06 -42.96
C ARG G 243 51.36 -31.81 -43.46
N LEU G 244 50.38 -32.40 -42.81
CA LEU G 244 48.99 -32.31 -43.21
C LEU G 244 48.11 -32.77 -42.08
N ILE G 245 47.11 -31.97 -41.71
CA ILE G 245 46.28 -32.24 -40.56
C ILE G 245 44.82 -32.31 -41.03
N MET G 246 44.15 -33.40 -40.67
CA MET G 246 42.79 -33.61 -41.09
C MET G 246 41.92 -33.79 -39.89
N VAL G 247 40.80 -33.06 -39.86
CA VAL G 247 39.85 -33.19 -38.76
C VAL G 247 38.52 -33.36 -39.35
N GLY G 248 37.67 -34.12 -38.67
CA GLY G 248 36.23 -34.25 -39.07
C GLY G 248 35.72 -32.85 -38.79
N GLU G 249 34.50 -32.54 -39.14
CA GLU G 249 33.99 -31.18 -38.97
C GLU G 249 34.28 -30.68 -37.55
N CYS G 250 34.75 -29.45 -37.44
CA CYS G 250 34.98 -28.80 -36.17
C CYS G 250 33.66 -28.15 -35.85
N ARG G 251 33.15 -28.34 -34.66
CA ARG G 251 31.82 -27.83 -34.30
C ARG G 251 31.90 -26.69 -33.29
N ASP G 252 32.88 -26.75 -32.40
CA ASP G 252 33.01 -25.83 -31.32
C ASP G 252 34.29 -25.02 -31.42
N ALA G 253 34.29 -23.89 -30.72
CA ALA G 253 35.32 -22.90 -30.88
C ALA G 253 36.65 -23.34 -30.34
N GLU G 254 36.69 -24.29 -29.43
CA GLU G 254 37.93 -24.96 -29.04
C GLU G 254 38.67 -25.52 -30.24
N THR G 255 38.03 -26.43 -30.95
CA THR G 255 38.68 -27.08 -32.12
C THR G 255 39.00 -26.02 -33.17
N ILE G 256 38.12 -25.07 -33.38
CA ILE G 256 38.37 -24.01 -34.34
C ILE G 256 39.64 -23.25 -33.98
N SER G 257 39.82 -22.93 -32.70
CA SER G 257 41.00 -22.21 -32.26
C SER G 257 42.25 -23.05 -32.41
N ALA G 258 42.18 -24.31 -31.97
CA ALA G 258 43.28 -25.26 -32.21
C ALA G 258 43.70 -25.23 -33.67
N ALA G 259 42.75 -25.38 -34.57
CA ALA G 259 43.07 -25.42 -36.00
C ALA G 259 43.67 -24.10 -36.46
N LEU G 260 43.19 -22.99 -35.91
CA LEU G 260 43.78 -21.69 -36.25
C LEU G 260 45.24 -21.60 -35.82
N GLU G 261 45.55 -22.11 -34.64
CA GLU G 261 46.95 -22.17 -34.19
C GLU G 261 47.77 -23.06 -35.10
N ALA G 262 47.26 -24.23 -35.44
CA ALA G 262 47.96 -25.13 -36.34
C ALA G 262 48.26 -24.45 -37.67
N ALA G 263 47.30 -23.72 -38.20
CA ALA G 263 47.49 -23.06 -39.49
C ALA G 263 48.45 -21.88 -39.40
N LEU G 264 48.39 -21.14 -38.32
CA LEU G 264 49.33 -20.06 -38.08
C LEU G 264 50.72 -20.60 -37.90
N THR G 265 50.89 -21.76 -37.35
CA THR G 265 52.20 -22.39 -37.27
C THR G 265 52.77 -22.62 -38.68
N GLY G 266 51.94 -23.11 -39.58
CA GLY G 266 52.35 -23.37 -40.93
C GLY G 266 51.93 -24.74 -41.45
N HIS G 267 50.90 -25.32 -40.87
CA HIS G 267 50.39 -26.58 -41.32
C HIS G 267 49.07 -26.42 -42.09
N PRO G 268 48.98 -27.07 -43.27
CA PRO G 268 47.69 -27.12 -43.91
C PRO G 268 46.70 -27.96 -43.10
N VAL G 269 45.52 -27.40 -42.84
CA VAL G 269 44.48 -28.04 -42.11
C VAL G 269 43.25 -28.22 -42.99
N TYR G 270 42.61 -29.39 -42.86
CA TYR G 270 41.40 -29.69 -43.56
C TYR G 270 40.31 -30.07 -42.56
N THR G 271 39.12 -29.55 -42.76
CA THR G 271 37.98 -29.91 -41.90
C THR G 271 36.70 -29.73 -42.63
N THR G 272 35.62 -30.11 -41.93
CA THR G 272 34.27 -30.06 -42.47
C THR G 272 33.34 -29.28 -41.56
N LEU G 273 32.26 -28.81 -42.15
CA LEU G 273 31.20 -28.12 -41.43
C LEU G 273 29.88 -28.45 -41.97
N HIS G 274 28.85 -28.26 -41.19
CA HIS G 274 27.47 -28.51 -41.54
C HIS G 274 26.82 -27.35 -42.25
N THR G 275 27.45 -26.18 -42.15
CA THR G 275 26.82 -24.97 -42.70
C THR G 275 26.79 -25.01 -44.22
N SER G 276 25.77 -24.44 -44.79
CA SER G 276 25.53 -24.45 -46.23
C SER G 276 25.71 -23.09 -46.82
N GLY G 277 26.80 -22.89 -47.52
CA GLY G 277 27.07 -21.58 -48.15
C GLY G 277 28.38 -21.07 -47.66
N VAL G 278 29.20 -20.61 -48.55
CA VAL G 278 30.53 -20.07 -48.20
C VAL G 278 30.36 -18.92 -47.20
N ALA G 279 29.49 -17.96 -47.56
CA ALA G 279 29.25 -16.82 -46.71
C ALA G 279 28.68 -17.27 -45.38
N GLU G 280 27.65 -18.10 -45.41
CA GLU G 280 27.12 -18.69 -44.18
C GLU G 280 28.22 -19.34 -43.31
N THR G 281 29.03 -20.21 -43.93
CA THR G 281 30.18 -20.75 -43.27
C THR G 281 31.02 -19.69 -42.53
N MET G 282 31.41 -18.66 -43.26
CA MET G 282 32.06 -17.53 -42.64
C MET G 282 31.34 -17.03 -41.40
N ARG G 283 30.03 -16.81 -41.53
CA ARG G 283 29.24 -16.39 -40.39
C ARG G 283 29.44 -17.31 -39.18
N ARG G 284 29.34 -18.61 -39.43
CA ARG G 284 29.50 -19.55 -38.32
C ARG G 284 30.89 -19.47 -37.69
N LEU G 285 31.92 -19.44 -38.55
CA LEU G 285 33.27 -19.35 -38.04
C LEU G 285 33.44 -18.11 -37.14
N VAL G 286 33.04 -16.95 -37.65
CA VAL G 286 33.30 -15.71 -36.93
C VAL G 286 32.46 -15.63 -35.65
N THR G 287 31.20 -16.05 -35.71
CA THR G 287 30.33 -15.96 -34.56
C THR G 287 30.68 -16.96 -33.46
N SER G 288 31.52 -17.93 -33.74
CA SER G 288 31.90 -18.92 -32.73
C SER G 288 32.50 -18.28 -31.46
N PHE G 289 32.94 -17.04 -31.56
CA PHE G 289 33.79 -16.42 -30.58
C PHE G 289 33.12 -15.18 -30.02
N SER G 290 33.34 -14.94 -28.71
CA SER G 290 32.60 -13.89 -28.02
C SER G 290 33.50 -12.69 -27.71
N GLY G 291 32.94 -11.50 -27.82
CA GLY G 291 33.47 -10.37 -27.06
C GLY G 291 34.75 -9.83 -27.61
N GLU G 292 35.72 -9.53 -26.74
CA GLU G 292 36.95 -8.87 -27.17
C GLU G 292 37.75 -9.75 -28.14
N GLU G 293 37.75 -11.07 -27.88
CA GLU G 293 38.52 -11.97 -28.70
C GLU G 293 37.98 -12.20 -30.09
N ARG G 294 36.69 -11.84 -30.32
CA ARG G 294 36.07 -12.15 -31.58
C ARG G 294 36.77 -11.46 -32.76
N LEU G 295 37.28 -10.24 -32.52
CA LEU G 295 37.95 -9.51 -33.56
C LEU G 295 39.25 -10.16 -33.96
N GLY G 296 40.21 -10.26 -33.04
CA GLY G 296 41.40 -11.04 -33.27
C GLY G 296 41.18 -12.39 -33.94
N ARG G 297 40.25 -13.18 -33.39
CA ARG G 297 39.92 -14.43 -34.01
C ARG G 297 39.44 -14.26 -35.46
N THR G 298 38.72 -13.19 -35.73
CA THR G 298 38.27 -12.93 -37.06
C THR G 298 39.45 -12.69 -37.99
N ILE G 299 40.38 -11.81 -37.57
CA ILE G 299 41.55 -11.58 -38.37
C ILE G 299 42.28 -12.90 -38.65
N ASP G 300 42.51 -13.69 -37.61
CA ASP G 300 43.18 -14.96 -37.78
C ASP G 300 42.47 -15.82 -38.83
N ILE G 301 41.16 -15.97 -38.69
CA ILE G 301 40.41 -16.73 -39.66
C ILE G 301 40.64 -16.21 -41.08
N LEU G 302 40.45 -14.91 -41.28
CA LEU G 302 40.61 -14.34 -42.59
C LEU G 302 41.93 -14.71 -43.24
N GLU G 303 43.00 -14.42 -42.55
CA GLU G 303 44.31 -14.70 -43.11
C GLU G 303 44.55 -16.15 -43.33
N THR G 304 44.11 -16.99 -42.42
CA THR G 304 44.46 -18.43 -42.51
C THR G 304 43.69 -19.18 -43.59
N ILE G 305 42.44 -18.79 -43.79
CA ILE G 305 41.63 -19.42 -44.81
C ILE G 305 42.31 -19.53 -46.15
N ARG G 306 41.94 -20.46 -46.93
CA ARG G 306 42.58 -20.70 -48.25
C ARG G 306 41.66 -21.26 -49.28
N LEU G 307 40.50 -21.77 -48.88
CA LEU G 307 39.58 -22.41 -49.82
C LEU G 307 38.34 -22.86 -49.08
N CYS G 308 37.17 -22.62 -49.68
CA CYS G 308 35.90 -23.02 -49.06
C CYS G 308 35.03 -23.62 -50.15
N ILE G 309 34.54 -24.83 -49.89
CA ILE G 309 33.65 -25.51 -50.81
C ILE G 309 32.35 -25.92 -50.14
N TRP G 310 31.29 -25.65 -50.84
CA TRP G 310 29.96 -26.11 -50.42
C TRP G 310 29.51 -27.17 -51.33
N GLN G 311 29.12 -28.34 -50.76
CA GLN G 311 28.70 -29.46 -51.60
C GLN G 311 27.28 -29.81 -51.33
N LYS G 312 26.58 -30.17 -52.39
CA LYS G 312 25.16 -30.57 -52.26
C LYS G 312 24.91 -31.63 -53.28
N LEU G 313 24.29 -32.72 -52.83
CA LEU G 313 24.03 -33.88 -53.70
C LEU G 313 22.58 -33.81 -54.18
N VAL G 314 22.41 -33.78 -55.51
CA VAL G 314 21.11 -33.57 -56.11
C VAL G 314 20.83 -34.64 -57.14
N PRO G 315 19.55 -35.06 -57.27
CA PRO G 315 19.24 -36.15 -58.19
C PRO G 315 19.47 -35.79 -59.65
N THR G 316 19.77 -36.82 -60.42
CA THR G 316 19.93 -36.71 -61.87
C THR G 316 18.70 -37.32 -62.57
N VAL G 317 18.67 -37.21 -63.88
CA VAL G 317 17.63 -37.81 -64.69
C VAL G 317 17.70 -39.35 -64.57
N ASP G 318 18.93 -39.89 -64.47
CA ASP G 318 19.10 -41.33 -64.46
C ASP G 318 18.84 -41.96 -63.12
N GLU G 319 18.14 -41.27 -62.24
CA GLU G 319 17.88 -41.70 -60.85
C GLU G 319 19.15 -41.80 -60.03
N ARG G 320 20.23 -41.16 -60.46
CA ARG G 320 21.49 -41.19 -59.75
C ARG G 320 21.85 -39.78 -59.32
N ARG G 321 22.83 -39.66 -58.46
CA ARG G 321 23.20 -38.44 -57.80
C ARG G 321 24.25 -37.65 -58.58
N VAL G 322 24.29 -36.36 -58.34
CA VAL G 322 25.38 -35.49 -58.82
C VAL G 322 25.77 -34.55 -57.69
N ALA G 323 27.02 -34.12 -57.76
CA ALA G 323 27.57 -33.19 -56.73
C ALA G 323 27.66 -31.83 -57.31
N LEU G 324 26.94 -30.89 -56.73
CA LEU G 324 27.00 -29.48 -57.13
C LEU G 324 27.81 -28.73 -56.13
N ARG G 325 28.57 -27.74 -56.64
CA ARG G 325 29.55 -27.06 -55.79
C ARG G 325 29.55 -25.58 -55.94
N GLU G 326 29.54 -24.86 -54.80
CA GLU G 326 29.72 -23.42 -54.78
C GLU G 326 31.04 -23.24 -54.04
N TYR G 327 31.95 -22.51 -54.56
CA TYR G 327 33.27 -22.36 -53.99
C TYR G 327 33.85 -21.00 -54.21
N LEU G 328 34.82 -20.68 -53.41
CA LEU G 328 35.68 -19.51 -53.58
C LEU G 328 37.03 -19.89 -53.22
N VAL G 329 38.02 -19.49 -54.00
CA VAL G 329 39.43 -19.81 -53.63
C VAL G 329 39.92 -18.61 -52.89
N PHE G 330 40.09 -18.71 -51.59
CA PHE G 330 40.54 -17.54 -50.81
C PHE G 330 41.92 -17.28 -51.34
N ASP G 331 42.16 -16.03 -51.63
CA ASP G 331 43.43 -15.58 -52.20
C ASP G 331 43.90 -14.46 -51.37
N GLU G 332 45.23 -14.27 -51.40
CA GLU G 332 45.84 -13.16 -50.68
C GLU G 332 45.25 -11.89 -51.23
N GLU G 333 45.03 -11.85 -52.57
CA GLU G 333 44.40 -10.71 -53.15
C GLU G 333 42.95 -10.56 -52.59
N VAL G 334 42.24 -11.68 -52.63
CA VAL G 334 40.88 -11.64 -52.15
C VAL G 334 40.92 -11.38 -50.70
N ARG G 335 41.73 -12.21 -49.99
CA ARG G 335 41.77 -12.14 -48.54
C ARG G 335 41.93 -10.70 -48.08
N ASP G 336 42.73 -9.99 -48.85
CA ASP G 336 43.03 -8.61 -48.51
C ASP G 336 41.73 -7.78 -48.57
N ILE G 337 40.93 -8.07 -49.56
CA ILE G 337 39.67 -7.35 -49.73
C ILE G 337 38.86 -7.52 -48.52
N LEU G 338 38.70 -8.72 -48.03
CA LEU G 338 37.84 -8.94 -46.81
C LEU G 338 38.47 -8.25 -45.61
N LEU G 339 39.82 -8.22 -45.58
CA LEU G 339 40.50 -7.54 -44.58
C LEU G 339 40.21 -6.03 -44.46
N GLU G 340 40.21 -5.39 -45.61
CA GLU G 340 39.95 -3.93 -45.65
C GLU G 340 38.56 -3.57 -45.09
N GLY G 341 37.60 -4.48 -45.27
CA GLY G 341 36.28 -4.24 -44.75
C GLY G 341 36.09 -4.39 -43.28
N ASP G 342 35.07 -3.72 -42.73
CA ASP G 342 34.73 -3.85 -41.33
C ASP G 342 34.55 -5.30 -41.00
N PRO G 343 35.19 -5.76 -39.90
CA PRO G 343 35.09 -7.22 -39.67
C PRO G 343 33.64 -7.69 -39.49
N ASN G 344 32.76 -6.85 -38.90
CA ASN G 344 31.40 -7.28 -38.72
C ASN G 344 30.63 -7.55 -40.00
N GLU G 345 30.79 -6.71 -41.00
CA GLU G 345 30.03 -6.92 -42.26
C GLU G 345 30.46 -8.23 -42.92
N VAL G 346 31.76 -8.54 -42.86
CA VAL G 346 32.36 -9.71 -43.45
C VAL G 346 31.61 -10.61 -44.39
N THR G 347 30.71 -11.38 -43.82
CA THR G 347 29.83 -12.26 -44.59
C THR G 347 29.25 -11.59 -45.83
N SER G 348 28.75 -10.37 -45.68
CA SER G 348 28.27 -9.60 -46.82
C SER G 348 29.35 -9.46 -47.90
N ALA G 349 30.53 -9.00 -47.51
CA ALA G 349 31.68 -9.01 -48.40
C ALA G 349 31.84 -10.39 -49.08
N THR G 350 31.86 -11.43 -48.28
CA THR G 350 31.98 -12.77 -48.79
C THR G 350 30.85 -13.08 -49.81
N ARG G 351 29.60 -12.71 -49.42
CA ARG G 351 28.50 -12.85 -50.32
C ARG G 351 28.81 -12.26 -51.74
N LYS G 352 29.40 -11.08 -51.76
CA LYS G 352 29.72 -10.48 -53.03
C LYS G 352 30.83 -11.25 -53.74
N LEU G 353 31.85 -11.66 -52.96
CA LEU G 353 33.08 -12.15 -53.58
C LEU G 353 32.92 -13.48 -54.31
N VAL G 354 32.16 -14.35 -53.74
CA VAL G 354 31.68 -15.57 -54.41
C VAL G 354 31.16 -15.23 -55.83
N ARG G 355 30.41 -14.13 -55.93
CA ARG G 355 29.82 -13.75 -57.19
C ARG G 355 30.88 -13.25 -58.16
N GLN G 356 31.90 -12.55 -57.67
CA GLN G 356 32.87 -11.90 -58.52
C GLN G 356 34.06 -12.81 -58.85
N LYS G 357 34.62 -13.43 -57.84
CA LYS G 357 35.83 -14.26 -57.97
C LYS G 357 35.59 -15.72 -57.71
N GLY G 358 34.42 -16.09 -57.22
CA GLY G 358 34.07 -17.45 -56.94
C GLY G 358 33.07 -18.02 -57.96
N GLN G 359 32.37 -19.08 -57.55
CA GLN G 359 31.41 -19.73 -58.43
C GLN G 359 30.15 -20.06 -57.63
N LEU G 360 29.03 -19.61 -58.14
CA LEU G 360 27.75 -19.85 -57.44
C LEU G 360 27.32 -21.28 -57.65
N MET G 361 26.69 -21.85 -56.64
CA MET G 361 26.23 -23.22 -56.73
C MET G 361 25.15 -23.26 -57.82
N THR G 362 24.31 -22.22 -57.83
CA THR G 362 23.26 -22.17 -58.78
C THR G 362 23.80 -22.29 -60.23
N TRP G 363 24.87 -21.52 -60.49
CA TRP G 363 25.41 -21.48 -61.80
C TRP G 363 25.94 -22.84 -62.27
N ASP G 364 26.60 -23.55 -61.36
CA ASP G 364 27.09 -24.88 -61.69
C ASP G 364 25.88 -25.76 -62.05
N ALA G 365 24.79 -25.62 -61.23
CA ALA G 365 23.64 -26.35 -61.43
C ALA G 365 23.14 -26.28 -62.85
N LYS G 366 22.79 -25.10 -63.22
CA LYS G 366 22.33 -24.83 -64.61
C LYS G 366 23.35 -25.31 -65.63
N MET G 367 24.63 -25.13 -65.33
CA MET G 367 25.67 -25.57 -66.20
C MET G 367 25.55 -27.07 -66.48
N LYS G 368 25.11 -27.76 -65.45
CA LYS G 368 24.90 -29.17 -65.53
C LYS G 368 23.85 -29.50 -66.65
N PHE G 369 23.01 -28.51 -66.95
CA PHE G 369 21.99 -28.68 -67.91
C PHE G 369 22.40 -29.07 -69.28
N GLU G 370 23.31 -28.30 -69.83
CA GLU G 370 23.74 -28.54 -71.24
C GLU G 370 24.34 -29.96 -71.32
N GLN G 371 25.01 -30.37 -70.23
CA GLN G 371 25.44 -31.73 -70.18
C GLN G 371 24.22 -32.62 -70.13
N GLY G 372 23.06 -32.13 -69.65
CA GLY G 372 21.86 -32.85 -69.61
C GLY G 372 21.82 -33.80 -68.36
N ILE G 373 22.78 -33.55 -67.41
CA ILE G 373 22.89 -34.32 -66.26
C ILE G 373 21.65 -34.27 -65.29
N ILE G 374 21.03 -33.13 -65.27
CA ILE G 374 19.90 -32.98 -64.34
C ILE G 374 18.62 -32.66 -64.94
N SER G 375 17.53 -33.00 -64.29
CA SER G 375 16.18 -32.66 -64.70
C SER G 375 15.90 -31.18 -64.54
N GLU G 376 15.07 -30.63 -65.42
CA GLU G 376 14.80 -29.21 -65.43
C GLU G 376 14.15 -28.76 -64.11
N ARG G 377 13.13 -29.48 -63.68
CA ARG G 377 12.36 -29.12 -62.52
C ARG G 377 13.28 -28.95 -61.32
N VAL G 378 14.19 -29.84 -61.13
CA VAL G 378 15.07 -29.85 -59.98
C VAL G 378 15.89 -28.57 -59.91
N TYR G 379 16.43 -28.17 -61.06
CA TYR G 379 17.23 -26.99 -61.16
C TYR G 379 16.42 -25.85 -60.70
N LYS G 380 15.17 -25.78 -61.18
CA LYS G 380 14.28 -24.74 -60.74
C LYS G 380 14.16 -24.86 -59.21
N LEU G 381 13.98 -26.10 -58.71
CA LEU G 381 13.85 -26.28 -57.32
C LEU G 381 15.10 -25.91 -56.60
N ILE G 382 16.24 -26.24 -57.18
CA ILE G 382 17.52 -25.85 -56.59
C ILE G 382 17.54 -24.29 -56.62
N ILE G 383 17.06 -23.74 -57.77
CA ILE G 383 16.97 -22.39 -57.93
C ILE G 383 16.32 -21.65 -56.75
N ALA G 384 15.01 -21.76 -56.69
CA ALA G 384 14.22 -21.12 -55.68
C ALA G 384 14.84 -21.27 -54.25
N GLY G 385 15.53 -22.37 -54.04
CA GLY G 385 16.29 -22.55 -52.80
C GLY G 385 17.31 -21.44 -52.59
N ALA G 386 17.90 -20.94 -53.67
CA ALA G 386 18.61 -19.67 -53.65
C ALA G 386 17.78 -18.58 -52.94
N ASP H 18 -28.12 -51.06 -9.46
CA ASP H 18 -27.87 -52.39 -10.14
C ASP H 18 -26.80 -52.24 -11.21
N ASN H 19 -25.63 -51.81 -10.78
CA ASN H 19 -24.51 -51.53 -11.71
C ASN H 19 -23.45 -52.61 -11.51
N ILE H 20 -23.69 -53.78 -12.10
CA ILE H 20 -22.69 -54.85 -12.15
C ILE H 20 -22.84 -55.57 -13.50
N ASN H 21 -21.71 -56.04 -14.01
CA ASN H 21 -21.68 -56.77 -15.29
C ASN H 21 -20.58 -57.80 -15.20
N LEU H 22 -20.91 -58.94 -14.61
CA LEU H 22 -19.90 -59.89 -14.12
C LEU H 22 -19.20 -60.56 -15.29
N MET H 23 -17.95 -60.91 -15.09
CA MET H 23 -17.15 -61.53 -16.14
C MET H 23 -17.68 -62.89 -16.49
N PRO H 24 -17.77 -63.27 -17.78
CA PRO H 24 -18.38 -64.54 -18.11
C PRO H 24 -17.79 -65.77 -17.40
N ASP H 25 -16.48 -65.90 -17.40
CA ASP H 25 -15.80 -66.99 -16.75
C ASP H 25 -14.68 -66.49 -15.86
N GLU H 26 -15.03 -65.91 -14.74
CA GLU H 26 -14.08 -65.51 -13.72
C GLU H 26 -13.16 -66.66 -13.39
N PRO H 27 -11.83 -66.43 -13.41
CA PRO H 27 -10.94 -67.43 -12.83
C PRO H 27 -11.08 -67.48 -11.30
N THR H 28 -10.71 -68.60 -10.72
CA THR H 28 -10.58 -68.67 -9.27
C THR H 28 -9.55 -67.67 -8.77
N ARG H 29 -8.38 -67.65 -9.41
CA ARG H 29 -7.40 -66.60 -9.26
C ARG H 29 -7.06 -66.05 -10.63
N PHE H 30 -6.73 -64.75 -10.68
CA PHE H 30 -6.58 -64.02 -11.92
C PHE H 30 -5.17 -64.20 -12.46
N THR H 31 -5.05 -64.67 -13.69
CA THR H 31 -3.77 -64.81 -14.37
C THR H 31 -3.90 -64.10 -15.73
N PRO H 32 -2.75 -63.66 -16.29
CA PRO H 32 -2.84 -62.63 -17.33
C PRO H 32 -3.78 -62.97 -18.47
N VAL H 33 -3.73 -64.26 -18.93
CA VAL H 33 -4.64 -64.65 -19.99
C VAL H 33 -6.09 -64.27 -19.66
N PHE H 34 -6.51 -64.60 -18.43
CA PHE H 34 -7.78 -64.12 -17.95
C PHE H 34 -7.86 -62.60 -17.95
N MET H 35 -6.73 -61.92 -17.97
CA MET H 35 -6.75 -60.48 -18.20
C MET H 35 -7.14 -60.17 -19.62
N ASP H 36 -6.63 -60.95 -20.60
CA ASP H 36 -7.04 -60.74 -21.97
C ASP H 36 -8.54 -60.99 -22.13
N ARG H 37 -9.02 -62.09 -21.56
CA ARG H 37 -10.44 -62.38 -21.63
C ARG H 37 -11.27 -61.27 -20.97
N MET H 38 -10.87 -60.84 -19.80
CA MET H 38 -11.58 -59.76 -19.13
C MET H 38 -11.61 -58.52 -19.97
N LEU H 39 -10.50 -58.20 -20.62
CA LEU H 39 -10.49 -57.06 -21.54
C LEU H 39 -11.46 -57.26 -22.69
N GLU H 40 -11.53 -58.48 -23.23
CA GLU H 40 -12.54 -58.80 -24.21
C GLU H 40 -13.93 -58.44 -23.69
N HIS H 41 -14.23 -58.87 -22.47
CA HIS H 41 -15.50 -58.54 -21.88
C HIS H 41 -15.72 -57.03 -21.86
N ALA H 42 -14.76 -56.30 -21.33
CA ALA H 42 -14.94 -54.87 -21.15
C ALA H 42 -15.18 -54.14 -22.47
N GLU H 43 -14.40 -54.50 -23.50
CA GLU H 43 -14.68 -54.00 -24.83
C GLU H 43 -16.08 -54.35 -25.31
N SER H 44 -16.51 -55.58 -25.05
CA SER H 44 -17.89 -55.94 -25.28
C SER H 44 -18.86 -54.94 -24.62
N LEU H 45 -18.47 -54.44 -23.46
CA LEU H 45 -19.25 -53.43 -22.78
C LEU H 45 -18.96 -52.02 -23.25
N ASN H 46 -17.98 -51.83 -24.09
CA ASN H 46 -17.66 -50.52 -24.66
C ASN H 46 -17.14 -49.56 -23.58
N ALA H 47 -16.32 -50.07 -22.67
CA ALA H 47 -15.77 -49.24 -21.61
C ALA H 47 -14.61 -48.43 -22.13
N SER H 48 -14.48 -47.19 -21.67
CA SER H 48 -13.32 -46.37 -21.98
C SER H 48 -12.08 -46.77 -21.21
N ASP H 49 -12.23 -47.17 -19.96
CA ASP H 49 -11.10 -47.37 -19.04
C ASP H 49 -11.36 -48.56 -18.16
N ILE H 50 -10.30 -49.22 -17.74
CA ILE H 50 -10.37 -50.39 -16.85
C ILE H 50 -9.34 -50.22 -15.77
N THR H 51 -9.79 -50.22 -14.53
CA THR H 51 -8.89 -50.04 -13.40
C THR H 51 -8.88 -51.31 -12.60
N ILE H 52 -7.70 -51.83 -12.33
CA ILE H 52 -7.50 -53.00 -11.49
C ILE H 52 -6.68 -52.54 -10.31
N GLN H 53 -7.09 -52.96 -9.14
CA GLN H 53 -6.42 -52.52 -7.90
C GLN H 53 -6.51 -53.61 -6.90
N THR H 54 -5.51 -53.66 -6.03
CA THR H 54 -5.46 -54.56 -4.93
C THR H 54 -6.65 -54.39 -4.01
N GLY H 55 -7.10 -55.51 -3.41
CA GLY H 55 -8.16 -55.43 -2.42
C GLY H 55 -9.50 -54.81 -2.96
N GLU H 56 -9.57 -54.70 -4.31
CA GLU H 56 -10.71 -54.22 -4.96
C GLU H 56 -11.03 -55.05 -6.19
N PRO H 57 -12.31 -55.18 -6.57
CA PRO H 57 -12.62 -55.82 -7.83
C PRO H 57 -12.19 -54.96 -9.02
N ILE H 58 -12.14 -55.59 -10.20
CA ILE H 58 -11.83 -54.89 -11.41
C ILE H 58 -13.01 -53.97 -11.80
N PHE H 59 -12.70 -52.73 -12.17
CA PHE H 59 -13.69 -51.76 -12.56
C PHE H 59 -13.53 -51.39 -14.03
N ALA H 60 -14.64 -51.07 -14.68
CA ALA H 60 -14.66 -50.51 -16.02
C ALA H 60 -15.54 -49.27 -16.04
N GLU H 61 -15.14 -48.28 -16.82
CA GLU H 61 -15.89 -47.05 -17.01
C GLU H 61 -16.52 -47.12 -18.41
N VAL H 62 -17.82 -47.15 -18.48
CA VAL H 62 -18.56 -47.51 -19.67
C VAL H 62 -18.88 -46.27 -20.50
N TYR H 63 -19.84 -45.47 -20.09
CA TYR H 63 -20.07 -44.15 -20.62
C TYR H 63 -20.10 -43.10 -19.50
N GLY H 64 -18.98 -42.95 -18.80
CA GLY H 64 -18.97 -42.20 -17.57
C GLY H 64 -19.65 -42.86 -16.39
N ARG H 65 -20.10 -44.12 -16.56
CA ARG H 65 -20.53 -44.93 -15.45
C ARG H 65 -19.44 -45.91 -15.06
N LEU H 66 -19.25 -46.06 -13.75
CA LEU H 66 -18.30 -47.04 -13.23
C LEU H 66 -19.03 -48.29 -12.80
N LEU H 67 -18.64 -49.42 -13.36
CA LEU H 67 -19.26 -50.71 -13.07
C LEU H 67 -18.19 -51.74 -12.73
N LYS H 68 -18.50 -52.63 -11.81
CA LYS H 68 -17.58 -53.67 -11.40
C LYS H 68 -17.77 -54.87 -12.31
N ILE H 69 -16.68 -55.43 -12.80
CA ILE H 69 -16.73 -56.57 -13.72
C ILE H 69 -16.60 -57.91 -12.98
N THR H 70 -16.24 -57.87 -11.68
CA THR H 70 -15.85 -59.08 -11.00
C THR H 70 -16.42 -59.04 -9.57
N ASN H 71 -16.84 -60.20 -9.09
CA ASN H 71 -17.27 -60.33 -7.71
C ASN H 71 -16.11 -60.45 -6.71
N ARG H 72 -14.92 -60.78 -7.20
CA ARG H 72 -13.78 -61.08 -6.37
C ARG H 72 -12.81 -59.88 -6.33
N ARG H 73 -12.36 -59.53 -5.14
CA ARG H 73 -11.38 -58.50 -4.95
C ARG H 73 -9.98 -59.14 -5.03
N LEU H 74 -9.09 -58.53 -5.81
CA LEU H 74 -7.89 -59.19 -6.21
C LEU H 74 -6.80 -59.13 -5.15
N SER H 75 -5.91 -60.13 -5.14
CA SER H 75 -4.80 -60.16 -4.19
C SER H 75 -3.59 -59.39 -4.74
N ASN H 76 -2.84 -58.75 -3.85
CA ASN H 76 -1.68 -57.99 -4.21
C ASN H 76 -0.74 -58.76 -5.17
N THR H 77 -0.53 -60.02 -4.85
CA THR H 77 0.36 -60.86 -5.67
C THR H 77 -0.19 -61.01 -7.10
N GLU H 78 -1.49 -61.20 -7.22
CA GLU H 78 -2.11 -61.22 -8.53
C GLU H 78 -1.78 -59.94 -9.31
N LEU H 79 -2.07 -58.79 -8.72
CA LEU H 79 -1.74 -57.53 -9.34
C LEU H 79 -0.29 -57.44 -9.82
N GLY H 80 0.62 -57.70 -8.89
CA GLY H 80 2.03 -57.69 -9.24
C GLY H 80 2.35 -58.60 -10.43
N ASP H 81 1.70 -59.77 -10.48
CA ASP H 81 1.87 -60.65 -11.61
C ASP H 81 1.38 -60.02 -12.89
N LEU H 82 0.20 -59.43 -12.87
CA LEU H 82 -0.33 -58.73 -14.05
C LEU H 82 0.68 -57.68 -14.53
N ILE H 83 1.11 -56.77 -13.63
CA ILE H 83 1.97 -55.72 -14.02
C ILE H 83 3.32 -56.24 -14.60
N ASN H 84 3.88 -57.25 -13.93
CA ASN H 84 5.06 -57.88 -14.45
C ASN H 84 4.85 -58.43 -15.83
N SER H 85 3.72 -59.05 -16.07
CA SER H 85 3.41 -59.57 -17.41
C SER H 85 3.33 -58.44 -18.44
N ILE H 86 2.73 -57.32 -18.06
CA ILE H 86 2.55 -56.23 -19.01
C ILE H 86 3.89 -55.51 -19.31
N TYR H 87 4.71 -55.35 -18.29
CA TYR H 87 5.87 -54.48 -18.38
C TYR H 87 7.19 -55.10 -17.95
N GLY H 88 7.23 -56.36 -17.53
CA GLY H 88 8.43 -57.07 -17.33
C GLY H 88 8.71 -57.48 -15.91
N PRO H 89 9.64 -58.41 -15.70
CA PRO H 89 9.86 -58.91 -14.33
C PRO H 89 10.13 -57.80 -13.31
N ASN H 90 10.86 -56.75 -13.71
CA ASN H 90 11.32 -55.76 -12.76
C ASN H 90 10.27 -54.69 -12.41
N ALA H 91 9.08 -54.75 -13.01
CA ALA H 91 8.11 -53.71 -12.80
C ALA H 91 7.69 -53.64 -11.37
N THR H 92 7.44 -54.76 -10.73
CA THR H 92 7.09 -54.78 -9.32
C THR H 92 8.14 -54.06 -8.48
N THR H 93 9.39 -54.53 -8.54
CA THR H 93 10.47 -53.87 -7.81
C THR H 93 10.55 -52.41 -8.14
N GLN H 94 10.28 -52.02 -9.38
CA GLN H 94 10.28 -50.62 -9.76
C GLN H 94 9.24 -49.84 -8.97
N LEU H 95 8.03 -50.34 -8.95
CA LEU H 95 6.97 -49.70 -8.16
C LEU H 95 7.36 -49.62 -6.68
N LEU H 96 7.98 -50.67 -6.15
CA LEU H 96 8.52 -50.61 -4.81
C LEU H 96 9.61 -49.55 -4.64
N SER H 97 10.24 -49.15 -5.75
CA SER H 97 11.25 -48.13 -5.68
C SER H 97 10.67 -46.76 -5.32
N GLY H 98 9.36 -46.58 -5.61
CA GLY H 98 8.80 -45.24 -5.64
C GLY H 98 8.84 -44.61 -7.06
N LYS H 99 8.53 -45.45 -8.02
CA LYS H 99 8.56 -45.04 -9.42
C LYS H 99 7.22 -45.29 -10.06
N ASP H 100 7.07 -44.64 -11.24
CA ASP H 100 5.71 -44.58 -11.86
C ASP H 100 5.86 -45.23 -13.25
N ILE H 101 4.95 -46.17 -13.53
CA ILE H 101 5.08 -47.03 -14.69
C ILE H 101 4.06 -46.61 -15.74
N ASP H 102 4.57 -46.33 -16.95
CA ASP H 102 3.74 -46.03 -18.09
C ASP H 102 4.19 -46.87 -19.26
N THR H 103 3.26 -47.52 -19.92
CA THR H 103 3.56 -48.43 -21.03
C THR H 103 2.32 -48.60 -21.88
N HIS H 104 2.23 -49.63 -22.68
CA HIS H 104 1.08 -49.96 -23.46
C HIS H 104 0.77 -51.43 -23.33
N TYR H 105 -0.43 -51.80 -23.70
CA TYR H 105 -0.86 -53.19 -23.79
C TYR H 105 -1.62 -53.41 -25.05
N GLU H 106 -1.38 -54.54 -25.68
CA GLU H 106 -2.03 -54.90 -26.94
C GLU H 106 -2.39 -56.31 -26.95
N PHE H 107 -3.48 -56.67 -27.62
CA PHE H 107 -3.88 -58.07 -27.80
C PHE H 107 -4.85 -58.18 -28.94
N ARG H 108 -4.94 -59.34 -29.52
CA ARG H 108 -5.85 -59.69 -30.59
C ARG H 108 -6.58 -60.95 -30.26
N PRO H 109 -7.91 -60.93 -30.13
CA PRO H 109 -8.67 -62.19 -29.95
C PRO H 109 -8.39 -63.21 -31.02
N ASN H 110 -9.05 -64.34 -31.01
CA ASN H 110 -9.18 -65.18 -32.20
C ASN H 110 -9.67 -64.40 -33.40
N ARG H 111 -10.48 -63.34 -33.20
CA ARG H 111 -10.75 -62.38 -34.24
C ARG H 111 -9.44 -61.84 -34.83
N GLY H 112 -9.48 -61.40 -36.08
CA GLY H 112 -8.43 -60.60 -36.65
C GLY H 112 -8.17 -59.25 -35.97
N VAL H 113 -9.04 -58.79 -35.07
CA VAL H 113 -9.02 -57.45 -34.59
C VAL H 113 -7.93 -57.28 -33.54
N ARG H 114 -7.57 -56.02 -33.29
CA ARG H 114 -6.57 -55.64 -32.33
C ARG H 114 -7.12 -54.63 -31.34
N TYR H 115 -6.69 -54.73 -30.11
CA TYR H 115 -7.08 -53.78 -29.06
C TYR H 115 -5.83 -53.21 -28.47
N ARG H 116 -5.80 -51.89 -28.29
CA ARG H 116 -4.66 -51.22 -27.70
C ARG H 116 -5.06 -50.43 -26.50
N TYR H 117 -4.12 -50.27 -25.56
CA TYR H 117 -4.38 -49.46 -24.37
C TYR H 117 -3.07 -48.82 -23.95
N ARG H 118 -3.16 -47.58 -23.45
CA ARG H 118 -2.14 -47.03 -22.55
C ARG H 118 -2.35 -47.61 -21.14
N VAL H 119 -1.29 -48.22 -20.61
CA VAL H 119 -1.30 -48.78 -19.27
C VAL H 119 -0.45 -47.90 -18.35
N ASN H 120 -0.93 -47.75 -17.12
CA ASN H 120 -0.19 -47.03 -16.11
C ASN H 120 -0.36 -47.80 -14.82
N ALA H 121 0.73 -48.05 -14.17
CA ALA H 121 0.72 -48.72 -12.87
C ALA H 121 1.36 -47.85 -11.87
N THR H 122 0.73 -47.66 -10.73
CA THR H 122 1.27 -46.77 -9.68
C THR H 122 1.12 -47.42 -8.36
N ALA H 123 2.04 -47.17 -7.45
CA ALA H 123 1.98 -47.75 -6.11
C ALA H 123 1.08 -46.92 -5.21
N CYS H 124 0.29 -47.58 -4.40
CA CYS H 124 -0.55 -46.94 -3.40
C CYS H 124 -0.52 -47.74 -2.10
N LEU H 125 -1.30 -47.29 -1.14
CA LEU H 125 -1.41 -47.95 0.14
C LEU H 125 -2.81 -48.50 0.30
N VAL H 126 -2.92 -49.82 0.50
CA VAL H 126 -4.20 -50.47 0.72
C VAL H 126 -4.13 -51.24 2.01
N GLU H 127 -5.06 -50.99 2.91
CA GLU H 127 -5.16 -51.72 4.17
C GLU H 127 -3.84 -51.76 4.91
N GLY H 128 -3.12 -50.64 4.89
CA GLY H 128 -1.88 -50.48 5.59
C GLY H 128 -0.63 -51.00 4.92
N HIS H 129 -0.78 -51.58 3.74
CA HIS H 129 0.32 -52.26 3.06
C HIS H 129 0.52 -51.68 1.67
N ASP H 130 1.75 -51.75 1.18
CA ASP H 130 2.04 -51.40 -0.20
C ASP H 130 1.21 -52.23 -1.14
N ALA H 131 0.70 -51.59 -2.20
CA ALA H 131 -0.16 -52.22 -3.17
C ALA H 131 0.01 -51.62 -4.51
N ILE H 132 -0.80 -52.01 -5.47
CA ILE H 132 -0.67 -51.57 -6.86
C ILE H 132 -2.00 -51.24 -7.44
N GLN H 133 -2.05 -50.20 -8.27
CA GLN H 133 -3.19 -49.89 -9.13
C GLN H 133 -2.71 -49.86 -10.56
N ILE H 134 -3.39 -50.60 -11.40
CA ILE H 134 -3.13 -50.60 -12.84
C ILE H 134 -4.33 -50.03 -13.51
N THR H 135 -4.11 -49.19 -14.49
CA THR H 135 -5.22 -48.57 -15.24
C THR H 135 -4.89 -48.60 -16.69
N LEU H 136 -5.84 -49.09 -17.47
CA LEU H 136 -5.71 -49.27 -18.92
C LEU H 136 -6.76 -48.37 -19.56
N ARG H 137 -6.30 -47.45 -20.42
CA ARG H 137 -7.18 -46.57 -21.16
C ARG H 137 -7.08 -46.89 -22.64
N THR H 138 -8.22 -47.05 -23.29
CA THR H 138 -8.25 -47.42 -24.70
C THR H 138 -7.61 -46.34 -25.58
N ILE H 139 -6.79 -46.77 -26.53
CA ILE H 139 -6.01 -45.86 -27.36
C ILE H 139 -6.31 -46.23 -28.79
N PRO H 140 -6.53 -45.24 -29.67
CA PRO H 140 -6.62 -45.51 -31.11
C PRO H 140 -5.43 -46.25 -31.68
N THR H 141 -5.61 -46.98 -32.74
CA THR H 141 -4.51 -47.68 -33.40
C THR H 141 -3.70 -46.75 -34.32
N THR H 142 -4.40 -45.84 -35.00
CA THR H 142 -3.91 -45.20 -36.19
C THR H 142 -4.12 -43.70 -36.04
N PRO H 143 -3.06 -42.90 -36.24
CA PRO H 143 -3.21 -41.45 -36.19
C PRO H 143 -4.33 -40.99 -37.12
N PRO H 144 -5.10 -39.99 -36.71
CA PRO H 144 -5.90 -39.22 -37.65
C PRO H 144 -5.11 -38.74 -38.85
N LYS H 145 -5.81 -38.37 -39.91
CA LYS H 145 -5.21 -37.66 -41.03
C LYS H 145 -4.93 -36.23 -40.68
N LEU H 146 -3.95 -35.64 -41.37
CA LEU H 146 -3.54 -34.27 -41.10
C LEU H 146 -4.61 -33.28 -41.53
N SER H 147 -5.28 -33.55 -42.64
CA SER H 147 -6.36 -32.68 -43.09
C SER H 147 -7.45 -32.52 -42.03
N THR H 148 -7.74 -33.59 -41.29
CA THR H 148 -8.65 -33.49 -40.17
C THR H 148 -8.22 -32.47 -39.12
N MET H 149 -6.94 -32.19 -39.02
CA MET H 149 -6.43 -31.33 -37.96
C MET H 149 -6.80 -29.88 -38.14
N ASN H 150 -7.15 -29.49 -39.34
CA ASN H 150 -7.72 -28.14 -39.59
C ASN H 150 -6.62 -27.08 -39.50
N LEU H 151 -5.49 -27.31 -40.18
CA LEU H 151 -4.32 -26.51 -40.03
C LEU H 151 -4.18 -25.49 -41.13
N PRO H 152 -3.69 -24.28 -40.78
CA PRO H 152 -3.35 -23.31 -41.83
C PRO H 152 -2.43 -23.91 -42.89
N ASP H 153 -2.42 -23.33 -44.08
CA ASP H 153 -1.54 -23.80 -45.13
C ASP H 153 -0.08 -23.53 -44.80
N ASN H 154 0.21 -22.35 -44.23
CA ASN H 154 1.56 -22.06 -43.77
C ASN H 154 2.21 -23.28 -43.06
N ILE H 155 1.49 -23.81 -42.06
CA ILE H 155 2.04 -24.91 -41.30
C ILE H 155 2.28 -26.12 -42.19
N ILE H 156 1.30 -26.49 -43.00
CA ILE H 156 1.45 -27.65 -43.87
C ILE H 156 2.71 -27.51 -44.74
N GLU H 157 2.96 -26.30 -45.25
CA GLU H 157 4.15 -26.10 -46.05
C GLU H 157 5.39 -26.15 -45.21
N ALA H 158 5.30 -25.77 -43.95
CA ALA H 158 6.46 -25.77 -43.04
C ALA H 158 6.71 -27.12 -42.36
N ILE H 159 5.86 -28.11 -42.62
CA ILE H 159 5.77 -29.28 -41.75
C ILE H 159 6.87 -30.32 -42.00
N ALA H 160 7.56 -30.21 -43.13
CA ALA H 160 8.49 -31.22 -43.59
C ALA H 160 9.82 -30.56 -43.99
N PRO H 161 10.52 -29.94 -43.04
CA PRO H 161 11.82 -29.39 -43.37
C PRO H 161 12.85 -30.45 -43.61
N GLN H 162 13.85 -30.13 -44.44
CA GLN H 162 14.93 -31.07 -44.73
C GLN H 162 15.76 -31.33 -43.44
N GLU H 163 16.03 -30.27 -42.69
CA GLU H 163 16.72 -30.40 -41.42
C GLU H 163 16.16 -29.41 -40.42
N GLY H 164 16.58 -29.53 -39.18
CA GLY H 164 16.13 -28.61 -38.14
C GLY H 164 15.10 -29.23 -37.23
N ILE H 165 14.55 -28.40 -36.36
CA ILE H 165 13.73 -28.85 -35.24
C ILE H 165 12.34 -28.24 -35.38
N VAL H 166 11.32 -29.07 -35.16
CA VAL H 166 9.93 -28.61 -35.09
C VAL H 166 9.42 -28.88 -33.68
N PHE H 167 8.90 -27.84 -33.04
CA PHE H 167 8.42 -27.92 -31.67
C PHE H 167 6.90 -27.78 -31.66
N ILE H 168 6.24 -28.73 -31.03
CA ILE H 168 4.82 -28.63 -30.68
C ILE H 168 4.72 -28.52 -29.17
N THR H 169 4.38 -27.34 -28.69
CA THR H 169 4.40 -27.02 -27.26
C THR H 169 3.00 -26.78 -26.75
N GLY H 170 2.82 -26.98 -25.48
CA GLY H 170 1.54 -26.80 -24.83
C GLY H 170 1.43 -27.65 -23.59
N ALA H 171 0.34 -27.38 -22.87
CA ALA H 171 0.09 -28.05 -21.60
C ALA H 171 -0.24 -29.53 -21.85
N THR H 172 0.04 -30.33 -20.84
CA THR H 172 -0.45 -31.72 -20.85
C THR H 172 -1.96 -31.81 -21.11
N GLY H 173 -2.30 -32.50 -22.18
CA GLY H 173 -3.68 -32.59 -22.59
C GLY H 173 -4.09 -31.72 -23.77
N SER H 174 -3.11 -31.11 -24.47
CA SER H 174 -3.40 -30.33 -25.65
C SER H 174 -3.43 -31.15 -26.95
N GLY H 175 -3.21 -32.48 -26.85
CA GLY H 175 -3.11 -33.31 -28.02
C GLY H 175 -2.01 -32.94 -28.98
N LYS H 176 -0.83 -32.65 -28.45
CA LYS H 176 0.36 -32.49 -29.30
C LYS H 176 0.83 -33.84 -29.86
N SER H 177 0.84 -34.87 -29.01
CA SER H 177 1.16 -36.22 -29.46
C SER H 177 0.34 -36.59 -30.69
N THR H 178 -0.98 -36.39 -30.63
CA THR H 178 -1.83 -36.70 -31.75
C THR H 178 -1.39 -35.92 -33.00
N LEU H 179 -1.06 -34.64 -32.85
CA LEU H 179 -0.61 -33.86 -33.96
C LEU H 179 0.65 -34.44 -34.61
N LEU H 180 1.68 -34.65 -33.81
CA LEU H 180 2.90 -35.25 -34.31
C LEU H 180 2.64 -36.58 -35.02
N ALA H 181 1.88 -37.45 -34.38
CA ALA H 181 1.51 -38.71 -35.03
C ALA H 181 0.87 -38.47 -36.38
N SER H 182 0.01 -37.48 -36.47
CA SER H 182 -0.62 -37.16 -37.75
C SER H 182 0.41 -36.71 -38.79
N ILE H 183 1.33 -35.86 -38.39
CA ILE H 183 2.38 -35.42 -39.30
C ILE H 183 3.14 -36.64 -39.83
N ILE H 184 3.59 -37.49 -38.92
CA ILE H 184 4.33 -38.68 -39.33
C ILE H 184 3.51 -39.53 -40.30
N ARG H 185 2.23 -39.69 -40.01
CA ARG H 185 1.35 -40.40 -40.92
C ARG H 185 1.37 -39.77 -42.32
N GLU H 186 1.31 -38.45 -42.38
CA GLU H 186 1.31 -37.78 -43.65
C GLU H 186 2.61 -38.00 -44.40
N LEU H 187 3.72 -37.91 -43.69
CA LEU H 187 5.04 -38.01 -44.32
C LEU H 187 5.36 -39.41 -44.76
N ILE H 188 4.84 -40.41 -44.07
CA ILE H 188 5.11 -41.79 -44.46
C ILE H 188 4.10 -42.29 -45.50
N GLU H 189 2.87 -41.85 -45.44
CA GLU H 189 1.80 -42.45 -46.24
C GLU H 189 1.86 -42.04 -47.70
N THR H 190 2.29 -40.82 -47.99
CA THR H 190 2.57 -40.39 -49.34
C THR H 190 3.65 -41.30 -49.93
N SER H 191 3.44 -41.75 -51.16
CA SER H 191 4.52 -42.22 -52.01
C SER H 191 5.63 -41.16 -52.18
N ASP H 192 6.81 -41.63 -52.48
CA ASP H 192 7.94 -40.76 -52.78
C ASP H 192 8.45 -40.02 -51.55
N SER H 193 8.11 -40.50 -50.36
CA SER H 193 8.77 -40.06 -49.13
C SER H 193 9.67 -41.17 -48.67
N ASN H 194 10.89 -41.19 -49.16
CA ASN H 194 11.86 -42.23 -48.81
C ASN H 194 12.42 -41.88 -47.43
N ARG H 195 11.58 -42.11 -46.43
CA ARG H 195 11.83 -41.69 -45.09
C ARG H 195 11.86 -42.84 -44.10
N LYS H 196 12.99 -42.94 -43.39
CA LYS H 196 13.15 -43.90 -42.35
C LYS H 196 12.87 -43.12 -41.10
N VAL H 197 11.92 -43.59 -40.29
CA VAL H 197 11.48 -42.84 -39.11
C VAL H 197 11.87 -43.55 -37.82
N LEU H 198 12.40 -42.77 -36.92
CA LEU H 198 12.73 -43.23 -35.56
C LEU H 198 12.04 -42.39 -34.56
N THR H 199 11.21 -42.99 -33.76
CA THR H 199 10.51 -42.30 -32.66
C THR H 199 10.96 -42.87 -31.33
N TYR H 200 11.04 -42.00 -30.33
CA TYR H 200 11.44 -42.40 -28.99
C TYR H 200 10.39 -41.82 -28.04
N GLU H 201 9.34 -42.59 -27.74
CA GLU H 201 8.05 -42.04 -27.38
C GLU H 201 7.72 -42.22 -25.86
N SER H 202 8.54 -42.90 -25.13
CA SER H 202 8.11 -43.49 -23.90
C SER H 202 6.84 -44.27 -24.11
N PRO H 203 5.69 -43.94 -23.42
CA PRO H 203 4.47 -44.55 -23.76
C PRO H 203 4.10 -44.44 -25.26
N ILE H 204 4.02 -45.58 -25.94
CA ILE H 204 3.84 -45.60 -27.35
C ILE H 204 2.35 -45.52 -27.63
N GLU H 205 1.85 -44.30 -27.86
CA GLU H 205 0.43 -44.11 -28.00
C GLU H 205 -0.10 -44.54 -29.37
N PHE H 206 0.58 -44.14 -30.42
CA PHE H 206 0.10 -44.32 -31.78
C PHE H 206 1.03 -45.25 -32.52
N VAL H 207 0.45 -46.12 -33.34
CA VAL H 207 1.21 -47.10 -34.10
C VAL H 207 1.02 -46.86 -35.56
N TYR H 208 2.00 -47.29 -36.36
CA TYR H 208 1.95 -47.05 -37.82
C TYR H 208 1.93 -48.35 -38.61
N ASP H 209 1.60 -49.48 -37.97
CA ASP H 209 1.48 -50.73 -38.69
C ASP H 209 0.44 -50.72 -39.79
N GLU H 210 -0.66 -50.08 -39.54
CA GLU H 210 -1.82 -50.13 -40.47
C GLU H 210 -1.52 -49.38 -41.77
N ILE H 211 -0.70 -48.32 -41.70
CA ILE H 211 -0.52 -47.46 -42.86
C ILE H 211 0.31 -48.18 -43.91
N GLU H 212 1.53 -48.57 -43.52
CA GLU H 212 2.30 -49.56 -44.24
C GLU H 212 2.42 -49.35 -45.75
N THR H 213 2.92 -48.19 -46.11
CA THR H 213 2.88 -47.67 -47.45
C THR H 213 4.26 -47.74 -48.13
N ILE H 214 4.35 -47.34 -49.37
CA ILE H 214 5.53 -47.46 -50.16
C ILE H 214 6.63 -46.51 -49.60
N SER H 215 7.77 -47.09 -49.29
CA SER H 215 9.01 -46.36 -49.27
C SER H 215 9.35 -45.69 -47.91
N ALA H 216 8.75 -46.21 -46.85
CA ALA H 216 8.92 -45.67 -45.54
C ALA H 216 8.93 -46.74 -44.49
N VAL H 217 9.71 -46.56 -43.44
CA VAL H 217 9.76 -47.49 -42.32
C VAL H 217 9.75 -46.71 -41.06
N VAL H 218 9.06 -47.18 -40.05
CA VAL H 218 8.95 -46.45 -38.76
C VAL H 218 9.33 -47.41 -37.65
N SER H 219 10.34 -47.05 -36.88
CA SER H 219 10.86 -47.85 -35.78
C SER H 219 10.63 -47.04 -34.49
N GLN H 220 9.80 -47.62 -33.59
CA GLN H 220 9.33 -46.95 -32.42
C GLN H 220 9.95 -47.59 -31.20
N SER H 221 10.73 -46.81 -30.45
CA SER H 221 11.44 -47.28 -29.27
C SER H 221 10.88 -46.58 -28.05
N GLU H 222 10.48 -47.37 -27.05
CA GLU H 222 9.92 -46.88 -25.80
C GLU H 222 11.03 -46.76 -24.75
N ILE H 223 11.01 -45.66 -24.01
CA ILE H 223 12.22 -45.12 -23.43
C ILE H 223 12.53 -45.81 -22.11
N PRO H 224 11.55 -46.11 -21.28
CA PRO H 224 11.81 -46.95 -20.12
C PRO H 224 12.21 -48.35 -20.52
N ARG H 225 11.65 -48.90 -21.60
CA ARG H 225 11.77 -50.31 -21.93
C ARG H 225 12.90 -50.64 -22.90
N HIS H 226 13.13 -49.80 -23.90
CA HIS H 226 14.05 -50.10 -24.97
C HIS H 226 15.38 -49.39 -24.87
N LEU H 227 15.38 -48.16 -24.37
CA LEU H 227 16.61 -47.37 -24.31
C LEU H 227 16.51 -46.47 -23.09
N PRO H 228 17.61 -46.28 -22.35
CA PRO H 228 17.52 -45.55 -21.12
C PRO H 228 16.81 -44.18 -21.16
N ASN H 229 17.26 -43.31 -22.08
CA ASN H 229 16.95 -41.90 -21.98
C ASN H 229 16.55 -41.37 -23.36
N PHE H 230 15.81 -40.27 -23.37
CA PHE H 230 15.48 -39.63 -24.62
C PHE H 230 16.74 -39.20 -25.37
N ALA H 231 17.69 -38.62 -24.66
CA ALA H 231 18.92 -38.16 -25.29
C ALA H 231 19.71 -39.33 -25.86
N ASP H 232 20.00 -40.32 -25.01
CA ASP H 232 20.50 -41.59 -25.51
C ASP H 232 19.75 -42.05 -26.75
N GLY H 233 18.46 -41.90 -26.74
CA GLY H 233 17.66 -42.30 -27.89
C GLY H 233 18.05 -41.56 -29.14
N VAL H 234 18.15 -40.24 -29.03
CA VAL H 234 18.52 -39.44 -30.17
C VAL H 234 19.89 -39.87 -30.66
N ARG H 235 20.88 -39.69 -29.82
CA ARG H 235 22.24 -40.08 -30.16
C ARG H 235 22.29 -41.48 -30.79
N ASN H 236 21.40 -42.36 -30.38
CA ASN H 236 21.28 -43.64 -31.02
C ASN H 236 20.74 -43.48 -32.45
N ALA H 237 19.74 -42.66 -32.62
CA ALA H 237 19.20 -42.43 -33.95
C ALA H 237 20.25 -41.92 -34.89
N LEU H 238 21.17 -41.11 -34.41
CA LEU H 238 22.23 -40.60 -35.24
C LEU H 238 23.06 -41.72 -35.84
N ARG H 239 23.11 -42.87 -35.21
CA ARG H 239 23.82 -44.00 -35.73
C ARG H 239 23.04 -44.79 -36.76
N ARG H 240 21.75 -44.57 -36.91
CA ARG H 240 20.92 -45.38 -37.77
C ARG H 240 20.52 -44.78 -39.08
N LYS H 241 21.16 -43.72 -39.50
CA LYS H 241 20.88 -43.02 -40.77
C LYS H 241 19.41 -42.80 -41.01
N PRO H 242 18.76 -42.00 -40.14
CA PRO H 242 17.31 -41.74 -40.41
C PRO H 242 17.04 -40.39 -41.04
N ARG H 243 15.89 -40.25 -41.67
CA ARG H 243 15.44 -39.00 -42.24
C ARG H 243 14.43 -38.24 -41.33
N LEU H 244 13.97 -38.89 -40.29
CA LEU H 244 13.01 -38.27 -39.38
C LEU H 244 13.16 -38.85 -37.99
N ILE H 245 13.31 -37.96 -37.03
CA ILE H 245 13.50 -38.33 -35.64
C ILE H 245 12.37 -37.73 -34.83
N MET H 246 11.75 -38.56 -34.00
CA MET H 246 10.67 -38.11 -33.14
C MET H 246 11.11 -38.35 -31.70
N VAL H 247 11.19 -37.27 -30.93
CA VAL H 247 11.48 -37.35 -29.49
C VAL H 247 10.24 -36.89 -28.75
N GLY H 248 9.69 -37.77 -27.91
CA GLY H 248 8.42 -37.48 -27.27
C GLY H 248 8.44 -36.19 -26.49
N GLU H 249 9.52 -35.92 -25.78
CA GLU H 249 9.65 -34.76 -24.94
C GLU H 249 11.10 -34.46 -24.66
N CYS H 250 11.44 -33.18 -24.52
CA CYS H 250 12.84 -32.76 -24.26
C CYS H 250 12.80 -31.78 -23.09
N ARG H 251 12.71 -32.31 -21.89
CA ARG H 251 12.84 -31.47 -20.69
C ARG H 251 14.30 -31.11 -20.39
N ASP H 252 15.24 -32.02 -20.68
CA ASP H 252 16.60 -31.85 -20.25
C ASP H 252 17.37 -30.93 -21.20
N ALA H 253 18.41 -30.30 -20.68
CA ALA H 253 19.45 -29.72 -21.54
C ALA H 253 20.20 -30.81 -22.30
N GLU H 254 20.31 -31.99 -21.72
CA GLU H 254 20.96 -33.11 -22.43
C GLU H 254 20.21 -33.44 -23.69
N THR H 255 18.91 -33.72 -23.59
CA THR H 255 18.11 -34.04 -24.76
C THR H 255 18.14 -32.90 -25.79
N ILE H 256 18.05 -31.66 -25.32
CA ILE H 256 18.08 -30.52 -26.23
C ILE H 256 19.40 -30.49 -26.99
N SER H 257 20.51 -30.75 -26.30
CA SER H 257 21.81 -30.77 -26.97
C SER H 257 21.88 -31.90 -27.99
N ALA H 258 21.46 -33.10 -27.59
CA ALA H 258 21.43 -34.22 -28.50
C ALA H 258 20.67 -33.82 -29.78
N ALA H 259 19.49 -33.24 -29.61
CA ALA H 259 18.69 -32.86 -30.73
C ALA H 259 19.35 -31.84 -31.62
N LEU H 260 20.08 -30.91 -30.99
CA LEU H 260 20.79 -29.91 -31.75
C LEU H 260 21.87 -30.52 -32.61
N GLU H 261 22.57 -31.53 -32.07
CA GLU H 261 23.58 -32.20 -32.86
C GLU H 261 22.92 -32.90 -34.06
N ALA H 262 21.78 -33.50 -33.84
CA ALA H 262 21.11 -34.19 -34.93
C ALA H 262 20.77 -33.21 -36.04
N ALA H 263 20.25 -32.04 -35.64
CA ALA H 263 19.86 -31.06 -36.61
C ALA H 263 21.01 -30.43 -37.36
N LEU H 264 22.11 -30.20 -36.63
CA LEU H 264 23.30 -29.70 -37.27
C LEU H 264 23.85 -30.76 -38.22
N THR H 265 23.67 -32.02 -37.83
CA THR H 265 23.98 -33.12 -38.63
C THR H 265 23.18 -33.08 -39.92
N GLY H 266 21.91 -32.72 -39.78
CA GLY H 266 21.08 -32.56 -40.96
C GLY H 266 19.81 -33.42 -40.91
N HIS H 267 19.25 -33.56 -39.72
CA HIS H 267 18.09 -34.38 -39.57
C HIS H 267 16.89 -33.68 -39.02
N PRO H 268 15.73 -33.84 -39.71
CA PRO H 268 14.51 -33.33 -39.08
C PRO H 268 14.29 -33.95 -37.68
N VAL H 269 14.04 -33.08 -36.73
CA VAL H 269 13.79 -33.52 -35.37
C VAL H 269 12.45 -32.94 -34.96
N TYR H 270 11.59 -33.75 -34.37
CA TYR H 270 10.28 -33.32 -33.90
C TYR H 270 10.18 -33.65 -32.41
N THR H 271 9.79 -32.66 -31.62
CA THR H 271 9.69 -32.81 -30.18
C THR H 271 8.52 -32.00 -29.66
N THR H 272 8.23 -32.18 -28.37
CA THR H 272 7.21 -31.41 -27.68
C THR H 272 7.78 -30.78 -26.42
N LEU H 273 7.17 -29.67 -26.02
CA LEU H 273 7.59 -28.95 -24.82
C LEU H 273 6.37 -28.49 -24.06
N HIS H 274 6.56 -28.26 -22.77
CA HIS H 274 5.47 -27.83 -21.88
C HIS H 274 5.30 -26.34 -21.81
N THR H 275 6.17 -25.58 -22.45
CA THR H 275 6.08 -24.13 -22.40
C THR H 275 4.87 -23.64 -23.18
N SER H 276 4.28 -22.55 -22.71
CA SER H 276 3.09 -21.96 -23.32
C SER H 276 3.49 -20.65 -23.98
N GLY H 277 3.62 -20.70 -25.31
CA GLY H 277 4.00 -19.51 -26.06
C GLY H 277 5.31 -19.68 -26.78
N VAL H 278 5.34 -19.24 -28.04
CA VAL H 278 6.53 -19.43 -28.86
C VAL H 278 7.72 -18.71 -28.20
N ALA H 279 7.54 -17.45 -27.86
CA ALA H 279 8.60 -16.68 -27.21
C ALA H 279 9.00 -17.34 -25.89
N GLU H 280 8.02 -17.70 -25.07
CA GLU H 280 8.31 -18.44 -23.84
C GLU H 280 9.16 -19.71 -24.10
N THR H 281 8.74 -20.49 -25.08
CA THR H 281 9.51 -21.67 -25.46
C THR H 281 10.96 -21.31 -25.79
N MET H 282 11.14 -20.30 -26.63
CA MET H 282 12.49 -19.79 -26.90
C MET H 282 13.25 -19.52 -25.61
N ARG H 283 12.62 -18.78 -24.69
CA ARG H 283 13.27 -18.49 -23.42
C ARG H 283 13.73 -19.76 -22.73
N ARG H 284 12.85 -20.77 -22.69
CA ARG H 284 13.19 -22.04 -22.05
C ARG H 284 14.40 -22.69 -22.72
N LEU H 285 14.40 -22.74 -24.06
CA LEU H 285 15.51 -23.34 -24.75
C LEU H 285 16.81 -22.62 -24.44
N VAL H 286 16.81 -21.31 -24.53
CA VAL H 286 18.03 -20.53 -24.35
C VAL H 286 18.53 -20.60 -22.93
N THR H 287 17.65 -20.54 -21.95
CA THR H 287 18.06 -20.54 -20.56
C THR H 287 18.56 -21.90 -20.09
N SER H 288 18.30 -22.97 -20.82
CA SER H 288 18.70 -24.29 -20.40
C SER H 288 20.22 -24.40 -20.19
N PHE H 289 21.00 -23.45 -20.72
CA PHE H 289 22.43 -23.59 -20.84
C PHE H 289 23.14 -22.50 -20.05
N SER H 290 24.22 -22.88 -19.37
CA SER H 290 24.99 -21.97 -18.56
C SER H 290 25.77 -21.00 -19.46
N GLY H 291 26.38 -19.99 -18.81
CA GLY H 291 26.72 -18.76 -19.49
C GLY H 291 27.77 -18.87 -20.56
N GLU H 292 28.86 -19.56 -20.24
CA GLU H 292 29.91 -19.78 -21.26
C GLU H 292 29.41 -20.66 -22.39
N GLU H 293 28.62 -21.67 -22.04
CA GLU H 293 27.96 -22.51 -23.07
C GLU H 293 26.83 -21.75 -23.77
N ARG H 294 26.19 -20.91 -23.01
CA ARG H 294 24.94 -20.26 -23.40
C ARG H 294 24.89 -19.64 -24.75
N LEU H 295 25.88 -18.82 -25.02
CA LEU H 295 25.94 -18.15 -26.33
C LEU H 295 26.00 -19.17 -27.45
N GLY H 296 26.89 -20.12 -27.27
CA GLY H 296 27.08 -21.11 -28.31
C GLY H 296 25.79 -21.88 -28.56
N ARG H 297 25.20 -22.36 -27.49
CA ARG H 297 24.01 -23.18 -27.63
C ARG H 297 22.87 -22.38 -28.22
N THR H 298 22.73 -21.13 -27.86
CA THR H 298 21.65 -20.32 -28.40
C THR H 298 21.86 -20.18 -29.93
N ILE H 299 23.09 -19.98 -30.33
CA ILE H 299 23.39 -19.86 -31.74
C ILE H 299 23.01 -21.11 -32.45
N ASP H 300 23.35 -22.28 -31.87
CA ASP H 300 22.97 -23.53 -32.47
C ASP H 300 21.46 -23.59 -32.54
N ILE H 301 20.83 -23.19 -31.45
CA ILE H 301 19.36 -23.20 -31.39
C ILE H 301 18.77 -22.38 -32.49
N LEU H 302 19.20 -21.15 -32.64
CA LEU H 302 18.61 -20.26 -33.65
C LEU H 302 18.72 -20.84 -35.00
N GLU H 303 19.88 -21.33 -35.35
CA GLU H 303 20.12 -21.88 -36.68
C GLU H 303 19.27 -23.07 -36.96
N THR H 304 19.04 -23.91 -35.97
CA THR H 304 18.43 -25.22 -36.18
C THR H 304 16.88 -25.08 -36.29
N ILE H 305 16.29 -24.19 -35.50
CA ILE H 305 14.87 -24.19 -35.34
C ILE H 305 14.20 -23.91 -36.68
N ARG H 306 13.06 -24.56 -36.93
CA ARG H 306 12.31 -24.36 -38.16
C ARG H 306 10.86 -23.93 -37.95
N LEU H 307 10.26 -24.24 -36.82
CA LEU H 307 8.83 -24.13 -36.65
C LEU H 307 8.46 -24.34 -35.20
N CYS H 308 7.56 -23.51 -34.69
CA CYS H 308 7.05 -23.63 -33.33
C CYS H 308 5.54 -23.48 -33.35
N ILE H 309 4.84 -24.45 -32.78
CA ILE H 309 3.39 -24.37 -32.61
C ILE H 309 3.07 -24.60 -31.14
N TRP H 310 2.49 -23.60 -30.49
CA TRP H 310 1.87 -23.76 -29.19
C TRP H 310 0.38 -23.99 -29.36
N GLN H 311 -0.11 -25.08 -28.76
CA GLN H 311 -1.47 -25.55 -28.97
C GLN H 311 -2.21 -25.56 -27.64
N LYS H 312 -3.50 -25.22 -27.69
CA LYS H 312 -4.34 -25.14 -26.52
C LYS H 312 -5.72 -25.65 -26.85
N LEU H 313 -6.24 -26.53 -26.00
CA LEU H 313 -7.56 -27.13 -26.20
C LEU H 313 -8.59 -26.39 -25.37
N VAL H 314 -9.60 -25.84 -26.00
CA VAL H 314 -10.54 -24.92 -25.33
C VAL H 314 -11.97 -25.41 -25.63
N PRO H 315 -12.89 -25.24 -24.67
CA PRO H 315 -14.23 -25.79 -24.85
C PRO H 315 -15.00 -25.06 -25.97
N THR H 316 -15.90 -25.80 -26.59
CA THR H 316 -16.70 -25.33 -27.68
C THR H 316 -18.14 -25.09 -27.24
N VAL H 317 -18.91 -24.44 -28.11
CA VAL H 317 -20.34 -24.32 -27.91
C VAL H 317 -21.01 -25.67 -27.97
N ASP H 318 -20.52 -26.57 -28.78
CA ASP H 318 -21.06 -27.94 -28.87
C ASP H 318 -20.81 -28.78 -27.58
N GLU H 319 -20.13 -28.16 -26.58
CA GLU H 319 -19.66 -28.82 -25.42
C GLU H 319 -18.62 -29.91 -25.72
N ARG H 320 -17.99 -29.84 -26.91
CA ARG H 320 -16.72 -30.50 -27.17
C ARG H 320 -15.59 -29.47 -27.19
N ARG H 321 -14.44 -29.85 -27.67
CA ARG H 321 -13.22 -29.10 -27.53
C ARG H 321 -12.62 -28.82 -28.91
N VAL H 322 -11.93 -27.68 -29.00
CA VAL H 322 -11.32 -27.23 -30.24
C VAL H 322 -9.89 -26.77 -29.96
N ALA H 323 -9.06 -26.82 -31.00
CA ALA H 323 -7.65 -26.55 -30.88
C ALA H 323 -7.35 -25.16 -31.41
N LEU H 324 -6.88 -24.28 -30.52
CA LEU H 324 -6.29 -23.03 -30.92
C LEU H 324 -4.76 -23.19 -30.98
N ARG H 325 -4.15 -22.47 -31.92
CA ARG H 325 -2.73 -22.59 -32.18
C ARG H 325 -2.14 -21.19 -32.35
N GLU H 326 -1.02 -20.95 -31.69
CA GLU H 326 -0.14 -19.82 -31.99
C GLU H 326 1.19 -20.38 -32.48
N TYR H 327 1.55 -20.07 -33.72
CA TYR H 327 2.70 -20.64 -34.37
C TYR H 327 3.59 -19.54 -34.95
N LEU H 328 4.88 -19.81 -35.03
CA LEU H 328 5.79 -19.08 -35.89
C LEU H 328 6.55 -20.11 -36.76
N VAL H 329 6.61 -19.83 -38.06
CA VAL H 329 7.53 -20.51 -38.95
C VAL H 329 8.83 -19.71 -39.04
N PHE H 330 9.95 -20.35 -38.75
CA PHE H 330 11.26 -19.69 -38.70
C PHE H 330 11.87 -19.73 -40.09
N ASP H 331 11.52 -18.75 -40.91
CA ASP H 331 12.18 -18.53 -42.19
C ASP H 331 13.69 -18.56 -42.06
N GLU H 332 14.40 -18.70 -43.14
CA GLU H 332 15.76 -18.16 -43.27
C GLU H 332 15.80 -16.72 -42.80
N GLU H 333 14.79 -15.93 -43.20
CA GLU H 333 14.78 -14.51 -42.91
C GLU H 333 14.64 -14.27 -41.41
N VAL H 334 13.65 -14.87 -40.78
CA VAL H 334 13.52 -14.84 -39.34
C VAL H 334 14.82 -15.23 -38.68
N ARG H 335 15.32 -16.40 -39.00
CA ARG H 335 16.55 -16.89 -38.36
C ARG H 335 17.67 -15.88 -38.48
N ASP H 336 17.81 -15.26 -39.66
CA ASP H 336 18.81 -14.21 -39.80
C ASP H 336 18.56 -13.06 -38.87
N ILE H 337 17.33 -12.57 -38.82
CA ILE H 337 16.97 -11.50 -37.88
C ILE H 337 17.46 -11.88 -36.48
N LEU H 338 17.15 -13.09 -36.05
CA LEU H 338 17.37 -13.47 -34.64
C LEU H 338 18.85 -13.60 -34.35
N LEU H 339 19.60 -14.18 -35.28
CA LEU H 339 21.02 -14.36 -35.06
C LEU H 339 21.79 -13.06 -35.17
N GLU H 340 21.37 -12.18 -36.05
CA GLU H 340 22.07 -10.93 -36.31
C GLU H 340 22.01 -9.99 -35.09
N GLY H 341 20.95 -10.08 -34.30
CA GLY H 341 20.75 -9.19 -33.20
C GLY H 341 21.41 -9.68 -31.91
N ASP H 342 21.03 -9.02 -30.81
CA ASP H 342 21.62 -9.32 -29.53
C ASP H 342 21.17 -10.71 -29.11
N PRO H 343 22.10 -11.60 -28.68
CA PRO H 343 21.67 -12.82 -28.03
C PRO H 343 20.70 -12.64 -26.85
N ASN H 344 20.93 -11.62 -26.03
CA ASN H 344 20.29 -11.58 -24.74
C ASN H 344 18.83 -11.20 -24.88
N GLU H 345 18.48 -10.33 -25.83
CA GLU H 345 17.09 -9.96 -26.04
C GLU H 345 16.41 -10.80 -27.13
N VAL H 346 16.75 -12.07 -27.23
CA VAL H 346 16.21 -12.95 -28.26
C VAL H 346 14.69 -13.14 -28.07
N THR H 347 14.27 -13.33 -26.83
CA THR H 347 12.87 -13.67 -26.57
C THR H 347 11.98 -12.53 -27.08
N SER H 348 12.33 -11.29 -26.84
CA SER H 348 11.48 -10.20 -27.25
C SER H 348 11.42 -10.07 -28.75
N ALA H 349 12.55 -10.06 -29.42
CA ALA H 349 12.59 -10.09 -30.89
C ALA H 349 11.66 -11.19 -31.42
N THR H 350 11.83 -12.41 -30.92
CA THR H 350 10.91 -13.49 -31.22
C THR H 350 9.42 -13.06 -31.00
N ARG H 351 9.17 -12.39 -29.90
CA ARG H 351 7.82 -12.01 -29.57
C ARG H 351 7.22 -11.13 -30.62
N LYS H 352 8.01 -10.14 -31.04
CA LYS H 352 7.59 -9.20 -32.06
C LYS H 352 7.41 -9.96 -33.36
N LEU H 353 8.26 -10.95 -33.60
CA LEU H 353 8.21 -11.67 -34.83
C LEU H 353 6.99 -12.51 -35.05
N VAL H 354 6.50 -13.11 -33.98
CA VAL H 354 5.28 -13.93 -34.11
C VAL H 354 4.16 -13.05 -34.69
N ARG H 355 4.04 -11.85 -34.17
CA ARG H 355 2.93 -10.99 -34.53
C ARG H 355 2.98 -10.55 -35.96
N GLN H 356 4.16 -10.12 -36.37
CA GLN H 356 4.33 -9.64 -37.78
C GLN H 356 4.31 -10.78 -38.79
N LYS H 357 5.01 -11.86 -38.45
CA LYS H 357 5.13 -12.99 -39.41
C LYS H 357 4.47 -14.27 -38.97
N GLY H 358 4.02 -14.35 -37.75
CA GLY H 358 3.37 -15.63 -37.30
C GLY H 358 1.89 -15.48 -37.10
N GLN H 359 1.37 -16.15 -36.08
CA GLN H 359 -0.04 -16.04 -35.71
C GLN H 359 -0.17 -16.16 -34.22
N LEU H 360 -0.83 -15.19 -33.57
CA LEU H 360 -1.00 -15.18 -32.15
C LEU H 360 -2.12 -16.05 -31.70
N MET H 361 -2.00 -16.56 -30.47
CA MET H 361 -3.11 -17.30 -29.85
C MET H 361 -4.37 -16.42 -29.83
N THR H 362 -4.22 -15.17 -29.44
CA THR H 362 -5.36 -14.30 -29.33
C THR H 362 -6.10 -14.16 -30.68
N TRP H 363 -5.34 -14.06 -31.76
CA TRP H 363 -5.96 -13.91 -33.06
C TRP H 363 -6.75 -15.13 -33.47
N ASP H 364 -6.17 -16.31 -33.29
CA ASP H 364 -6.89 -17.55 -33.57
C ASP H 364 -8.16 -17.63 -32.72
N ALA H 365 -8.05 -17.28 -31.43
CA ALA H 365 -9.23 -17.25 -30.59
C ALA H 365 -10.31 -16.33 -31.15
N LYS H 366 -9.91 -15.15 -31.63
CA LYS H 366 -10.85 -14.22 -32.20
C LYS H 366 -11.52 -14.81 -33.43
N MET H 367 -10.74 -15.39 -34.34
CA MET H 367 -11.31 -16.01 -35.53
C MET H 367 -12.31 -17.08 -35.13
N LYS H 368 -11.94 -17.96 -34.20
CA LYS H 368 -12.87 -18.99 -33.76
C LYS H 368 -14.15 -18.40 -33.18
N PHE H 369 -14.03 -17.30 -32.43
CA PHE H 369 -15.18 -16.66 -31.85
C PHE H 369 -16.12 -16.11 -32.92
N GLU H 370 -15.56 -15.40 -33.89
CA GLU H 370 -16.35 -14.93 -35.02
C GLU H 370 -17.01 -16.09 -35.75
N GLN H 371 -16.32 -17.21 -35.85
CA GLN H 371 -16.91 -18.41 -36.44
C GLN H 371 -17.96 -19.06 -35.56
N GLY H 372 -18.05 -18.65 -34.30
CA GLY H 372 -19.02 -19.23 -33.38
C GLY H 372 -18.60 -20.54 -32.76
N ILE H 373 -17.34 -20.92 -32.89
CA ILE H 373 -16.89 -22.21 -32.36
C ILE H 373 -16.71 -22.15 -30.84
N ILE H 374 -16.20 -21.03 -30.33
CA ILE H 374 -15.98 -20.86 -28.91
C ILE H 374 -16.90 -19.79 -28.38
N SER H 375 -17.18 -19.85 -27.09
CA SER H 375 -18.01 -18.86 -26.43
C SER H 375 -17.24 -17.55 -26.26
N GLU H 376 -17.99 -16.47 -26.10
CA GLU H 376 -17.41 -15.16 -25.80
C GLU H 376 -16.53 -15.21 -24.54
N ARG H 377 -17.04 -15.81 -23.46
CA ARG H 377 -16.31 -15.81 -22.22
C ARG H 377 -14.91 -16.41 -22.39
N VAL H 378 -14.83 -17.56 -23.03
CA VAL H 378 -13.54 -18.25 -23.13
C VAL H 378 -12.58 -17.39 -23.96
N TYR H 379 -13.01 -16.95 -25.14
CA TYR H 379 -12.27 -15.98 -25.92
C TYR H 379 -11.69 -14.87 -25.01
N LYS H 380 -12.55 -14.19 -24.27
CA LYS H 380 -12.10 -13.14 -23.38
C LYS H 380 -10.99 -13.64 -22.48
N LEU H 381 -11.23 -14.78 -21.80
CA LEU H 381 -10.18 -15.41 -21.02
C LEU H 381 -8.83 -15.48 -21.74
N ILE H 382 -8.79 -16.12 -22.92
CA ILE H 382 -7.59 -16.17 -23.68
C ILE H 382 -6.95 -14.78 -23.86
N ILE H 383 -7.79 -13.81 -24.22
CA ILE H 383 -7.28 -12.49 -24.48
C ILE H 383 -6.55 -11.94 -23.25
N ALA H 384 -7.26 -11.93 -22.12
CA ALA H 384 -6.69 -11.49 -20.86
C ALA H 384 -5.35 -12.20 -20.81
N GLY H 385 -5.40 -13.51 -20.60
CA GLY H 385 -4.18 -14.29 -20.61
C GLY H 385 -3.02 -13.64 -21.41
N ALA H 386 -3.30 -13.34 -22.66
CA ALA H 386 -2.23 -13.04 -23.60
C ALA H 386 -1.88 -11.58 -23.66
N LYS H 387 -2.62 -10.70 -23.00
CA LYS H 387 -2.31 -9.27 -22.98
C LYS H 387 -0.80 -8.97 -23.07
N GLU H 388 -0.04 -9.68 -22.24
CA GLU H 388 1.39 -9.46 -22.16
C GLU H 388 2.16 -10.49 -22.99
N ASN I 19 -6.50 -29.43 35.13
CA ASN I 19 -5.01 -29.19 35.03
C ASN I 19 -4.26 -30.49 34.78
N ILE I 20 -4.66 -31.55 35.49
CA ILE I 20 -3.97 -32.83 35.41
C ILE I 20 -5.01 -33.95 35.57
N ASN I 21 -4.79 -35.04 34.85
CA ASN I 21 -5.66 -36.20 34.88
C ASN I 21 -4.82 -37.46 34.77
N LEU I 22 -5.17 -38.48 35.56
CA LEU I 22 -4.25 -39.58 35.84
C LEU I 22 -4.95 -40.91 35.58
N MET I 23 -4.22 -41.83 34.94
CA MET I 23 -4.76 -43.15 34.69
C MET I 23 -4.96 -43.90 36.01
N PRO I 24 -5.91 -44.84 36.03
CA PRO I 24 -6.30 -45.38 37.35
C PRO I 24 -5.21 -46.22 38.00
N ASP I 25 -4.72 -47.21 37.28
CA ASP I 25 -3.84 -48.23 37.85
C ASP I 25 -2.49 -48.14 37.27
N GLU I 26 -1.61 -47.41 37.98
CA GLU I 26 -0.26 -47.24 37.46
C GLU I 26 0.58 -48.26 38.11
N PRO I 27 1.32 -49.06 37.28
CA PRO I 27 2.32 -49.96 37.96
C PRO I 27 3.40 -49.15 38.60
N THR I 28 4.03 -49.68 39.59
CA THR I 28 5.16 -49.01 40.24
C THR I 28 6.25 -48.69 39.22
N ARG I 29 6.48 -49.62 38.28
CA ARG I 29 7.37 -49.41 37.20
C ARG I 29 6.64 -49.71 35.92
N PHE I 30 6.82 -48.88 34.89
CA PHE I 30 6.13 -49.01 33.65
C PHE I 30 6.68 -50.09 32.75
N THR I 31 5.77 -50.95 32.29
CA THR I 31 6.14 -52.03 31.37
C THR I 31 5.27 -51.96 30.14
N PRO I 32 5.77 -52.45 29.00
CA PRO I 32 5.00 -52.40 27.76
C PRO I 32 3.54 -52.87 27.90
N VAL I 33 3.29 -53.84 28.77
CA VAL I 33 1.93 -54.22 29.09
C VAL I 33 1.13 -52.99 29.54
N PHE I 34 1.73 -52.23 30.43
CA PHE I 34 1.11 -51.06 30.97
C PHE I 34 0.92 -49.97 29.97
N MET I 35 1.91 -49.78 29.09
CA MET I 35 1.79 -48.85 27.96
C MET I 35 0.42 -48.88 27.29
N ASP I 36 -0.05 -50.08 26.99
CA ASP I 36 -1.32 -50.23 26.29
C ASP I 36 -2.47 -49.70 27.13
N ARG I 37 -2.45 -49.99 28.43
CA ARG I 37 -3.42 -49.40 29.33
C ARG I 37 -3.37 -47.87 29.31
N MET I 38 -2.16 -47.31 29.42
CA MET I 38 -2.05 -45.86 29.45
C MET I 38 -2.63 -45.25 28.17
N LEU I 39 -2.32 -45.88 27.03
CA LEU I 39 -2.89 -45.37 25.78
C LEU I 39 -4.38 -45.48 25.74
N GLU I 40 -4.92 -46.58 26.26
CA GLU I 40 -6.38 -46.70 26.43
C GLU I 40 -6.92 -45.50 27.20
N HIS I 41 -6.29 -45.18 28.31
CA HIS I 41 -6.71 -44.00 29.06
C HIS I 41 -6.66 -42.75 28.20
N ALA I 42 -5.59 -42.57 27.45
CA ALA I 42 -5.43 -41.36 26.65
C ALA I 42 -6.53 -41.22 25.60
N GLU I 43 -6.85 -42.31 24.90
CA GLU I 43 -8.01 -42.31 24.03
C GLU I 43 -9.30 -41.99 24.78
N SER I 44 -9.45 -42.55 25.97
CA SER I 44 -10.52 -42.16 26.87
C SER I 44 -10.59 -40.61 27.00
N LEU I 45 -9.44 -39.99 27.04
CA LEU I 45 -9.37 -38.55 27.18
C LEU I 45 -9.42 -37.80 25.88
N ASN I 46 -9.42 -38.50 24.75
CA ASN I 46 -9.42 -37.82 23.44
C ASN I 46 -8.11 -37.07 23.19
N ALA I 47 -7.01 -37.67 23.58
CA ALA I 47 -5.68 -37.10 23.33
C ALA I 47 -5.29 -37.29 21.88
N SER I 48 -4.67 -36.26 21.29
CA SER I 48 -4.09 -36.39 19.96
C SER I 48 -2.72 -37.03 20.04
N ASP I 49 -1.92 -36.62 21.02
CA ASP I 49 -0.48 -36.95 21.04
C ASP I 49 -0.05 -37.23 22.46
N ILE I 50 0.88 -38.18 22.62
CA ILE I 50 1.33 -38.65 23.91
C ILE I 50 2.87 -38.61 23.90
N THR I 51 3.45 -37.88 24.82
CA THR I 51 4.89 -37.73 24.89
C THR I 51 5.37 -38.39 26.20
N ILE I 52 6.26 -39.39 26.07
CA ILE I 52 6.90 -40.02 27.19
C ILE I 52 8.39 -39.65 27.18
N GLN I 53 8.87 -39.12 28.30
CA GLN I 53 10.24 -38.72 28.44
C GLN I 53 10.76 -39.22 29.80
N THR I 54 12.06 -39.45 29.86
CA THR I 54 12.71 -39.78 31.10
C THR I 54 12.57 -38.60 32.10
N GLY I 55 12.78 -38.91 33.36
CA GLY I 55 12.75 -37.92 34.40
C GLY I 55 11.50 -37.01 34.37
N GLU I 56 10.46 -37.48 33.64
CA GLU I 56 9.27 -36.75 33.44
C GLU I 56 8.10 -37.70 33.43
N PRO I 57 6.92 -37.26 33.89
CA PRO I 57 5.72 -38.08 33.71
C PRO I 57 5.30 -38.13 32.24
N ILE I 58 4.42 -39.05 31.93
CA ILE I 58 3.81 -39.16 30.62
C ILE I 58 2.84 -37.99 30.43
N PHE I 59 2.94 -37.32 29.28
CA PHE I 59 2.09 -36.20 28.94
C PHE I 59 1.17 -36.58 27.79
N ALA I 60 -0.02 -35.97 27.77
CA ALA I 60 -0.96 -36.12 26.68
C ALA I 60 -1.45 -34.74 26.30
N GLU I 61 -1.37 -34.38 25.02
CA GLU I 61 -1.80 -33.06 24.58
C GLU I 61 -3.28 -33.13 24.19
N VAL I 62 -4.13 -32.52 24.96
CA VAL I 62 -5.56 -32.60 24.73
C VAL I 62 -6.14 -31.31 24.33
N TYR I 63 -6.77 -31.28 23.15
CA TYR I 63 -7.45 -30.07 22.66
C TYR I 63 -6.48 -28.91 22.69
N GLY I 64 -5.22 -29.26 22.43
CA GLY I 64 -4.16 -28.29 22.53
C GLY I 64 -3.70 -28.13 23.92
N ARG I 65 -4.26 -28.87 24.87
CA ARG I 65 -3.90 -28.75 26.26
C ARG I 65 -3.08 -29.93 26.67
N LEU I 66 -1.95 -29.66 27.32
CA LEU I 66 -1.06 -30.70 27.80
C LEU I 66 -1.36 -31.05 29.22
N LEU I 67 -1.47 -32.31 29.47
CA LEU I 67 -1.87 -32.82 30.82
C LEU I 67 -1.00 -33.98 31.19
N LYS I 68 -0.48 -33.96 32.39
CA LYS I 68 0.29 -35.11 32.91
C LYS I 68 -0.68 -36.23 33.27
N ILE I 69 -0.40 -37.42 32.80
CA ILE I 69 -1.28 -38.57 33.03
C ILE I 69 -0.71 -39.55 34.04
N THR I 70 0.43 -39.22 34.64
CA THR I 70 1.00 -40.04 35.70
C THR I 70 1.59 -39.12 36.77
N ASN I 71 1.54 -39.56 38.01
CA ASN I 71 2.24 -38.91 39.11
C ASN I 71 3.74 -39.19 39.10
N ARG I 72 4.16 -40.29 38.47
CA ARG I 72 5.53 -40.70 38.55
C ARG I 72 6.33 -40.37 37.30
N ARG I 73 7.57 -39.88 37.53
CA ARG I 73 8.47 -39.60 36.44
C ARG I 73 9.29 -40.86 36.14
N LEU I 74 9.30 -41.25 34.87
CA LEU I 74 9.81 -42.57 34.51
C LEU I 74 11.32 -42.65 34.50
N SER I 75 11.83 -43.85 34.45
CA SER I 75 13.29 -44.08 34.41
C SER I 75 13.75 -44.23 33.02
N ASN I 76 14.95 -43.75 32.68
CA ASN I 76 15.54 -43.95 31.36
C ASN I 76 15.47 -45.45 30.94
N THR I 77 15.81 -46.34 31.85
CA THR I 77 15.81 -47.75 31.51
C THR I 77 14.40 -48.27 31.16
N GLU I 78 13.39 -47.80 31.90
CA GLU I 78 12.02 -48.08 31.53
C GLU I 78 11.72 -47.67 30.09
N LEU I 79 12.01 -46.41 29.77
CA LEU I 79 11.86 -45.93 28.40
C LEU I 79 12.52 -46.84 27.38
N GLY I 80 13.81 -47.12 27.60
CA GLY I 80 14.52 -48.03 26.72
C GLY I 80 13.79 -49.35 26.48
N ASP I 81 13.36 -49.95 27.59
CA ASP I 81 12.50 -51.14 27.49
C ASP I 81 11.23 -50.89 26.59
N LEU I 82 10.70 -49.70 26.70
CA LEU I 82 9.53 -49.36 25.92
C LEU I 82 9.85 -49.37 24.46
N ILE I 83 10.83 -48.52 24.04
CA ILE I 83 11.14 -48.39 22.63
C ILE I 83 11.60 -49.73 22.04
N ASN I 84 12.47 -50.45 22.74
CA ASN I 84 12.85 -51.78 22.33
C ASN I 84 11.64 -52.68 22.12
N SER I 85 10.63 -52.54 22.97
CA SER I 85 9.38 -53.25 22.76
C SER I 85 8.71 -52.84 21.47
N ILE I 86 8.70 -51.54 21.18
CA ILE I 86 7.95 -51.04 20.03
C ILE I 86 8.75 -51.34 18.74
N TYR I 87 10.05 -51.13 18.78
CA TYR I 87 10.88 -51.14 17.58
C TYR I 87 11.72 -52.39 17.47
N GLY I 88 12.74 -52.48 18.29
CA GLY I 88 13.68 -53.61 18.18
C GLY I 88 14.58 -53.66 19.41
N PRO I 89 15.13 -54.85 19.71
CA PRO I 89 16.17 -54.92 20.74
C PRO I 89 17.28 -53.89 20.57
N ASN I 90 17.70 -53.63 19.35
CA ASN I 90 18.79 -52.71 19.08
C ASN I 90 18.46 -51.24 19.06
N ALA I 91 17.21 -50.91 19.28
CA ALA I 91 16.74 -49.50 19.21
C ALA I 91 17.49 -48.65 20.22
N THR I 92 17.66 -49.18 21.42
CA THR I 92 18.37 -48.51 22.44
C THR I 92 19.81 -48.18 21.94
N THR I 93 20.43 -49.20 21.36
CA THR I 93 21.76 -49.02 20.84
C THR I 93 21.79 -47.94 19.79
N GLN I 94 20.79 -47.96 18.92
CA GLN I 94 20.71 -47.05 17.80
C GLN I 94 20.68 -45.60 18.30
N LEU I 95 19.92 -45.39 19.40
CA LEU I 95 19.88 -44.08 19.97
C LEU I 95 21.22 -43.58 20.44
N LEU I 96 21.96 -44.46 21.09
CA LEU I 96 23.32 -44.07 21.55
C LEU I 96 24.21 -43.79 20.31
N SER I 97 23.90 -44.52 19.23
CA SER I 97 24.57 -44.28 17.99
C SER I 97 24.45 -42.82 17.44
N GLY I 98 23.43 -42.15 17.96
CA GLY I 98 23.13 -40.80 17.60
C GLY I 98 22.06 -40.73 16.48
N LYS I 99 21.04 -41.59 16.62
CA LYS I 99 20.08 -41.75 15.54
C LYS I 99 18.65 -41.53 15.93
N ASP I 100 17.85 -41.34 14.88
CA ASP I 100 16.40 -41.04 15.04
C ASP I 100 15.60 -42.30 14.73
N ILE I 101 14.66 -42.65 15.61
CA ILE I 101 13.77 -43.78 15.35
C ILE I 101 12.40 -43.25 14.94
N ASP I 102 11.93 -43.68 13.79
CA ASP I 102 10.55 -43.49 13.36
C ASP I 102 9.92 -44.85 13.05
N THR I 103 8.76 -45.10 13.62
CA THR I 103 8.04 -46.34 13.41
C THR I 103 6.55 -46.08 13.57
N HIS I 104 5.78 -47.14 13.53
CA HIS I 104 4.39 -47.11 13.98
C HIS I 104 4.18 -48.22 15.01
N TYR I 105 3.17 -48.03 15.86
CA TYR I 105 2.74 -49.00 16.81
C TYR I 105 1.24 -49.20 16.72
N GLU I 106 0.81 -50.45 16.73
CA GLU I 106 -0.61 -50.79 16.66
C GLU I 106 -0.97 -51.71 17.84
N PHE I 107 -2.15 -51.48 18.39
CA PHE I 107 -2.64 -52.29 19.50
C PHE I 107 -4.19 -52.38 19.40
N ARG I 108 -4.74 -53.37 20.06
CA ARG I 108 -6.06 -53.90 19.71
C ARG I 108 -6.87 -54.12 21.00
N PRO I 109 -7.91 -53.32 21.22
CA PRO I 109 -8.65 -53.43 22.49
C PRO I 109 -9.38 -54.77 22.60
N ASN I 110 -10.03 -54.98 23.73
CA ASN I 110 -11.09 -56.00 23.82
C ASN I 110 -12.07 -55.93 22.63
N ARG I 111 -12.47 -54.72 22.27
CA ARG I 111 -13.41 -54.56 21.17
C ARG I 111 -12.84 -55.12 19.87
N GLY I 112 -11.53 -54.98 19.67
CA GLY I 112 -10.94 -55.19 18.35
C GLY I 112 -10.85 -53.94 17.48
N VAL I 113 -11.53 -52.86 17.83
CA VAL I 113 -11.26 -51.56 17.24
C VAL I 113 -9.79 -51.18 17.32
N ARG I 114 -9.11 -51.13 16.17
CA ARG I 114 -7.70 -50.89 16.09
C ARG I 114 -7.31 -49.51 16.63
N TYR I 115 -6.20 -49.46 17.34
CA TYR I 115 -5.56 -48.19 17.67
C TYR I 115 -4.16 -48.16 17.07
N ARG I 116 -3.88 -47.10 16.30
CA ARG I 116 -2.59 -46.97 15.64
C ARG I 116 -1.93 -45.66 16.01
N TYR I 117 -0.62 -45.67 16.01
CA TYR I 117 0.17 -44.49 16.37
C TYR I 117 1.42 -44.42 15.49
N ARG I 118 1.75 -43.21 15.08
CA ARG I 118 3.05 -42.91 14.50
C ARG I 118 3.99 -42.52 15.65
N VAL I 119 5.06 -43.28 15.82
CA VAL I 119 5.91 -43.19 17.00
C VAL I 119 7.28 -42.70 16.55
N ASN I 120 7.89 -41.80 17.33
CA ASN I 120 9.21 -41.31 17.07
C ASN I 120 9.99 -41.24 18.37
N ALA I 121 11.10 -41.98 18.44
CA ALA I 121 11.99 -41.92 19.58
C ALA I 121 13.27 -41.17 19.19
N THR I 122 13.71 -40.29 20.05
CA THR I 122 14.90 -39.50 19.80
C THR I 122 15.65 -39.28 21.10
N ALA I 123 16.97 -39.13 20.98
CA ALA I 123 17.84 -38.97 22.11
C ALA I 123 17.89 -37.51 22.57
N CYS I 124 17.88 -37.33 23.88
CA CYS I 124 18.15 -36.04 24.49
C CYS I 124 19.07 -36.23 25.69
N LEU I 125 19.44 -35.13 26.33
CA LEU I 125 20.18 -35.13 27.56
C LEU I 125 19.30 -34.75 28.73
N VAL I 126 19.19 -35.65 29.71
CA VAL I 126 18.38 -35.43 30.89
C VAL I 126 19.25 -35.67 32.11
N GLU I 127 19.27 -34.71 33.02
CA GLU I 127 20.00 -34.83 34.27
C GLU I 127 21.42 -35.31 34.07
N GLY I 128 22.06 -34.78 33.03
CA GLY I 128 23.46 -35.06 32.74
C GLY I 128 23.75 -36.32 31.97
N HIS I 129 22.72 -37.08 31.62
CA HIS I 129 22.89 -38.40 31.02
C HIS I 129 22.14 -38.50 29.71
N ASP I 130 22.67 -39.29 28.78
CA ASP I 130 21.91 -39.62 27.59
C ASP I 130 20.60 -40.29 27.94
N ALA I 131 19.57 -39.97 27.20
CA ALA I 131 18.19 -40.27 27.59
C ALA I 131 17.31 -40.28 26.37
N ILE I 132 16.08 -40.69 26.53
CA ILE I 132 15.19 -41.00 25.41
C ILE I 132 13.88 -40.26 25.58
N GLN I 133 13.35 -39.76 24.48
CA GLN I 133 11.98 -39.25 24.41
C GLN I 133 11.26 -39.99 23.29
N ILE I 134 10.12 -40.58 23.61
CA ILE I 134 9.24 -41.20 22.63
C ILE I 134 7.98 -40.36 22.50
N THR I 135 7.48 -40.23 21.30
CA THR I 135 6.28 -39.43 21.01
C THR I 135 5.37 -40.20 20.08
N LEU I 136 4.12 -40.34 20.46
CA LEU I 136 3.13 -41.12 19.74
C LEU I 136 2.03 -40.19 19.27
N ARG I 137 1.74 -40.22 17.98
CA ARG I 137 0.70 -39.38 17.37
C ARG I 137 -0.42 -40.33 16.88
N THR I 138 -1.65 -39.95 17.15
CA THR I 138 -2.80 -40.73 16.73
C THR I 138 -2.90 -40.81 15.21
N ILE I 139 -3.32 -41.96 14.72
CA ILE I 139 -3.57 -42.13 13.29
C ILE I 139 -5.06 -42.31 13.06
N PRO I 140 -5.77 -41.25 12.55
CA PRO I 140 -7.12 -41.42 12.11
C PRO I 140 -7.32 -42.56 11.13
N THR I 141 -8.54 -43.11 11.11
CA THR I 141 -8.84 -44.07 10.02
C THR I 141 -9.99 -43.51 9.14
N THR I 142 -11.09 -43.10 9.77
CA THR I 142 -12.37 -43.14 9.07
C THR I 142 -13.01 -41.74 9.12
N PRO I 143 -13.16 -41.10 7.95
CA PRO I 143 -13.64 -39.73 7.93
C PRO I 143 -14.93 -39.57 8.70
N PRO I 144 -15.08 -38.47 9.44
CA PRO I 144 -16.43 -38.06 9.85
C PRO I 144 -17.37 -37.97 8.66
N LYS I 145 -18.67 -37.96 8.94
CA LYS I 145 -19.67 -37.56 7.96
C LYS I 145 -19.65 -36.05 7.75
N LEU I 146 -20.07 -35.59 6.59
CA LEU I 146 -20.04 -34.20 6.26
C LEU I 146 -21.01 -33.36 7.10
N SER I 147 -22.21 -33.92 7.35
CA SER I 147 -23.18 -33.21 8.17
C SER I 147 -22.64 -32.92 9.57
N THR I 148 -21.85 -33.86 10.11
CA THR I 148 -21.18 -33.62 11.38
C THR I 148 -20.25 -32.41 11.35
N MET I 149 -19.80 -32.00 10.21
CA MET I 149 -18.79 -30.93 10.11
C MET I 149 -19.37 -29.56 10.49
N ASN I 150 -20.70 -29.41 10.40
CA ASN I 150 -21.35 -28.16 10.81
C ASN I 150 -21.05 -27.02 9.82
N LEU I 151 -21.31 -27.31 8.56
CA LEU I 151 -20.86 -26.47 7.46
C LEU I 151 -22.03 -25.70 6.87
N PRO I 152 -21.84 -24.40 6.57
CA PRO I 152 -22.90 -23.65 5.88
C PRO I 152 -23.40 -24.38 4.63
N ASP I 153 -24.59 -24.03 4.18
CA ASP I 153 -25.16 -24.67 2.99
C ASP I 153 -24.40 -24.26 1.74
N ASN I 154 -24.06 -22.98 1.64
CA ASN I 154 -23.22 -22.51 0.54
C ASN I 154 -22.06 -23.47 0.24
N ILE I 155 -21.28 -23.77 1.28
CA ILE I 155 -20.09 -24.59 1.08
C ILE I 155 -20.47 -25.98 0.53
N ILE I 156 -21.49 -26.60 1.13
CA ILE I 156 -21.93 -27.89 0.67
C ILE I 156 -22.32 -27.84 -0.81
N GLU I 157 -23.00 -26.79 -1.21
CA GLU I 157 -23.29 -26.57 -2.64
C GLU I 157 -22.01 -26.43 -3.48
N ALA I 158 -20.97 -25.86 -2.87
CA ALA I 158 -19.75 -25.54 -3.61
C ALA I 158 -18.74 -26.70 -3.62
N ILE I 159 -19.02 -27.78 -2.89
CA ILE I 159 -17.95 -28.70 -2.54
C ILE I 159 -17.69 -29.77 -3.61
N ALA I 160 -18.58 -29.87 -4.58
CA ALA I 160 -18.50 -30.92 -5.60
C ALA I 160 -18.60 -30.32 -7.00
N PRO I 161 -17.64 -29.44 -7.38
CA PRO I 161 -17.66 -28.88 -8.70
C PRO I 161 -17.29 -29.95 -9.75
N GLN I 162 -17.78 -29.77 -10.98
CA GLN I 162 -17.34 -30.56 -12.07
C GLN I 162 -15.84 -30.47 -12.34
N GLU I 163 -15.34 -29.25 -12.30
CA GLU I 163 -13.90 -28.99 -12.53
C GLU I 163 -13.49 -27.81 -11.66
N GLY I 164 -12.18 -27.63 -11.58
CA GLY I 164 -11.61 -26.52 -10.83
C GLY I 164 -10.92 -26.99 -9.58
N ILE I 165 -10.49 -26.01 -8.78
CA ILE I 165 -9.63 -26.26 -7.62
C ILE I 165 -10.37 -25.80 -6.37
N VAL I 166 -10.31 -26.61 -5.33
CA VAL I 166 -10.90 -26.28 -4.02
C VAL I 166 -9.77 -26.24 -3.00
N PHE I 167 -9.64 -25.10 -2.32
CA PHE I 167 -8.55 -24.86 -1.41
C PHE I 167 -9.07 -24.82 0.03
N ILE I 168 -8.51 -25.66 0.89
CA ILE I 168 -8.78 -25.64 2.31
C ILE I 168 -7.45 -25.22 2.97
N THR I 169 -7.40 -24.00 3.49
CA THR I 169 -6.21 -23.40 4.00
C THR I 169 -6.30 -23.13 5.49
N GLY I 170 -5.15 -22.94 6.11
CA GLY I 170 -5.06 -22.94 7.55
C GLY I 170 -3.68 -23.40 7.98
N ALA I 171 -3.25 -22.96 9.17
CA ALA I 171 -2.06 -23.53 9.80
C ALA I 171 -2.26 -25.01 10.15
N THR I 172 -1.19 -25.77 10.05
CA THR I 172 -1.33 -27.23 10.18
C THR I 172 -1.76 -27.54 11.62
N GLY I 173 -2.80 -28.35 11.79
CA GLY I 173 -3.48 -28.47 13.05
C GLY I 173 -4.88 -27.87 13.14
N SER I 174 -5.39 -27.33 12.02
CA SER I 174 -6.75 -26.83 11.96
C SER I 174 -7.77 -27.89 11.51
N GLY I 175 -7.34 -29.15 11.37
CA GLY I 175 -8.18 -30.20 10.86
C GLY I 175 -8.77 -29.95 9.49
N LYS I 176 -7.93 -29.45 8.59
CA LYS I 176 -8.35 -29.29 7.19
C LYS I 176 -8.28 -30.61 6.47
N SER I 177 -7.20 -31.36 6.66
CA SER I 177 -7.12 -32.74 6.16
C SER I 177 -8.40 -33.53 6.49
N THR I 178 -8.81 -33.51 7.75
CA THR I 178 -10.03 -34.17 8.16
C THR I 178 -11.23 -33.72 7.32
N LEU I 179 -11.38 -32.40 7.17
CA LEU I 179 -12.45 -31.85 6.34
C LEU I 179 -12.43 -32.46 4.91
N LEU I 180 -11.28 -32.41 4.27
CA LEU I 180 -11.21 -32.90 2.91
C LEU I 180 -11.53 -34.36 2.84
N ALA I 181 -11.02 -35.16 3.78
CA ALA I 181 -11.40 -36.56 3.88
C ALA I 181 -12.90 -36.71 3.92
N SER I 182 -13.57 -35.92 4.79
CA SER I 182 -15.01 -35.99 4.88
C SER I 182 -15.71 -35.67 3.52
N ILE I 183 -15.27 -34.63 2.87
CA ILE I 183 -15.72 -34.33 1.54
C ILE I 183 -15.61 -35.55 0.61
N ILE I 184 -14.44 -36.19 0.65
CA ILE I 184 -14.20 -37.30 -0.25
C ILE I 184 -15.18 -38.42 0.03
N ARG I 185 -15.34 -38.76 1.32
CA ARG I 185 -16.33 -39.76 1.69
C ARG I 185 -17.71 -39.41 1.14
N GLU I 186 -18.13 -38.15 1.34
CA GLU I 186 -19.45 -37.76 0.88
C GLU I 186 -19.60 -37.94 -0.64
N LEU I 187 -18.58 -37.55 -1.38
CA LEU I 187 -18.65 -37.70 -2.82
C LEU I 187 -18.51 -39.14 -3.28
N ILE I 188 -18.01 -40.02 -2.40
CA ILE I 188 -17.78 -41.39 -2.81
C ILE I 188 -18.97 -42.29 -2.52
N GLU I 189 -19.51 -42.21 -1.29
CA GLU I 189 -20.42 -43.26 -0.83
C GLU I 189 -21.83 -43.19 -1.46
N THR I 190 -22.21 -41.99 -1.93
CA THR I 190 -23.46 -41.84 -2.62
C THR I 190 -23.43 -42.60 -3.94
N SER I 191 -24.58 -43.22 -4.25
CA SER I 191 -24.79 -43.83 -5.56
C SER I 191 -24.93 -42.77 -6.63
N ASP I 192 -24.76 -43.21 -7.88
CA ASP I 192 -24.65 -42.33 -9.05
C ASP I 192 -23.46 -41.39 -8.96
N SER I 193 -22.48 -41.69 -8.11
CA SER I 193 -21.26 -40.92 -8.01
C SER I 193 -20.13 -41.77 -8.53
N ASN I 194 -20.00 -41.81 -9.87
CA ASN I 194 -19.04 -42.63 -10.54
C ASN I 194 -17.70 -41.97 -10.53
N ARG I 195 -16.97 -42.08 -9.42
CA ARG I 195 -15.82 -41.24 -9.13
C ARG I 195 -14.62 -42.10 -8.79
N LYS I 196 -13.56 -41.94 -9.58
CA LYS I 196 -12.30 -42.58 -9.29
C LYS I 196 -11.53 -41.46 -8.59
N VAL I 197 -11.08 -41.74 -7.41
CA VAL I 197 -10.40 -40.77 -6.54
C VAL I 197 -8.95 -41.17 -6.40
N LEU I 198 -8.07 -40.19 -6.61
CA LEU I 198 -6.65 -40.39 -6.39
C LEU I 198 -6.17 -39.32 -5.46
N THR I 199 -5.61 -39.72 -4.33
CA THR I 199 -5.07 -38.79 -3.33
C THR I 199 -3.54 -38.99 -3.28
N TYR I 200 -2.81 -37.91 -3.09
CA TYR I 200 -1.39 -37.93 -2.93
C TYR I 200 -1.04 -37.17 -1.67
N GLU I 201 -0.62 -37.89 -0.63
CA GLU I 201 -0.41 -37.30 0.68
C GLU I 201 0.91 -37.64 1.28
N SER I 202 1.61 -36.67 1.88
CA SER I 202 2.94 -36.97 2.38
C SER I 202 2.68 -38.09 3.36
N PRO I 203 1.88 -37.76 4.46
CA PRO I 203 1.74 -38.90 5.38
C PRO I 203 0.29 -39.31 5.35
N ILE I 204 0.00 -40.50 4.99
CA ILE I 204 -1.41 -40.91 4.84
C ILE I 204 -1.98 -41.14 6.20
N GLU I 205 -3.11 -40.52 6.45
CA GLU I 205 -3.81 -40.64 7.72
C GLU I 205 -5.22 -41.18 7.61
N PHE I 206 -5.94 -40.82 6.57
CA PHE I 206 -7.31 -41.30 6.40
C PHE I 206 -7.37 -42.34 5.28
N VAL I 207 -8.06 -43.42 5.52
CA VAL I 207 -8.25 -44.49 4.56
C VAL I 207 -9.74 -44.68 4.30
N TYR I 208 -10.07 -45.13 3.11
CA TYR I 208 -11.44 -45.26 2.67
C TYR I 208 -11.84 -46.70 2.37
N ASP I 209 -11.02 -47.68 2.80
CA ASP I 209 -11.37 -49.07 2.58
C ASP I 209 -12.63 -49.48 3.33
N GLU I 210 -12.82 -48.94 4.53
CA GLU I 210 -13.93 -49.29 5.39
C GLU I 210 -15.28 -48.86 4.78
N ILE I 211 -15.29 -47.71 4.12
CA ILE I 211 -16.51 -47.21 3.51
C ILE I 211 -16.91 -48.17 2.37
N GLU I 212 -18.16 -48.58 2.41
CA GLU I 212 -18.63 -49.46 1.36
C GLU I 212 -18.91 -48.48 0.26
N THR I 213 -18.37 -48.77 -0.90
CA THR I 213 -18.52 -47.84 -2.03
C THR I 213 -19.44 -48.48 -3.02
N ILE I 214 -20.48 -47.80 -3.36
CA ILE I 214 -21.40 -48.43 -4.38
C ILE I 214 -20.65 -48.52 -5.69
N SER I 215 -19.94 -47.47 -6.07
CA SER I 215 -19.25 -47.41 -7.32
C SER I 215 -18.09 -46.49 -7.27
N ALA I 216 -17.28 -46.58 -6.21
CA ALA I 216 -16.13 -45.63 -6.10
C ALA I 216 -14.88 -46.35 -5.72
N VAL I 217 -13.75 -45.91 -6.28
CA VAL I 217 -12.47 -46.53 -6.00
C VAL I 217 -11.51 -45.44 -5.59
N VAL I 218 -10.75 -45.71 -4.53
CA VAL I 218 -9.82 -44.69 -3.99
C VAL I 218 -8.43 -45.25 -4.07
N SER I 219 -7.55 -44.53 -4.75
CA SER I 219 -6.12 -44.87 -4.78
C SER I 219 -5.37 -43.86 -3.98
N GLN I 220 -4.64 -44.31 -2.98
CA GLN I 220 -3.94 -43.40 -2.04
C GLN I 220 -2.47 -43.64 -2.18
N SER I 221 -1.74 -42.63 -2.67
CA SER I 221 -0.31 -42.75 -2.94
C SER I 221 0.44 -41.80 -2.03
N GLU I 222 1.42 -42.34 -1.29
CA GLU I 222 2.18 -41.59 -0.31
C GLU I 222 3.47 -41.07 -0.98
N ILE I 223 3.80 -39.83 -0.69
CA ILE I 223 4.60 -39.04 -1.61
C ILE I 223 6.09 -39.33 -1.40
N PRO I 224 6.56 -39.48 -0.16
CA PRO I 224 7.92 -39.93 0.01
C PRO I 224 8.13 -41.34 -0.48
N ARG I 225 7.14 -42.22 -0.37
CA ARG I 225 7.31 -43.67 -0.55
C ARG I 225 6.94 -44.17 -1.95
N HIS I 226 5.85 -43.66 -2.52
CA HIS I 226 5.29 -44.23 -3.73
C HIS I 226 5.57 -43.42 -4.98
N LEU I 227 5.60 -42.10 -4.86
CA LEU I 227 5.90 -41.23 -5.97
C LEU I 227 6.69 -40.03 -5.42
N PRO I 228 7.72 -39.56 -6.14
CA PRO I 228 8.66 -38.70 -5.49
C PRO I 228 8.12 -37.41 -4.88
N ASN I 229 7.30 -36.67 -5.60
CA ASN I 229 6.80 -35.40 -5.12
C ASN I 229 5.36 -35.16 -5.55
N PHE I 230 4.74 -34.15 -4.94
CA PHE I 230 3.33 -33.94 -5.14
C PHE I 230 3.02 -33.61 -6.58
N ALA I 231 3.84 -32.78 -7.22
CA ALA I 231 3.57 -32.39 -8.61
C ALA I 231 3.63 -33.61 -9.54
N ASP I 232 4.71 -34.36 -9.49
CA ASP I 232 4.75 -35.64 -10.16
C ASP I 232 3.49 -36.44 -9.91
N GLY I 233 3.06 -36.46 -8.66
CA GLY I 233 1.82 -37.17 -8.32
C GLY I 233 0.65 -36.71 -9.17
N VAL I 234 0.43 -35.41 -9.20
CA VAL I 234 -0.68 -34.87 -9.98
C VAL I 234 -0.52 -35.25 -11.45
N ARG I 235 0.64 -34.95 -12.02
CA ARG I 235 0.89 -35.30 -13.40
C ARG I 235 0.56 -36.76 -13.68
N ASN I 236 0.76 -37.62 -12.68
CA ASN I 236 0.43 -39.00 -12.84
C ASN I 236 -1.07 -39.18 -12.83
N ALA I 237 -1.75 -38.61 -11.84
CA ALA I 237 -3.20 -38.59 -11.85
C ALA I 237 -3.80 -38.24 -13.22
N LEU I 238 -3.21 -37.26 -13.87
CA LEU I 238 -3.63 -36.94 -15.23
C LEU I 238 -3.57 -38.12 -16.16
N ARG I 239 -2.55 -38.92 -15.99
CA ARG I 239 -2.43 -40.17 -16.80
C ARG I 239 -3.36 -41.25 -16.31
N ARG I 240 -3.91 -41.11 -15.10
CA ARG I 240 -4.83 -42.10 -14.58
C ARG I 240 -6.31 -41.79 -14.78
N LYS I 241 -6.61 -40.63 -15.40
CA LYS I 241 -7.97 -40.23 -15.65
C LYS I 241 -8.92 -40.41 -14.43
N PRO I 242 -8.51 -39.83 -13.27
CA PRO I 242 -9.41 -39.80 -12.15
C PRO I 242 -10.58 -38.83 -12.37
N ARG I 243 -11.61 -38.98 -11.55
CA ARG I 243 -12.66 -37.98 -11.44
C ARG I 243 -12.46 -37.01 -10.24
N LEU I 244 -11.53 -37.35 -9.33
CA LEU I 244 -11.21 -36.48 -8.23
C LEU I 244 -9.71 -36.67 -7.91
N ILE I 245 -9.03 -35.54 -7.73
CA ILE I 245 -7.61 -35.55 -7.43
C ILE I 245 -7.42 -34.82 -6.09
N MET I 246 -6.74 -35.48 -5.16
CA MET I 246 -6.43 -34.90 -3.87
C MET I 246 -4.95 -34.75 -3.70
N VAL I 247 -4.49 -33.51 -3.54
CA VAL I 247 -3.08 -33.22 -3.31
C VAL I 247 -2.94 -32.65 -1.90
N GLY I 248 -2.14 -33.33 -1.07
CA GLY I 248 -2.09 -32.98 0.33
C GLY I 248 -1.72 -31.52 0.57
N GLU I 249 -0.72 -31.06 -0.18
CA GLU I 249 -0.24 -29.69 -0.06
C GLU I 249 0.22 -29.18 -1.40
N CYS I 250 0.15 -27.87 -1.59
CA CYS I 250 0.47 -27.20 -2.85
C CYS I 250 1.41 -26.02 -2.56
N ARG I 251 2.63 -26.33 -2.14
CA ARG I 251 3.48 -25.30 -1.53
C ARG I 251 4.21 -24.50 -2.59
N ASP I 252 4.76 -25.15 -3.57
CA ASP I 252 5.67 -24.51 -4.53
C ASP I 252 4.96 -24.43 -5.91
N ALA I 253 5.54 -23.64 -6.79
CA ALA I 253 4.95 -23.32 -8.05
C ALA I 253 4.84 -24.53 -8.97
N GLU I 254 5.73 -25.52 -8.81
CA GLU I 254 5.59 -26.78 -9.51
C GLU I 254 4.20 -27.39 -9.29
N THR I 255 3.90 -27.70 -8.02
CA THR I 255 2.64 -28.38 -7.73
C THR I 255 1.44 -27.48 -8.12
N ILE I 256 1.55 -26.18 -7.90
CA ILE I 256 0.49 -25.29 -8.29
C ILE I 256 0.23 -25.37 -9.80
N SER I 257 1.29 -25.40 -10.58
CA SER I 257 1.14 -25.48 -12.05
C SER I 257 0.56 -26.81 -12.46
N ALA I 258 1.09 -27.92 -11.91
CA ALA I 258 0.52 -29.22 -12.16
C ALA I 258 -1.00 -29.20 -11.92
N ALA I 259 -1.41 -28.72 -10.76
CA ALA I 259 -2.83 -28.71 -10.44
C ALA I 259 -3.62 -27.80 -11.37
N LEU I 260 -3.00 -26.71 -11.82
CA LEU I 260 -3.67 -25.82 -12.77
C LEU I 260 -3.91 -26.54 -14.10
N GLU I 261 -2.92 -27.29 -14.57
CA GLU I 261 -3.06 -28.05 -15.79
C GLU I 261 -4.15 -29.09 -15.65
N ALA I 262 -4.18 -29.77 -14.50
CA ALA I 262 -5.19 -30.77 -14.28
C ALA I 262 -6.59 -30.20 -14.45
N ALA I 263 -6.80 -29.03 -13.86
CA ALA I 263 -8.07 -28.41 -13.86
C ALA I 263 -8.51 -27.90 -15.18
N LEU I 264 -7.59 -27.32 -15.95
CA LEU I 264 -7.99 -26.85 -17.28
C LEU I 264 -8.44 -28.01 -18.19
N THR I 265 -7.81 -29.15 -17.96
CA THR I 265 -8.23 -30.35 -18.66
C THR I 265 -9.64 -30.72 -18.21
N GLY I 266 -9.91 -30.55 -16.91
CA GLY I 266 -11.21 -30.84 -16.40
C GLY I 266 -11.36 -31.76 -15.24
N HIS I 267 -10.43 -31.67 -14.31
CA HIS I 267 -10.52 -32.53 -13.11
C HIS I 267 -10.66 -31.76 -11.85
N PRO I 268 -11.63 -32.16 -11.00
CA PRO I 268 -11.65 -31.47 -9.68
C PRO I 268 -10.36 -31.73 -8.92
N VAL I 269 -9.74 -30.66 -8.44
CA VAL I 269 -8.53 -30.76 -7.63
C VAL I 269 -8.82 -30.21 -6.25
N TYR I 270 -8.38 -30.94 -5.22
CA TYR I 270 -8.49 -30.49 -3.83
C TYR I 270 -7.10 -30.44 -3.22
N THR I 271 -6.75 -29.30 -2.63
CA THR I 271 -5.46 -29.12 -2.00
C THR I 271 -5.61 -28.28 -0.74
N THR I 272 -4.53 -28.13 -0.01
CA THR I 272 -4.46 -27.27 1.15
C THR I 272 -3.31 -26.30 1.06
N LEU I 273 -3.47 -25.16 1.72
CA LEU I 273 -2.39 -24.18 1.84
C LEU I 273 -2.27 -23.72 3.28
N HIS I 274 -1.07 -23.33 3.65
CA HIS I 274 -0.78 -22.86 5.00
C HIS I 274 -1.03 -21.39 5.18
N THR I 275 -1.36 -20.67 4.09
CA THR I 275 -1.68 -19.26 4.22
C THR I 275 -3.01 -19.04 4.94
N SER I 276 -3.12 -17.97 5.67
CA SER I 276 -4.25 -17.70 6.56
C SER I 276 -5.01 -16.51 5.98
N GLY I 277 -6.16 -16.82 5.35
CA GLY I 277 -6.96 -15.77 4.73
C GLY I 277 -7.08 -15.95 3.25
N VAL I 278 -8.29 -15.81 2.74
CA VAL I 278 -8.54 -16.18 1.33
C VAL I 278 -7.69 -15.29 0.41
N ALA I 279 -7.82 -13.98 0.59
CA ALA I 279 -6.97 -13.05 -0.15
C ALA I 279 -5.47 -13.38 -0.07
N GLU I 280 -5.06 -13.85 1.08
CA GLU I 280 -3.63 -14.12 1.29
C GLU I 280 -3.22 -15.33 0.54
N THR I 281 -3.94 -16.46 0.71
CA THR I 281 -3.78 -17.57 -0.22
C THR I 281 -3.66 -17.14 -1.69
N MET I 282 -4.62 -16.32 -2.14
CA MET I 282 -4.53 -15.75 -3.46
C MET I 282 -3.14 -15.15 -3.75
N ARG I 283 -2.68 -14.30 -2.85
CA ARG I 283 -1.45 -13.59 -3.06
C ARG I 283 -0.31 -14.56 -3.21
N ARG I 284 -0.27 -15.59 -2.32
CA ARG I 284 0.75 -16.63 -2.44
C ARG I 284 0.72 -17.32 -3.81
N LEU I 285 -0.45 -17.86 -4.15
CA LEU I 285 -0.62 -18.46 -5.47
C LEU I 285 -0.08 -17.59 -6.60
N VAL I 286 -0.62 -16.40 -6.75
CA VAL I 286 -0.24 -15.56 -7.88
C VAL I 286 1.25 -15.15 -7.85
N THR I 287 1.78 -14.96 -6.66
CA THR I 287 3.18 -14.62 -6.53
C THR I 287 4.10 -15.78 -6.80
N SER I 288 3.58 -17.02 -6.79
CA SER I 288 4.46 -18.18 -7.00
C SER I 288 5.27 -18.11 -8.29
N PHE I 289 4.85 -17.23 -9.22
CA PHE I 289 5.23 -17.30 -10.61
C PHE I 289 5.94 -16.03 -11.02
N SER I 290 7.00 -16.18 -11.82
CA SER I 290 7.79 -15.05 -12.27
C SER I 290 7.01 -14.20 -13.25
N GLY I 291 7.60 -13.05 -13.60
CA GLY I 291 6.86 -12.00 -14.28
C GLY I 291 6.28 -12.37 -15.64
N GLU I 292 7.10 -13.05 -16.42
CA GLU I 292 6.69 -13.36 -17.81
C GLU I 292 5.63 -14.41 -17.81
N GLU I 293 5.78 -15.46 -17.00
CA GLU I 293 4.69 -16.41 -16.76
C GLU I 293 3.52 -15.78 -15.98
N ARG I 294 3.78 -14.70 -15.27
CA ARG I 294 2.98 -14.37 -14.10
C ARG I 294 1.54 -14.04 -14.48
N LEU I 295 1.38 -13.32 -15.61
CA LEU I 295 0.06 -12.86 -15.98
C LEU I 295 -0.81 -14.01 -16.43
N GLY I 296 -0.41 -14.69 -17.52
CA GLY I 296 -1.00 -15.96 -17.88
C GLY I 296 -1.34 -16.89 -16.72
N ARG I 297 -0.34 -17.19 -15.89
CA ARG I 297 -0.59 -18.00 -14.73
C ARG I 297 -1.71 -17.45 -13.84
N THR I 298 -1.74 -16.14 -13.71
CA THR I 298 -2.75 -15.53 -12.87
C THR I 298 -4.14 -15.75 -13.46
N ILE I 299 -4.29 -15.47 -14.75
CA ILE I 299 -5.56 -15.71 -15.40
C ILE I 299 -5.99 -17.17 -15.21
N ASP I 300 -5.08 -18.09 -15.46
CA ASP I 300 -5.37 -19.50 -15.21
C ASP I 300 -5.91 -19.73 -13.80
N ILE I 301 -5.19 -19.23 -12.81
CA ILE I 301 -5.61 -19.42 -11.44
C ILE I 301 -7.04 -18.90 -11.22
N LEU I 302 -7.28 -17.64 -11.61
CA LEU I 302 -8.59 -17.05 -11.42
C LEU I 302 -9.67 -17.90 -12.08
N GLU I 303 -9.44 -18.31 -13.33
CA GLU I 303 -10.43 -19.11 -14.02
C GLU I 303 -10.71 -20.43 -13.31
N THR I 304 -9.67 -21.05 -12.79
CA THR I 304 -9.77 -22.43 -12.29
C THR I 304 -10.33 -22.52 -10.88
N ILE I 305 -10.07 -21.51 -10.04
CA ILE I 305 -10.51 -21.54 -8.65
C ILE I 305 -12.03 -21.76 -8.57
N ARG I 306 -12.45 -22.55 -7.61
CA ARG I 306 -13.88 -22.81 -7.38
C ARG I 306 -14.36 -22.55 -5.97
N LEU I 307 -13.47 -22.48 -4.98
CA LEU I 307 -13.88 -22.37 -3.58
C LEU I 307 -12.63 -22.24 -2.71
N CYS I 308 -12.68 -21.36 -1.72
CA CYS I 308 -11.60 -21.20 -0.75
C CYS I 308 -12.19 -21.19 0.66
N ILE I 309 -11.68 -22.06 1.51
CA ILE I 309 -12.02 -22.06 2.93
C ILE I 309 -10.75 -21.96 3.75
N TRP I 310 -10.61 -20.89 4.52
CA TRP I 310 -9.61 -20.80 5.57
C TRP I 310 -10.25 -21.18 6.90
N GLN I 311 -9.64 -22.14 7.59
CA GLN I 311 -10.20 -22.72 8.80
C GLN I 311 -9.25 -22.50 9.96
N LYS I 312 -9.81 -22.31 11.14
CA LYS I 312 -9.07 -21.92 12.34
C LYS I 312 -9.69 -22.62 13.56
N LEU I 313 -8.84 -23.11 14.44
CA LEU I 313 -9.21 -23.85 15.61
C LEU I 313 -9.15 -23.04 16.84
N VAL I 314 -10.25 -22.91 17.57
CA VAL I 314 -10.41 -21.84 18.57
C VAL I 314 -11.09 -22.44 19.80
N PRO I 315 -10.60 -22.11 21.00
CA PRO I 315 -11.10 -22.78 22.20
C PRO I 315 -12.53 -22.42 22.53
N THR I 316 -13.29 -23.36 23.08
CA THR I 316 -14.72 -23.17 23.30
C THR I 316 -14.98 -23.15 24.81
N VAL I 317 -16.23 -22.82 25.15
CA VAL I 317 -16.64 -22.84 26.55
C VAL I 317 -16.63 -24.26 27.09
N ASP I 318 -16.92 -25.24 26.27
CA ASP I 318 -16.82 -26.65 26.67
C ASP I 318 -15.38 -27.11 27.11
N GLU I 319 -14.42 -26.22 26.88
CA GLU I 319 -13.03 -26.46 27.06
C GLU I 319 -12.46 -27.33 25.96
N ARG I 320 -13.19 -27.47 24.87
CA ARG I 320 -12.79 -28.20 23.69
C ARG I 320 -12.38 -27.13 22.66
N ARG I 321 -12.20 -27.51 21.40
CA ARG I 321 -11.95 -26.59 20.35
C ARG I 321 -12.91 -26.69 19.25
N VAL I 322 -13.03 -25.64 18.44
CA VAL I 322 -14.14 -25.48 17.47
C VAL I 322 -13.59 -24.80 16.26
N ALA I 323 -14.25 -25.03 15.13
CA ALA I 323 -13.72 -24.57 13.82
C ALA I 323 -14.50 -23.28 13.45
N LEU I 324 -13.72 -22.22 13.28
CA LEU I 324 -14.15 -21.00 12.70
C LEU I 324 -13.66 -20.95 11.30
N ARG I 325 -14.44 -20.36 10.40
CA ARG I 325 -14.11 -20.43 8.97
C ARG I 325 -14.45 -19.24 8.21
N GLU I 326 -13.54 -18.81 7.35
CA GLU I 326 -13.74 -17.71 6.40
C GLU I 326 -13.62 -18.26 5.01
N TYR I 327 -14.71 -18.19 4.23
CA TYR I 327 -14.74 -18.84 2.92
C TYR I 327 -15.21 -17.84 1.88
N LEU I 328 -14.73 -18.02 0.65
CA LEU I 328 -15.35 -17.44 -0.52
C LEU I 328 -15.68 -18.57 -1.52
N VAL I 329 -16.92 -18.56 -1.98
CA VAL I 329 -17.36 -19.42 -3.06
C VAL I 329 -17.22 -18.68 -4.36
N PHE I 330 -16.44 -19.20 -5.29
CA PHE I 330 -16.09 -18.50 -6.52
C PHE I 330 -17.10 -18.86 -7.59
N ASP I 331 -17.88 -17.87 -8.03
CA ASP I 331 -18.82 -17.97 -9.10
C ASP I 331 -18.32 -17.35 -10.37
N GLU I 332 -18.97 -17.67 -11.50
CA GLU I 332 -18.63 -17.02 -12.75
C GLU I 332 -18.75 -15.51 -12.60
N GLU I 333 -19.76 -15.03 -11.86
CA GLU I 333 -19.78 -13.62 -11.49
C GLU I 333 -18.48 -13.19 -10.74
N VAL I 334 -18.25 -13.75 -9.61
CA VAL I 334 -17.04 -13.52 -8.85
C VAL I 334 -15.78 -13.58 -9.75
N ARG I 335 -15.65 -14.69 -10.46
CA ARG I 335 -14.46 -14.90 -11.24
C ARG I 335 -14.32 -13.82 -12.28
N ASP I 336 -15.39 -13.42 -12.90
CA ASP I 336 -15.34 -12.33 -13.90
C ASP I 336 -14.92 -11.05 -13.25
N ILE I 337 -15.63 -10.61 -12.18
CA ILE I 337 -15.21 -9.48 -11.38
C ILE I 337 -13.68 -9.46 -11.20
N LEU I 338 -13.13 -10.60 -10.80
CA LEU I 338 -11.70 -10.67 -10.59
C LEU I 338 -10.92 -10.55 -11.91
N LEU I 339 -11.48 -11.06 -12.99
CA LEU I 339 -10.79 -11.06 -14.27
C LEU I 339 -10.71 -9.68 -14.89
N GLU I 340 -11.74 -8.84 -14.70
CA GLU I 340 -11.70 -7.48 -15.22
C GLU I 340 -10.41 -6.65 -14.68
N GLY I 341 -10.00 -6.95 -13.49
CA GLY I 341 -9.28 -5.97 -12.75
C GLY I 341 -7.76 -6.10 -12.85
N ASP I 342 -7.07 -5.12 -12.31
CA ASP I 342 -5.63 -5.04 -12.39
C ASP I 342 -5.03 -6.16 -11.56
N PRO I 343 -4.04 -6.88 -12.09
CA PRO I 343 -3.57 -8.06 -11.37
C PRO I 343 -2.92 -7.76 -10.05
N ASN I 344 -2.10 -6.69 -9.98
CA ASN I 344 -1.57 -6.23 -8.69
C ASN I 344 -2.67 -5.83 -7.71
N GLU I 345 -3.83 -5.43 -8.23
CA GLU I 345 -5.01 -5.22 -7.38
C GLU I 345 -5.77 -6.51 -7.02
N VAL I 346 -5.31 -7.70 -7.47
CA VAL I 346 -6.10 -8.87 -7.36
C VAL I 346 -6.32 -9.27 -5.88
N THR I 347 -5.27 -9.17 -5.09
CA THR I 347 -5.37 -9.49 -3.67
C THR I 347 -6.44 -8.61 -3.01
N SER I 348 -6.34 -7.31 -3.18
CA SER I 348 -7.29 -6.40 -2.54
C SER I 348 -8.69 -6.65 -3.02
N ALA I 349 -8.92 -6.66 -4.33
CA ALA I 349 -10.22 -7.06 -4.88
C ALA I 349 -10.77 -8.33 -4.20
N THR I 350 -9.90 -9.31 -4.00
CA THR I 350 -10.30 -10.50 -3.27
C THR I 350 -10.79 -10.17 -1.87
N ARG I 351 -9.97 -9.41 -1.12
CA ARG I 351 -10.38 -8.94 0.19
C ARG I 351 -11.83 -8.35 0.18
N LYS I 352 -12.08 -7.49 -0.79
CA LYS I 352 -13.41 -6.90 -0.89
C LYS I 352 -14.47 -7.96 -1.20
N LEU I 353 -14.13 -8.93 -2.03
CA LEU I 353 -15.10 -9.92 -2.46
C LEU I 353 -15.47 -10.88 -1.37
N VAL I 354 -14.55 -11.21 -0.51
CA VAL I 354 -14.88 -11.97 0.72
C VAL I 354 -15.89 -11.18 1.52
N ARG I 355 -15.71 -9.86 1.67
CA ARG I 355 -16.65 -9.06 2.41
C ARG I 355 -18.04 -9.02 1.78
N GLN I 356 -18.07 -8.93 0.43
CA GLN I 356 -19.32 -8.66 -0.27
C GLN I 356 -20.10 -9.95 -0.56
N LYS I 357 -19.39 -10.98 -1.05
CA LYS I 357 -20.05 -12.22 -1.42
C LYS I 357 -19.68 -13.41 -0.58
N GLY I 358 -18.72 -13.26 0.34
CA GLY I 358 -18.21 -14.38 1.11
C GLY I 358 -18.59 -14.29 2.57
N GLN I 359 -17.72 -14.80 3.44
CA GLN I 359 -17.99 -14.78 4.89
C GLN I 359 -16.67 -14.55 5.55
N LEU I 360 -16.57 -13.39 6.17
CA LEU I 360 -15.33 -13.07 6.92
C LEU I 360 -15.22 -13.99 8.12
N MET I 361 -13.98 -14.19 8.49
CA MET I 361 -13.68 -15.07 9.64
C MET I 361 -14.35 -14.51 10.88
N THR I 362 -14.15 -13.23 11.10
CA THR I 362 -14.61 -12.58 12.31
C THR I 362 -16.11 -12.68 12.38
N TRP I 363 -16.80 -12.49 11.23
CA TRP I 363 -18.20 -12.46 11.20
C TRP I 363 -18.75 -13.80 11.80
N ASP I 364 -18.16 -14.90 11.39
CA ASP I 364 -18.54 -16.16 11.92
C ASP I 364 -18.30 -16.19 13.43
N ALA I 365 -17.15 -15.70 13.85
CA ALA I 365 -16.83 -15.70 15.26
C ALA I 365 -17.81 -14.89 16.04
N LYS I 366 -18.13 -13.70 15.53
CA LYS I 366 -19.06 -12.83 16.25
C LYS I 366 -20.42 -13.54 16.30
N MET I 367 -20.74 -14.23 15.22
CA MET I 367 -21.97 -14.99 15.20
C MET I 367 -21.85 -16.07 16.23
N LYS I 368 -20.64 -16.69 16.34
CA LYS I 368 -20.45 -17.67 17.36
C LYS I 368 -20.65 -17.09 18.71
N PHE I 369 -19.85 -16.08 19.02
CA PHE I 369 -19.88 -15.44 20.36
C PHE I 369 -21.31 -15.09 20.83
N GLU I 370 -22.13 -14.61 19.90
CA GLU I 370 -23.54 -14.47 20.18
C GLU I 370 -24.16 -15.81 20.59
N GLN I 371 -23.76 -16.88 19.94
CA GLN I 371 -24.26 -18.19 20.27
C GLN I 371 -23.68 -18.74 21.56
N GLY I 372 -22.68 -18.08 22.11
CA GLY I 372 -22.11 -18.53 23.38
C GLY I 372 -21.07 -19.63 23.27
N ILE I 373 -20.71 -20.02 22.05
CA ILE I 373 -19.78 -21.11 21.86
C ILE I 373 -18.35 -20.67 22.13
N ILE I 374 -18.01 -19.41 21.80
CA ILE I 374 -16.66 -18.91 22.02
C ILE I 374 -16.66 -17.92 23.18
N SER I 375 -15.56 -17.89 23.91
CA SER I 375 -15.40 -16.96 25.01
C SER I 375 -15.16 -15.55 24.51
N GLU I 376 -15.59 -14.57 25.31
CA GLU I 376 -15.42 -13.17 24.95
C GLU I 376 -13.96 -12.82 24.75
N ARG I 377 -13.11 -13.22 25.71
CA ARG I 377 -11.68 -13.00 25.59
C ARG I 377 -11.15 -13.55 24.26
N VAL I 378 -11.59 -14.75 23.89
CA VAL I 378 -11.15 -15.36 22.65
C VAL I 378 -11.55 -14.50 21.46
N TYR I 379 -12.83 -14.17 21.37
CA TYR I 379 -13.30 -13.21 20.38
C TYR I 379 -12.36 -12.00 20.26
N LYS I 380 -12.17 -11.31 21.36
CA LYS I 380 -11.31 -10.13 21.34
C LYS I 380 -9.95 -10.47 20.77
N LEU I 381 -9.38 -11.60 21.18
CA LEU I 381 -8.08 -12.02 20.65
C LEU I 381 -8.12 -12.11 19.12
N ILE I 382 -9.10 -12.83 18.59
CA ILE I 382 -9.21 -12.98 17.15
C ILE I 382 -9.33 -11.64 16.47
N ILE I 383 -10.18 -10.78 17.00
CA ILE I 383 -10.30 -9.41 16.47
C ILE I 383 -8.92 -8.74 16.42
N ALA I 384 -8.16 -8.85 17.49
CA ALA I 384 -6.85 -8.22 17.55
C ALA I 384 -5.94 -8.77 16.47
N GLY I 385 -5.89 -10.10 16.34
CA GLY I 385 -5.07 -10.72 15.29
C GLY I 385 -5.48 -10.30 13.89
N ALA I 386 -6.78 -10.08 13.68
CA ALA I 386 -7.26 -9.53 12.42
C ALA I 386 -6.67 -8.13 12.10
N LYS I 387 -6.60 -7.30 13.12
CA LYS I 387 -5.99 -5.98 13.00
C LYS I 387 -6.34 -5.09 14.21
N ILE J 20 48.97 -22.17 42.74
CA ILE J 20 49.86 -22.91 43.66
C ILE J 20 49.06 -23.46 44.84
N ASN J 21 48.27 -24.48 44.58
CA ASN J 21 47.39 -25.07 45.58
C ASN J 21 47.34 -26.56 45.35
N LEU J 22 46.50 -27.29 46.10
CA LEU J 22 46.41 -28.73 45.96
C LEU J 22 45.05 -29.35 46.15
N MET J 23 44.87 -30.49 45.53
CA MET J 23 43.65 -31.27 45.64
C MET J 23 43.65 -31.94 46.93
N PRO J 24 42.45 -32.26 47.49
CA PRO J 24 42.51 -32.95 48.80
C PRO J 24 43.17 -34.33 48.74
N ASP J 25 42.78 -35.15 47.80
CA ASP J 25 43.28 -36.50 47.66
C ASP J 25 43.72 -36.84 46.32
N GLU J 26 44.86 -36.34 45.88
CA GLU J 26 45.39 -36.66 44.52
C GLU J 26 45.56 -38.19 44.48
N PRO J 27 45.01 -38.79 43.40
CA PRO J 27 45.17 -40.26 43.39
C PRO J 27 46.44 -40.62 42.64
N THR J 28 46.78 -41.89 42.60
CA THR J 28 47.89 -42.39 41.83
C THR J 28 47.73 -42.06 40.37
N ARG J 29 46.61 -42.38 39.80
CA ARG J 29 46.35 -42.06 38.38
C ARG J 29 44.91 -41.67 38.31
N PHE J 30 44.57 -40.66 37.52
CA PHE J 30 43.21 -40.15 37.44
C PHE J 30 42.14 -41.04 36.87
N THR J 31 41.05 -41.08 37.58
CA THR J 31 39.89 -41.90 37.17
C THR J 31 38.67 -41.06 37.07
N PRO J 32 37.77 -41.41 36.12
CA PRO J 32 36.56 -40.55 35.98
C PRO J 32 35.84 -40.32 37.32
N VAL J 33 35.79 -41.33 38.17
CA VAL J 33 35.25 -41.15 39.49
C VAL J 33 35.98 -40.07 40.25
N PHE J 34 37.29 -40.10 40.18
CA PHE J 34 38.08 -39.09 40.89
C PHE J 34 37.90 -37.71 40.28
N MET J 35 37.58 -37.65 38.98
CA MET J 35 37.44 -36.35 38.35
C MET J 35 36.32 -35.53 38.99
N ASP J 36 35.24 -36.19 39.41
CA ASP J 36 34.15 -35.47 40.05
C ASP J 36 34.61 -34.81 41.35
N ARG J 37 35.26 -35.66 42.16
CA ARG J 37 35.79 -35.22 43.42
C ARG J 37 36.86 -34.21 43.15
N MET J 38 37.54 -34.38 42.00
CA MET J 38 38.47 -33.35 41.55
C MET J 38 37.71 -32.06 41.37
N LEU J 39 36.50 -32.18 40.80
CA LEU J 39 35.69 -31.04 40.57
C LEU J 39 35.30 -30.32 41.84
N GLU J 40 34.94 -31.08 42.87
CA GLU J 40 34.47 -30.41 44.09
C GLU J 40 35.54 -29.53 44.65
N HIS J 41 36.78 -30.04 44.67
CA HIS J 41 37.87 -29.26 45.18
C HIS J 41 37.96 -27.94 44.36
N ALA J 42 37.72 -28.10 43.07
CA ALA J 42 37.74 -26.98 42.20
C ALA J 42 36.70 -25.88 42.57
N GLU J 43 35.50 -26.35 42.77
CA GLU J 43 34.39 -25.45 43.06
C GLU J 43 34.58 -24.75 44.36
N SER J 44 35.15 -25.49 45.37
CA SER J 44 35.40 -24.87 46.64
C SER J 44 36.26 -23.65 46.50
N LEU J 45 37.11 -23.61 45.46
CA LEU J 45 37.89 -22.42 45.18
C LEU J 45 37.09 -21.39 44.39
N ASN J 46 35.84 -21.72 44.04
CA ASN J 46 35.01 -20.83 43.21
C ASN J 46 35.59 -20.64 41.82
N ALA J 47 36.19 -21.72 41.28
CA ALA J 47 36.97 -21.62 40.04
C ALA J 47 36.03 -21.55 38.85
N SER J 48 36.34 -20.66 37.90
CA SER J 48 35.49 -20.45 36.75
C SER J 48 35.70 -21.51 35.69
N ASP J 49 36.95 -21.94 35.49
CA ASP J 49 37.32 -22.89 34.46
C ASP J 49 38.33 -23.88 34.99
N ILE J 50 38.33 -25.07 34.40
CA ILE J 50 39.26 -26.15 34.75
C ILE J 50 39.85 -26.69 33.47
N THR J 51 41.16 -26.75 33.39
CA THR J 51 41.87 -27.19 32.20
C THR J 51 42.66 -28.43 32.52
N ILE J 52 42.42 -29.50 31.79
CA ILE J 52 43.19 -30.76 31.94
C ILE J 52 43.85 -30.98 30.60
N GLN J 53 45.13 -31.25 30.58
CA GLN J 53 45.88 -31.52 29.36
C GLN J 53 46.89 -32.58 29.60
N THR J 54 47.18 -33.34 28.57
CA THR J 54 48.22 -34.39 28.68
C THR J 54 49.59 -33.70 28.98
N GLY J 55 50.30 -34.25 29.90
CA GLY J 55 51.62 -33.72 30.22
C GLY J 55 51.65 -32.48 31.08
N GLU J 56 50.56 -32.14 31.70
CA GLU J 56 50.49 -30.98 32.60
C GLU J 56 49.54 -31.34 33.69
N PRO J 57 49.71 -30.74 34.87
CA PRO J 57 48.75 -30.94 35.95
C PRO J 57 47.40 -30.28 35.65
N ILE J 58 46.40 -30.60 36.47
CA ILE J 58 45.12 -29.99 36.36
C ILE J 58 45.20 -28.53 36.82
N PHE J 59 44.62 -27.64 36.01
CA PHE J 59 44.56 -26.22 36.31
C PHE J 59 43.15 -25.78 36.62
N ALA J 60 43.05 -24.79 37.51
CA ALA J 60 41.79 -24.11 37.77
C ALA J 60 42.05 -22.60 37.71
N GLU J 61 41.14 -21.86 37.08
CA GLU J 61 41.16 -20.43 37.07
C GLU J 61 40.20 -19.92 38.15
N VAL J 62 40.76 -19.39 39.23
CA VAL J 62 40.00 -18.62 40.21
C VAL J 62 40.32 -17.15 40.01
N TYR J 63 39.33 -16.38 39.62
CA TYR J 63 39.39 -14.92 39.60
C TYR J 63 40.53 -14.43 38.76
N GLY J 64 40.62 -14.90 37.52
CA GLY J 64 41.71 -14.51 36.64
C GLY J 64 43.06 -15.02 36.99
N ARG J 65 43.17 -15.83 38.01
CA ARG J 65 44.42 -16.43 38.44
C ARG J 65 44.35 -17.92 38.02
N LEU J 66 45.48 -18.43 37.55
CA LEU J 66 45.61 -19.82 37.18
C LEU J 66 46.41 -20.54 38.23
N LEU J 67 45.83 -21.57 38.84
CA LEU J 67 46.50 -22.33 39.89
C LEU J 67 46.46 -23.81 39.55
N LYS J 68 47.57 -24.46 39.86
CA LYS J 68 47.63 -25.92 39.71
C LYS J 68 46.94 -26.55 40.92
N ILE J 69 46.01 -27.47 40.66
CA ILE J 69 45.33 -28.13 41.76
C ILE J 69 45.71 -29.56 41.89
N THR J 70 46.82 -29.96 41.34
CA THR J 70 47.31 -31.36 41.38
C THR J 70 48.77 -31.31 41.21
N ASN J 71 49.46 -32.17 41.89
CA ASN J 71 50.92 -32.27 41.78
C ASN J 71 51.24 -33.56 41.05
N ARG J 72 50.68 -33.73 39.88
CA ARG J 72 50.97 -34.83 38.98
C ARG J 72 50.57 -34.41 37.56
N ARG J 73 51.43 -34.67 36.60
CA ARG J 73 51.13 -34.44 35.19
C ARG J 73 50.34 -35.63 34.64
N LEU J 74 49.22 -35.33 34.01
CA LEU J 74 48.32 -36.37 33.53
C LEU J 74 48.85 -37.01 32.25
N SER J 75 48.57 -38.30 32.08
CA SER J 75 49.00 -39.03 30.91
C SER J 75 47.96 -38.95 29.80
N ASN J 76 48.40 -39.12 28.56
CA ASN J 76 47.49 -39.13 27.43
C ASN J 76 46.38 -40.15 27.62
N THR J 77 46.73 -41.33 28.10
CA THR J 77 45.72 -42.37 28.34
C THR J 77 44.65 -41.93 29.33
N GLU J 78 45.06 -41.30 30.40
CA GLU J 78 44.09 -40.76 31.37
C GLU J 78 43.14 -39.80 30.70
N LEU J 79 43.69 -38.80 30.01
CA LEU J 79 42.85 -37.80 29.36
C LEU J 79 41.86 -38.49 28.41
N GLY J 80 42.37 -39.39 27.58
CA GLY J 80 41.48 -40.16 26.72
C GLY J 80 40.37 -40.86 27.48
N ASP J 81 40.71 -41.48 28.61
CA ASP J 81 39.69 -42.13 29.43
C ASP J 81 38.66 -41.12 29.92
N LEU J 82 39.12 -39.99 30.47
CA LEU J 82 38.19 -38.95 30.90
C LEU J 82 37.23 -38.55 29.79
N ILE J 83 37.75 -38.24 28.63
CA ILE J 83 36.93 -37.73 27.53
C ILE J 83 35.96 -38.80 27.07
N ASN J 84 36.43 -40.03 26.94
CA ASN J 84 35.55 -41.14 26.57
C ASN J 84 34.41 -41.27 27.57
N SER J 85 34.73 -41.23 28.86
CA SER J 85 33.67 -41.31 29.89
C SER J 85 32.68 -40.16 29.77
N ILE J 86 33.18 -38.97 29.53
CA ILE J 86 32.30 -37.77 29.45
C ILE J 86 31.51 -37.74 28.18
N TYR J 87 31.97 -38.30 27.09
CA TYR J 87 31.34 -38.15 25.78
C TYR J 87 31.28 -39.42 24.95
N GLY J 88 31.62 -40.59 25.49
CA GLY J 88 31.33 -41.83 24.86
C GLY J 88 32.54 -42.60 24.37
N PRO J 89 32.35 -43.86 24.03
CA PRO J 89 33.54 -44.68 23.68
C PRO J 89 34.40 -44.03 22.58
N ASN J 90 33.80 -43.43 21.60
CA ASN J 90 34.50 -43.04 20.40
C ASN J 90 35.05 -41.63 20.42
N ALA J 91 34.95 -40.96 21.52
CA ALA J 91 35.38 -39.54 21.61
C ALA J 91 36.87 -39.42 21.26
N THR J 92 37.69 -40.27 21.84
CA THR J 92 39.08 -40.38 21.46
C THR J 92 39.24 -40.54 19.94
N THR J 93 38.58 -41.54 19.37
CA THR J 93 38.65 -41.75 17.94
C THR J 93 38.27 -40.49 17.15
N GLN J 94 37.29 -39.75 17.66
CA GLN J 94 36.84 -38.56 16.98
C GLN J 94 37.90 -37.50 17.02
N LEU J 95 38.50 -37.29 18.15
CA LEU J 95 39.69 -36.40 18.25
C LEU J 95 40.77 -36.80 17.26
N LEU J 96 41.05 -38.08 17.18
CA LEU J 96 42.12 -38.54 16.28
C LEU J 96 41.74 -38.36 14.82
N SER J 97 40.45 -38.31 14.52
CA SER J 97 40.01 -38.04 13.16
C SER J 97 40.32 -36.63 12.72
N GLY J 98 40.49 -35.74 13.66
CA GLY J 98 40.74 -34.33 13.35
C GLY J 98 39.53 -33.48 13.59
N LYS J 99 38.71 -33.84 14.56
CA LYS J 99 37.53 -33.11 14.93
C LYS J 99 37.69 -32.56 16.36
N ASP J 100 36.73 -31.72 16.71
CA ASP J 100 36.67 -31.10 17.99
C ASP J 100 35.39 -31.53 18.72
N ILE J 101 35.47 -31.65 20.02
CA ILE J 101 34.34 -32.09 20.83
C ILE J 101 33.84 -30.92 21.68
N ASP J 102 32.55 -30.65 21.60
CA ASP J 102 31.87 -29.78 22.54
C ASP J 102 30.64 -30.45 23.07
N THR J 103 30.49 -30.49 24.39
CA THR J 103 29.46 -31.24 25.07
C THR J 103 29.24 -30.68 26.45
N HIS J 104 28.56 -31.43 27.33
CA HIS J 104 28.02 -30.89 28.57
C HIS J 104 28.15 -31.91 29.64
N TYR J 105 28.65 -31.56 30.82
CA TYR J 105 28.81 -32.46 31.93
C TYR J 105 27.99 -32.01 33.12
N GLU J 106 27.32 -32.97 33.77
CA GLU J 106 26.59 -32.69 35.01
C GLU J 106 27.00 -33.71 36.07
N PHE J 107 26.98 -33.27 37.31
CA PHE J 107 27.09 -34.19 38.46
C PHE J 107 26.75 -33.49 39.74
N ARG J 108 25.81 -34.06 40.51
CA ARG J 108 25.50 -33.58 41.86
C ARG J 108 26.50 -34.21 42.85
N PRO J 109 27.26 -33.39 43.59
CA PRO J 109 28.32 -33.96 44.41
C PRO J 109 27.82 -34.84 45.52
N ASN J 110 26.82 -34.34 46.27
CA ASN J 110 26.30 -35.04 47.45
C ASN J 110 24.82 -34.70 47.61
N ARG J 111 24.01 -35.39 46.81
CA ARG J 111 22.57 -35.12 46.75
C ARG J 111 22.37 -33.64 46.34
N GLY J 112 21.53 -32.86 47.04
CA GLY J 112 21.75 -31.45 47.13
C GLY J 112 21.98 -30.74 45.78
N VAL J 113 23.08 -30.06 45.67
CA VAL J 113 23.35 -29.21 44.53
C VAL J 113 23.83 -30.06 43.36
N ARG J 114 23.69 -29.47 42.16
CA ARG J 114 24.16 -30.12 40.93
C ARG J 114 25.13 -29.19 40.22
N TYR J 115 26.28 -29.71 39.82
CA TYR J 115 27.31 -28.94 39.15
C TYR J 115 27.26 -29.23 37.64
N ARG J 116 27.31 -28.15 36.85
CA ARG J 116 27.18 -28.21 35.42
C ARG J 116 28.38 -27.56 34.74
N TYR J 117 28.73 -28.06 33.57
CA TYR J 117 29.88 -27.57 32.85
C TYR J 117 29.65 -27.71 31.36
N ARG J 118 30.24 -26.80 30.60
CA ARG J 118 30.36 -26.89 29.16
C ARG J 118 31.76 -27.44 28.99
N VAL J 119 31.89 -28.58 28.30
CA VAL J 119 33.14 -29.27 28.13
C VAL J 119 33.56 -29.18 26.68
N ASN J 120 34.87 -28.99 26.45
CA ASN J 120 35.42 -28.94 25.12
C ASN J 120 36.72 -29.70 25.11
N ALA J 121 36.78 -30.76 24.30
CA ALA J 121 38.01 -31.51 24.09
C ALA J 121 38.54 -31.20 22.71
N THR J 122 39.83 -30.91 22.63
CA THR J 122 40.49 -30.63 21.39
C THR J 122 41.85 -31.34 21.34
N ALA J 123 42.26 -31.73 20.14
CA ALA J 123 43.54 -32.40 19.96
C ALA J 123 44.66 -31.39 19.85
N CYS J 124 45.76 -31.66 20.52
CA CYS J 124 46.97 -30.84 20.43
C CYS J 124 48.19 -31.72 20.35
N LEU J 125 49.34 -31.10 20.27
CA LEU J 125 50.60 -31.84 20.05
C LEU J 125 51.50 -31.63 21.24
N VAL J 126 51.85 -32.71 21.93
CA VAL J 126 52.59 -32.65 23.19
C VAL J 126 53.77 -33.59 23.06
N GLU J 127 54.97 -33.07 23.29
CA GLU J 127 56.18 -33.87 23.26
C GLU J 127 56.28 -34.71 22.00
N GLY J 128 55.88 -34.14 20.86
CA GLY J 128 56.00 -34.78 19.59
C GLY J 128 54.87 -35.73 19.19
N HIS J 129 53.89 -35.90 20.06
CA HIS J 129 52.86 -36.91 19.88
C HIS J 129 51.48 -36.31 20.01
N ASP J 130 50.48 -36.95 19.39
CA ASP J 130 49.11 -36.50 19.54
C ASP J 130 48.72 -36.58 21.02
N ALA J 131 47.97 -35.59 21.48
CA ALA J 131 47.43 -35.57 22.81
C ALA J 131 46.11 -34.82 22.84
N ILE J 132 45.49 -34.77 24.00
CA ILE J 132 44.13 -34.23 24.13
C ILE J 132 44.13 -33.21 25.27
N GLN J 133 43.41 -32.12 25.07
CA GLN J 133 43.17 -31.14 26.11
C GLN J 133 41.66 -30.94 26.28
N ILE J 134 41.21 -31.05 27.51
CA ILE J 134 39.79 -30.99 27.86
C ILE J 134 39.62 -29.80 28.79
N THR J 135 38.61 -28.97 28.52
CA THR J 135 38.38 -27.76 29.26
C THR J 135 36.92 -27.69 29.70
N LEU J 136 36.71 -27.48 30.99
CA LEU J 136 35.38 -27.41 31.57
C LEU J 136 35.13 -25.99 32.06
N ARG J 137 34.06 -25.39 31.55
CA ARG J 137 33.69 -24.02 31.94
C ARG J 137 32.36 -24.09 32.70
N THR J 138 32.34 -23.50 33.89
CA THR J 138 31.14 -23.56 34.72
C THR J 138 30.03 -22.77 34.06
N ILE J 139 28.82 -23.29 34.13
CA ILE J 139 27.67 -22.64 33.52
C ILE J 139 26.63 -22.62 34.58
N PRO J 140 25.69 -21.69 34.49
CA PRO J 140 24.58 -21.76 35.51
C PRO J 140 23.62 -22.87 35.10
N THR J 141 22.66 -23.11 35.92
CA THR J 141 21.67 -24.17 35.67
C THR J 141 20.53 -23.64 34.79
N THR J 142 20.11 -22.41 35.00
CA THR J 142 18.79 -21.93 34.68
C THR J 142 18.96 -20.53 34.07
N PRO J 143 18.30 -20.26 32.94
CA PRO J 143 18.34 -18.94 32.36
C PRO J 143 17.97 -17.85 33.37
N PRO J 144 18.64 -16.71 33.31
CA PRO J 144 18.10 -15.50 33.92
C PRO J 144 16.66 -15.24 33.50
N LYS J 145 15.94 -14.44 34.29
CA LYS J 145 14.57 -14.10 33.95
C LYS J 145 14.55 -13.01 32.86
N LEU J 146 13.47 -12.97 32.11
CA LEU J 146 13.37 -12.04 30.99
C LEU J 146 13.32 -10.56 31.46
N SER J 147 12.70 -10.34 32.63
CA SER J 147 12.62 -8.99 33.14
C SER J 147 14.01 -8.41 33.42
N THR J 148 14.93 -9.25 33.91
CA THR J 148 16.28 -8.80 34.17
C THR J 148 16.97 -8.40 32.89
N MET J 149 16.54 -8.92 31.74
CA MET J 149 17.24 -8.68 30.48
C MET J 149 17.13 -7.22 30.02
N ASN J 150 16.13 -6.48 30.52
CA ASN J 150 16.04 -5.04 30.27
C ASN J 150 15.57 -4.77 28.85
N LEU J 151 14.51 -5.44 28.44
CA LEU J 151 14.09 -5.46 27.04
C LEU J 151 12.91 -4.52 26.85
N PRO J 152 12.90 -3.73 25.76
CA PRO J 152 11.71 -2.94 25.45
C PRO J 152 10.43 -3.76 25.47
N ASP J 153 9.30 -3.09 25.64
CA ASP J 153 8.02 -3.77 25.69
C ASP J 153 7.65 -4.32 24.34
N ASN J 154 7.90 -3.57 23.26
CA ASN J 154 7.69 -4.09 21.92
C ASN J 154 8.14 -5.55 21.77
N ILE J 155 9.40 -5.81 22.15
CA ILE J 155 9.93 -7.15 21.97
C ILE J 155 9.13 -8.18 22.79
N ILE J 156 8.87 -7.86 24.04
CA ILE J 156 8.12 -8.78 24.89
C ILE J 156 6.77 -9.11 24.26
N GLU J 157 6.11 -8.11 23.68
CA GLU J 157 4.86 -8.36 22.97
C GLU J 157 5.07 -9.22 21.75
N ALA J 158 6.23 -9.09 21.10
CA ALA J 158 6.49 -9.81 19.85
C ALA J 158 7.08 -11.22 20.06
N ILE J 159 7.36 -11.58 21.31
CA ILE J 159 8.37 -12.60 21.58
C ILE J 159 7.86 -14.00 21.55
N ALA J 160 6.58 -14.18 21.51
CA ALA J 160 5.92 -15.51 21.55
C ALA J 160 4.91 -15.63 20.41
N PRO J 161 5.38 -15.59 19.15
CA PRO J 161 4.46 -15.76 18.03
C PRO J 161 3.92 -17.18 17.93
N GLN J 162 2.73 -17.31 17.38
CA GLN J 162 2.14 -18.63 17.17
C GLN J 162 2.96 -19.45 16.17
N GLU J 163 3.41 -18.81 15.10
CA GLU J 163 4.28 -19.46 14.12
C GLU J 163 5.31 -18.44 13.62
N GLY J 164 6.26 -18.92 12.85
CA GLY J 164 7.28 -18.08 12.29
C GLY J 164 8.60 -18.21 13.00
N ILE J 165 9.54 -17.36 12.59
CA ILE J 165 10.94 -17.50 13.00
C ILE J 165 11.34 -16.24 13.77
N VAL J 166 12.06 -16.44 14.86
CA VAL J 166 12.66 -15.37 15.64
C VAL J 166 14.18 -15.53 15.58
N PHE J 167 14.87 -14.49 15.15
CA PHE J 167 16.31 -14.50 14.94
C PHE J 167 16.99 -13.61 15.98
N ILE J 168 18.00 -14.15 16.65
CA ILE J 168 18.82 -13.37 17.56
C ILE J 168 20.24 -13.33 16.97
N THR J 169 20.51 -12.39 16.06
CA THR J 169 21.77 -12.36 15.35
C THR J 169 22.83 -11.60 16.15
N GLY J 170 24.07 -11.80 15.80
CA GLY J 170 25.18 -11.09 16.38
C GLY J 170 26.44 -11.92 16.43
N ALA J 171 27.56 -11.26 16.65
CA ALA J 171 28.83 -11.94 16.80
C ALA J 171 28.82 -12.76 18.11
N THR J 172 29.52 -13.90 18.07
CA THR J 172 29.45 -14.83 19.16
C THR J 172 30.02 -14.23 20.42
N GLY J 173 29.46 -14.61 21.56
CA GLY J 173 29.75 -13.94 22.83
C GLY J 173 29.00 -12.61 23.03
N SER J 174 27.86 -12.48 22.38
CA SER J 174 26.90 -11.41 22.74
C SER J 174 25.71 -11.94 23.55
N GLY J 175 25.84 -13.11 24.12
CA GLY J 175 24.82 -13.71 24.97
C GLY J 175 23.45 -13.87 24.34
N LYS J 176 23.43 -14.25 23.08
CA LYS J 176 22.17 -14.64 22.41
C LYS J 176 21.63 -15.97 22.96
N SER J 177 22.52 -16.89 23.24
CA SER J 177 22.13 -18.14 23.86
C SER J 177 21.29 -17.83 25.12
N THR J 178 21.88 -17.10 26.01
CA THR J 178 21.25 -16.66 27.22
C THR J 178 19.88 -16.04 26.99
N LEU J 179 19.78 -15.18 25.99
CA LEU J 179 18.51 -14.53 25.71
C LEU J 179 17.45 -15.58 25.33
N LEU J 180 17.76 -16.38 24.31
CA LEU J 180 16.84 -17.44 23.90
C LEU J 180 16.42 -18.33 25.10
N ALA J 181 17.41 -18.75 25.88
CA ALA J 181 17.14 -19.51 27.07
C ALA J 181 16.14 -18.79 27.98
N SER J 182 16.29 -17.48 28.12
CA SER J 182 15.40 -16.71 28.95
C SER J 182 13.99 -16.70 28.39
N ILE J 183 13.85 -16.45 27.10
CA ILE J 183 12.56 -16.54 26.45
C ILE J 183 11.91 -17.89 26.75
N ILE J 184 12.63 -18.96 26.50
CA ILE J 184 12.10 -20.29 26.73
C ILE J 184 11.67 -20.47 28.18
N ARG J 185 12.45 -19.97 29.12
CA ARG J 185 12.08 -20.01 30.51
C ARG J 185 10.75 -19.30 30.73
N GLU J 186 10.56 -18.15 30.09
CA GLU J 186 9.35 -17.38 30.29
C GLU J 186 8.16 -18.14 29.73
N LEU J 187 8.29 -18.67 28.51
CA LEU J 187 7.14 -19.32 27.88
C LEU J 187 6.81 -20.66 28.54
N ILE J 188 7.81 -21.32 28.99
CA ILE J 188 7.69 -22.62 29.64
C ILE J 188 6.99 -22.46 31.01
N GLU J 189 7.48 -21.54 31.82
CA GLU J 189 7.08 -21.33 33.17
C GLU J 189 5.65 -20.88 33.43
N THR J 190 5.13 -19.97 32.64
CA THR J 190 3.83 -19.40 32.93
C THR J 190 2.77 -20.46 32.88
N SER J 191 1.91 -20.48 33.90
CA SER J 191 0.77 -21.40 33.91
C SER J 191 -0.03 -21.27 32.60
N ASP J 192 -0.66 -22.36 32.22
CA ASP J 192 -1.38 -22.47 30.96
C ASP J 192 -0.46 -22.35 29.74
N SER J 193 0.81 -22.69 29.92
CA SER J 193 1.75 -22.69 28.80
C SER J 193 1.92 -24.08 28.18
N ASN J 194 0.95 -24.48 27.41
CA ASN J 194 0.90 -25.82 26.84
C ASN J 194 1.88 -25.84 25.65
N ARG J 195 3.10 -26.15 25.98
CA ARG J 195 4.22 -26.02 25.04
C ARG J 195 5.11 -27.21 25.18
N LYS J 196 5.21 -28.05 24.15
CA LYS J 196 6.29 -28.99 24.00
C LYS J 196 7.46 -28.27 23.31
N VAL J 197 8.57 -28.18 24.01
CA VAL J 197 9.72 -27.44 23.57
C VAL J 197 10.84 -28.40 23.19
N LEU J 198 11.35 -28.26 21.97
CA LEU J 198 12.45 -29.07 21.48
C LEU J 198 13.59 -28.12 21.12
N THR J 199 14.75 -28.32 21.76
CA THR J 199 15.94 -27.54 21.42
C THR J 199 17.00 -28.46 20.84
N TYR J 200 17.72 -27.97 19.87
CA TYR J 200 18.81 -28.67 19.23
C TYR J 200 19.97 -27.74 19.37
N GLU J 201 20.94 -28.12 20.19
CA GLU J 201 22.04 -27.25 20.49
C GLU J 201 23.37 -27.93 20.38
N SER J 202 24.38 -27.20 19.93
CA SER J 202 25.69 -27.73 19.80
C SER J 202 26.09 -28.10 21.18
N PRO J 203 26.13 -27.10 22.12
CA PRO J 203 26.69 -27.52 23.42
C PRO J 203 25.74 -27.60 24.52
N ILE J 204 24.43 -27.44 24.33
CA ILE J 204 23.49 -27.51 25.43
C ILE J 204 23.90 -26.66 26.60
N GLU J 205 23.95 -25.38 26.41
CA GLU J 205 24.37 -24.43 27.44
C GLU J 205 23.52 -24.48 28.75
N PHE J 206 22.23 -24.52 28.61
CA PHE J 206 21.34 -24.44 29.80
C PHE J 206 20.46 -25.63 29.98
N VAL J 207 19.90 -25.74 31.17
CA VAL J 207 18.96 -26.84 31.53
C VAL J 207 17.72 -26.21 32.12
N TYR J 208 16.62 -26.94 32.05
CA TYR J 208 15.29 -26.41 32.37
C TYR J 208 14.60 -27.20 33.47
N ASP J 209 15.32 -28.00 34.23
CA ASP J 209 14.63 -28.99 35.08
C ASP J 209 13.82 -28.32 36.22
N GLU J 210 14.41 -27.31 36.82
CA GLU J 210 13.91 -26.88 38.15
C GLU J 210 12.60 -26.14 38.05
N ILE J 211 12.39 -25.43 36.96
CA ILE J 211 11.17 -24.65 36.80
C ILE J 211 9.91 -25.49 36.89
N GLU J 212 9.89 -26.59 36.16
CA GLU J 212 8.73 -27.47 36.14
C GLU J 212 7.37 -26.79 36.06
N THR J 213 7.15 -26.21 34.92
CA THR J 213 5.89 -25.55 34.60
C THR J 213 4.78 -26.59 34.84
N ILE J 214 3.62 -26.07 35.13
CA ILE J 214 2.47 -26.95 35.33
C ILE J 214 2.25 -27.79 34.05
N SER J 215 2.33 -27.15 32.89
CA SER J 215 2.07 -27.83 31.66
C SER J 215 3.09 -27.59 30.58
N ALA J 216 4.31 -27.99 30.82
CA ALA J 216 5.39 -27.76 29.82
C ALA J 216 6.37 -28.87 29.79
N VAL J 217 6.95 -29.14 28.63
CA VAL J 217 7.93 -30.23 28.50
C VAL J 217 8.97 -29.84 27.50
N VAL J 218 10.25 -30.08 27.83
CA VAL J 218 11.36 -29.69 27.00
C VAL J 218 12.23 -30.94 26.77
N SER J 219 12.50 -31.24 25.48
CA SER J 219 13.49 -32.20 25.10
C SER J 219 14.70 -31.49 24.47
N GLN J 220 15.88 -31.71 25.03
CA GLN J 220 17.10 -31.09 24.58
C GLN J 220 18.00 -32.11 23.91
N SER J 221 18.28 -31.89 22.63
CA SER J 221 19.11 -32.79 21.84
C SER J 221 20.40 -32.07 21.45
N GLU J 222 21.53 -32.67 21.79
CA GLU J 222 22.82 -32.06 21.47
C GLU J 222 23.03 -32.54 20.12
N ILE J 223 23.22 -31.63 19.17
CA ILE J 223 23.30 -31.98 17.77
C ILE J 223 24.35 -33.07 17.53
N PRO J 224 25.67 -32.74 17.83
CA PRO J 224 26.59 -33.83 17.44
C PRO J 224 26.33 -35.08 18.27
N ARG J 225 26.07 -34.91 19.59
CA ARG J 225 25.86 -36.06 20.41
C ARG J 225 24.63 -36.87 20.09
N HIS J 226 23.51 -36.23 19.81
CA HIS J 226 22.27 -36.93 19.49
C HIS J 226 21.91 -36.94 18.07
N LEU J 227 22.52 -36.08 17.23
CA LEU J 227 22.08 -36.01 15.83
C LEU J 227 23.06 -35.75 14.75
N PRO J 228 22.67 -36.16 13.51
CA PRO J 228 23.62 -35.76 12.40
C PRO J 228 23.85 -34.25 12.29
N ASN J 229 22.81 -33.45 12.28
CA ASN J 229 22.94 -32.03 12.11
C ASN J 229 21.76 -31.27 12.57
N PHE J 230 21.93 -29.96 12.60
CA PHE J 230 20.88 -29.06 13.01
C PHE J 230 19.64 -29.21 12.14
N ALA J 231 19.83 -29.32 10.83
CA ALA J 231 18.69 -29.47 9.93
C ALA J 231 17.97 -30.79 10.18
N ASP J 232 18.74 -31.88 10.14
CA ASP J 232 18.27 -33.19 10.46
C ASP J 232 17.45 -33.10 11.79
N GLY J 233 17.95 -32.24 12.71
CA GLY J 233 17.27 -32.04 13.90
C GLY J 233 15.92 -31.44 13.71
N VAL J 234 15.86 -30.28 13.15
CA VAL J 234 14.60 -29.57 12.93
C VAL J 234 13.56 -30.47 12.25
N ARG J 235 13.96 -31.08 11.14
CA ARG J 235 13.08 -32.02 10.47
C ARG J 235 12.60 -33.08 11.41
N ASN J 236 13.42 -33.44 12.38
CA ASN J 236 13.04 -34.39 13.40
C ASN J 236 11.91 -33.77 14.21
N ALA J 237 12.16 -32.59 14.74
CA ALA J 237 11.17 -31.92 15.54
C ALA J 237 9.81 -31.82 14.85
N LEU J 238 9.82 -31.68 13.52
CA LEU J 238 8.57 -31.69 12.79
C LEU J 238 7.77 -32.96 13.04
N ARG J 239 8.46 -34.07 13.26
CA ARG J 239 7.77 -35.33 13.49
C ARG J 239 7.27 -35.49 14.93
N ARG J 240 7.65 -34.59 15.83
CA ARG J 240 7.32 -34.72 17.24
C ARG J 240 6.18 -33.79 17.71
N LYS J 241 5.57 -33.06 16.80
CA LYS J 241 4.52 -32.11 17.15
C LYS J 241 4.94 -31.16 18.30
N PRO J 242 6.05 -30.46 18.14
CA PRO J 242 6.40 -29.45 19.13
C PRO J 242 5.51 -28.22 19.04
N ARG J 243 5.48 -27.46 20.12
CA ARG J 243 4.95 -26.11 20.11
C ARG J 243 6.04 -25.04 20.04
N LEU J 244 7.29 -25.42 20.22
CA LEU J 244 8.40 -24.47 20.15
C LEU J 244 9.67 -25.24 19.76
N ILE J 245 10.40 -24.72 18.80
CA ILE J 245 11.61 -25.34 18.29
C ILE J 245 12.77 -24.35 18.46
N MET J 246 13.85 -24.81 19.08
CA MET J 246 15.05 -24.03 19.27
C MET J 246 16.18 -24.68 18.47
N VAL J 247 16.72 -23.94 17.51
CA VAL J 247 17.89 -24.37 16.74
C VAL J 247 19.06 -23.46 17.11
N GLY J 248 20.14 -24.06 17.60
CA GLY J 248 21.24 -23.30 18.13
C GLY J 248 21.79 -22.31 17.12
N GLU J 249 21.99 -22.77 15.90
CA GLU J 249 22.50 -21.93 14.83
C GLU J 249 22.08 -22.47 13.49
N CYS J 250 21.96 -21.57 12.50
CA CYS J 250 21.67 -21.91 11.12
C CYS J 250 22.68 -21.18 10.23
N ARG J 251 23.90 -21.69 10.19
CA ARG J 251 24.92 -21.14 9.31
C ARG J 251 24.80 -21.59 7.87
N ASP J 252 23.96 -22.55 7.54
CA ASP J 252 23.88 -23.16 6.25
C ASP J 252 22.47 -23.08 5.67
N ALA J 253 22.38 -23.16 4.36
CA ALA J 253 21.08 -23.04 3.69
C ALA J 253 20.19 -24.25 3.97
N GLU J 254 20.80 -25.41 4.26
CA GLU J 254 20.01 -26.58 4.64
C GLU J 254 19.20 -26.31 5.90
N THR J 255 19.88 -25.92 6.96
CA THR J 255 19.20 -25.57 8.21
C THR J 255 18.15 -24.45 7.99
N ILE J 256 18.50 -23.46 7.22
CA ILE J 256 17.59 -22.36 6.94
C ILE J 256 16.30 -22.91 6.28
N SER J 257 16.46 -23.83 5.33
CA SER J 257 15.32 -24.39 4.64
C SER J 257 14.47 -25.25 5.58
N ALA J 258 15.13 -26.10 6.35
CA ALA J 258 14.42 -26.90 7.36
C ALA J 258 13.56 -25.98 8.24
N ALA J 259 14.18 -24.93 8.78
CA ALA J 259 13.44 -24.03 9.67
C ALA J 259 12.30 -23.34 8.93
N LEU J 260 12.49 -23.02 7.65
CA LEU J 260 11.41 -22.43 6.88
C LEU J 260 10.22 -23.38 6.74
N GLU J 261 10.51 -24.66 6.50
CA GLU J 261 9.46 -25.66 6.47
C GLU J 261 8.75 -25.75 7.82
N ALA J 262 9.52 -25.81 8.90
CA ALA J 262 8.94 -25.90 10.22
C ALA J 262 8.01 -24.74 10.50
N ALA J 263 8.42 -23.54 10.11
CA ALA J 263 7.61 -22.34 10.37
C ALA J 263 6.39 -22.30 9.49
N LEU J 264 6.54 -22.66 8.24
CA LEU J 264 5.38 -22.75 7.35
C LEU J 264 4.38 -23.78 7.82
N THR J 265 4.83 -24.84 8.46
CA THR J 265 3.92 -25.78 9.06
C THR J 265 3.10 -25.13 10.17
N GLY J 266 3.74 -24.32 10.99
CA GLY J 266 3.04 -23.58 12.02
C GLY J 266 3.72 -23.64 13.37
N HIS J 267 5.03 -23.86 13.39
CA HIS J 267 5.76 -23.96 14.62
C HIS J 267 6.65 -22.74 14.81
N PRO J 268 6.58 -22.10 16.00
CA PRO J 268 7.62 -21.14 16.33
C PRO J 268 9.02 -21.74 16.23
N VAL J 269 9.90 -21.04 15.53
CA VAL J 269 11.30 -21.42 15.43
C VAL J 269 12.14 -20.29 15.99
N TYR J 270 13.12 -20.62 16.82
CA TYR J 270 14.08 -19.66 17.35
C TYR J 270 15.48 -20.11 16.98
N THR J 271 16.27 -19.21 16.40
CA THR J 271 17.61 -19.52 15.95
C THR J 271 18.52 -18.33 16.15
N THR J 272 19.80 -18.53 15.89
CA THR J 272 20.79 -17.47 15.93
C THR J 272 21.60 -17.46 14.66
N LEU J 273 22.09 -16.28 14.28
CA LEU J 273 22.95 -16.10 13.13
C LEU J 273 24.10 -15.18 13.52
N HIS J 274 25.17 -15.24 12.73
CA HIS J 274 26.36 -14.46 12.96
C HIS J 274 26.34 -13.12 12.25
N THR J 275 25.26 -12.79 11.56
CA THR J 275 25.18 -11.51 10.87
C THR J 275 25.04 -10.37 11.84
N SER J 276 25.55 -9.22 11.47
CA SER J 276 25.46 -8.00 12.30
C SER J 276 24.52 -7.03 11.59
N GLY J 277 23.29 -6.95 12.07
CA GLY J 277 22.29 -6.06 11.50
C GLY J 277 21.11 -6.80 10.97
N VAL J 278 19.92 -6.31 11.31
CA VAL J 278 18.69 -6.99 10.89
C VAL J 278 18.62 -7.00 9.39
N ALA J 279 18.81 -5.87 8.73
CA ALA J 279 18.80 -5.83 7.26
C ALA J 279 19.87 -6.76 6.69
N GLU J 280 21.08 -6.67 7.21
CA GLU J 280 22.16 -7.56 6.78
C GLU J 280 21.77 -9.04 6.96
N THR J 281 21.20 -9.38 8.12
CA THR J 281 20.65 -10.68 8.33
C THR J 281 19.69 -11.10 7.20
N MET J 282 18.74 -10.23 6.89
CA MET J 282 17.84 -10.50 5.78
C MET J 282 18.60 -10.83 4.51
N ARG J 283 19.57 -9.97 4.17
CA ARG J 283 20.39 -10.22 2.99
C ARG J 283 20.99 -11.62 3.01
N ARG J 284 21.53 -12.01 4.15
CA ARG J 284 22.16 -13.33 4.25
C ARG J 284 21.14 -14.44 4.04
N LEU J 285 19.99 -14.33 4.67
CA LEU J 285 18.95 -15.33 4.49
C LEU J 285 18.54 -15.45 3.03
N VAL J 286 18.27 -14.34 2.38
CA VAL J 286 17.77 -14.37 1.01
C VAL J 286 18.85 -14.88 0.03
N THR J 287 20.10 -14.47 0.23
CA THR J 287 21.15 -14.86 -0.67
C THR J 287 21.57 -16.32 -0.51
N SER J 288 21.15 -16.98 0.55
CA SER J 288 21.56 -18.36 0.79
C SER J 288 21.16 -19.28 -0.33
N PHE J 289 20.23 -18.86 -1.19
CA PHE J 289 19.61 -19.77 -2.15
C PHE J 289 19.88 -19.30 -3.55
N SER J 290 20.25 -20.22 -4.43
CA SER J 290 20.56 -19.89 -5.81
C SER J 290 19.30 -19.44 -6.59
N GLY J 291 19.49 -18.85 -7.74
CA GLY J 291 18.51 -17.91 -8.26
C GLY J 291 17.18 -18.50 -8.66
N GLU J 292 17.17 -19.72 -9.16
CA GLU J 292 15.92 -20.36 -9.57
C GLU J 292 15.01 -20.62 -8.36
N GLU J 293 15.61 -21.06 -7.27
CA GLU J 293 14.88 -21.23 -6.02
C GLU J 293 14.70 -19.90 -5.29
N ARG J 294 15.57 -18.91 -5.56
CA ARG J 294 15.79 -17.86 -4.59
C ARG J 294 14.56 -16.99 -4.41
N LEU J 295 13.75 -16.81 -5.46
CA LEU J 295 12.57 -15.98 -5.34
C LEU J 295 11.54 -16.59 -4.43
N GLY J 296 11.02 -17.78 -4.80
CA GLY J 296 10.23 -18.58 -3.89
C GLY J 296 10.74 -18.64 -2.46
N ARG J 297 12.01 -19.02 -2.29
CA ARG J 297 12.61 -19.03 -0.98
C ARG J 297 12.48 -17.66 -0.26
N THR J 298 12.60 -16.59 -1.03
CA THR J 298 12.50 -15.28 -0.44
C THR J 298 11.08 -15.03 0.06
N ILE J 299 10.10 -15.29 -0.79
CA ILE J 299 8.71 -15.17 -0.37
C ILE J 299 8.45 -15.96 0.92
N ASP J 300 8.94 -17.19 0.97
CA ASP J 300 8.87 -17.97 2.19
C ASP J 300 9.45 -17.19 3.37
N ILE J 301 10.66 -16.71 3.22
CA ILE J 301 11.34 -16.06 4.33
C ILE J 301 10.50 -14.87 4.83
N LEU J 302 10.14 -13.96 3.92
CA LEU J 302 9.35 -12.82 4.32
C LEU J 302 8.07 -13.23 5.02
N GLU J 303 7.38 -14.21 4.46
CA GLU J 303 6.14 -14.70 5.09
C GLU J 303 6.37 -15.19 6.52
N THR J 304 7.46 -15.91 6.73
CA THR J 304 7.63 -16.63 7.98
C THR J 304 8.20 -15.74 9.12
N ILE J 305 9.05 -14.81 8.76
CA ILE J 305 9.81 -14.09 9.78
C ILE J 305 8.87 -13.34 10.70
N ARG J 306 9.21 -13.30 11.99
CA ARG J 306 8.42 -12.60 12.98
C ARG J 306 9.17 -11.52 13.75
N LEU J 307 10.49 -11.62 13.86
CA LEU J 307 11.24 -10.79 14.80
C LEU J 307 12.73 -10.99 14.56
N CYS J 308 13.48 -9.91 14.55
CA CYS J 308 14.93 -9.95 14.40
C CYS J 308 15.57 -9.02 15.42
N ILE J 309 16.47 -9.56 16.21
CA ILE J 309 17.22 -8.79 17.21
C ILE J 309 18.70 -9.04 16.98
N TRP J 310 19.43 -7.99 16.63
CA TRP J 310 20.89 -8.01 16.59
C TRP J 310 21.40 -7.38 17.88
N GLN J 311 22.26 -8.10 18.58
CA GLN J 311 22.70 -7.70 19.92
C GLN J 311 24.23 -7.55 19.90
N LYS J 312 24.71 -6.55 20.61
CA LYS J 312 26.13 -6.28 20.76
C LYS J 312 26.46 -5.93 22.21
N LEU J 313 27.55 -6.49 22.70
CA LEU J 313 28.03 -6.24 24.06
C LEU J 313 29.20 -5.30 24.03
N VAL J 314 29.08 -4.16 24.71
CA VAL J 314 30.02 -3.06 24.58
C VAL J 314 30.47 -2.62 25.95
N PRO J 315 31.75 -2.24 26.12
CA PRO J 315 32.22 -1.87 27.46
C PRO J 315 31.57 -0.55 27.94
N THR J 316 31.44 -0.44 29.25
CA THR J 316 30.77 0.65 29.90
C THR J 316 31.78 1.50 30.63
N VAL J 317 31.31 2.61 31.23
CA VAL J 317 32.15 3.44 32.07
C VAL J 317 32.72 2.63 33.27
N ASP J 318 31.91 1.70 33.79
CA ASP J 318 32.27 0.93 34.95
C ASP J 318 33.23 -0.20 34.64
N GLU J 319 33.77 -0.26 33.41
CA GLU J 319 34.53 -1.44 32.95
C GLU J 319 33.66 -2.72 32.91
N ARG J 320 32.38 -2.52 32.76
CA ARG J 320 31.43 -3.62 32.56
C ARG J 320 30.89 -3.54 31.14
N ARG J 321 30.52 -4.70 30.60
CA ARG J 321 29.88 -4.78 29.30
C ARG J 321 28.36 -4.62 29.44
N VAL J 322 27.73 -4.28 28.33
CA VAL J 322 26.33 -3.92 28.27
C VAL J 322 25.76 -4.39 26.96
N ALA J 323 24.43 -4.54 26.90
CA ALA J 323 23.72 -5.00 25.71
C ALA J 323 23.09 -3.80 25.01
N LEU J 324 23.60 -3.48 23.81
CA LEU J 324 22.87 -2.69 22.83
C LEU J 324 22.17 -3.63 21.87
N ARG J 325 21.08 -3.16 21.31
CA ARG J 325 20.17 -4.01 20.53
C ARG J 325 19.54 -3.19 19.43
N GLU J 326 19.61 -3.70 18.22
CA GLU J 326 18.84 -3.19 17.08
C GLU J 326 17.88 -4.29 16.63
N TYR J 327 16.58 -4.00 16.72
CA TYR J 327 15.56 -5.00 16.46
C TYR J 327 14.54 -4.45 15.47
N LEU J 328 13.95 -5.36 14.70
CA LEU J 328 12.68 -5.10 14.04
C LEU J 328 11.70 -6.21 14.41
N VAL J 329 10.49 -5.83 14.79
CA VAL J 329 9.37 -6.74 14.90
C VAL J 329 8.62 -6.73 13.57
N PHE J 330 8.48 -7.92 12.96
CA PHE J 330 7.86 -8.05 11.64
C PHE J 330 6.37 -8.18 11.78
N ASP J 331 5.72 -7.08 12.10
CA ASP J 331 4.25 -6.98 12.06
C ASP J 331 3.70 -7.57 10.76
N GLU J 332 2.46 -7.94 10.78
CA GLU J 332 1.71 -8.22 9.57
C GLU J 332 1.89 -7.12 8.53
N GLU J 333 1.84 -5.86 8.99
CA GLU J 333 1.98 -4.74 8.07
C GLU J 333 3.35 -4.68 7.42
N VAL J 334 4.38 -4.72 8.22
CA VAL J 334 5.76 -4.88 7.73
C VAL J 334 5.83 -5.99 6.67
N ARG J 335 5.41 -7.19 7.05
CA ARG J 335 5.45 -8.31 6.15
C ARG J 335 4.77 -7.99 4.81
N ASP J 336 3.60 -7.32 4.88
CA ASP J 336 2.93 -6.92 3.67
C ASP J 336 3.84 -5.96 2.81
N ILE J 337 4.32 -4.93 3.43
CA ILE J 337 5.20 -3.99 2.75
C ILE J 337 6.32 -4.76 2.01
N LEU J 338 6.93 -5.71 2.72
CA LEU J 338 8.06 -6.42 2.14
C LEU J 338 7.63 -7.32 1.00
N LEU J 339 6.46 -7.92 1.11
CA LEU J 339 6.04 -8.91 0.12
C LEU J 339 5.56 -8.24 -1.15
N GLU J 340 4.80 -7.16 -1.02
CA GLU J 340 4.25 -6.48 -2.19
C GLU J 340 5.30 -5.76 -2.96
N GLY J 341 6.43 -5.44 -2.36
CA GLY J 341 7.53 -4.72 -3.00
C GLY J 341 8.43 -5.60 -3.83
N ASP J 342 9.22 -4.95 -4.65
CA ASP J 342 10.11 -5.70 -5.57
C ASP J 342 11.09 -6.55 -4.72
N PRO J 343 11.05 -7.88 -4.90
CA PRO J 343 11.85 -8.71 -4.00
C PRO J 343 13.34 -8.50 -4.14
N ASN J 344 13.82 -8.21 -5.34
CA ASN J 344 15.26 -8.20 -5.59
C ASN J 344 16.05 -7.25 -4.69
N GLU J 345 15.37 -6.18 -4.22
CA GLU J 345 15.94 -5.27 -3.25
C GLU J 345 15.17 -5.28 -1.95
N VAL J 346 14.98 -6.45 -1.38
CA VAL J 346 14.31 -6.56 -0.05
C VAL J 346 15.18 -5.93 1.03
N THR J 347 16.46 -6.21 1.00
CA THR J 347 17.40 -5.69 1.99
C THR J 347 17.18 -4.18 2.25
N SER J 348 17.18 -3.38 1.15
CA SER J 348 16.99 -1.97 1.26
C SER J 348 15.69 -1.63 2.01
N ALA J 349 14.60 -2.26 1.58
CA ALA J 349 13.33 -2.07 2.26
C ALA J 349 13.48 -2.33 3.76
N THR J 350 14.04 -3.49 4.13
CA THR J 350 14.27 -3.80 5.51
C THR J 350 15.02 -2.66 6.26
N ARG J 351 16.05 -2.14 5.59
CA ARG J 351 16.81 -1.05 6.19
C ARG J 351 15.92 0.12 6.51
N LYS J 352 15.06 0.49 5.58
CA LYS J 352 14.10 1.58 5.84
C LYS J 352 13.19 1.24 6.99
N LEU J 353 12.74 -0.02 7.06
CA LEU J 353 11.69 -0.38 8.02
C LEU J 353 12.20 -0.35 9.45
N VAL J 354 13.41 -0.83 9.68
CA VAL J 354 14.06 -0.64 10.97
C VAL J 354 14.00 0.84 11.40
N ARG J 355 14.17 1.75 10.44
CA ARG J 355 14.13 3.16 10.75
C ARG J 355 12.73 3.62 11.14
N GLN J 356 11.71 3.08 10.51
CA GLN J 356 10.34 3.56 10.67
C GLN J 356 9.63 2.84 11.82
N LYS J 357 9.74 1.52 11.88
CA LYS J 357 8.99 0.71 12.82
C LYS J 357 9.87 0.02 13.84
N GLY J 358 11.18 0.05 13.69
CA GLY J 358 12.07 -0.71 14.56
C GLY J 358 12.94 0.19 15.39
N GLN J 359 14.17 -0.24 15.65
CA GLN J 359 15.11 0.52 16.46
C GLN J 359 16.51 0.26 15.99
N LEU J 360 17.25 1.31 15.65
CA LEU J 360 18.59 1.18 15.12
C LEU J 360 19.59 0.95 16.25
N MET J 361 20.68 0.28 15.90
CA MET J 361 21.81 0.17 16.82
C MET J 361 22.29 1.55 17.26
N THR J 362 22.44 2.46 16.31
CA THR J 362 22.93 3.78 16.62
C THR J 362 22.04 4.48 17.65
N TRP J 363 20.73 4.34 17.50
CA TRP J 363 19.81 5.02 18.39
C TRP J 363 19.94 4.51 19.82
N ASP J 364 19.94 3.18 19.99
CA ASP J 364 20.17 2.58 21.30
C ASP J 364 21.50 3.06 21.88
N ALA J 365 22.54 3.09 21.06
CA ALA J 365 23.83 3.59 21.52
C ALA J 365 23.73 5.02 22.03
N LYS J 366 22.98 5.86 21.35
CA LYS J 366 22.81 7.24 21.78
C LYS J 366 22.08 7.30 23.08
N MET J 367 20.98 6.55 23.21
CA MET J 367 20.26 6.49 24.48
C MET J 367 21.20 6.10 25.63
N LYS J 368 21.97 5.02 25.43
CA LYS J 368 22.89 4.59 26.46
C LYS J 368 23.91 5.67 26.79
N PHE J 369 24.40 6.37 25.78
CA PHE J 369 25.38 7.42 25.99
C PHE J 369 24.80 8.57 26.84
N GLU J 370 23.59 8.99 26.50
CA GLU J 370 22.92 10.00 27.31
C GLU J 370 22.69 9.51 28.71
N GLN J 371 22.38 8.25 28.89
CA GLN J 371 22.28 7.67 30.24
C GLN J 371 23.63 7.58 30.94
N GLY J 372 24.72 7.71 30.21
CA GLY J 372 26.04 7.61 30.81
C GLY J 372 26.52 6.19 31.01
N ILE J 373 25.92 5.20 30.33
CA ILE J 373 26.42 3.84 30.45
C ILE J 373 27.73 3.64 29.66
N ILE J 374 27.82 4.30 28.50
CA ILE J 374 28.90 4.06 27.56
C ILE J 374 29.72 5.31 27.43
N SER J 375 30.97 5.16 26.98
CA SER J 375 31.83 6.28 26.70
C SER J 375 31.37 7.03 25.44
N GLU J 376 31.69 8.31 25.39
CA GLU J 376 31.59 9.08 24.15
C GLU J 376 32.36 8.36 22.99
N ARG J 377 33.60 7.99 23.25
CA ARG J 377 34.39 7.33 22.22
C ARG J 377 33.67 6.08 21.69
N VAL J 378 33.11 5.29 22.60
CA VAL J 378 32.37 4.10 22.19
C VAL J 378 31.19 4.48 21.28
N TYR J 379 30.38 5.42 21.73
CA TYR J 379 29.30 5.91 20.90
C TYR J 379 29.81 6.26 19.48
N LYS J 380 30.83 7.10 19.40
CA LYS J 380 31.35 7.49 18.11
C LYS J 380 31.73 6.26 17.31
N LEU J 381 32.40 5.29 17.92
CA LEU J 381 32.68 4.03 17.26
C LEU J 381 31.42 3.40 16.63
N ILE J 382 30.38 3.21 17.44
CA ILE J 382 29.18 2.60 16.95
C ILE J 382 28.59 3.38 15.75
N ILE J 383 28.55 4.68 15.88
CA ILE J 383 28.15 5.52 14.75
C ILE J 383 28.98 5.21 13.52
N ALA J 384 30.28 5.14 13.68
CA ALA J 384 31.16 4.83 12.54
C ALA J 384 30.80 3.52 11.88
N GLY J 385 30.59 2.48 12.70
CA GLY J 385 30.08 1.22 12.18
C GLY J 385 28.77 1.34 11.41
N ALA J 386 27.90 2.24 11.87
CA ALA J 386 26.53 2.24 11.36
C ALA J 386 26.44 2.69 9.90
N LYS J 387 27.32 3.61 9.51
CA LYS J 387 27.10 4.35 8.26
C LYS J 387 27.13 3.34 7.12
N ILE K 20 83.72 -22.26 -0.70
CA ILE K 20 82.32 -22.54 -0.31
C ILE K 20 82.05 -24.03 -0.18
N ASN K 21 83.09 -24.83 0.05
CA ASN K 21 82.92 -26.26 0.27
C ASN K 21 83.63 -26.76 1.50
N LEU K 22 82.91 -27.45 2.37
CA LEU K 22 83.54 -27.96 3.60
C LEU K 22 82.94 -29.23 4.07
N MET K 23 83.73 -30.21 4.40
CA MET K 23 83.18 -31.51 4.87
C MET K 23 84.31 -32.21 5.51
N PRO K 24 84.10 -32.85 6.70
CA PRO K 24 85.30 -33.47 7.30
C PRO K 24 85.90 -34.58 6.48
N ASP K 25 85.07 -35.49 5.98
CA ASP K 25 85.65 -36.56 5.11
C ASP K 25 84.57 -37.16 4.32
N GLU K 26 84.42 -36.74 3.07
CA GLU K 26 83.49 -37.33 2.14
C GLU K 26 83.82 -38.79 2.03
N PRO K 27 82.74 -39.63 2.19
CA PRO K 27 83.03 -41.07 2.04
C PRO K 27 83.21 -41.42 0.55
N THR K 28 83.71 -42.61 0.31
CA THR K 28 83.87 -43.12 -1.05
C THR K 28 82.43 -43.21 -1.65
N ARG K 29 81.65 -43.96 -0.95
CA ARG K 29 80.20 -43.97 -1.09
C ARG K 29 79.51 -43.40 0.16
N PHE K 30 78.35 -42.87 -0.04
CA PHE K 30 77.61 -42.19 1.02
C PHE K 30 76.63 -43.15 1.63
N THR K 31 76.66 -43.31 2.96
CA THR K 31 75.76 -44.23 3.63
C THR K 31 74.97 -43.48 4.70
N PRO K 32 73.73 -43.96 4.95
CA PRO K 32 72.88 -43.22 5.90
C PRO K 32 73.55 -42.90 7.24
N VAL K 33 74.43 -43.74 7.71
CA VAL K 33 75.23 -43.44 8.88
C VAL K 33 75.99 -42.13 8.71
N PHE K 34 76.60 -41.95 7.56
CA PHE K 34 77.33 -40.73 7.26
C PHE K 34 76.42 -39.53 7.13
N MET K 35 75.16 -39.75 6.75
CA MET K 35 74.22 -38.64 6.64
C MET K 35 74.03 -37.89 7.96
N ASP K 36 74.05 -38.62 9.06
CA ASP K 36 73.97 -37.98 10.37
C ASP K 36 75.16 -37.06 10.62
N ARG K 37 76.34 -37.51 10.28
CA ARG K 37 77.54 -36.68 10.49
C ARG K 37 77.47 -35.48 9.59
N MET K 38 77.11 -35.65 8.31
CA MET K 38 76.94 -34.53 7.42
C MET K 38 75.96 -33.50 8.00
N LEU K 39 74.85 -33.99 8.58
CA LEU K 39 73.91 -33.09 9.20
C LEU K 39 74.54 -32.34 10.39
N GLU K 40 75.31 -33.05 11.19
CA GLU K 40 76.10 -32.42 12.23
C GLU K 40 76.91 -31.25 11.66
N HIS K 41 77.58 -31.49 10.55
CA HIS K 41 78.32 -30.42 9.93
C HIS K 41 77.43 -29.26 9.60
N ALA K 42 76.36 -29.54 8.89
CA ALA K 42 75.48 -28.46 8.41
C ALA K 42 74.97 -27.59 9.57
N GLU K 43 74.57 -28.25 10.66
CA GLU K 43 74.16 -27.50 11.85
C GLU K 43 75.30 -26.67 12.40
N SER K 44 76.51 -27.25 12.44
CA SER K 44 77.72 -26.47 12.67
C SER K 44 77.75 -25.16 11.87
N LEU K 45 77.30 -25.25 10.62
CA LEU K 45 77.23 -24.08 9.77
C LEU K 45 76.00 -23.23 9.97
N ASN K 46 75.08 -23.67 10.83
CA ASN K 46 73.81 -23.00 11.04
C ASN K 46 72.94 -22.96 9.76
N ALA K 47 73.01 -24.00 8.96
CA ALA K 47 72.28 -24.07 7.72
C ALA K 47 70.81 -24.37 7.97
N SER K 48 69.94 -23.71 7.19
CA SER K 48 68.51 -23.95 7.30
C SER K 48 68.07 -25.23 6.63
N ASP K 49 68.70 -25.56 5.49
CA ASP K 49 68.19 -26.58 4.58
C ASP K 49 69.34 -27.33 3.97
N ILE K 50 69.12 -28.61 3.69
CA ILE K 50 70.12 -29.50 3.09
C ILE K 50 69.48 -30.19 1.92
N THR K 51 70.09 -30.06 0.75
CA THR K 51 69.53 -30.57 -0.50
C THR K 51 70.49 -31.61 -1.05
N ILE K 52 70.02 -32.83 -1.22
CA ILE K 52 70.79 -33.92 -1.80
C ILE K 52 70.14 -34.31 -3.10
N GLN K 53 70.91 -34.30 -4.19
CA GLN K 53 70.42 -34.65 -5.50
C GLN K 53 71.46 -35.51 -6.22
N THR K 54 70.96 -36.41 -7.05
CA THR K 54 71.84 -37.28 -7.79
C THR K 54 72.58 -36.46 -8.84
N GLY K 55 73.79 -36.90 -9.19
CA GLY K 55 74.63 -36.15 -10.09
C GLY K 55 74.93 -34.71 -9.67
N GLU K 56 74.91 -34.49 -8.36
CA GLU K 56 75.22 -33.20 -7.78
C GLU K 56 75.89 -33.39 -6.47
N PRO K 57 76.64 -32.32 -6.04
CA PRO K 57 77.13 -32.41 -4.64
C PRO K 57 75.99 -32.13 -3.66
N ILE K 58 76.28 -32.37 -2.41
CA ILE K 58 75.31 -32.05 -1.33
C ILE K 58 75.39 -30.56 -1.09
N PHE K 59 74.22 -29.95 -0.98
CA PHE K 59 74.12 -28.51 -0.76
C PHE K 59 73.58 -28.23 0.64
N ALA K 60 74.05 -27.13 1.21
CA ALA K 60 73.44 -26.53 2.39
C ALA K 60 73.10 -25.08 2.09
N GLU K 61 71.96 -24.64 2.57
CA GLU K 61 71.57 -23.22 2.54
C GLU K 61 71.89 -22.61 3.90
N VAL K 62 72.92 -21.78 3.93
CA VAL K 62 73.30 -21.02 5.11
C VAL K 62 73.00 -19.55 4.80
N TYR K 63 72.14 -18.95 5.61
CA TYR K 63 71.82 -17.54 5.47
C TYR K 63 71.40 -17.19 4.05
N GLY K 64 70.54 -18.01 3.46
CA GLY K 64 70.04 -17.76 2.13
C GLY K 64 71.03 -17.95 1.02
N ARG K 65 72.23 -18.44 1.31
CA ARG K 65 73.22 -18.74 0.28
C ARG K 65 73.37 -20.24 0.23
N LEU K 66 73.32 -20.81 -0.99
CA LEU K 66 73.54 -22.22 -1.21
C LEU K 66 75.02 -22.50 -1.47
N LEU K 67 75.60 -23.39 -0.69
CA LEU K 67 76.97 -23.77 -0.82
C LEU K 67 77.11 -25.28 -0.79
N LYS K 68 78.06 -25.79 -1.54
CA LYS K 68 78.36 -27.21 -1.61
C LYS K 68 79.18 -27.60 -0.41
N ILE K 69 78.84 -28.70 0.23
CA ILE K 69 79.64 -29.18 1.36
C ILE K 69 80.46 -30.40 1.02
N THR K 70 80.25 -30.95 -0.17
CA THR K 70 80.94 -32.17 -0.56
C THR K 70 81.46 -32.06 -1.97
N ASN K 71 82.68 -32.47 -2.17
CA ASN K 71 83.28 -32.45 -3.51
C ASN K 71 82.71 -33.53 -4.42
N ARG K 72 82.32 -34.64 -3.87
CA ARG K 72 81.71 -35.76 -4.56
C ARG K 72 80.29 -35.50 -5.03
N ARG K 73 79.93 -35.99 -6.21
CA ARG K 73 78.58 -35.93 -6.70
C ARG K 73 77.96 -37.23 -6.33
N LEU K 74 76.70 -37.27 -5.97
CA LEU K 74 76.08 -38.51 -5.45
C LEU K 74 75.53 -39.32 -6.58
N SER K 75 75.51 -40.65 -6.40
CA SER K 75 74.88 -41.56 -7.35
C SER K 75 73.40 -41.72 -7.02
N ASN K 76 72.63 -42.08 -8.05
CA ASN K 76 71.22 -42.39 -7.85
C ASN K 76 71.06 -43.49 -6.80
N THR K 77 71.91 -44.49 -6.83
CA THR K 77 71.81 -45.59 -5.88
C THR K 77 72.02 -45.11 -4.44
N GLU K 78 73.04 -44.26 -4.23
CA GLU K 78 73.21 -43.64 -2.94
C GLU K 78 71.94 -42.95 -2.43
N LEU K 79 71.39 -42.08 -3.24
CA LEU K 79 70.20 -41.34 -2.84
C LEU K 79 69.07 -42.29 -2.52
N GLY K 80 68.81 -43.24 -3.41
CA GLY K 80 67.79 -44.25 -3.14
C GLY K 80 67.98 -44.94 -1.80
N ASP K 81 69.22 -45.31 -1.49
CA ASP K 81 69.52 -45.93 -0.20
C ASP K 81 69.17 -44.99 0.95
N LEU K 82 69.62 -43.72 0.86
CA LEU K 82 69.28 -42.75 1.88
C LEU K 82 67.76 -42.67 2.11
N ILE K 83 67.02 -42.50 1.05
CA ILE K 83 65.58 -42.28 1.17
C ILE K 83 64.89 -43.52 1.71
N ASN K 84 65.24 -44.70 1.20
CA ASN K 84 64.75 -45.94 1.77
C ASN K 84 65.01 -46.01 3.28
N SER K 85 66.21 -45.58 3.70
CA SER K 85 66.51 -45.56 5.12
C SER K 85 65.60 -44.58 5.88
N ILE K 86 65.34 -43.43 5.30
CA ILE K 86 64.54 -42.42 5.99
C ILE K 86 63.05 -42.81 6.04
N TYR K 87 62.57 -43.44 4.98
CA TYR K 87 61.14 -43.62 4.80
C TYR K 87 60.74 -45.09 4.87
N GLY K 88 61.04 -45.86 3.82
CA GLY K 88 60.86 -47.29 3.86
C GLY K 88 61.54 -47.99 2.73
N PRO K 89 61.62 -49.33 2.81
CA PRO K 89 62.15 -50.09 1.66
C PRO K 89 61.49 -49.71 0.32
N ASN K 90 60.19 -49.44 0.35
CA ASN K 90 59.41 -49.20 -0.84
C ASN K 90 59.44 -47.75 -1.33
N ALA K 91 60.22 -46.90 -0.68
CA ALA K 91 60.21 -45.47 -1.03
C ALA K 91 60.63 -45.27 -2.49
N THR K 92 61.70 -45.95 -2.92
CA THR K 92 62.14 -45.81 -4.29
C THR K 92 61.04 -46.22 -5.27
N THR K 93 60.49 -47.40 -5.08
CA THR K 93 59.39 -47.87 -5.91
C THR K 93 58.25 -46.87 -5.93
N GLN K 94 57.99 -46.21 -4.83
CA GLN K 94 56.96 -45.16 -4.82
C GLN K 94 57.36 -44.01 -5.70
N LEU K 95 58.60 -43.55 -5.61
CA LEU K 95 59.08 -42.46 -6.46
C LEU K 95 58.95 -42.78 -7.91
N LEU K 96 59.42 -43.95 -8.32
CA LEU K 96 59.23 -44.43 -9.68
C LEU K 96 57.75 -44.64 -10.03
N SER K 97 56.90 -44.78 -9.02
CA SER K 97 55.47 -44.85 -9.24
C SER K 97 54.90 -43.53 -9.75
N GLY K 98 55.60 -42.45 -9.50
CA GLY K 98 55.15 -41.11 -9.86
C GLY K 98 54.54 -40.37 -8.67
N LYS K 99 55.01 -40.65 -7.48
CA LYS K 99 54.50 -40.07 -6.27
C LYS K 99 55.54 -39.29 -5.54
N ASP K 100 55.12 -38.55 -4.52
CA ASP K 100 56.03 -37.73 -3.73
C ASP K 100 56.10 -38.24 -2.33
N ILE K 101 57.18 -37.96 -1.67
CA ILE K 101 57.42 -38.47 -0.29
C ILE K 101 57.58 -37.29 0.61
N ASP K 102 56.83 -37.27 1.70
CA ASP K 102 57.06 -36.29 2.79
C ASP K 102 57.05 -37.05 4.09
N THR K 103 58.09 -36.85 4.91
CA THR K 103 58.13 -37.41 6.25
C THR K 103 59.02 -36.53 7.12
N HIS K 104 59.44 -37.02 8.27
CA HIS K 104 60.43 -36.39 9.12
C HIS K 104 61.51 -37.38 9.51
N TYR K 105 62.67 -36.83 9.83
CA TYR K 105 63.80 -37.61 10.34
C TYR K 105 64.36 -36.97 11.58
N GLU K 106 64.46 -37.77 12.65
CA GLU K 106 64.93 -37.26 13.95
C GLU K 106 66.04 -38.16 14.46
N PHE K 107 67.12 -37.56 14.94
CA PHE K 107 68.29 -38.31 15.37
C PHE K 107 69.12 -37.48 16.31
N ARG K 108 69.63 -38.15 17.37
CA ARG K 108 70.31 -37.44 18.46
C ARG K 108 71.81 -37.80 18.43
N PRO K 109 72.67 -36.84 18.03
CA PRO K 109 74.07 -37.20 17.84
C PRO K 109 74.75 -37.55 19.16
N ASN K 110 74.58 -36.67 20.14
CA ASN K 110 75.25 -36.77 21.42
C ASN K 110 74.37 -37.27 22.57
N ARG K 111 73.16 -37.74 22.27
CA ARG K 111 72.19 -38.07 23.27
C ARG K 111 72.00 -36.97 24.33
N GLY K 112 72.12 -35.72 23.86
CA GLY K 112 71.75 -34.58 24.70
C GLY K 112 70.75 -33.71 23.94
N VAL K 113 71.19 -33.21 22.77
CA VAL K 113 70.31 -32.40 21.93
C VAL K 113 69.93 -33.24 20.71
N ARG K 114 68.63 -33.21 20.39
CA ARG K 114 68.11 -34.00 19.29
C ARG K 114 67.83 -33.12 18.08
N TYR K 115 68.18 -33.62 16.91
CA TYR K 115 67.98 -32.89 15.66
C TYR K 115 66.78 -33.48 14.92
N ARG K 116 65.87 -32.60 14.50
CA ARG K 116 64.70 -33.01 13.72
C ARG K 116 64.69 -32.28 12.39
N TYR K 117 64.15 -32.94 11.38
CA TYR K 117 64.09 -32.40 10.03
C TYR K 117 62.81 -32.84 9.34
N ARG K 118 62.22 -31.94 8.59
CA ARG K 118 61.14 -32.29 7.67
C ARG K 118 61.78 -32.63 6.31
N VAL K 119 61.60 -33.86 5.86
CA VAL K 119 62.31 -34.39 4.70
C VAL K 119 61.30 -34.67 3.61
N ASN K 120 61.65 -34.33 2.38
CA ASN K 120 60.80 -34.52 1.24
C ASN K 120 61.65 -35.06 0.09
N ALA K 121 61.21 -36.17 -0.45
CA ALA K 121 61.84 -36.77 -1.62
C ALA K 121 60.92 -36.69 -2.80
N THR K 122 61.46 -36.25 -3.93
CA THR K 122 60.70 -36.13 -5.17
C THR K 122 61.55 -36.63 -6.31
N ALA K 123 60.89 -37.22 -7.31
CA ALA K 123 61.55 -37.73 -8.49
C ALA K 123 61.80 -36.62 -9.50
N CYS K 124 62.97 -36.60 -10.10
CA CYS K 124 63.30 -35.67 -11.16
C CYS K 124 64.04 -36.40 -12.27
N LEU K 125 64.42 -35.68 -13.31
CA LEU K 125 65.19 -36.21 -14.41
C LEU K 125 66.58 -35.57 -14.37
N VAL K 126 67.61 -36.41 -14.25
CA VAL K 126 68.98 -35.95 -14.25
C VAL K 126 69.73 -36.73 -15.32
N GLU K 127 70.48 -36.04 -16.14
CA GLU K 127 71.24 -36.63 -17.23
C GLU K 127 70.41 -37.64 -18.03
N GLY K 128 69.14 -37.34 -18.27
CA GLY K 128 68.28 -38.20 -19.04
C GLY K 128 67.66 -39.40 -18.35
N HIS K 129 67.92 -39.55 -17.06
CA HIS K 129 67.49 -40.73 -16.31
C HIS K 129 66.71 -40.32 -15.08
N ASP K 130 65.82 -41.19 -14.65
CA ASP K 130 65.09 -40.92 -13.43
C ASP K 130 66.02 -40.88 -12.26
N ALA K 131 65.82 -39.91 -11.38
CA ALA K 131 66.66 -39.74 -10.22
C ALA K 131 65.82 -39.16 -9.09
N ILE K 132 66.44 -39.01 -7.92
CA ILE K 132 65.76 -38.61 -6.71
C ILE K 132 66.43 -37.36 -6.16
N GLN K 133 65.62 -36.43 -5.65
CA GLN K 133 66.08 -35.31 -4.87
C GLN K 133 65.43 -35.39 -3.48
N ILE K 134 66.26 -35.38 -2.43
CA ILE K 134 65.80 -35.29 -1.06
C ILE K 134 66.14 -33.93 -0.50
N THR K 135 65.23 -33.35 0.25
CA THR K 135 65.41 -32.02 0.82
C THR K 135 64.99 -32.03 2.27
N LEU K 136 65.90 -31.66 3.17
CA LEU K 136 65.66 -31.65 4.60
C LEU K 136 65.66 -30.22 5.09
N ARG K 137 64.57 -29.82 5.76
CA ARG K 137 64.46 -28.52 6.38
C ARG K 137 64.50 -28.66 7.91
N THR K 138 65.31 -27.85 8.55
CA THR K 138 65.45 -27.90 9.99
C THR K 138 64.12 -27.50 10.67
N ILE K 139 63.80 -28.13 11.78
CA ILE K 139 62.70 -27.78 12.61
C ILE K 139 63.21 -27.21 13.96
N PRO K 140 62.96 -25.92 14.22
CA PRO K 140 63.36 -25.37 15.50
C PRO K 140 62.55 -25.95 16.67
N THR K 141 63.17 -25.91 17.85
CA THR K 141 62.50 -26.42 19.04
C THR K 141 62.12 -25.33 20.06
N THR K 142 63.07 -24.48 20.43
CA THR K 142 62.97 -23.74 21.68
C THR K 142 63.11 -22.24 21.38
N PRO K 143 62.07 -21.46 21.72
CA PRO K 143 62.11 -20.04 21.38
C PRO K 143 63.38 -19.37 21.92
N PRO K 144 63.98 -18.49 21.11
CA PRO K 144 64.92 -17.52 21.69
C PRO K 144 64.29 -16.74 22.83
N LYS K 145 65.09 -16.09 23.66
CA LYS K 145 64.59 -15.03 24.52
C LYS K 145 64.33 -13.76 23.75
N LEU K 146 63.42 -12.95 24.28
CA LEU K 146 62.98 -11.75 23.57
C LEU K 146 64.06 -10.70 23.52
N SER K 147 64.84 -10.55 24.59
CA SER K 147 65.96 -9.62 24.60
C SER K 147 66.94 -9.89 23.45
N THR K 148 67.15 -11.17 23.13
CA THR K 148 67.99 -11.53 22.00
C THR K 148 67.45 -10.96 20.67
N MET K 149 66.18 -10.64 20.59
CA MET K 149 65.58 -10.25 19.33
C MET K 149 66.03 -8.87 18.85
N ASN K 150 66.50 -8.03 19.79
CA ASN K 150 67.05 -6.71 19.44
C ASN K 150 65.94 -5.75 18.98
N LEU K 151 64.93 -5.61 19.82
CA LEU K 151 63.73 -4.87 19.50
C LEU K 151 63.66 -3.57 20.28
N PRO K 152 63.20 -2.49 19.64
CA PRO K 152 63.03 -1.23 20.40
C PRO K 152 62.18 -1.45 21.64
N ASP K 153 62.45 -0.61 22.65
CA ASP K 153 61.61 -0.68 23.88
C ASP K 153 60.14 -0.28 23.56
N ASN K 154 59.99 0.75 22.71
CA ASN K 154 58.66 1.15 22.28
C ASN K 154 57.75 -0.07 21.95
N ILE K 155 58.27 -1.00 21.19
CA ILE K 155 57.50 -2.12 20.73
C ILE K 155 57.34 -3.18 21.80
N ILE K 156 58.36 -3.41 22.63
CA ILE K 156 58.19 -4.28 23.79
C ILE K 156 57.03 -3.77 24.65
N GLU K 157 56.85 -2.47 24.76
CA GLU K 157 55.74 -1.91 25.51
C GLU K 157 54.36 -2.36 25.01
N ALA K 158 54.25 -2.55 23.70
CA ALA K 158 52.97 -2.90 23.08
C ALA K 158 52.73 -4.40 22.95
N ILE K 159 53.64 -5.20 23.45
CA ILE K 159 53.54 -6.65 23.32
C ILE K 159 52.46 -7.43 24.02
N ALA K 160 52.07 -7.00 25.23
CA ALA K 160 51.02 -7.70 25.97
C ALA K 160 49.74 -6.93 26.04
N PRO K 161 49.14 -6.62 24.86
CA PRO K 161 47.81 -5.90 25.05
C PRO K 161 46.81 -6.88 25.70
N GLN K 162 45.94 -6.32 26.50
CA GLN K 162 44.85 -7.07 27.09
C GLN K 162 43.90 -7.67 26.06
N GLU K 163 43.65 -6.93 24.97
CA GLU K 163 42.87 -7.42 23.85
C GLU K 163 43.51 -6.98 22.55
N GLY K 164 42.90 -7.32 21.44
CA GLY K 164 43.28 -6.83 20.13
C GLY K 164 44.23 -7.78 19.42
N ILE K 165 44.75 -7.30 18.30
CA ILE K 165 45.44 -8.11 17.32
C ILE K 165 46.84 -7.57 17.14
N VAL K 166 47.83 -8.48 17.13
CA VAL K 166 49.21 -8.13 16.83
C VAL K 166 49.63 -8.86 15.58
N PHE K 167 50.10 -8.13 14.59
CA PHE K 167 50.46 -8.68 13.28
C PHE K 167 51.97 -8.62 13.10
N ILE K 168 52.58 -9.75 12.79
CA ILE K 168 53.97 -9.80 12.35
C ILE K 168 53.98 -10.24 10.89
N THR K 169 54.30 -9.30 10.01
CA THR K 169 54.09 -9.41 8.59
C THR K 169 55.42 -9.35 7.87
N GLY K 170 55.47 -10.06 6.74
CA GLY K 170 56.74 -10.34 6.10
C GLY K 170 56.66 -11.64 5.33
N ALA K 171 57.47 -11.73 4.26
CA ALA K 171 57.48 -12.92 3.45
C ALA K 171 58.04 -14.13 4.22
N THR K 172 57.58 -15.31 3.87
CA THR K 172 57.90 -16.49 4.64
C THR K 172 59.38 -16.77 4.69
N GLY K 173 59.82 -17.26 5.83
CA GLY K 173 61.28 -17.47 6.08
C GLY K 173 61.96 -16.10 6.40
N SER K 174 61.38 -15.51 7.43
CA SER K 174 61.88 -14.19 7.89
C SER K 174 62.08 -14.09 9.39
N GLY K 175 61.88 -15.15 10.14
CA GLY K 175 61.89 -15.11 11.59
C GLY K 175 60.63 -14.75 12.27
N LYS K 176 59.54 -14.50 11.57
CA LYS K 176 58.27 -14.10 12.17
C LYS K 176 57.67 -15.19 13.10
N SER K 177 57.71 -16.42 12.62
CA SER K 177 57.42 -17.57 13.47
C SER K 177 58.28 -17.50 14.75
N THR K 178 59.58 -17.30 14.59
CA THR K 178 60.44 -17.26 15.75
C THR K 178 60.12 -16.07 16.59
N LEU K 179 59.75 -14.94 16.03
CA LEU K 179 59.47 -13.73 16.81
C LEU K 179 58.28 -13.99 17.69
N LEU K 180 57.11 -14.32 17.09
CA LEU K 180 55.95 -14.74 17.85
C LEU K 180 56.28 -15.78 18.91
N ALA K 181 57.02 -16.82 18.54
CA ALA K 181 57.47 -17.79 19.53
C ALA K 181 58.16 -17.12 20.72
N SER K 182 58.99 -16.14 20.44
CA SER K 182 59.72 -15.46 21.51
C SER K 182 58.79 -14.68 22.39
N ILE K 183 57.84 -13.96 21.78
CA ILE K 183 56.89 -13.20 22.57
C ILE K 183 56.18 -14.18 23.54
N ILE K 184 55.68 -15.26 23.02
CA ILE K 184 54.93 -16.17 23.81
C ILE K 184 55.72 -16.72 24.95
N ARG K 185 56.96 -17.09 24.68
CA ARG K 185 57.81 -17.63 25.75
C ARG K 185 57.93 -16.56 26.83
N GLU K 186 58.07 -15.32 26.36
CA GLU K 186 58.19 -14.22 27.25
C GLU K 186 57.01 -14.06 28.18
N LEU K 187 55.84 -14.10 27.57
CA LEU K 187 54.61 -13.98 28.36
C LEU K 187 54.35 -15.21 29.21
N ILE K 188 54.67 -16.32 28.65
CA ILE K 188 54.48 -17.60 29.34
C ILE K 188 55.45 -17.77 30.51
N GLU K 189 56.68 -17.33 30.32
CA GLU K 189 57.75 -17.53 31.27
C GLU K 189 57.64 -16.79 32.58
N THR K 190 57.26 -15.51 32.51
CA THR K 190 57.18 -14.70 33.74
C THR K 190 56.03 -15.23 34.58
N SER K 191 56.21 -15.24 35.88
CA SER K 191 55.15 -15.64 36.79
C SER K 191 54.00 -14.60 36.79
N ASP K 192 52.88 -15.05 37.27
CA ASP K 192 51.68 -14.23 37.44
C ASP K 192 50.96 -14.00 36.17
N SER K 193 51.38 -14.58 35.07
CA SER K 193 50.70 -14.51 33.80
C SER K 193 49.86 -15.70 33.87
N ASN K 194 48.55 -15.55 34.17
CA ASN K 194 47.63 -16.66 34.27
C ASN K 194 47.05 -16.69 32.88
N ARG K 195 47.82 -17.15 31.94
CA ARG K 195 47.54 -17.19 30.55
C ARG K 195 47.44 -18.64 30.05
N LYS K 196 46.33 -18.90 29.35
CA LYS K 196 46.10 -20.15 28.70
C LYS K 196 46.39 -19.73 27.32
N VAL K 197 47.45 -20.26 26.75
CA VAL K 197 47.88 -19.93 25.38
C VAL K 197 47.43 -21.04 24.45
N LEU K 198 46.71 -20.68 23.39
CA LEU K 198 46.32 -21.60 22.34
C LEU K 198 46.91 -21.13 21.03
N THR K 199 47.68 -22.01 20.39
CA THR K 199 48.29 -21.72 19.11
C THR K 199 47.73 -22.68 18.06
N TYR K 200 47.61 -22.19 16.83
CA TYR K 200 47.15 -22.98 15.73
C TYR K 200 48.13 -22.77 14.61
N GLU K 201 48.88 -23.79 14.28
CA GLU K 201 49.96 -23.69 13.26
C GLU K 201 49.90 -24.80 12.20
N SER K 202 50.01 -24.46 10.92
CA SER K 202 49.91 -25.49 9.91
C SER K 202 51.09 -26.40 10.31
N PRO K 203 52.32 -25.85 10.15
CA PRO K 203 53.42 -26.74 10.52
C PRO K 203 53.85 -26.26 11.89
N ILE K 204 53.86 -27.12 12.87
CA ILE K 204 54.21 -26.64 14.21
C ILE K 204 55.71 -26.58 14.27
N GLU K 205 56.23 -25.36 14.33
CA GLU K 205 57.67 -25.20 14.53
C GLU K 205 58.04 -25.35 15.99
N PHE K 206 57.76 -24.37 16.80
CA PHE K 206 58.33 -24.23 18.14
C PHE K 206 57.39 -24.85 19.18
N VAL K 207 57.98 -25.45 20.19
CA VAL K 207 57.25 -26.06 21.28
C VAL K 207 57.69 -25.49 22.60
N TYR K 208 56.81 -25.48 23.58
CA TYR K 208 57.09 -24.82 24.87
C TYR K 208 57.05 -25.82 26.02
N ASP K 209 57.05 -27.13 25.75
CA ASP K 209 57.04 -28.11 26.82
C ASP K 209 58.33 -28.06 27.63
N GLU K 210 59.46 -27.85 26.98
CA GLU K 210 60.73 -27.88 27.70
C GLU K 210 60.90 -26.66 28.64
N ILE K 211 60.45 -25.52 28.15
CA ILE K 211 60.54 -24.26 28.86
C ILE K 211 59.69 -24.39 30.12
N GLU K 212 60.04 -23.60 31.11
CA GLU K 212 59.35 -23.71 32.39
C GLU K 212 58.58 -22.47 32.75
N THR K 213 57.33 -22.69 33.08
CA THR K 213 56.41 -21.67 33.48
C THR K 213 55.77 -22.11 34.80
N ILE K 214 55.31 -21.14 35.55
CA ILE K 214 54.75 -21.32 36.87
C ILE K 214 53.23 -21.37 36.82
N SER K 215 52.60 -20.58 35.93
CA SER K 215 51.18 -20.47 35.93
C SER K 215 50.68 -20.22 34.53
N ALA K 216 51.08 -21.08 33.62
CA ALA K 216 50.70 -20.93 32.20
C ALA K 216 50.47 -22.31 31.60
N VAL K 217 49.58 -22.38 30.64
CA VAL K 217 49.40 -23.57 29.82
C VAL K 217 49.51 -23.16 28.34
N VAL K 218 50.14 -24.00 27.55
CA VAL K 218 50.23 -23.81 26.12
C VAL K 218 49.68 -25.05 25.42
N SER K 219 48.64 -24.85 24.60
CA SER K 219 48.05 -25.92 23.83
C SER K 219 48.27 -25.62 22.35
N GLN K 220 48.98 -26.51 21.67
CA GLN K 220 49.39 -26.29 20.29
C GLN K 220 48.65 -27.28 19.39
N SER K 221 47.81 -26.75 18.51
CA SER K 221 47.02 -27.56 17.59
C SER K 221 47.47 -27.32 16.18
N GLU K 222 47.77 -28.40 15.45
CA GLU K 222 48.23 -28.29 14.05
C GLU K 222 47.02 -28.37 13.12
N ILE K 223 46.99 -27.45 12.17
CA ILE K 223 45.87 -27.31 11.29
C ILE K 223 45.62 -28.41 10.28
N PRO K 224 46.68 -28.96 9.61
CA PRO K 224 46.22 -30.05 8.67
C PRO K 224 45.68 -31.24 9.51
N ARG K 225 46.39 -31.57 10.58
CA ARG K 225 46.09 -32.63 11.46
C ARG K 225 45.01 -32.60 12.55
N HIS K 226 44.91 -31.50 13.26
CA HIS K 226 44.01 -31.39 14.42
C HIS K 226 42.68 -30.73 14.28
N LEU K 227 42.54 -29.76 13.44
CA LEU K 227 41.24 -29.08 13.27
C LEU K 227 41.26 -28.66 11.84
N PRO K 228 40.09 -28.59 11.18
CA PRO K 228 40.16 -28.31 9.74
C PRO K 228 40.85 -27.04 9.32
N ASN K 229 40.58 -25.90 9.93
CA ASN K 229 41.16 -24.65 9.40
C ASN K 229 41.50 -23.70 10.49
N PHE K 230 42.33 -22.73 10.16
CA PHE K 230 42.71 -21.71 11.11
C PHE K 230 41.47 -21.01 11.73
N ALA K 231 40.45 -20.77 10.90
CA ALA K 231 39.28 -20.10 11.39
C ALA K 231 38.53 -20.96 12.42
N ASP K 232 38.18 -22.17 12.03
CA ASP K 232 37.69 -23.16 12.98
C ASP K 232 38.53 -23.15 14.23
N GLY K 233 39.86 -23.09 14.07
CA GLY K 233 40.73 -23.07 15.20
C GLY K 233 40.39 -21.95 16.16
N VAL K 234 40.37 -20.74 15.65
CA VAL K 234 40.07 -19.59 16.47
C VAL K 234 38.71 -19.75 17.16
N ARG K 235 37.70 -20.07 16.37
CA ARG K 235 36.37 -20.25 16.93
C ARG K 235 36.37 -21.25 18.06
N ASN K 236 37.30 -22.20 17.97
CA ASN K 236 37.51 -23.21 18.97
C ASN K 236 38.01 -22.51 20.17
N ALA K 237 39.20 -21.92 20.06
CA ALA K 237 39.80 -21.12 21.11
C ALA K 237 38.79 -20.30 21.91
N LEU K 238 37.85 -19.68 21.21
CA LEU K 238 36.76 -19.00 21.89
C LEU K 238 36.02 -19.90 22.84
N ARG K 239 35.83 -21.12 22.46
CA ARG K 239 35.18 -22.12 23.36
C ARG K 239 36.11 -22.58 24.47
N ARG K 240 37.42 -22.36 24.31
CA ARG K 240 38.39 -22.77 25.31
C ARG K 240 38.83 -21.64 26.25
N LYS K 241 38.25 -20.45 26.11
CA LYS K 241 38.51 -19.36 27.02
C LYS K 241 40.03 -19.12 27.25
N PRO K 242 40.78 -18.92 26.17
CA PRO K 242 42.18 -18.62 26.33
C PRO K 242 42.43 -17.21 26.83
N ARG K 243 43.64 -16.98 27.33
CA ARG K 243 44.12 -15.61 27.53
C ARG K 243 45.04 -15.13 26.37
N LEU K 244 45.44 -16.03 25.49
CA LEU K 244 46.21 -15.66 24.33
C LEU K 244 45.95 -16.64 23.20
N ILE K 245 45.74 -16.13 22.01
CA ILE K 245 45.47 -16.93 20.83
C ILE K 245 46.49 -16.63 19.76
N MET K 246 47.13 -17.67 19.23
CA MET K 246 48.07 -17.55 18.14
C MET K 246 47.51 -18.30 16.92
N VAL K 247 47.29 -17.56 15.83
CA VAL K 247 46.96 -18.14 14.54
C VAL K 247 48.12 -17.98 13.59
N GLY K 248 48.56 -19.06 12.99
CA GLY K 248 49.72 -19.04 12.12
C GLY K 248 49.61 -18.02 11.02
N GLU K 249 48.45 -17.90 10.38
CA GLU K 249 48.31 -17.08 9.20
C GLU K 249 46.85 -16.69 9.03
N CYS K 250 46.64 -15.53 8.37
CA CYS K 250 45.31 -14.98 8.14
C CYS K 250 45.12 -14.69 6.66
N ARG K 251 45.04 -15.74 5.88
CA ARG K 251 44.83 -15.61 4.42
C ARG K 251 43.37 -15.24 4.11
N ASP K 252 42.44 -15.94 4.76
CA ASP K 252 41.03 -15.86 4.38
C ASP K 252 40.39 -14.67 5.06
N ALA K 253 39.24 -14.27 4.48
CA ALA K 253 38.35 -13.36 5.17
C ALA K 253 37.76 -14.12 6.36
N GLU K 254 37.54 -15.44 6.21
CA GLU K 254 36.99 -16.21 7.28
C GLU K 254 37.86 -16.15 8.55
N THR K 255 39.14 -16.46 8.40
CA THR K 255 40.05 -16.40 9.52
C THR K 255 40.12 -14.99 10.10
N ILE K 256 40.17 -13.99 9.24
CA ILE K 256 40.24 -12.62 9.71
C ILE K 256 39.01 -12.32 10.56
N SER K 257 37.83 -12.69 10.07
CA SER K 257 36.60 -12.42 10.78
C SER K 257 36.65 -13.11 12.16
N ALA K 258 36.95 -14.42 12.16
CA ALA K 258 37.06 -15.12 13.40
C ALA K 258 37.97 -14.39 14.40
N ALA K 259 39.16 -13.99 13.94
CA ALA K 259 40.06 -13.28 14.81
C ALA K 259 39.50 -11.95 15.28
N LEU K 260 38.74 -11.30 14.43
CA LEU K 260 38.09 -10.05 14.82
C LEU K 260 37.13 -10.28 15.99
N GLU K 261 36.30 -11.31 15.84
CA GLU K 261 35.38 -11.64 16.88
C GLU K 261 36.12 -12.00 18.20
N ALA K 262 37.18 -12.76 18.07
CA ALA K 262 37.97 -13.09 19.25
C ALA K 262 38.49 -11.84 19.92
N ALA K 263 38.98 -10.90 19.14
CA ALA K 263 39.57 -9.68 19.71
C ALA K 263 38.50 -8.76 20.31
N LEU K 264 37.36 -8.68 19.65
CA LEU K 264 36.24 -7.94 20.16
C LEU K 264 35.75 -8.54 21.48
N THR K 265 35.82 -9.83 21.62
CA THR K 265 35.44 -10.47 22.87
C THR K 265 36.37 -10.03 23.99
N GLY K 266 37.66 -10.00 23.72
CA GLY K 266 38.63 -9.51 24.67
C GLY K 266 39.88 -10.35 24.76
N HIS K 267 40.21 -11.06 23.68
CA HIS K 267 41.35 -11.94 23.68
C HIS K 267 42.46 -11.36 22.79
N PRO K 268 43.70 -11.27 23.34
CA PRO K 268 44.82 -11.04 22.47
C PRO K 268 44.91 -12.09 21.35
N VAL K 269 45.05 -11.62 20.13
CA VAL K 269 45.26 -12.47 18.97
C VAL K 269 46.59 -12.10 18.34
N TYR K 270 47.38 -13.11 17.99
CA TYR K 270 48.66 -12.95 17.32
C TYR K 270 48.62 -13.74 16.02
N THR K 271 48.99 -13.09 14.92
CA THR K 271 48.96 -13.70 13.60
C THR K 271 50.13 -13.20 12.80
N THR K 272 50.29 -13.80 11.62
CA THR K 272 51.25 -13.29 10.62
C THR K 272 50.54 -13.05 9.31
N LEU K 273 51.10 -12.14 8.51
CA LEU K 273 50.57 -11.83 7.20
C LEU K 273 51.71 -11.74 6.20
N HIS K 274 51.39 -12.03 4.96
CA HIS K 274 52.42 -12.06 3.90
C HIS K 274 52.80 -10.66 3.39
N THR K 275 51.97 -9.67 3.68
CA THR K 275 52.14 -8.39 3.04
C THR K 275 53.38 -7.66 3.61
N SER K 276 54.03 -6.87 2.76
CA SER K 276 55.22 -6.16 3.10
C SER K 276 54.92 -4.68 3.25
N GLY K 277 54.90 -4.23 4.50
CA GLY K 277 54.59 -2.84 4.81
C GLY K 277 53.29 -2.79 5.64
N VAL K 278 53.32 -1.94 6.67
CA VAL K 278 52.18 -1.81 7.55
C VAL K 278 50.95 -1.35 6.75
N ALA K 279 51.12 -0.28 5.98
CA ALA K 279 50.06 0.19 5.11
C ALA K 279 49.50 -0.95 4.21
N GLU K 280 50.39 -1.74 3.68
CA GLU K 280 49.97 -2.82 2.79
C GLU K 280 49.19 -3.87 3.56
N THR K 281 49.67 -4.26 4.76
CA THR K 281 48.91 -5.17 5.57
C THR K 281 47.51 -4.64 5.83
N MET K 282 47.42 -3.41 6.31
CA MET K 282 46.12 -2.74 6.49
C MET K 282 45.27 -2.91 5.21
N ARG K 283 45.80 -2.56 4.06
CA ARG K 283 45.03 -2.64 2.84
C ARG K 283 44.53 -4.04 2.59
N ARG K 284 45.36 -5.04 2.85
CA ARG K 284 44.92 -6.43 2.69
C ARG K 284 43.78 -6.76 3.61
N LEU K 285 43.89 -6.36 4.87
CA LEU K 285 42.82 -6.63 5.81
C LEU K 285 41.50 -6.04 5.33
N VAL K 286 41.48 -4.76 5.02
CA VAL K 286 40.23 -4.12 4.66
C VAL K 286 39.67 -4.57 3.36
N THR K 287 40.50 -4.71 2.36
CA THR K 287 39.98 -5.15 1.02
C THR K 287 39.45 -6.61 1.06
N SER K 288 39.85 -7.31 2.11
CA SER K 288 39.39 -8.67 2.33
C SER K 288 37.92 -8.77 2.44
N PHE K 289 37.32 -7.65 2.80
CA PHE K 289 35.85 -7.57 2.90
C PHE K 289 35.42 -6.56 1.87
N SER K 290 34.44 -6.91 1.10
CA SER K 290 33.88 -6.01 0.10
C SER K 290 32.38 -6.07 0.27
N GLY K 291 31.73 -5.06 -0.30
CA GLY K 291 30.27 -4.99 -0.27
C GLY K 291 29.78 -4.40 1.02
N GLU K 292 28.53 -4.65 1.34
CA GLU K 292 27.83 -4.02 2.44
C GLU K 292 28.49 -4.37 3.78
N GLU K 293 28.96 -5.59 3.93
CA GLU K 293 29.65 -5.93 5.17
C GLU K 293 30.89 -5.09 5.38
N ARG K 294 31.60 -4.85 4.27
CA ARG K 294 32.85 -4.14 4.29
C ARG K 294 33.13 -3.06 5.30
N LEU K 295 32.40 -1.98 5.20
CA LEU K 295 32.48 -0.87 6.13
C LEU K 295 32.45 -1.24 7.61
N GLY K 296 31.61 -2.19 7.93
CA GLY K 296 31.51 -2.65 9.31
C GLY K 296 32.83 -3.23 9.73
N ARG K 297 33.38 -4.09 8.91
CA ARG K 297 34.59 -4.80 9.28
C ARG K 297 35.76 -3.87 9.46
N THR K 298 35.84 -2.83 8.65
CA THR K 298 36.98 -1.93 8.73
C THR K 298 37.09 -1.31 10.14
N ILE K 299 35.96 -0.91 10.68
CA ILE K 299 36.00 -0.34 12.01
C ILE K 299 36.40 -1.39 12.97
N ASP K 300 35.87 -2.61 12.79
CA ASP K 300 36.27 -3.72 13.68
C ASP K 300 37.75 -3.90 13.54
N ILE K 301 38.25 -3.87 12.34
CA ILE K 301 39.70 -3.87 12.16
C ILE K 301 40.36 -2.71 12.93
N LEU K 302 39.93 -1.51 12.66
CA LEU K 302 40.65 -0.32 13.15
C LEU K 302 40.72 -0.35 14.69
N GLU K 303 39.60 -0.66 15.33
CA GLU K 303 39.55 -0.62 16.77
C GLU K 303 40.42 -1.74 17.36
N THR K 304 40.49 -2.88 16.69
CA THR K 304 41.05 -4.07 17.28
C THR K 304 42.53 -4.20 17.09
N ILE K 305 43.07 -3.80 15.93
CA ILE K 305 44.51 -3.79 15.73
C ILE K 305 45.21 -3.03 16.86
N ARG K 306 46.36 -3.55 17.29
CA ARG K 306 47.15 -2.89 18.31
C ARG K 306 48.62 -2.74 17.98
N LEU K 307 49.13 -3.47 17.01
CA LEU K 307 50.54 -3.42 16.64
C LEU K 307 50.74 -4.13 15.31
N CYS K 308 51.58 -3.56 14.45
CA CYS K 308 51.94 -4.15 13.19
C CYS K 308 53.46 -4.05 13.01
N ILE K 309 54.10 -5.19 12.70
CA ILE K 309 55.50 -5.24 12.36
C ILE K 309 55.62 -5.91 10.99
N TRP K 310 56.23 -5.19 10.04
CA TRP K 310 56.83 -5.79 8.87
C TRP K 310 58.30 -6.04 9.08
N GLN K 311 58.75 -7.28 8.89
CA GLN K 311 60.11 -7.68 9.15
C GLN K 311 60.76 -8.20 7.89
N LYS K 312 62.03 -7.88 7.69
CA LYS K 312 62.72 -8.14 6.43
C LYS K 312 64.16 -8.55 6.76
N LEU K 313 64.59 -9.65 6.17
CA LEU K 313 65.87 -10.26 6.43
C LEU K 313 66.88 -9.90 5.40
N VAL K 314 67.99 -9.29 5.79
CA VAL K 314 68.92 -8.66 4.85
C VAL K 314 70.34 -9.11 5.20
N PRO K 315 71.20 -9.28 4.20
CA PRO K 315 72.56 -9.76 4.47
C PRO K 315 73.39 -8.74 5.22
N THR K 316 74.34 -9.25 6.00
CA THR K 316 75.20 -8.38 6.84
C THR K 316 76.60 -8.33 6.24
N VAL K 317 77.44 -7.48 6.79
CA VAL K 317 78.84 -7.43 6.38
C VAL K 317 79.54 -8.75 6.73
N ASP K 318 79.21 -9.35 7.85
CA ASP K 318 79.84 -10.60 8.26
C ASP K 318 79.32 -11.81 7.50
N GLU K 319 78.46 -11.58 6.49
CA GLU K 319 77.78 -12.65 5.77
C GLU K 319 76.80 -13.44 6.65
N ARG K 320 76.42 -12.89 7.79
CA ARG K 320 75.23 -13.32 8.50
C ARG K 320 74.02 -12.46 8.05
N ARG K 321 72.89 -12.69 8.68
CA ARG K 321 71.65 -12.03 8.30
C ARG K 321 71.12 -11.20 9.47
N VAL K 322 70.45 -10.11 9.14
CA VAL K 322 69.98 -9.16 10.15
C VAL K 322 68.55 -8.74 9.77
N ALA K 323 67.78 -8.44 10.81
CA ALA K 323 66.36 -8.13 10.67
C ALA K 323 66.18 -6.61 10.72
N LEU K 324 65.63 -6.08 9.65
CA LEU K 324 65.05 -4.74 9.64
C LEU K 324 63.55 -4.83 9.91
N ARG K 325 63.05 -3.87 10.69
CA ARG K 325 61.65 -3.86 11.10
C ARG K 325 61.07 -2.47 10.83
N GLU K 326 59.91 -2.45 10.19
CA GLU K 326 59.07 -1.26 10.12
C GLU K 326 57.76 -1.56 10.84
N TYR K 327 57.51 -0.82 11.95
CA TYR K 327 56.40 -1.13 12.82
C TYR K 327 55.56 0.13 13.03
N LEU K 328 54.28 -0.07 13.29
CA LEU K 328 53.43 0.94 13.88
C LEU K 328 52.73 0.33 15.09
N VAL K 329 52.77 1.07 16.21
CA VAL K 329 51.95 0.74 17.36
C VAL K 329 50.64 1.50 17.26
N PHE K 330 49.53 0.78 17.24
CA PHE K 330 48.21 1.36 17.06
C PHE K 330 47.65 1.74 18.45
N ASP K 331 48.21 2.82 19.02
CA ASP K 331 47.67 3.42 20.19
C ASP K 331 46.23 3.89 19.94
N GLU K 332 45.56 4.27 21.04
CA GLU K 332 44.24 4.83 20.96
C GLU K 332 44.24 6.05 20.01
N GLU K 333 45.25 6.86 20.07
CA GLU K 333 45.29 8.10 19.32
C GLU K 333 45.46 7.81 17.83
N VAL K 334 46.43 6.95 17.48
CA VAL K 334 46.52 6.47 16.11
C VAL K 334 45.17 5.96 15.62
N ARG K 335 44.62 5.01 16.32
CA ARG K 335 43.35 4.41 15.92
C ARG K 335 42.28 5.48 15.68
N ASP K 336 42.23 6.50 16.55
CA ASP K 336 41.33 7.60 16.33
C ASP K 336 41.62 8.32 15.03
N ILE K 337 42.87 8.73 14.81
CA ILE K 337 43.27 9.36 13.56
C ILE K 337 42.70 8.54 12.38
N LEU K 338 42.90 7.22 12.42
CA LEU K 338 42.48 6.39 11.30
C LEU K 338 40.97 6.34 11.16
N LEU K 339 40.26 6.32 12.26
CA LEU K 339 38.80 6.15 12.21
C LEU K 339 38.10 7.41 11.78
N GLU K 340 38.60 8.57 12.22
CA GLU K 340 38.09 9.86 11.73
C GLU K 340 38.25 10.02 10.20
N GLY K 341 39.12 9.19 9.61
CA GLY K 341 39.40 9.29 8.21
C GLY K 341 38.44 8.56 7.31
N ASP K 342 38.55 8.87 6.02
CA ASP K 342 37.81 8.12 5.02
C ASP K 342 38.25 6.65 5.08
N PRO K 343 37.31 5.71 5.22
CA PRO K 343 37.69 4.31 5.14
C PRO K 343 38.49 3.92 3.88
N ASN K 344 38.10 4.47 2.72
CA ASN K 344 38.72 4.06 1.49
C ASN K 344 40.18 4.50 1.40
N GLU K 345 40.52 5.61 2.06
CA GLU K 345 41.90 6.09 2.08
C GLU K 345 42.66 5.67 3.34
N VAL K 346 42.37 4.51 3.86
CA VAL K 346 43.08 3.99 5.04
C VAL K 346 44.56 3.73 4.70
N THR K 347 44.82 3.22 3.49
CA THR K 347 46.17 2.89 3.10
C THR K 347 47.00 4.15 3.08
N SER K 348 46.64 5.14 2.22
CA SER K 348 47.35 6.40 2.18
C SER K 348 47.58 7.01 3.59
N ALA K 349 46.50 7.11 4.36
CA ALA K 349 46.62 7.65 5.70
C ALA K 349 47.70 6.87 6.50
N THR K 350 47.69 5.59 6.42
CA THR K 350 48.59 4.78 7.24
C THR K 350 49.99 4.94 6.81
N ARG K 351 50.27 4.83 5.52
CA ARG K 351 51.57 5.30 4.95
C ARG K 351 51.99 6.63 5.54
N LYS K 352 51.08 7.58 5.66
CA LYS K 352 51.39 8.84 6.33
C LYS K 352 51.80 8.63 7.80
N LEU K 353 51.12 7.71 8.45
CA LEU K 353 51.17 7.65 9.92
C LEU K 353 52.41 6.95 10.38
N VAL K 354 52.77 5.82 9.75
CA VAL K 354 54.04 5.17 10.03
C VAL K 354 55.21 6.18 10.19
N ARG K 355 55.16 7.24 9.39
CA ARG K 355 56.24 8.19 9.41
C ARG K 355 56.24 9.05 10.66
N GLN K 356 55.06 9.39 11.15
CA GLN K 356 54.90 10.30 12.28
C GLN K 356 54.94 9.57 13.61
N LYS K 357 54.20 8.46 13.72
CA LYS K 357 54.10 7.76 15.00
C LYS K 357 54.78 6.39 15.02
N GLY K 358 55.23 5.91 13.88
CA GLY K 358 55.88 4.61 13.82
C GLY K 358 57.34 4.68 13.46
N GLN K 359 57.82 3.69 12.73
CA GLN K 359 59.21 3.65 12.29
C GLN K 359 59.25 3.01 10.92
N LEU K 360 59.87 3.70 9.96
CA LEU K 360 59.90 3.22 8.59
C LEU K 360 61.02 2.23 8.40
N MET K 361 60.82 1.32 7.46
CA MET K 361 61.88 0.40 7.05
C MET K 361 63.16 1.16 6.64
N THR K 362 62.99 2.20 5.85
CA THR K 362 64.13 2.94 5.37
C THR K 362 64.94 3.53 6.55
N TRP K 363 64.24 4.03 7.55
CA TRP K 363 64.95 4.64 8.67
C TRP K 363 65.75 3.63 9.46
N ASP K 364 65.17 2.47 9.71
CA ASP K 364 65.89 1.40 10.40
C ASP K 364 67.08 0.98 9.60
N ALA K 365 66.90 0.81 8.27
CA ALA K 365 68.04 0.54 7.39
C ALA K 365 69.15 1.57 7.55
N LYS K 366 68.78 2.85 7.62
CA LYS K 366 69.77 3.90 7.78
C LYS K 366 70.49 3.76 9.11
N MET K 367 69.76 3.57 10.19
CA MET K 367 70.37 3.39 11.50
C MET K 367 71.33 2.24 11.48
N LYS K 368 70.92 1.10 10.92
CA LYS K 368 71.82 -0.06 10.83
C LYS K 368 73.04 0.25 10.01
N PHE K 369 72.91 1.03 8.95
CA PHE K 369 74.06 1.41 8.13
C PHE K 369 75.04 2.26 8.92
N GLU K 370 74.54 3.27 9.64
CA GLU K 370 75.36 4.00 10.58
C GLU K 370 76.05 3.07 11.60
N GLN K 371 75.35 2.03 12.01
CA GLN K 371 75.92 1.03 12.89
C GLN K 371 76.99 0.17 12.21
N GLY K 372 77.02 0.18 10.87
CA GLY K 372 77.93 -0.66 10.12
C GLY K 372 77.50 -2.10 9.96
N ILE K 373 76.23 -2.42 10.25
CA ILE K 373 75.78 -3.81 10.15
C ILE K 373 75.55 -4.19 8.67
N ILE K 374 75.04 -3.28 7.88
CA ILE K 374 74.57 -3.60 6.53
C ILE K 374 75.52 -3.01 5.49
N SER K 375 75.63 -3.70 4.39
CA SER K 375 76.55 -3.31 3.32
C SER K 375 75.93 -2.16 2.51
N GLU K 376 76.82 -1.32 1.95
CA GLU K 376 76.34 -0.08 1.35
C GLU K 376 75.43 -0.37 0.15
N ARG K 377 75.88 -1.24 -0.75
CA ARG K 377 75.10 -1.64 -1.89
C ARG K 377 73.75 -2.19 -1.44
N VAL K 378 73.71 -2.96 -0.39
CA VAL K 378 72.47 -3.49 0.16
C VAL K 378 71.51 -2.34 0.52
N TYR K 379 72.00 -1.39 1.32
CA TYR K 379 71.24 -0.20 1.61
C TYR K 379 70.67 0.44 0.33
N LYS K 380 71.55 0.79 -0.59
CA LYS K 380 71.12 1.38 -1.84
C LYS K 380 70.01 0.56 -2.51
N LEU K 381 70.13 -0.73 -2.46
CA LEU K 381 69.16 -1.61 -3.12
C LEU K 381 67.84 -1.50 -2.43
N ILE K 382 67.80 -1.59 -1.12
CA ILE K 382 66.56 -1.39 -0.36
C ILE K 382 65.93 -0.07 -0.73
N ILE K 383 66.73 1.00 -0.76
CA ILE K 383 66.19 2.30 -1.12
C ILE K 383 65.54 2.24 -2.51
N ALA K 384 66.20 1.57 -3.46
CA ALA K 384 65.70 1.54 -4.81
C ALA K 384 64.39 0.80 -4.86
N GLY K 385 64.32 -0.38 -4.24
CA GLY K 385 63.10 -1.19 -4.29
C GLY K 385 61.94 -0.48 -3.65
N ALA K 386 62.20 0.22 -2.53
CA ALA K 386 61.11 0.83 -1.75
C ALA K 386 60.17 -0.25 -1.15
N ASN L 19 66.04 -43.43 -54.13
CA ASN L 19 65.86 -42.37 -53.15
C ASN L 19 65.43 -42.96 -51.78
N ILE L 20 66.29 -43.79 -51.21
CA ILE L 20 66.14 -44.27 -49.85
C ILE L 20 67.52 -44.21 -49.18
N ASN L 21 67.51 -44.12 -47.85
CA ASN L 21 68.67 -44.41 -47.03
C ASN L 21 68.32 -45.47 -45.98
N LEU L 22 69.32 -46.15 -45.48
CA LEU L 22 69.13 -47.43 -44.82
C LEU L 22 70.04 -47.55 -43.58
N MET L 23 69.58 -48.28 -42.61
CA MET L 23 70.35 -48.50 -41.41
C MET L 23 71.48 -49.50 -41.70
N PRO L 24 72.59 -49.42 -40.93
CA PRO L 24 73.69 -50.32 -41.21
C PRO L 24 73.35 -51.80 -40.96
N ASP L 25 72.73 -52.11 -39.83
CA ASP L 25 72.61 -53.48 -39.37
C ASP L 25 71.15 -53.74 -38.96
N GLU L 26 70.33 -54.08 -39.94
CA GLU L 26 68.90 -54.11 -39.72
C GLU L 26 68.57 -55.32 -38.86
N PRO L 27 67.91 -55.12 -37.70
CA PRO L 27 67.52 -56.30 -36.94
C PRO L 27 66.34 -57.01 -37.58
N THR L 28 66.28 -58.32 -37.45
CA THR L 28 65.08 -59.05 -37.85
C THR L 28 63.92 -58.58 -36.97
N ARG L 29 64.13 -58.59 -35.65
CA ARG L 29 63.10 -58.20 -34.72
C ARG L 29 63.61 -56.97 -33.92
N PHE L 30 62.95 -55.83 -34.18
CA PHE L 30 63.41 -54.57 -33.68
C PHE L 30 63.21 -54.41 -32.12
N THR L 31 64.24 -53.91 -31.50
CA THR L 31 64.35 -53.89 -30.07
C THR L 31 64.96 -52.57 -29.64
N PRO L 32 64.61 -52.13 -28.40
CA PRO L 32 65.13 -50.85 -27.93
C PRO L 32 66.64 -50.68 -28.11
N VAL L 33 67.41 -51.75 -27.94
CA VAL L 33 68.84 -51.67 -28.18
C VAL L 33 69.12 -51.18 -29.60
N PHE L 34 68.39 -51.71 -30.55
CA PHE L 34 68.56 -51.31 -31.94
C PHE L 34 68.09 -49.90 -32.19
N MET L 35 67.14 -49.40 -31.37
CA MET L 35 66.66 -48.04 -31.56
C MET L 35 67.78 -47.00 -31.43
N ASP L 36 68.71 -47.25 -30.55
CA ASP L 36 69.82 -46.31 -30.36
C ASP L 36 70.70 -46.29 -31.56
N ARG L 37 71.01 -47.46 -32.12
CA ARG L 37 71.76 -47.53 -33.37
C ARG L 37 71.03 -46.80 -34.49
N MET L 38 69.75 -47.06 -34.63
CA MET L 38 68.97 -46.40 -35.66
C MET L 38 69.01 -44.90 -35.49
N LEU L 39 68.92 -44.42 -34.27
CA LEU L 39 69.05 -42.98 -34.00
C LEU L 39 70.44 -42.49 -34.39
N GLU L 40 71.47 -43.26 -34.11
CA GLU L 40 72.81 -42.96 -34.60
C GLU L 40 72.78 -42.74 -36.12
N HIS L 41 72.18 -43.66 -36.85
CA HIS L 41 72.10 -43.52 -38.28
C HIS L 41 71.32 -42.29 -38.65
N ALA L 42 70.27 -41.97 -37.97
CA ALA L 42 69.42 -40.83 -38.30
C ALA L 42 70.19 -39.55 -38.13
N GLU L 43 70.86 -39.36 -36.98
CA GLU L 43 71.75 -38.23 -36.82
C GLU L 43 72.82 -38.18 -37.90
N SER L 44 73.42 -39.30 -38.18
CA SER L 44 74.38 -39.40 -39.30
C SER L 44 73.76 -38.88 -40.57
N LEU L 45 72.49 -39.12 -40.78
CA LEU L 45 71.78 -38.58 -41.95
C LEU L 45 71.33 -37.14 -41.77
N ASN L 46 71.47 -36.59 -40.56
CA ASN L 46 71.10 -35.22 -40.26
C ASN L 46 69.61 -34.98 -40.28
N ALA L 47 68.78 -36.02 -40.06
CA ALA L 47 67.37 -35.85 -39.95
C ALA L 47 66.93 -34.97 -38.73
N SER L 48 65.86 -34.29 -38.90
CA SER L 48 65.27 -33.51 -37.81
C SER L 48 64.32 -34.34 -36.99
N ASP L 49 63.55 -35.24 -37.60
CA ASP L 49 62.48 -35.97 -36.95
C ASP L 49 62.45 -37.41 -37.42
N ILE L 50 62.02 -38.29 -36.53
CA ILE L 50 61.98 -39.73 -36.79
C ILE L 50 60.62 -40.24 -36.36
N THR L 51 59.87 -40.84 -37.29
CA THR L 51 58.54 -41.32 -37.02
C THR L 51 58.55 -42.85 -37.14
N ILE L 52 58.12 -43.52 -36.07
CA ILE L 52 57.96 -44.96 -36.06
C ILE L 52 56.49 -45.28 -35.91
N GLN L 53 55.96 -46.05 -36.88
CA GLN L 53 54.53 -46.42 -36.82
C GLN L 53 54.43 -47.92 -37.04
N THR L 54 53.57 -48.58 -36.28
CA THR L 54 53.34 -49.99 -36.48
C THR L 54 52.77 -50.26 -37.90
N GLY L 55 53.14 -51.36 -38.49
CA GLY L 55 52.81 -51.61 -39.86
C GLY L 55 53.54 -50.79 -40.86
N GLU L 56 54.63 -50.15 -40.50
CA GLU L 56 55.34 -49.23 -41.41
C GLU L 56 56.81 -49.28 -41.07
N PRO L 57 57.68 -48.95 -42.02
CA PRO L 57 59.10 -48.76 -41.69
C PRO L 57 59.31 -47.50 -40.88
N ILE L 58 60.50 -47.39 -40.30
CA ILE L 58 60.92 -46.17 -39.63
C ILE L 58 61.21 -45.11 -40.69
N PHE L 59 60.67 -43.91 -40.47
CA PHE L 59 60.85 -42.79 -41.38
C PHE L 59 61.67 -41.71 -40.71
N ALA L 60 62.48 -41.00 -41.49
CA ALA L 60 63.25 -39.86 -41.05
C ALA L 60 63.03 -38.71 -42.00
N GLU L 61 62.89 -37.49 -41.44
CA GLU L 61 62.70 -36.28 -42.22
C GLU L 61 64.03 -35.51 -42.14
N VAL L 62 64.66 -35.23 -43.29
CA VAL L 62 65.93 -34.59 -43.33
C VAL L 62 65.80 -33.06 -43.57
N TYR L 63 65.40 -32.71 -44.75
CA TYR L 63 65.27 -31.30 -45.14
C TYR L 63 63.93 -31.10 -45.87
N GLY L 64 62.85 -31.53 -45.24
CA GLY L 64 61.60 -31.71 -45.91
C GLY L 64 61.49 -33.05 -46.59
N ARG L 65 62.57 -33.61 -47.08
CA ARG L 65 62.60 -34.94 -47.63
C ARG L 65 62.31 -35.99 -46.54
N LEU L 66 61.41 -36.90 -46.90
CA LEU L 66 61.04 -38.02 -46.10
C LEU L 66 61.71 -39.22 -46.64
N LEU L 67 62.32 -40.03 -45.80
CA LEU L 67 63.13 -41.20 -46.28
C LEU L 67 62.87 -42.33 -45.35
N LYS L 68 62.66 -43.50 -45.92
CA LYS L 68 62.56 -44.74 -45.10
C LYS L 68 63.99 -45.17 -44.72
N ILE L 69 64.21 -45.39 -43.44
CA ILE L 69 65.52 -45.76 -42.94
C ILE L 69 65.59 -47.21 -42.51
N THR L 70 64.54 -47.98 -42.75
CA THR L 70 64.49 -49.39 -42.38
C THR L 70 63.69 -50.15 -43.43
N ASN L 71 64.09 -51.38 -43.70
CA ASN L 71 63.51 -52.18 -44.74
C ASN L 71 62.26 -52.94 -44.31
N ARG L 72 62.13 -53.17 -43.01
CA ARG L 72 61.04 -54.02 -42.49
C ARG L 72 59.96 -53.15 -41.86
N ARG L 73 58.73 -53.44 -42.13
CA ARG L 73 57.58 -52.90 -41.42
C ARG L 73 57.44 -53.51 -40.01
N LEU L 74 57.27 -52.68 -39.04
CA LEU L 74 57.36 -53.06 -37.65
C LEU L 74 56.04 -53.52 -37.11
N SER L 75 56.08 -54.37 -36.08
CA SER L 75 54.89 -55.00 -35.53
C SER L 75 54.44 -54.19 -34.33
N ASN L 76 53.11 -53.90 -34.28
CA ASN L 76 52.59 -53.09 -33.21
C ASN L 76 53.02 -53.61 -31.82
N THR L 77 53.25 -54.92 -31.72
CA THR L 77 54.05 -55.42 -30.61
C THR L 77 55.42 -54.74 -30.44
N GLU L 78 56.21 -54.81 -31.46
CA GLU L 78 57.54 -54.16 -31.47
C GLU L 78 57.44 -52.67 -31.03
N LEU L 79 56.45 -51.97 -31.60
CA LEU L 79 56.24 -50.61 -31.24
C LEU L 79 55.94 -50.45 -29.76
N GLY L 80 54.95 -51.13 -29.28
CA GLY L 80 54.64 -51.20 -27.85
C GLY L 80 55.87 -51.41 -26.97
N ASP L 81 56.74 -52.34 -27.39
CA ASP L 81 57.96 -52.57 -26.65
C ASP L 81 58.83 -51.29 -26.60
N LEU L 82 59.06 -50.68 -27.75
CA LEU L 82 59.78 -49.42 -27.79
C LEU L 82 59.18 -48.38 -26.82
N ILE L 83 57.86 -48.16 -26.91
CA ILE L 83 57.24 -47.13 -26.12
C ILE L 83 57.40 -47.40 -24.61
N ASN L 84 57.16 -48.66 -24.22
CA ASN L 84 57.34 -49.05 -22.86
C ASN L 84 58.77 -48.79 -22.39
N SER L 85 59.74 -49.09 -23.26
CA SER L 85 61.13 -48.84 -22.92
C SER L 85 61.40 -47.34 -22.71
N ILE L 86 60.81 -46.50 -23.56
CA ILE L 86 61.08 -45.09 -23.49
C ILE L 86 60.37 -44.43 -22.30
N TYR L 87 59.14 -44.85 -22.03
CA TYR L 87 58.31 -44.22 -21.02
C TYR L 87 58.21 -45.08 -19.74
N GLY L 88 57.38 -46.09 -19.80
CA GLY L 88 57.24 -47.03 -18.73
C GLY L 88 56.55 -48.31 -19.13
N PRO L 89 56.57 -49.31 -18.25
CA PRO L 89 55.64 -50.44 -18.43
C PRO L 89 54.21 -50.03 -18.62
N ASN L 90 53.75 -48.97 -18.00
CA ASN L 90 52.37 -48.51 -18.12
C ASN L 90 52.04 -47.86 -19.45
N ALA L 91 53.04 -47.50 -20.26
CA ALA L 91 52.80 -46.60 -21.36
C ALA L 91 51.78 -47.20 -22.35
N THR L 92 51.93 -48.47 -22.69
CA THR L 92 51.00 -49.10 -23.57
C THR L 92 49.56 -49.01 -23.03
N THR L 93 49.37 -49.44 -21.81
CA THR L 93 48.07 -49.35 -21.18
C THR L 93 47.51 -47.91 -21.25
N GLN L 94 48.40 -46.93 -21.06
CA GLN L 94 47.98 -45.57 -21.06
C GLN L 94 47.46 -45.16 -22.44
N LEU L 95 48.19 -45.55 -23.51
CA LEU L 95 47.71 -45.34 -24.86
C LEU L 95 46.33 -46.00 -25.06
N LEU L 96 46.17 -47.22 -24.56
CA LEU L 96 44.91 -47.91 -24.71
C LEU L 96 43.77 -47.25 -23.95
N SER L 97 44.11 -46.48 -22.93
CA SER L 97 43.12 -45.73 -22.17
C SER L 97 42.64 -44.56 -22.88
N GLY L 98 43.15 -44.24 -24.09
CA GLY L 98 42.72 -43.12 -24.89
C GLY L 98 43.46 -41.83 -24.57
N LYS L 99 44.67 -41.96 -23.98
CA LYS L 99 45.49 -40.83 -23.65
C LYS L 99 46.70 -40.73 -24.58
N ASP L 100 47.44 -39.66 -24.39
CA ASP L 100 48.57 -39.33 -25.26
C ASP L 100 49.82 -39.18 -24.41
N ILE L 101 50.94 -39.61 -24.95
CA ILE L 101 52.19 -39.66 -24.20
C ILE L 101 53.13 -38.61 -24.77
N ASP L 102 53.64 -37.75 -23.91
CA ASP L 102 54.68 -36.79 -24.24
C ASP L 102 55.80 -36.90 -23.22
N THR L 103 57.03 -37.04 -23.70
CA THR L 103 58.19 -37.25 -22.86
C THR L 103 59.43 -36.76 -23.59
N HIS L 104 60.61 -37.09 -23.06
CA HIS L 104 61.86 -36.97 -23.76
C HIS L 104 62.55 -38.36 -23.86
N TYR L 105 63.58 -38.40 -24.69
CA TYR L 105 64.53 -39.48 -24.69
C TYR L 105 65.89 -38.95 -24.96
N GLU L 106 66.86 -39.21 -24.07
CA GLU L 106 68.25 -38.86 -24.31
C GLU L 106 69.13 -40.09 -24.19
N PHE L 107 70.17 -40.13 -25.01
CA PHE L 107 71.11 -41.26 -25.00
C PHE L 107 72.42 -40.84 -25.62
N ARG L 108 73.51 -41.45 -25.13
CA ARG L 108 74.87 -41.03 -25.46
C ARG L 108 75.53 -42.12 -26.29
N PRO L 109 75.77 -41.83 -27.56
CA PRO L 109 76.73 -42.59 -28.36
C PRO L 109 78.09 -41.88 -28.29
N ASN L 110 79.14 -42.67 -28.10
CA ASN L 110 80.50 -42.14 -27.97
C ASN L 110 80.57 -41.11 -26.84
N ARG L 111 81.06 -39.90 -27.06
CA ARG L 111 81.06 -38.87 -26.05
C ARG L 111 79.70 -38.09 -26.09
N TYR L 115 72.73 -36.97 -27.47
CA TYR L 115 71.57 -36.91 -28.32
C TYR L 115 70.26 -36.93 -27.54
N ARG L 116 69.42 -35.93 -27.76
CA ARG L 116 68.21 -35.70 -26.95
C ARG L 116 67.04 -35.46 -27.90
N TYR L 117 65.85 -35.80 -27.44
CA TYR L 117 64.67 -35.83 -28.27
C TYR L 117 63.44 -35.53 -27.43
N ARG L 118 62.49 -34.81 -28.01
CA ARG L 118 61.11 -34.79 -27.53
C ARG L 118 60.37 -35.94 -28.22
N VAL L 119 59.80 -36.84 -27.42
CA VAL L 119 59.09 -38.00 -27.89
C VAL L 119 57.59 -37.82 -27.63
N ASN L 120 56.78 -38.26 -28.59
CA ASN L 120 55.35 -38.26 -28.45
C ASN L 120 54.79 -39.57 -28.99
N ALA L 121 54.11 -40.33 -28.16
CA ALA L 121 53.43 -41.54 -28.55
C ALA L 121 51.91 -41.29 -28.57
N THR L 122 51.27 -41.65 -29.66
CA THR L 122 49.83 -41.57 -29.77
C THR L 122 49.25 -42.82 -30.38
N ALA L 123 48.04 -43.17 -29.94
CA ALA L 123 47.34 -44.33 -30.48
C ALA L 123 46.62 -43.98 -31.75
N CYS L 124 46.71 -44.84 -32.75
CA CYS L 124 45.96 -44.69 -34.00
C CYS L 124 45.46 -46.04 -34.44
N LEU L 125 44.77 -46.08 -35.58
CA LEU L 125 44.20 -47.32 -36.08
C LEU L 125 44.95 -47.74 -37.35
N VAL L 126 45.54 -48.92 -37.31
CA VAL L 126 46.29 -49.47 -38.44
C VAL L 126 45.64 -50.75 -38.74
N GLU L 127 45.35 -51.01 -40.03
CA GLU L 127 44.60 -52.21 -40.43
C GLU L 127 43.29 -52.12 -39.66
N GLY L 128 42.95 -53.09 -38.87
CA GLY L 128 41.71 -53.04 -38.13
C GLY L 128 41.87 -52.86 -36.66
N HIS L 129 43.10 -52.62 -36.15
CA HIS L 129 43.27 -52.58 -34.71
C HIS L 129 44.01 -51.45 -34.18
N ASP L 130 43.80 -51.17 -32.90
CA ASP L 130 44.57 -50.18 -32.13
C ASP L 130 46.04 -50.39 -32.32
N ALA L 131 46.75 -49.29 -32.61
CA ALA L 131 48.15 -49.30 -33.01
C ALA L 131 48.91 -48.28 -32.17
N ILE L 132 50.12 -47.95 -32.49
CA ILE L 132 50.93 -46.97 -31.84
C ILE L 132 51.78 -46.24 -32.85
N GLN L 133 51.94 -44.92 -32.68
CA GLN L 133 52.90 -44.14 -33.41
C GLN L 133 53.76 -43.39 -32.37
N ILE L 134 55.08 -43.53 -32.48
CA ILE L 134 56.01 -42.72 -31.74
C ILE L 134 56.69 -41.74 -32.69
N THR L 135 56.92 -40.52 -32.23
CA THR L 135 57.61 -39.51 -32.99
C THR L 135 58.67 -38.85 -32.13
N LEU L 136 59.90 -38.83 -32.61
CA LEU L 136 61.02 -38.22 -31.90
C LEU L 136 61.52 -37.02 -32.69
N ARG L 137 61.59 -35.89 -32.04
CA ARG L 137 62.01 -34.62 -32.66
C ARG L 137 63.25 -34.13 -31.92
N THR L 138 64.27 -33.73 -32.67
CA THR L 138 65.53 -33.34 -32.08
C THR L 138 65.36 -32.07 -31.21
N ILE L 139 65.99 -32.09 -30.04
CA ILE L 139 65.89 -31.00 -29.10
C ILE L 139 67.26 -30.48 -28.80
N PRO L 140 67.48 -29.17 -28.76
CA PRO L 140 68.75 -28.63 -28.28
C PRO L 140 69.15 -29.12 -26.89
N THR L 141 70.43 -29.13 -26.61
CA THR L 141 70.95 -29.48 -25.30
C THR L 141 70.87 -28.34 -24.30
N THR L 142 71.01 -27.10 -24.74
CA THR L 142 71.22 -25.96 -23.89
C THR L 142 70.28 -24.85 -24.33
N PRO L 143 69.58 -24.22 -23.38
CA PRO L 143 68.86 -22.97 -23.68
C PRO L 143 69.77 -21.97 -24.35
N PRO L 144 69.26 -21.22 -25.33
CA PRO L 144 69.95 -20.00 -25.75
C PRO L 144 70.27 -19.07 -24.59
N LYS L 145 71.20 -18.17 -24.79
CA LYS L 145 71.40 -17.06 -23.84
C LYS L 145 70.32 -16.00 -24.08
N LEU L 146 70.04 -15.25 -23.02
CA LEU L 146 68.98 -14.24 -23.09
C LEU L 146 69.32 -13.07 -23.98
N SER L 147 70.60 -12.72 -24.05
CA SER L 147 71.06 -11.65 -24.94
C SER L 147 70.71 -11.95 -26.39
N THR L 148 70.80 -13.22 -26.80
CA THR L 148 70.40 -13.58 -28.14
C THR L 148 68.92 -13.25 -28.42
N MET L 149 68.11 -13.21 -27.37
CA MET L 149 66.66 -13.09 -27.54
C MET L 149 66.26 -11.72 -28.04
N ASN L 150 67.12 -10.69 -27.86
CA ASN L 150 66.87 -9.35 -28.40
C ASN L 150 65.74 -8.67 -27.63
N LEU L 151 65.87 -8.66 -26.29
CA LEU L 151 64.85 -8.17 -25.41
C LEU L 151 65.17 -6.72 -24.99
N PRO L 152 64.14 -5.89 -24.86
CA PRO L 152 64.34 -4.59 -24.23
C PRO L 152 65.03 -4.68 -22.87
N ASP L 153 65.62 -3.56 -22.44
CA ASP L 153 66.23 -3.46 -21.12
C ASP L 153 65.18 -3.43 -20.05
N ASN L 154 64.07 -2.73 -20.26
CA ASN L 154 62.97 -2.78 -19.30
C ASN L 154 62.68 -4.20 -18.82
N ILE L 155 62.45 -5.08 -19.74
CA ILE L 155 62.15 -6.49 -19.42
C ILE L 155 63.28 -7.12 -18.57
N ILE L 156 64.53 -6.94 -19.00
CA ILE L 156 65.63 -7.53 -18.27
C ILE L 156 65.66 -7.02 -16.83
N GLU L 157 65.37 -5.74 -16.63
CA GLU L 157 65.24 -5.21 -15.27
C GLU L 157 64.09 -5.81 -14.54
N ALA L 158 63.01 -6.14 -15.24
CA ALA L 158 61.80 -6.68 -14.61
C ALA L 158 61.85 -8.21 -14.39
N ILE L 159 62.92 -8.86 -14.86
CA ILE L 159 62.82 -10.29 -15.15
C ILE L 159 62.99 -11.17 -13.89
N ALA L 160 63.61 -10.61 -12.86
CA ALA L 160 64.15 -11.41 -11.76
C ALA L 160 63.62 -10.87 -10.41
N PRO L 161 62.30 -10.96 -10.21
CA PRO L 161 61.74 -10.50 -8.94
C PRO L 161 62.11 -11.40 -7.80
N GLN L 162 62.14 -10.86 -6.60
CA GLN L 162 62.17 -11.67 -5.37
C GLN L 162 60.97 -12.59 -5.27
N GLU L 163 59.77 -12.10 -5.65
CA GLU L 163 58.54 -12.84 -5.44
C GLU L 163 57.61 -12.54 -6.61
N GLY L 164 56.43 -13.19 -6.59
CA GLY L 164 55.40 -12.94 -7.55
C GLY L 164 55.45 -13.88 -8.76
N ILE L 165 54.58 -13.59 -9.71
CA ILE L 165 54.37 -14.45 -10.86
C ILE L 165 54.74 -13.71 -12.14
N VAL L 166 55.45 -14.41 -13.03
CA VAL L 166 55.78 -13.90 -14.34
C VAL L 166 55.13 -14.79 -15.39
N PHE L 167 54.34 -14.19 -16.26
CA PHE L 167 53.57 -14.91 -17.27
C PHE L 167 54.14 -14.63 -18.65
N ILE L 168 54.44 -15.68 -19.39
CA ILE L 168 54.73 -15.59 -20.82
C ILE L 168 53.59 -16.27 -21.58
N THR L 169 52.76 -15.48 -22.23
CA THR L 169 51.52 -15.94 -22.80
C THR L 169 51.60 -15.84 -24.35
N GLY L 170 51.05 -16.85 -24.99
CA GLY L 170 51.07 -16.87 -26.43
C GLY L 170 50.35 -18.09 -26.96
N ALA L 171 50.19 -18.12 -28.28
CA ALA L 171 49.80 -19.35 -28.95
C ALA L 171 50.95 -20.34 -28.96
N THR L 172 50.63 -21.60 -29.13
CA THR L 172 51.64 -22.64 -29.32
C THR L 172 52.52 -22.31 -30.53
N GLY L 173 53.83 -22.46 -30.35
CA GLY L 173 54.78 -22.03 -31.35
C GLY L 173 55.13 -20.54 -31.37
N SER L 174 54.87 -19.86 -30.27
CA SER L 174 55.35 -18.48 -30.07
C SER L 174 56.69 -18.41 -29.36
N GLY L 175 57.36 -19.56 -29.18
CA GLY L 175 58.62 -19.59 -28.46
C GLY L 175 58.59 -18.97 -27.04
N LYS L 176 57.65 -19.48 -26.29
CA LYS L 176 57.59 -19.10 -24.85
C LYS L 176 58.51 -20.03 -24.05
N SER L 177 58.36 -21.34 -24.23
CA SER L 177 59.11 -22.28 -23.41
C SER L 177 60.61 -21.97 -23.52
N THR L 178 61.11 -21.89 -24.71
CA THR L 178 62.50 -21.55 -24.97
C THR L 178 62.91 -20.28 -24.22
N LEU L 179 62.08 -19.24 -24.29
CA LEU L 179 62.37 -18.02 -23.56
C LEU L 179 62.55 -18.27 -22.06
N LEU L 180 61.58 -18.94 -21.45
CA LEU L 180 61.69 -19.27 -20.04
C LEU L 180 62.99 -20.02 -19.72
N ALA L 181 63.27 -21.05 -20.53
CA ALA L 181 64.53 -21.77 -20.40
C ALA L 181 65.73 -20.79 -20.40
N SER L 182 65.70 -19.82 -21.30
CA SER L 182 66.78 -18.87 -21.39
C SER L 182 66.90 -18.02 -20.13
N ILE L 183 65.80 -17.48 -19.68
CA ILE L 183 65.77 -16.77 -18.39
C ILE L 183 66.41 -17.60 -17.29
N ILE L 184 65.98 -18.85 -17.18
CA ILE L 184 66.56 -19.74 -16.19
C ILE L 184 68.09 -19.85 -16.36
N ARG L 185 68.53 -19.93 -17.60
CA ARG L 185 69.95 -19.99 -17.87
C ARG L 185 70.66 -18.76 -17.30
N GLU L 186 70.08 -17.58 -17.57
CA GLU L 186 70.71 -16.35 -17.14
C GLU L 186 70.75 -16.26 -15.64
N LEU L 187 69.66 -16.64 -14.97
CA LEU L 187 69.62 -16.57 -13.51
C LEU L 187 70.50 -17.63 -12.87
N ILE L 188 70.75 -18.73 -13.55
CA ILE L 188 71.63 -19.74 -13.00
C ILE L 188 73.12 -19.45 -13.24
N GLU L 189 73.46 -18.81 -14.35
CA GLU L 189 74.83 -18.69 -14.77
C GLU L 189 75.64 -17.69 -13.98
N THR L 190 75.00 -16.62 -13.51
CA THR L 190 75.67 -15.66 -12.65
C THR L 190 76.24 -16.30 -11.41
N SER L 191 77.50 -16.04 -11.11
CA SER L 191 78.06 -16.42 -9.81
C SER L 191 77.38 -15.64 -8.70
N ASP L 192 77.31 -16.25 -7.52
CA ASP L 192 76.63 -15.66 -6.36
C ASP L 192 75.14 -15.41 -6.60
N SER L 193 74.57 -16.18 -7.51
CA SER L 193 73.12 -16.23 -7.70
C SER L 193 72.59 -17.51 -7.01
N ASN L 194 72.21 -17.38 -5.76
CA ASN L 194 71.92 -18.51 -4.92
C ASN L 194 70.48 -18.91 -5.12
N ARG L 195 70.26 -19.84 -6.04
CA ARG L 195 68.91 -20.19 -6.48
C ARG L 195 68.79 -21.70 -6.50
N LYS L 196 67.90 -22.26 -5.70
CA LYS L 196 67.35 -23.57 -5.90
C LYS L 196 66.18 -23.47 -6.87
N VAL L 197 66.31 -24.08 -8.03
CA VAL L 197 65.31 -23.97 -9.09
C VAL L 197 64.56 -25.31 -9.19
N LEU L 198 63.23 -25.23 -9.14
CA LEU L 198 62.40 -26.38 -9.42
C LEU L 198 61.52 -26.06 -10.62
N THR L 199 61.58 -26.91 -11.64
CA THR L 199 60.71 -26.80 -12.81
C THR L 199 59.80 -28.02 -12.87
N TYR L 200 58.60 -27.81 -13.40
CA TYR L 200 57.64 -28.86 -13.62
C TYR L 200 57.21 -28.73 -15.03
N GLU L 201 57.40 -29.77 -15.83
CA GLU L 201 57.10 -29.70 -17.28
C GLU L 201 56.44 -30.97 -17.72
N SER L 202 55.44 -30.91 -18.60
CA SER L 202 54.82 -32.16 -19.06
C SER L 202 56.04 -32.86 -19.70
N PRO L 203 56.58 -32.23 -20.80
CA PRO L 203 57.68 -32.93 -21.38
C PRO L 203 58.94 -32.10 -21.12
N ILE L 204 59.95 -32.68 -20.58
CA ILE L 204 61.16 -31.90 -20.31
C ILE L 204 61.78 -31.55 -21.64
N GLU L 205 61.87 -30.26 -21.92
CA GLU L 205 62.45 -29.86 -23.21
C GLU L 205 63.95 -29.54 -23.08
N PHE L 206 64.27 -28.61 -22.19
CA PHE L 206 65.62 -28.12 -22.02
C PHE L 206 66.16 -28.62 -20.68
N VAL L 207 67.45 -28.97 -20.67
CA VAL L 207 68.14 -29.39 -19.48
C VAL L 207 69.29 -28.42 -19.20
N TYR L 208 69.70 -28.36 -17.94
CA TYR L 208 70.70 -27.41 -17.49
C TYR L 208 71.96 -28.07 -16.95
N ASP L 209 72.15 -29.36 -17.21
CA ASP L 209 73.39 -30.03 -16.78
C ASP L 209 74.62 -29.44 -17.46
N GLU L 210 74.49 -29.05 -18.75
CA GLU L 210 75.62 -28.56 -19.51
C GLU L 210 76.12 -27.20 -19.00
N ILE L 211 75.26 -26.40 -18.41
CA ILE L 211 75.47 -25.00 -18.19
C ILE L 211 76.02 -24.77 -16.76
N GLU L 212 76.68 -25.74 -16.19
CA GLU L 212 76.79 -25.93 -14.79
C GLU L 212 77.63 -24.79 -14.14
N THR L 213 77.12 -24.24 -13.06
CA THR L 213 77.66 -23.13 -12.37
C THR L 213 77.54 -23.38 -10.86
N ILE L 214 78.19 -22.55 -10.06
CA ILE L 214 78.59 -22.89 -8.73
C ILE L 214 77.53 -22.69 -7.68
N SER L 215 76.57 -21.80 -7.90
CA SER L 215 75.74 -21.32 -6.79
C SER L 215 74.26 -21.79 -6.87
N ALA L 216 73.93 -22.68 -7.80
CA ALA L 216 72.57 -22.95 -8.16
C ALA L 216 72.38 -24.44 -8.43
N VAL L 217 71.18 -24.91 -8.14
CA VAL L 217 70.80 -26.29 -8.41
C VAL L 217 69.44 -26.25 -9.11
N VAL L 218 69.26 -27.14 -10.08
CA VAL L 218 68.03 -27.18 -10.86
C VAL L 218 67.50 -28.61 -10.82
N SER L 219 66.25 -28.75 -10.35
CA SER L 219 65.58 -30.04 -10.32
C SER L 219 64.38 -29.97 -11.24
N GLN L 220 64.37 -30.83 -12.26
CA GLN L 220 63.35 -30.81 -13.30
C GLN L 220 62.49 -32.04 -13.16
N SER L 221 61.20 -31.85 -12.84
CA SER L 221 60.27 -32.94 -12.60
C SER L 221 59.22 -32.93 -13.68
N GLU L 222 59.09 -34.03 -14.43
CA GLU L 222 58.16 -34.10 -15.53
C GLU L 222 56.76 -34.18 -15.07
N ILE L 223 55.86 -33.46 -15.73
CA ILE L 223 54.48 -33.39 -15.24
C ILE L 223 53.62 -34.64 -15.21
N PRO L 224 53.68 -35.51 -16.26
CA PRO L 224 52.79 -36.70 -16.04
C PRO L 224 53.55 -37.80 -15.34
N ARG L 225 54.75 -38.08 -15.79
CA ARG L 225 55.58 -39.19 -15.32
C ARG L 225 56.06 -39.17 -13.88
N HIS L 226 56.45 -37.99 -13.41
CA HIS L 226 56.93 -37.87 -12.03
C HIS L 226 55.89 -37.53 -10.98
N LEU L 227 54.96 -36.68 -11.36
CA LEU L 227 53.94 -36.24 -10.39
C LEU L 227 52.61 -36.30 -11.07
N PRO L 228 51.52 -36.34 -10.27
CA PRO L 228 50.22 -36.33 -10.96
C PRO L 228 49.93 -35.09 -11.78
N ASN L 229 50.15 -33.90 -11.26
CA ASN L 229 49.72 -32.70 -12.02
C ASN L 229 50.53 -31.48 -11.65
N PHE L 230 50.39 -30.45 -12.46
CA PHE L 230 51.14 -29.23 -12.25
C PHE L 230 50.96 -28.67 -10.82
N ALA L 231 49.71 -28.64 -10.40
CA ALA L 231 49.39 -28.06 -9.10
C ALA L 231 50.03 -28.81 -7.96
N ASP L 232 49.80 -30.13 -7.99
CA ASP L 232 50.42 -31.03 -7.03
C ASP L 232 51.92 -30.72 -7.05
N GLY L 233 52.48 -30.54 -8.24
CA GLY L 233 53.87 -30.26 -8.31
C GLY L 233 54.24 -29.00 -7.64
N VAL L 234 53.51 -27.95 -7.96
CA VAL L 234 53.80 -26.64 -7.40
C VAL L 234 53.68 -26.78 -5.87
N ARG L 235 52.60 -27.43 -5.44
CA ARG L 235 52.44 -27.66 -4.03
C ARG L 235 53.65 -28.40 -3.52
N ASN L 236 54.19 -29.29 -4.34
CA ASN L 236 55.37 -30.02 -3.99
C ASN L 236 56.50 -29.02 -3.77
N ALA L 237 56.50 -27.99 -4.59
CA ALA L 237 57.56 -27.00 -4.52
C ALA L 237 57.63 -26.37 -3.19
N LEU L 238 56.48 -26.04 -2.60
CA LEU L 238 56.49 -25.34 -1.31
C LEU L 238 57.25 -26.10 -0.27
N ARG L 239 57.21 -27.43 -0.34
CA ARG L 239 57.90 -28.24 0.62
C ARG L 239 59.41 -28.29 0.41
N ARG L 240 59.91 -27.75 -0.71
CA ARG L 240 61.32 -27.83 -1.02
C ARG L 240 62.17 -26.56 -0.89
N LYS L 241 61.65 -25.54 -0.32
CA LYS L 241 62.35 -24.24 -0.16
C LYS L 241 63.03 -23.78 -1.45
N PRO L 242 62.32 -23.71 -2.55
CA PRO L 242 62.95 -23.21 -3.78
C PRO L 242 63.19 -21.70 -3.72
N ARG L 243 64.12 -21.25 -4.55
CA ARG L 243 64.26 -19.83 -4.85
C ARG L 243 63.61 -19.45 -6.18
N LEU L 244 63.21 -20.44 -6.99
CA LEU L 244 62.59 -20.17 -8.27
C LEU L 244 61.75 -21.41 -8.64
N ILE L 245 60.52 -21.18 -9.09
CA ILE L 245 59.61 -22.22 -9.47
C ILE L 245 59.20 -21.99 -10.92
N MET L 246 59.33 -23.04 -11.74
CA MET L 246 58.89 -23.04 -13.11
C MET L 246 57.73 -24.03 -13.27
N VAL L 247 56.58 -23.51 -13.68
CA VAL L 247 55.44 -24.36 -14.03
C VAL L 247 55.22 -24.23 -15.55
N GLY L 248 55.27 -25.35 -16.25
CA GLY L 248 55.21 -25.29 -17.70
C GLY L 248 53.96 -24.61 -18.22
N GLU L 249 52.84 -24.86 -17.59
CA GLU L 249 51.52 -24.61 -18.25
C GLU L 249 50.48 -24.40 -17.14
N CYS L 250 49.58 -23.46 -17.39
CA CYS L 250 48.80 -22.83 -16.29
C CYS L 250 47.40 -22.59 -16.78
N ARG L 251 46.69 -23.62 -17.18
CA ARG L 251 45.38 -23.54 -17.82
C ARG L 251 44.17 -23.72 -16.94
N ASP L 252 44.36 -24.22 -15.75
CA ASP L 252 43.22 -24.56 -14.87
C ASP L 252 43.33 -23.84 -13.54
N ALA L 253 42.23 -23.78 -12.85
CA ALA L 253 42.11 -22.89 -11.68
C ALA L 253 42.81 -23.49 -10.50
N GLU L 254 42.85 -24.83 -10.37
CA GLU L 254 43.66 -25.45 -9.32
C GLU L 254 45.13 -25.02 -9.42
N THR L 255 45.73 -25.20 -10.59
CA THR L 255 47.13 -24.84 -10.75
C THR L 255 47.35 -23.37 -10.56
N ILE L 256 46.45 -22.52 -11.12
CA ILE L 256 46.54 -21.10 -10.91
C ILE L 256 46.56 -20.76 -9.40
N SER L 257 45.66 -21.41 -8.64
CA SER L 257 45.63 -21.14 -7.22
C SER L 257 46.89 -21.61 -6.50
N ALA L 258 47.37 -22.79 -6.82
CA ALA L 258 48.66 -23.26 -6.33
C ALA L 258 49.74 -22.22 -6.54
N ALA L 259 49.89 -21.76 -7.78
CA ALA L 259 50.88 -20.74 -8.08
C ALA L 259 50.67 -19.44 -7.24
N LEU L 260 49.39 -19.10 -7.03
CA LEU L 260 49.08 -17.96 -6.19
C LEU L 260 49.58 -18.11 -4.76
N GLU L 261 49.38 -19.29 -4.20
CA GLU L 261 49.89 -19.58 -2.86
C GLU L 261 51.42 -19.51 -2.85
N ALA L 262 52.06 -20.15 -3.84
CA ALA L 262 53.50 -20.12 -3.90
C ALA L 262 54.04 -18.69 -3.92
N ALA L 263 53.38 -17.83 -4.68
CA ALA L 263 53.85 -16.46 -4.81
C ALA L 263 53.58 -15.64 -3.59
N LEU L 264 52.41 -15.83 -2.98
CA LEU L 264 52.12 -15.18 -1.70
C LEU L 264 53.13 -15.57 -0.63
N THR L 265 53.60 -16.81 -0.67
CA THR L 265 54.59 -17.24 0.29
C THR L 265 55.88 -16.43 0.15
N GLY L 266 56.28 -16.14 -1.07
CA GLY L 266 57.49 -15.41 -1.32
C GLY L 266 58.39 -16.01 -2.37
N HIS L 267 57.86 -16.90 -3.21
CA HIS L 267 58.63 -17.51 -4.23
C HIS L 267 58.29 -16.94 -5.62
N PRO L 268 59.31 -16.62 -6.41
CA PRO L 268 59.03 -16.27 -7.80
C PRO L 268 58.50 -17.50 -8.55
N VAL L 269 57.41 -17.31 -9.28
CA VAL L 269 56.81 -18.33 -10.10
C VAL L 269 56.83 -17.86 -11.56
N TYR L 270 57.22 -18.77 -12.45
CA TYR L 270 57.19 -18.52 -13.88
C TYR L 270 56.31 -19.56 -14.56
N THR L 271 55.38 -19.10 -15.38
CA THR L 271 54.44 -19.97 -16.07
C THR L 271 54.17 -19.45 -17.45
N THR L 272 53.42 -20.23 -18.23
CA THR L 272 52.96 -19.82 -19.55
C THR L 272 51.44 -19.98 -19.62
N LEU L 273 50.85 -19.17 -20.51
CA LEU L 273 49.44 -19.23 -20.82
C LEU L 273 49.21 -19.09 -22.29
N HIS L 274 48.04 -19.49 -22.74
CA HIS L 274 47.67 -19.33 -24.16
C HIS L 274 46.94 -18.09 -24.41
N THR L 275 46.71 -17.25 -23.44
CA THR L 275 46.00 -15.98 -23.63
C THR L 275 46.74 -15.15 -24.65
N SER L 276 46.01 -14.34 -25.37
CA SER L 276 46.56 -13.45 -26.38
C SER L 276 46.34 -12.03 -25.95
N GLY L 277 47.33 -11.42 -25.29
CA GLY L 277 47.18 -10.09 -24.74
C GLY L 277 47.25 -10.05 -23.23
N VAL L 278 47.98 -9.07 -22.69
CA VAL L 278 48.09 -8.94 -21.26
C VAL L 278 46.74 -8.72 -20.65
N ALA L 279 45.94 -7.80 -21.17
CA ALA L 279 44.59 -7.60 -20.64
C ALA L 279 43.78 -8.88 -20.73
N GLU L 280 43.73 -9.46 -21.94
CA GLU L 280 42.97 -10.67 -22.14
C GLU L 280 43.41 -11.80 -21.21
N THR L 281 44.71 -11.79 -20.93
CA THR L 281 45.29 -12.72 -20.01
C THR L 281 44.61 -12.49 -18.64
N MET L 282 44.48 -11.20 -18.31
CA MET L 282 43.87 -10.87 -17.05
C MET L 282 42.50 -11.47 -16.92
N ARG L 283 41.68 -11.28 -17.97
CA ARG L 283 40.29 -11.75 -17.89
C ARG L 283 40.28 -13.26 -17.61
N ARG L 284 41.17 -14.00 -18.27
CA ARG L 284 41.24 -15.42 -18.04
C ARG L 284 41.62 -15.75 -16.59
N LEU L 285 42.63 -15.07 -16.08
CA LEU L 285 43.03 -15.31 -14.71
C LEU L 285 41.91 -15.05 -13.74
N VAL L 286 41.26 -13.89 -13.88
CA VAL L 286 40.22 -13.47 -12.97
C VAL L 286 39.01 -14.38 -13.05
N THR L 287 38.59 -14.69 -14.25
CA THR L 287 37.35 -15.46 -14.46
C THR L 287 37.45 -16.92 -13.96
N SER L 288 38.63 -17.46 -14.00
CA SER L 288 38.88 -18.82 -13.56
C SER L 288 38.34 -19.20 -12.18
N PHE L 289 37.78 -18.24 -11.47
CA PHE L 289 37.26 -18.42 -10.13
C PHE L 289 35.80 -18.14 -10.04
N SER L 290 35.06 -18.92 -9.27
CA SER L 290 33.63 -18.72 -9.06
C SER L 290 33.39 -17.51 -8.21
N GLY L 291 32.12 -17.13 -8.08
CA GLY L 291 31.71 -15.92 -7.38
C GLY L 291 32.16 -15.80 -5.92
N GLU L 292 32.12 -16.92 -5.19
CA GLU L 292 32.28 -16.84 -3.75
C GLU L 292 33.71 -16.41 -3.37
N GLU L 293 34.69 -16.97 -4.09
CA GLU L 293 36.08 -16.67 -3.83
C GLU L 293 36.66 -15.61 -4.77
N ARG L 294 35.95 -15.27 -5.83
CA ARG L 294 36.56 -14.63 -6.98
C ARG L 294 37.18 -13.27 -6.62
N LEU L 295 36.54 -12.54 -5.69
CA LEU L 295 37.00 -11.25 -5.32
C LEU L 295 38.32 -11.38 -4.60
N GLY L 296 38.34 -11.94 -3.38
CA GLY L 296 39.54 -12.31 -2.72
C GLY L 296 40.68 -12.85 -3.58
N ARG L 297 40.37 -13.85 -4.38
CA ARG L 297 41.38 -14.38 -5.29
C ARG L 297 41.83 -13.35 -6.28
N THR L 298 40.98 -12.42 -6.65
CA THR L 298 41.40 -11.27 -7.45
C THR L 298 42.44 -10.44 -6.74
N ILE L 299 42.14 -10.00 -5.50
CA ILE L 299 43.11 -9.27 -4.72
C ILE L 299 44.46 -10.02 -4.66
N ASP L 300 44.39 -11.32 -4.43
CA ASP L 300 45.58 -12.13 -4.48
C ASP L 300 46.30 -11.97 -5.82
N ILE L 301 45.56 -12.12 -6.91
CA ILE L 301 46.17 -12.05 -8.23
C ILE L 301 46.92 -10.71 -8.41
N LEU L 302 46.21 -9.60 -8.17
CA LEU L 302 46.80 -8.30 -8.35
C LEU L 302 48.03 -8.15 -7.47
N GLU L 303 47.95 -8.57 -6.21
CA GLU L 303 49.11 -8.53 -5.33
C GLU L 303 50.32 -9.29 -5.89
N THR L 304 50.07 -10.45 -6.47
CA THR L 304 51.15 -11.38 -6.77
C THR L 304 51.82 -11.09 -8.12
N ILE L 305 51.05 -10.65 -9.09
CA ILE L 305 51.56 -10.55 -10.46
C ILE L 305 52.74 -9.58 -10.49
N ARG L 306 53.72 -9.89 -11.33
CA ARG L 306 54.89 -9.03 -11.48
C ARG L 306 55.20 -8.63 -12.92
N LEU L 307 54.73 -9.37 -13.90
CA LEU L 307 55.16 -9.17 -15.29
C LEU L 307 54.34 -10.07 -16.20
N CYS L 308 53.89 -9.51 -17.32
CA CYS L 308 53.17 -10.27 -18.34
C CYS L 308 53.73 -9.95 -19.71
N ILE L 309 54.11 -10.99 -20.44
CA ILE L 309 54.70 -10.84 -21.78
C ILE L 309 53.86 -11.71 -22.74
N TRP L 310 53.25 -11.03 -23.70
CA TRP L 310 52.47 -11.71 -24.73
C TRP L 310 53.27 -11.68 -26.01
N GLN L 311 53.54 -12.84 -26.56
CA GLN L 311 54.59 -12.99 -27.59
C GLN L 311 53.96 -13.66 -28.82
N LYS L 312 54.32 -13.17 -30.00
CA LYS L 312 53.81 -13.68 -31.24
C LYS L 312 54.92 -13.72 -32.27
N LEU L 313 55.04 -14.82 -32.99
CA LEU L 313 56.05 -15.00 -34.03
C LEU L 313 55.37 -14.71 -35.39
N VAL L 314 55.95 -13.77 -36.13
CA VAL L 314 55.43 -13.35 -37.42
C VAL L 314 56.52 -13.45 -38.48
N PRO L 315 56.16 -13.79 -39.73
CA PRO L 315 57.17 -14.03 -40.75
C PRO L 315 57.96 -12.77 -41.11
N THR L 316 59.20 -12.98 -41.51
CA THR L 316 60.11 -11.89 -41.83
C THR L 316 60.33 -11.81 -43.34
N VAL L 317 60.95 -10.73 -43.75
CA VAL L 317 61.39 -10.59 -45.15
C VAL L 317 62.47 -11.63 -45.47
N ASP L 318 63.31 -11.93 -44.53
CA ASP L 318 64.36 -12.94 -44.67
C ASP L 318 63.81 -14.40 -44.78
N GLU L 319 62.47 -14.53 -44.79
CA GLU L 319 61.79 -15.78 -44.90
C GLU L 319 61.86 -16.60 -43.63
N ARG L 320 62.37 -16.05 -42.51
CA ARG L 320 62.23 -16.66 -41.21
C ARG L 320 61.34 -15.84 -40.32
N ARG L 321 61.17 -16.29 -39.09
CA ARG L 321 60.19 -15.73 -38.15
C ARG L 321 60.88 -14.77 -37.19
N VAL L 322 60.11 -13.83 -36.67
CA VAL L 322 60.59 -12.85 -35.69
C VAL L 322 59.56 -12.75 -34.56
N ALA L 323 60.05 -12.33 -33.40
CA ALA L 323 59.26 -12.24 -32.18
C ALA L 323 58.83 -10.82 -31.94
N LEU L 324 57.53 -10.59 -31.92
CA LEU L 324 56.95 -9.36 -31.35
C LEU L 324 56.35 -9.67 -30.01
N ARG L 325 56.23 -8.65 -29.19
CA ARG L 325 55.90 -8.79 -27.77
C ARG L 325 55.19 -7.55 -27.30
N GLU L 326 53.99 -7.72 -26.74
CA GLU L 326 53.30 -6.71 -25.98
C GLU L 326 53.24 -7.13 -24.53
N TYR L 327 53.71 -6.30 -23.64
CA TYR L 327 53.99 -6.69 -22.25
C TYR L 327 53.64 -5.58 -21.31
N LEU L 328 53.40 -5.91 -20.06
CA LEU L 328 53.32 -4.94 -18.97
C LEU L 328 54.15 -5.44 -17.82
N VAL L 329 54.99 -4.57 -17.25
CA VAL L 329 55.64 -4.83 -15.97
C VAL L 329 54.74 -4.28 -14.86
N PHE L 330 54.36 -5.15 -13.93
CA PHE L 330 53.47 -4.76 -12.83
C PHE L 330 54.30 -4.24 -11.67
N ASP L 331 54.81 -3.03 -11.85
CA ASP L 331 55.51 -2.33 -10.77
C ASP L 331 54.61 -2.22 -9.55
N GLU L 332 55.20 -1.94 -8.41
CA GLU L 332 54.47 -1.58 -7.22
C GLU L 332 53.39 -0.53 -7.51
N GLU L 333 53.73 0.47 -8.33
CA GLU L 333 52.80 1.54 -8.62
C GLU L 333 51.61 1.05 -9.41
N VAL L 334 51.87 0.35 -10.50
CA VAL L 334 50.79 -0.31 -11.25
C VAL L 334 49.91 -1.12 -10.31
N ARG L 335 50.52 -2.04 -9.58
CA ARG L 335 49.76 -2.88 -8.67
C ARG L 335 48.86 -2.07 -7.75
N ASP L 336 49.38 -0.98 -7.21
CA ASP L 336 48.57 -0.09 -6.39
C ASP L 336 47.39 0.47 -7.17
N ILE L 337 47.65 1.04 -8.33
CA ILE L 337 46.60 1.52 -9.22
C ILE L 337 45.48 0.46 -9.32
N LEU L 338 45.87 -0.78 -9.58
CA LEU L 338 44.88 -1.81 -9.84
C LEU L 338 44.12 -2.18 -8.56
N LEU L 339 44.80 -2.16 -7.43
CA LEU L 339 44.17 -2.57 -6.17
C LEU L 339 43.20 -1.51 -5.67
N GLU L 340 43.56 -0.23 -5.84
CA GLU L 340 42.71 0.83 -5.34
C GLU L 340 41.37 0.93 -6.05
N GLY L 341 41.33 0.49 -7.31
CA GLY L 341 40.11 0.53 -8.09
C GLY L 341 39.19 -0.65 -7.84
N ASP L 342 38.03 -0.59 -8.46
CA ASP L 342 37.04 -1.64 -8.33
C ASP L 342 37.60 -2.92 -8.97
N PRO L 343 37.47 -4.07 -8.29
CA PRO L 343 37.83 -5.32 -8.92
C PRO L 343 36.98 -5.64 -10.15
N ASN L 344 35.73 -5.23 -10.21
CA ASN L 344 34.84 -5.66 -11.26
C ASN L 344 35.30 -5.26 -12.66
N GLU L 345 35.98 -4.12 -12.77
CA GLU L 345 36.47 -3.62 -14.05
C GLU L 345 37.98 -3.47 -14.03
N VAL L 346 38.68 -4.46 -13.52
CA VAL L 346 40.16 -4.43 -13.54
C VAL L 346 40.65 -4.70 -14.93
N THR L 347 40.05 -5.67 -15.65
CA THR L 347 40.45 -5.95 -17.02
C THR L 347 40.56 -4.66 -17.87
N SER L 348 39.49 -3.85 -17.86
CA SER L 348 39.51 -2.59 -18.54
C SER L 348 40.67 -1.70 -18.04
N ALA L 349 40.80 -1.57 -16.73
CA ALA L 349 41.96 -0.93 -16.14
C ALA L 349 43.26 -1.44 -16.75
N THR L 350 43.44 -2.75 -16.77
CA THR L 350 44.63 -3.34 -17.37
C THR L 350 44.85 -2.84 -18.82
N ARG L 351 43.76 -2.80 -19.58
CA ARG L 351 43.84 -2.30 -20.95
C ARG L 351 44.44 -0.90 -20.98
N LYS L 352 43.96 -0.02 -20.10
CA LYS L 352 44.53 1.31 -20.01
C LYS L 352 46.01 1.27 -19.63
N LEU L 353 46.35 0.39 -18.67
CA LEU L 353 47.70 0.39 -18.13
C LEU L 353 48.75 -0.04 -19.17
N VAL L 354 48.41 -1.06 -19.96
CA VAL L 354 49.28 -1.42 -21.08
C VAL L 354 49.56 -0.22 -21.96
N ARG L 355 48.57 0.64 -22.16
CA ARG L 355 48.78 1.83 -22.99
C ARG L 355 49.74 2.82 -22.34
N GLN L 356 49.63 2.99 -21.02
CA GLN L 356 50.36 4.06 -20.33
C GLN L 356 51.74 3.62 -19.87
N LYS L 357 51.83 2.41 -19.32
CA LYS L 357 53.08 1.90 -18.76
C LYS L 357 53.67 0.74 -19.56
N GLY L 358 52.91 0.14 -20.46
CA GLY L 358 53.40 -0.98 -21.21
C GLY L 358 53.62 -0.66 -22.68
N GLN L 359 53.99 -1.68 -23.42
CA GLN L 359 54.22 -1.57 -24.86
C GLN L 359 53.15 -2.41 -25.59
N LEU L 360 52.45 -1.77 -26.49
CA LEU L 360 51.41 -2.45 -27.24
C LEU L 360 51.98 -3.26 -28.38
N MET L 361 51.39 -4.41 -28.64
CA MET L 361 51.85 -5.28 -29.71
C MET L 361 51.90 -4.51 -31.07
N THR L 362 50.86 -3.76 -31.34
CA THR L 362 50.78 -2.99 -32.53
C THR L 362 51.92 -2.00 -32.63
N TRP L 363 52.32 -1.38 -31.49
CA TRP L 363 53.41 -0.43 -31.53
C TRP L 363 54.70 -1.10 -31.91
N ASP L 364 55.11 -2.14 -31.14
CA ASP L 364 56.22 -2.98 -31.53
C ASP L 364 56.18 -3.34 -33.05
N ALA L 365 55.02 -3.62 -33.53
CA ALA L 365 54.88 -3.97 -34.93
C ALA L 365 55.26 -2.83 -35.82
N LYS L 366 54.68 -1.64 -35.57
CA LYS L 366 55.10 -0.43 -36.23
C LYS L 366 56.64 -0.29 -36.26
N MET L 367 57.24 -0.44 -35.07
CA MET L 367 58.67 -0.40 -34.99
C MET L 367 59.36 -1.34 -35.95
N LYS L 368 59.10 -2.63 -35.81
CA LYS L 368 59.77 -3.64 -36.62
C LYS L 368 59.56 -3.35 -38.13
N PHE L 369 58.35 -2.89 -38.51
CA PHE L 369 58.13 -2.53 -39.88
C PHE L 369 59.02 -1.38 -40.35
N GLU L 370 59.15 -0.35 -39.52
CA GLU L 370 60.10 0.70 -39.80
C GLU L 370 61.53 0.17 -39.94
N GLN L 371 61.86 -0.86 -39.16
CA GLN L 371 63.15 -1.47 -39.24
C GLN L 371 63.33 -2.30 -40.54
N GLY L 372 62.21 -2.65 -41.19
CA GLY L 372 62.27 -3.52 -42.33
C GLY L 372 62.39 -4.99 -42.03
N ILE L 373 62.15 -5.40 -40.80
CA ILE L 373 62.25 -6.83 -40.47
C ILE L 373 61.03 -7.60 -40.96
N ILE L 374 59.85 -7.00 -40.89
CA ILE L 374 58.61 -7.64 -41.30
C ILE L 374 58.06 -6.92 -42.51
N SER L 375 57.19 -7.62 -43.25
CA SER L 375 56.55 -7.06 -44.43
C SER L 375 55.51 -6.04 -44.04
N GLU L 376 55.22 -5.12 -44.96
CA GLU L 376 54.07 -4.23 -44.81
C GLU L 376 52.78 -5.01 -44.57
N ARG L 377 52.57 -6.06 -45.36
CA ARG L 377 51.36 -6.88 -45.19
C ARG L 377 51.23 -7.34 -43.75
N VAL L 378 52.28 -7.92 -43.21
CA VAL L 378 52.24 -8.42 -41.85
C VAL L 378 51.85 -7.30 -40.84
N TYR L 379 52.53 -6.17 -40.95
CA TYR L 379 52.18 -5.04 -40.14
C TYR L 379 50.68 -4.73 -40.21
N LYS L 380 50.18 -4.53 -41.41
CA LYS L 380 48.76 -4.27 -41.58
C LYS L 380 47.92 -5.32 -40.90
N LEU L 381 48.29 -6.59 -41.04
CA LEU L 381 47.56 -7.67 -40.39
C LEU L 381 47.49 -7.46 -38.88
N ILE L 382 48.65 -7.19 -38.26
CA ILE L 382 48.68 -6.94 -36.84
C ILE L 382 47.75 -5.78 -36.46
N ILE L 383 47.84 -4.71 -37.21
CA ILE L 383 46.96 -3.55 -37.00
C ILE L 383 45.49 -4.00 -37.00
N ALA L 384 45.12 -4.85 -37.97
CA ALA L 384 43.74 -5.24 -38.11
C ALA L 384 43.12 -5.82 -36.82
N GLY L 385 43.91 -6.55 -36.05
CA GLY L 385 43.43 -7.09 -34.82
C GLY L 385 43.53 -6.12 -33.64
N ALA L 386 43.71 -4.82 -33.88
CA ALA L 386 44.09 -3.93 -32.85
C ALA L 386 42.96 -3.70 -31.83
N LYS L 387 41.73 -3.59 -32.30
CA LYS L 387 40.70 -2.75 -31.59
C LYS L 387 39.55 -2.44 -32.57
#